data_7YMX
#
_entry.id   7YMX
#
loop_
_entity.id
_entity.type
_entity.pdbx_description
1 polymer 'Spike glycoprotein'
2 branched 2-acetamido-2-deoxy-beta-D-glucopyranose-(1-4)-2-acetamido-2-deoxy-beta-D-glucopyranose
3 branched alpha-D-mannopyranose-(1-3)-[alpha-D-mannopyranose-(1-6)]beta-D-mannopyranose-(1-4)-2-acetamido-2-deoxy-beta-D-glucopyranose-(1-4)-2-acetamido-2-deoxy-beta-D-glucopyranose
4 non-polymer 2-acetamido-2-deoxy-beta-D-glucopyranose
#
_entity_poly.entity_id   1
_entity_poly.type   'polypeptide(L)'
_entity_poly.pdbx_seq_one_letter_code
;MDSWFILVLLGSGLICVSASYVDVGPDSVKSACIEVDIQQTFFDKTWPRPIDVSKADGIIYPQGRTYSNITITYQGLFPY
QGDHGDMYVYSAGHATGTTPQKLFVANYSQDVKQFANGFVVRIGAAANSTGTVIISPSTSATIRKIYPAFMLGSSVGNFS
DGKMGRFFNHTLVLLPDGCGTLLRAFYCILEPRSGNHCPAGNSYTSFATYHTPATDCSDGNYNRNASLNSFKEYFNLRNC
TFMYTYNITEDEILEWFGITQTAQGVHLFSSRYVDLYGGNMFQFATLPVYDTIKYYSIIPHSIRSIQSDRKAWAAFYVYK
LQPLTFLLDFSVDGYIRRAIDCGFNDLSQLHCSYESFDVESGVYSVSSFEAKPSGSVVEQAEGVECDFSPLLSGTPPQVY
NFKRLVFTNCNYNLTKLLSLFSVNDFTCSQISPAAIASNCYSSLILDYFSYPLSMKSDLSVSSAGPISQFNYKQSFSNPT
CLILATVPHNLTTITKPLKYSYINKCSRLLSDDRTEVPQLVNANQYSPCVSIVPSTVWEDGDYYRKQLSPLEGGGWLVAS
GSTVAMTEQLQMGFGITVQYGTDTNSVCPKLEFANDTKIASQLGNCVEYSLYGVSGRGVFQNCTAVGVRQQRFVYDAYQN
LVGYYSDDGNYYCLRACVSVPVSVIYDKETKTHATLFGSVACEHISSTMSQYSRSTRSMLKRRDSTYGPLQTPVGCVLGL
VNSSLFVEDCKLPLGQSLCALPDTPSTLTPASVGSVPGEMRLASIAFNHPIQVDQLNSSYFKLSIPTNFSFGVTQEYIQT
TIQKVTVDCKQYVCNGFQKCEQLLREYGQFCSKINQALHGANLRQDDSVRNLFASVKSSQSSPIIPGFGGDFNLTLLEPV
SISTGSRSARSAIEDLLFDKVTIADPGYMQGYDDCMQQGPASARDLICAQYVAGYKVLPPLMDVNMEAAYTSSLLGSIAG
VGWTAGLSSFAAIPFAQSIFYRLNGVGITQQVLSENQKLIANKFNQALGAMQTGFTTTNEAFQKVQDAVNNNAQALSKLA
SELSNTFGAISASIGDIIQRLDPPEQDAQIDRLINGRLTTLNAFVAQQLVRSESAALSAQLAKDKVNECVKAQSKRSGFC
GQGTHIVSFVVNAPNGLYFMHVGYYPSNHIEVVSAYGLCDAANPTNCIAPVNGYFIKTNNTRIVDEWSYTGSSFYAPEPI
TSLNTKYVAPQVTYQNISTNLPPPLLGNSTGIDFQDELDEFFKNVSTSIPNFGSLTQINTTLLDLTYEMLSLQQVVKALN
ESYIDLKELGNYTYEFGSGGYIPEAPRDGQAYVRKDGEWVLLSTFLKGQDNSADIQHSGRPLESRGPFEQKLISEEDLNM
HTGHHHHHH
;
_entity_poly.pdbx_strand_id   A,B,C
#
# COMPACT_ATOMS: atom_id res chain seq x y z
N VAL A 22 -15.62 -12.42 -56.51
CA VAL A 22 -16.52 -13.36 -57.19
C VAL A 22 -15.77 -14.62 -57.56
N ASP A 23 -16.49 -15.74 -57.65
CA ASP A 23 -15.89 -17.04 -57.91
C ASP A 23 -16.76 -17.86 -58.86
N VAL A 24 -16.23 -19.04 -59.21
CA VAL A 24 -16.91 -19.91 -60.16
C VAL A 24 -17.96 -20.74 -59.45
N GLY A 25 -19.21 -20.63 -59.90
CA GLY A 25 -20.28 -21.46 -59.41
C GLY A 25 -21.15 -21.98 -60.54
N PRO A 26 -21.22 -23.32 -60.69
CA PRO A 26 -22.11 -23.89 -61.70
C PRO A 26 -23.57 -23.64 -61.40
N ASP A 27 -24.36 -23.33 -62.42
CA ASP A 27 -25.73 -22.90 -62.23
C ASP A 27 -26.65 -24.12 -62.13
N SER A 28 -27.88 -23.85 -61.72
CA SER A 28 -28.79 -24.87 -61.22
C SER A 28 -29.67 -25.37 -62.36
N VAL A 29 -30.78 -26.07 -62.09
CA VAL A 29 -31.71 -26.61 -63.07
C VAL A 29 -33.08 -26.10 -62.67
N LYS A 30 -34.13 -26.67 -63.27
CA LYS A 30 -35.53 -26.35 -62.98
C LYS A 30 -35.80 -26.27 -61.48
N SER A 31 -36.74 -25.40 -61.12
CA SER A 31 -36.87 -24.93 -59.74
C SER A 31 -38.15 -25.46 -59.11
N ALA A 32 -38.44 -26.73 -59.32
CA ALA A 32 -39.51 -27.40 -58.59
C ALA A 32 -38.89 -28.14 -57.41
N CYS A 33 -38.85 -27.45 -56.26
CA CYS A 33 -38.33 -28.05 -55.04
C CYS A 33 -39.22 -29.20 -54.60
N ILE A 34 -38.60 -30.34 -54.27
CA ILE A 34 -39.33 -31.54 -53.92
C ILE A 34 -39.98 -31.36 -52.55
N GLU A 35 -40.98 -32.19 -52.26
CA GLU A 35 -41.87 -31.98 -51.12
C GLU A 35 -41.13 -32.21 -49.80
N VAL A 36 -41.51 -31.41 -48.80
CA VAL A 36 -40.82 -31.37 -47.51
C VAL A 36 -41.86 -31.52 -46.40
N ASP A 37 -41.60 -32.44 -45.46
CA ASP A 37 -42.51 -32.75 -44.37
C ASP A 37 -42.03 -32.13 -43.06
N ILE A 38 -42.89 -32.21 -42.04
CA ILE A 38 -42.57 -31.82 -40.68
C ILE A 38 -43.03 -32.94 -39.76
N GLN A 39 -42.09 -33.66 -39.16
CA GLN A 39 -42.39 -34.77 -38.26
C GLN A 39 -41.51 -34.69 -37.01
N GLN A 40 -41.48 -33.50 -36.38
CA GLN A 40 -40.65 -33.30 -35.21
C GLN A 40 -41.12 -34.14 -34.02
N THR A 41 -42.37 -34.58 -34.01
CA THR A 41 -42.86 -35.46 -32.95
C THR A 41 -42.10 -36.77 -32.93
N PHE A 42 -41.83 -37.35 -34.10
CA PHE A 42 -40.93 -38.50 -34.17
C PHE A 42 -39.51 -38.12 -33.80
N PHE A 43 -39.08 -36.91 -34.15
CA PHE A 43 -37.72 -36.46 -33.86
C PHE A 43 -37.47 -36.26 -32.37
N ASP A 44 -38.53 -36.13 -31.57
CA ASP A 44 -38.38 -35.86 -30.14
C ASP A 44 -37.90 -37.13 -29.44
N LYS A 45 -36.58 -37.28 -29.32
CA LYS A 45 -36.00 -38.38 -28.59
C LYS A 45 -34.93 -37.85 -27.65
N THR A 46 -34.78 -38.53 -26.51
CA THR A 46 -33.84 -38.13 -25.48
C THR A 46 -32.58 -38.98 -25.60
N TRP A 47 -31.51 -38.37 -26.08
CA TRP A 47 -30.15 -38.90 -25.94
C TRP A 47 -29.28 -37.81 -25.34
N PRO A 48 -29.49 -37.44 -24.08
CA PRO A 48 -28.70 -36.36 -23.49
C PRO A 48 -27.31 -36.84 -23.12
N ARG A 49 -26.30 -36.10 -23.56
CA ARG A 49 -24.90 -36.41 -23.27
C ARG A 49 -24.27 -35.16 -22.68
N PRO A 50 -24.37 -34.97 -21.37
CA PRO A 50 -23.68 -33.84 -20.73
C PRO A 50 -22.17 -34.00 -20.82
N ILE A 51 -21.49 -32.88 -20.99
CA ILE A 51 -20.05 -32.89 -21.19
C ILE A 51 -19.34 -33.00 -19.86
N ASP A 52 -18.22 -33.73 -19.86
CA ASP A 52 -17.43 -33.96 -18.67
C ASP A 52 -16.09 -33.25 -18.84
N VAL A 53 -15.87 -32.22 -18.02
CA VAL A 53 -14.62 -31.46 -18.10
C VAL A 53 -13.45 -32.33 -17.66
N SER A 54 -13.66 -33.23 -16.71
CA SER A 54 -12.59 -34.15 -16.31
C SER A 54 -12.25 -35.10 -17.46
N LYS A 55 -13.25 -35.53 -18.22
CA LYS A 55 -12.99 -36.27 -19.45
C LYS A 55 -12.41 -35.39 -20.55
N ALA A 56 -12.54 -34.06 -20.42
CA ALA A 56 -11.91 -33.08 -21.31
C ALA A 56 -12.38 -33.27 -22.76
N ASP A 57 -13.67 -33.07 -22.98
CA ASP A 57 -14.25 -33.14 -24.30
C ASP A 57 -14.81 -31.79 -24.68
N GLY A 58 -14.62 -31.40 -25.94
CA GLY A 58 -15.05 -30.08 -26.39
C GLY A 58 -14.34 -28.95 -25.70
N ILE A 59 -13.04 -29.07 -25.52
CA ILE A 59 -12.24 -28.11 -24.77
C ILE A 59 -11.29 -27.45 -25.75
N ILE A 60 -11.41 -26.13 -25.89
CA ILE A 60 -10.58 -25.38 -26.82
C ILE A 60 -9.13 -25.42 -26.36
N TYR A 61 -8.22 -25.32 -27.29
CA TYR A 61 -6.82 -25.21 -26.94
C TYR A 61 -6.44 -23.74 -26.83
N PRO A 62 -5.36 -23.42 -26.12
CA PRO A 62 -4.79 -22.07 -26.25
C PRO A 62 -4.38 -21.78 -27.68
N GLN A 63 -4.57 -20.52 -28.08
CA GLN A 63 -4.54 -20.18 -29.51
C GLN A 63 -3.15 -20.28 -30.11
N GLY A 64 -2.12 -19.88 -29.36
CA GLY A 64 -0.80 -19.78 -29.96
C GLY A 64 0.31 -20.48 -29.20
N ARG A 65 0.06 -20.87 -27.95
CA ARG A 65 1.09 -21.45 -27.12
C ARG A 65 0.70 -22.86 -26.71
N THR A 66 1.63 -23.53 -26.03
CA THR A 66 1.41 -24.87 -25.51
C THR A 66 2.33 -25.09 -24.33
N TYR A 67 2.04 -26.15 -23.57
CA TYR A 67 2.80 -26.48 -22.38
C TYR A 67 3.09 -27.98 -22.40
N SER A 68 3.65 -28.47 -21.30
CA SER A 68 3.88 -29.91 -21.17
C SER A 68 3.97 -30.29 -19.70
N ASN A 69 3.18 -31.30 -19.31
CA ASN A 69 3.27 -31.97 -18.01
C ASN A 69 3.10 -30.99 -16.84
N ILE A 70 2.22 -30.00 -16.98
CA ILE A 70 2.00 -29.03 -15.91
C ILE A 70 0.52 -28.67 -15.86
N THR A 71 0.07 -28.30 -14.67
CA THR A 71 -1.28 -27.77 -14.48
C THR A 71 -1.21 -26.24 -14.44
N ILE A 72 -2.14 -25.61 -15.13
CA ILE A 72 -2.14 -24.15 -15.23
C ILE A 72 -3.57 -23.66 -15.36
N THR A 73 -3.87 -22.58 -14.65
CA THR A 73 -5.15 -21.90 -14.81
C THR A 73 -5.11 -21.03 -16.05
N TYR A 74 -6.21 -21.03 -16.80
CA TYR A 74 -6.28 -20.27 -18.04
C TYR A 74 -7.66 -19.64 -18.18
N GLN A 75 -7.67 -18.39 -18.62
CA GLN A 75 -8.90 -17.63 -18.84
C GLN A 75 -9.19 -17.57 -20.33
N GLY A 76 -10.40 -17.96 -20.72
CA GLY A 76 -10.74 -17.95 -22.13
C GLY A 76 -12.17 -18.32 -22.42
N LEU A 77 -12.40 -19.04 -23.51
CA LEU A 77 -13.73 -19.43 -23.93
C LEU A 77 -13.94 -20.90 -23.65
N PHE A 78 -15.03 -21.24 -22.98
CA PHE A 78 -15.28 -22.60 -22.55
C PHE A 78 -16.77 -22.83 -22.47
N PRO A 79 -17.22 -24.07 -22.44
CA PRO A 79 -18.61 -24.37 -22.10
C PRO A 79 -18.78 -24.70 -20.62
N TYR A 80 -20.03 -24.51 -20.15
CA TYR A 80 -20.39 -24.92 -18.80
C TYR A 80 -20.29 -26.43 -18.62
N GLN A 81 -20.10 -26.84 -17.37
CA GLN A 81 -20.01 -28.26 -17.07
C GLN A 81 -21.37 -28.92 -17.23
N GLY A 82 -21.41 -29.98 -18.04
CA GLY A 82 -22.56 -30.85 -18.12
C GLY A 82 -23.85 -30.19 -18.57
N ASP A 83 -23.88 -29.72 -19.80
CA ASP A 83 -25.07 -29.14 -20.38
C ASP A 83 -25.75 -30.16 -21.28
N HIS A 84 -27.08 -30.13 -21.30
CA HIS A 84 -27.80 -31.05 -22.18
C HIS A 84 -27.70 -30.60 -23.63
N GLY A 85 -27.54 -29.31 -23.87
CA GLY A 85 -27.25 -28.84 -25.21
C GLY A 85 -28.45 -28.84 -26.14
N ASP A 86 -28.16 -28.98 -27.42
CA ASP A 86 -29.12 -28.82 -28.52
C ASP A 86 -28.99 -29.96 -29.50
N MET A 87 -29.01 -31.19 -28.98
CA MET A 87 -28.88 -32.39 -29.80
C MET A 87 -30.00 -32.51 -30.83
N TYR A 88 -29.63 -32.40 -32.10
CA TYR A 88 -30.60 -32.56 -33.17
C TYR A 88 -30.03 -33.68 -34.02
N VAL A 89 -30.83 -34.23 -34.92
CA VAL A 89 -30.35 -35.27 -35.80
C VAL A 89 -30.99 -35.11 -37.14
N TYR A 90 -30.57 -35.89 -38.12
CA TYR A 90 -31.21 -35.89 -39.41
C TYR A 90 -31.50 -37.38 -39.58
N SER A 91 -32.28 -37.78 -40.60
CA SER A 91 -32.53 -39.20 -40.90
C SER A 91 -32.93 -39.36 -42.34
N ALA A 92 -33.10 -40.60 -42.78
CA ALA A 92 -33.54 -40.85 -44.15
C ALA A 92 -34.98 -40.39 -44.43
N GLY A 93 -35.35 -40.14 -45.70
CA GLY A 93 -36.71 -39.77 -46.04
C GLY A 93 -37.61 -40.98 -46.25
N HIS A 94 -38.80 -40.71 -46.77
CA HIS A 94 -39.76 -41.77 -47.06
C HIS A 94 -39.25 -42.64 -48.20
N ALA A 95 -39.46 -43.95 -48.08
CA ALA A 95 -39.02 -44.89 -49.08
C ALA A 95 -40.04 -46.02 -49.19
N THR A 96 -40.37 -46.39 -50.42
CA THR A 96 -41.24 -47.53 -50.69
C THR A 96 -40.42 -48.52 -51.50
N GLY A 97 -39.71 -49.39 -50.79
CA GLY A 97 -38.82 -50.33 -51.44
C GLY A 97 -37.57 -49.66 -51.96
N THR A 98 -37.45 -49.56 -53.29
CA THR A 98 -36.31 -48.96 -53.94
C THR A 98 -36.58 -47.54 -54.44
N THR A 99 -37.68 -46.93 -54.01
CA THR A 99 -38.05 -45.58 -54.46
C THR A 99 -37.95 -44.61 -53.30
N PRO A 100 -36.86 -43.84 -53.19
CA PRO A 100 -36.79 -42.82 -52.14
C PRO A 100 -37.72 -41.66 -52.42
N GLN A 101 -38.80 -41.58 -51.66
CA GLN A 101 -39.82 -40.57 -51.84
C GLN A 101 -39.51 -39.36 -50.96
N LYS A 102 -40.52 -38.52 -50.72
CA LYS A 102 -40.50 -37.27 -49.96
C LYS A 102 -39.72 -37.37 -48.65
N LEU A 103 -39.12 -36.26 -48.22
CA LEU A 103 -38.16 -36.21 -47.13
C LEU A 103 -38.79 -36.62 -45.80
N PHE A 104 -37.93 -36.76 -44.79
CA PHE A 104 -38.33 -36.98 -43.40
C PHE A 104 -37.49 -36.01 -42.56
N VAL A 105 -37.97 -34.79 -42.41
CA VAL A 105 -37.23 -33.73 -41.74
C VAL A 105 -38.12 -33.03 -40.73
N ALA A 106 -37.47 -32.39 -39.76
CA ALA A 106 -38.16 -31.68 -38.70
C ALA A 106 -38.26 -30.19 -39.03
N ASN A 107 -38.66 -29.39 -38.04
CA ASN A 107 -38.89 -27.96 -38.22
C ASN A 107 -37.71 -27.14 -37.73
N TYR A 108 -36.49 -27.62 -37.94
CA TYR A 108 -35.29 -26.90 -37.51
C TYR A 108 -35.10 -25.58 -38.23
N SER A 109 -35.75 -25.39 -39.38
CA SER A 109 -35.60 -24.15 -40.13
C SER A 109 -36.21 -22.97 -39.38
N GLN A 110 -37.24 -23.20 -38.57
CA GLN A 110 -37.82 -22.15 -37.74
C GLN A 110 -36.94 -21.75 -36.59
N ASP A 111 -35.93 -22.54 -36.26
CA ASP A 111 -35.12 -22.35 -35.07
C ASP A 111 -33.95 -21.41 -35.37
N VAL A 112 -33.69 -20.50 -34.43
CA VAL A 112 -32.53 -19.62 -34.50
C VAL A 112 -32.16 -19.23 -33.08
N LYS A 113 -30.86 -19.20 -32.80
CA LYS A 113 -30.35 -18.81 -31.50
C LYS A 113 -29.25 -17.76 -31.68
N GLN A 114 -28.90 -17.11 -30.58
CA GLN A 114 -27.84 -16.11 -30.59
C GLN A 114 -26.48 -16.78 -30.63
N PHE A 115 -25.62 -16.29 -31.53
CA PHE A 115 -24.29 -16.86 -31.69
C PHE A 115 -23.45 -16.69 -30.43
N ALA A 116 -23.59 -15.55 -29.75
CA ALA A 116 -22.92 -15.21 -28.50
C ALA A 116 -21.41 -15.27 -28.73
N ASN A 117 -20.67 -16.15 -28.07
CA ASN A 117 -19.22 -16.26 -28.25
C ASN A 117 -18.85 -17.52 -29.04
N GLY A 118 -19.65 -17.89 -30.04
CA GLY A 118 -19.40 -19.10 -30.79
C GLY A 118 -19.89 -20.32 -30.04
N PHE A 119 -19.68 -21.48 -30.63
CA PHE A 119 -20.09 -22.73 -30.01
C PHE A 119 -19.30 -23.89 -30.61
N VAL A 120 -19.59 -25.10 -30.12
CA VAL A 120 -18.94 -26.31 -30.57
C VAL A 120 -19.99 -27.39 -30.79
N VAL A 121 -19.60 -28.39 -31.58
CA VAL A 121 -20.46 -29.52 -31.93
C VAL A 121 -19.67 -30.81 -31.80
N ARG A 122 -20.20 -31.75 -31.04
CA ARG A 122 -19.69 -33.12 -30.99
C ARG A 122 -20.32 -33.94 -32.10
N ILE A 123 -19.48 -34.74 -32.77
CA ILE A 123 -19.87 -35.51 -33.94
C ILE A 123 -19.63 -36.98 -33.65
N GLY A 124 -20.67 -37.79 -33.87
CA GLY A 124 -20.54 -39.24 -33.82
C GLY A 124 -20.28 -39.83 -32.45
N ALA A 125 -20.90 -39.29 -31.40
CA ALA A 125 -20.73 -39.87 -30.07
C ALA A 125 -21.45 -41.21 -29.95
N ALA A 126 -22.51 -41.40 -30.72
CA ALA A 126 -23.32 -42.61 -30.65
C ALA A 126 -22.88 -43.68 -31.65
N ALA A 127 -21.82 -43.44 -32.42
CA ALA A 127 -21.44 -44.36 -33.47
C ALA A 127 -20.83 -45.64 -32.90
N ASN A 128 -20.49 -46.55 -33.80
CA ASN A 128 -20.01 -47.90 -33.50
C ASN A 128 -21.01 -48.67 -32.65
N SER A 129 -22.30 -48.40 -32.91
CA SER A 129 -23.36 -48.95 -32.07
C SER A 129 -24.57 -49.23 -32.96
N THR A 130 -25.64 -49.73 -32.34
CA THR A 130 -26.88 -50.03 -33.03
C THR A 130 -28.00 -49.20 -32.43
N GLY A 131 -28.77 -48.55 -33.29
CA GLY A 131 -29.85 -47.69 -32.84
C GLY A 131 -30.94 -47.65 -33.88
N THR A 132 -32.11 -47.19 -33.45
CA THR A 132 -33.26 -47.19 -34.33
C THR A 132 -33.22 -46.03 -35.30
N VAL A 133 -33.85 -46.23 -36.45
CA VAL A 133 -34.07 -45.17 -37.42
C VAL A 133 -35.40 -44.53 -37.07
N ILE A 134 -35.46 -43.19 -37.15
CA ILE A 134 -36.59 -42.46 -36.60
C ILE A 134 -37.85 -42.71 -37.44
N ILE A 135 -37.72 -42.75 -38.76
CA ILE A 135 -38.88 -42.89 -39.63
C ILE A 135 -39.53 -44.26 -39.47
N SER A 136 -38.74 -45.31 -39.21
CA SER A 136 -39.26 -46.64 -38.94
C SER A 136 -38.80 -47.05 -37.55
N PRO A 137 -39.60 -46.74 -36.52
CA PRO A 137 -39.18 -47.01 -35.13
C PRO A 137 -38.94 -48.48 -34.83
N SER A 138 -39.67 -49.39 -35.48
CA SER A 138 -39.48 -50.81 -35.24
C SER A 138 -38.21 -51.36 -35.85
N THR A 139 -37.54 -50.60 -36.71
CA THR A 139 -36.35 -51.05 -37.40
C THR A 139 -35.13 -50.28 -36.91
N SER A 140 -34.04 -51.00 -36.66
CA SER A 140 -32.80 -50.41 -36.21
C SER A 140 -31.67 -50.80 -37.17
N ALA A 141 -30.56 -50.08 -37.06
CA ALA A 141 -29.39 -50.33 -37.89
C ALA A 141 -28.15 -49.88 -37.14
N THR A 142 -26.99 -50.16 -37.72
CA THR A 142 -25.73 -49.71 -37.14
C THR A 142 -25.62 -48.19 -37.19
N ILE A 143 -25.16 -47.60 -36.10
CA ILE A 143 -25.07 -46.15 -36.00
C ILE A 143 -23.78 -45.68 -36.66
N ARG A 144 -23.92 -44.93 -37.74
CA ARG A 144 -22.80 -44.36 -38.46
C ARG A 144 -22.83 -42.84 -38.34
N LYS A 145 -21.66 -42.22 -38.30
CA LYS A 145 -21.58 -40.78 -38.11
C LYS A 145 -22.03 -40.03 -39.36
N ILE A 146 -22.25 -38.73 -39.19
CA ILE A 146 -22.61 -37.81 -40.26
C ILE A 146 -22.08 -36.44 -39.87
N TYR A 147 -22.08 -35.52 -40.83
CA TYR A 147 -21.58 -34.18 -40.54
C TYR A 147 -22.65 -33.16 -40.90
N PRO A 148 -22.81 -32.12 -40.08
CA PRO A 148 -23.96 -31.22 -40.23
C PRO A 148 -23.66 -29.96 -41.03
N ALA A 149 -24.73 -29.38 -41.57
CA ALA A 149 -24.67 -28.21 -42.45
C ALA A 149 -25.20 -26.99 -41.70
N PHE A 150 -24.41 -25.91 -41.71
CA PHE A 150 -24.64 -24.76 -40.85
C PHE A 150 -24.96 -23.52 -41.66
N MET A 151 -25.72 -22.60 -41.07
CA MET A 151 -25.91 -21.29 -41.66
C MET A 151 -25.70 -20.24 -40.58
N LEU A 152 -24.98 -19.18 -40.94
CA LEU A 152 -24.55 -18.14 -40.00
C LEU A 152 -24.89 -16.79 -40.61
N GLY A 153 -25.53 -15.93 -39.83
CA GLY A 153 -25.87 -14.61 -40.33
C GLY A 153 -26.29 -13.68 -39.21
N SER A 154 -26.17 -12.39 -39.47
CA SER A 154 -26.50 -11.36 -38.51
C SER A 154 -27.86 -10.71 -38.76
N SER A 155 -28.62 -11.20 -39.73
CA SER A 155 -29.92 -10.64 -40.06
C SER A 155 -30.92 -11.76 -40.27
N VAL A 156 -32.02 -11.72 -39.51
CA VAL A 156 -33.02 -12.79 -39.53
C VAL A 156 -34.31 -12.27 -40.14
N GLY A 157 -35.29 -13.15 -40.31
CA GLY A 157 -36.58 -12.73 -40.82
C GLY A 157 -37.43 -13.92 -41.21
N ASN A 158 -38.68 -13.61 -41.53
CA ASN A 158 -39.64 -14.60 -42.00
C ASN A 158 -39.66 -14.62 -43.53
N PHE A 159 -40.17 -15.73 -44.07
CA PHE A 159 -40.17 -15.94 -45.51
C PHE A 159 -41.35 -15.21 -46.15
N SER A 160 -41.61 -15.50 -47.42
CA SER A 160 -42.70 -14.87 -48.14
C SER A 160 -44.06 -15.27 -47.56
N ASP A 161 -44.19 -16.52 -47.15
CA ASP A 161 -45.38 -16.97 -46.44
C ASP A 161 -45.29 -16.78 -44.93
N GLY A 162 -44.32 -15.98 -44.48
CA GLY A 162 -44.15 -15.70 -43.07
C GLY A 162 -43.44 -16.78 -42.28
N LYS A 163 -42.96 -17.83 -42.94
CA LYS A 163 -42.28 -18.91 -42.25
C LYS A 163 -40.88 -18.47 -41.85
N MET A 164 -40.48 -18.84 -40.64
CA MET A 164 -39.23 -18.34 -40.08
C MET A 164 -38.05 -19.11 -40.62
N GLY A 165 -36.99 -18.38 -40.99
CA GLY A 165 -35.80 -18.98 -41.54
C GLY A 165 -35.16 -18.14 -42.62
N ARG A 166 -35.83 -17.07 -43.04
CA ARG A 166 -35.29 -16.19 -44.06
C ARG A 166 -34.19 -15.32 -43.48
N PHE A 167 -33.05 -15.29 -44.15
CA PHE A 167 -31.95 -14.41 -43.79
C PHE A 167 -31.70 -13.42 -44.93
N PHE A 168 -30.85 -12.44 -44.64
CA PHE A 168 -30.61 -11.34 -45.56
C PHE A 168 -29.12 -11.06 -45.68
N ASN A 169 -28.74 -10.46 -46.80
CA ASN A 169 -27.39 -9.97 -47.12
C ASN A 169 -26.43 -11.15 -47.12
N HIS A 170 -25.17 -10.91 -46.74
CA HIS A 170 -24.17 -11.97 -46.78
C HIS A 170 -24.40 -12.99 -45.67
N THR A 171 -24.14 -14.26 -46.00
CA THR A 171 -24.46 -15.37 -45.12
C THR A 171 -23.36 -16.41 -45.27
N LEU A 172 -22.94 -16.98 -44.15
CA LEU A 172 -21.97 -18.07 -44.15
C LEU A 172 -22.69 -19.40 -44.22
N VAL A 173 -22.29 -20.23 -45.18
CA VAL A 173 -22.90 -21.53 -45.42
C VAL A 173 -21.83 -22.59 -45.27
N LEU A 174 -22.11 -23.59 -44.43
CA LEU A 174 -21.27 -24.76 -44.24
C LEU A 174 -22.02 -25.97 -44.76
N LEU A 175 -21.41 -26.70 -45.68
CA LEU A 175 -22.00 -27.92 -46.23
C LEU A 175 -20.94 -29.01 -46.31
N PRO A 176 -21.10 -30.10 -45.57
CA PRO A 176 -20.26 -31.27 -45.79
C PRO A 176 -20.68 -31.99 -47.06
N ASP A 177 -19.69 -32.55 -47.74
CA ASP A 177 -19.93 -33.20 -49.02
C ASP A 177 -18.84 -34.25 -49.21
N GLY A 178 -18.90 -34.94 -50.34
CA GLY A 178 -17.96 -36.01 -50.61
C GLY A 178 -18.04 -37.13 -49.61
N CYS A 179 -19.27 -37.48 -49.20
CA CYS A 179 -19.56 -38.53 -48.22
C CYS A 179 -18.85 -38.23 -46.89
N GLY A 180 -18.75 -36.95 -46.55
CA GLY A 180 -18.08 -36.50 -45.34
C GLY A 180 -16.63 -36.11 -45.50
N THR A 181 -16.01 -36.37 -46.66
CA THR A 181 -14.59 -36.07 -46.83
C THR A 181 -14.32 -34.60 -47.08
N LEU A 182 -15.25 -33.88 -47.70
CA LEU A 182 -15.06 -32.47 -48.03
C LEU A 182 -15.95 -31.59 -47.18
N LEU A 183 -15.48 -30.36 -46.95
CA LEU A 183 -16.02 -29.43 -45.96
C LEU A 183 -16.36 -28.09 -46.60
N ARG A 184 -17.17 -28.13 -47.65
CA ARG A 184 -17.44 -26.94 -48.47
C ARG A 184 -18.03 -25.81 -47.62
N ALA A 185 -17.60 -24.58 -47.91
CA ALA A 185 -17.98 -23.44 -47.10
C ALA A 185 -17.85 -22.18 -47.93
N PHE A 186 -18.79 -21.25 -47.74
CA PHE A 186 -18.71 -19.98 -48.44
C PHE A 186 -19.50 -18.91 -47.72
N TYR A 187 -18.97 -17.69 -47.72
CA TYR A 187 -19.63 -16.52 -47.15
C TYR A 187 -20.11 -15.67 -48.32
N CYS A 188 -21.34 -15.93 -48.77
CA CYS A 188 -21.82 -15.45 -50.06
C CYS A 188 -23.27 -15.00 -49.91
N ILE A 189 -23.96 -14.80 -51.03
CA ILE A 189 -25.35 -14.33 -51.02
C ILE A 189 -26.25 -15.49 -51.43
N LEU A 190 -27.25 -15.79 -50.59
CA LEU A 190 -28.26 -16.79 -50.93
C LEU A 190 -29.54 -16.07 -51.33
N GLU A 191 -30.12 -16.51 -52.44
CA GLU A 191 -31.32 -15.91 -53.00
C GLU A 191 -32.42 -16.95 -53.09
N PRO A 192 -33.61 -16.68 -52.57
CA PRO A 192 -34.68 -17.69 -52.60
C PRO A 192 -35.19 -17.95 -54.00
N ARG A 193 -35.63 -19.19 -54.23
CA ARG A 193 -36.25 -19.58 -55.49
C ARG A 193 -37.77 -19.50 -55.37
N SER A 194 -38.42 -19.22 -56.49
CA SER A 194 -39.86 -18.95 -56.52
C SER A 194 -40.66 -20.07 -57.17
N GLY A 195 -40.31 -21.33 -56.87
CA GLY A 195 -41.01 -22.47 -57.43
C GLY A 195 -41.86 -23.18 -56.41
N ASN A 196 -42.30 -24.39 -56.78
CA ASN A 196 -43.12 -25.20 -55.90
C ASN A 196 -42.28 -25.76 -54.75
N HIS A 197 -42.79 -25.60 -53.53
CA HIS A 197 -42.11 -25.94 -52.28
C HIS A 197 -40.77 -25.25 -52.12
N CYS A 198 -40.59 -24.12 -52.76
CA CYS A 198 -39.41 -23.27 -52.76
C CYS A 198 -39.68 -22.02 -51.94
N PRO A 199 -38.64 -21.44 -51.33
CA PRO A 199 -38.86 -20.38 -50.32
C PRO A 199 -39.60 -19.14 -50.80
N ALA A 200 -39.34 -18.69 -52.03
CA ALA A 200 -40.05 -17.53 -52.55
C ALA A 200 -41.25 -17.92 -53.41
N GLY A 201 -41.60 -19.20 -53.45
CA GLY A 201 -42.69 -19.64 -54.30
C GLY A 201 -43.94 -20.09 -53.56
N ASN A 202 -44.59 -21.12 -54.08
CA ASN A 202 -45.87 -21.59 -53.58
C ASN A 202 -45.74 -22.98 -52.98
N SER A 203 -46.66 -23.29 -52.06
CA SER A 203 -46.74 -24.57 -51.35
C SER A 203 -45.43 -24.88 -50.62
N TYR A 204 -44.83 -23.86 -50.05
CA TYR A 204 -43.56 -23.99 -49.35
C TYR A 204 -43.79 -24.37 -47.89
N THR A 205 -42.98 -25.32 -47.41
CA THR A 205 -42.97 -25.66 -45.99
C THR A 205 -41.62 -25.41 -45.35
N SER A 206 -40.55 -25.97 -45.91
CA SER A 206 -39.20 -25.77 -45.39
C SER A 206 -38.21 -26.10 -46.49
N PHE A 207 -36.99 -25.60 -46.34
CA PHE A 207 -35.91 -25.90 -47.27
C PHE A 207 -34.88 -26.78 -46.59
N ALA A 208 -34.36 -27.74 -47.34
CA ALA A 208 -33.41 -28.71 -46.79
C ALA A 208 -32.55 -29.24 -47.94
N THR A 209 -31.73 -30.24 -47.63
CA THR A 209 -30.85 -30.86 -48.62
C THR A 209 -31.07 -32.37 -48.61
N TYR A 210 -30.78 -32.99 -49.76
CA TYR A 210 -30.97 -34.42 -49.93
C TYR A 210 -29.65 -35.07 -50.31
N HIS A 211 -29.56 -36.37 -50.03
CA HIS A 211 -28.41 -37.20 -50.38
C HIS A 211 -28.95 -38.53 -50.85
N THR A 212 -28.51 -38.98 -52.04
CA THR A 212 -29.04 -40.20 -52.65
C THR A 212 -27.90 -41.22 -52.70
N PRO A 213 -27.54 -41.81 -51.57
CA PRO A 213 -26.24 -42.48 -51.43
C PRO A 213 -26.05 -43.70 -52.31
N ALA A 214 -27.13 -44.31 -52.80
CA ALA A 214 -27.00 -45.36 -53.80
C ALA A 214 -26.42 -44.81 -55.09
N THR A 215 -26.86 -43.62 -55.51
CA THR A 215 -26.28 -43.00 -56.69
C THR A 215 -25.21 -41.99 -56.32
N ASP A 216 -25.40 -41.24 -55.24
CA ASP A 216 -24.48 -40.16 -54.88
C ASP A 216 -23.21 -40.70 -54.24
N CYS A 217 -23.34 -41.45 -53.15
CA CYS A 217 -22.17 -41.85 -52.37
C CYS A 217 -21.62 -43.16 -52.95
N SER A 218 -21.11 -43.04 -54.18
CA SER A 218 -20.62 -44.17 -54.95
C SER A 218 -19.11 -44.27 -54.81
N ASP A 219 -18.62 -45.50 -54.71
CA ASP A 219 -17.22 -45.77 -54.40
C ASP A 219 -16.27 -45.13 -55.42
N GLY A 220 -15.23 -44.48 -54.90
CA GLY A 220 -14.31 -43.74 -55.73
C GLY A 220 -14.83 -42.37 -56.11
N ASN A 221 -16.01 -42.32 -56.73
CA ASN A 221 -16.56 -41.06 -57.22
C ASN A 221 -17.09 -40.22 -56.06
N TYR A 222 -18.09 -40.74 -55.34
CA TYR A 222 -18.82 -40.07 -54.27
C TYR A 222 -19.55 -38.80 -54.70
N ASN A 223 -19.55 -38.48 -56.00
CA ASN A 223 -20.21 -37.32 -56.59
C ASN A 223 -20.01 -36.03 -55.80
N ARG A 224 -18.79 -35.53 -55.77
CA ARG A 224 -18.48 -34.25 -55.17
C ARG A 224 -19.26 -33.15 -55.88
N ASN A 225 -19.48 -32.06 -55.16
CA ASN A 225 -20.60 -31.12 -55.36
C ASN A 225 -21.89 -31.93 -55.25
N ALA A 226 -22.95 -31.46 -55.91
CA ALA A 226 -24.28 -32.07 -56.05
C ALA A 226 -25.07 -32.12 -54.75
N SER A 227 -24.40 -31.96 -53.62
CA SER A 227 -25.06 -31.56 -52.39
C SER A 227 -24.99 -30.07 -52.23
N LEU A 228 -23.88 -29.48 -52.70
CA LEU A 228 -23.87 -28.06 -53.03
C LEU A 228 -24.98 -27.73 -54.00
N ASN A 229 -25.18 -28.56 -55.02
CA ASN A 229 -26.27 -28.31 -55.96
C ASN A 229 -27.63 -28.65 -55.37
N SER A 230 -27.68 -29.61 -54.44
CA SER A 230 -28.92 -29.84 -53.69
C SER A 230 -29.30 -28.60 -52.89
N PHE A 231 -28.31 -27.94 -52.30
CA PHE A 231 -28.54 -26.63 -51.68
C PHE A 231 -28.93 -25.60 -52.73
N LYS A 232 -28.31 -25.65 -53.90
CA LYS A 232 -28.65 -24.77 -55.01
C LYS A 232 -29.99 -25.12 -55.64
N GLU A 233 -30.53 -26.30 -55.32
CA GLU A 233 -31.89 -26.63 -55.76
C GLU A 233 -32.93 -25.81 -55.03
N TYR A 234 -32.57 -25.18 -53.92
CA TYR A 234 -33.49 -24.35 -53.16
C TYR A 234 -33.14 -22.87 -53.17
N PHE A 235 -31.85 -22.52 -53.27
CA PHE A 235 -31.41 -21.13 -53.27
C PHE A 235 -30.62 -20.86 -54.55
N ASN A 236 -30.04 -19.67 -54.61
CA ASN A 236 -29.16 -19.24 -55.69
C ASN A 236 -27.97 -18.50 -55.09
N LEU A 237 -26.78 -18.78 -55.61
CA LEU A 237 -25.56 -18.13 -55.16
C LEU A 237 -25.37 -16.82 -55.89
N ARG A 238 -24.97 -15.78 -55.14
CA ARG A 238 -24.73 -14.46 -55.71
C ARG A 238 -23.54 -13.81 -55.01
N ASN A 239 -22.77 -13.05 -55.79
CA ASN A 239 -21.69 -12.17 -55.33
C ASN A 239 -20.74 -12.89 -54.38
N CYS A 240 -20.37 -14.11 -54.78
CA CYS A 240 -19.84 -15.08 -53.84
C CYS A 240 -18.38 -14.74 -53.56
N THR A 241 -18.08 -14.42 -52.30
CA THR A 241 -16.80 -13.79 -51.94
C THR A 241 -15.64 -14.77 -52.11
N PHE A 242 -15.77 -15.98 -51.58
CA PHE A 242 -14.71 -16.97 -51.69
C PHE A 242 -15.32 -18.36 -51.56
N MET A 243 -14.44 -19.35 -51.54
CA MET A 243 -14.88 -20.75 -51.48
C MET A 243 -13.72 -21.58 -50.95
N TYR A 244 -13.96 -22.33 -49.88
CA TYR A 244 -12.92 -23.12 -49.24
C TYR A 244 -13.27 -24.60 -49.31
N THR A 245 -12.25 -25.42 -49.54
CA THR A 245 -12.39 -26.87 -49.65
C THR A 245 -11.39 -27.51 -48.70
N TYR A 246 -11.83 -28.54 -47.98
CA TYR A 246 -10.97 -29.24 -47.04
C TYR A 246 -11.13 -30.73 -47.20
N ASN A 247 -10.03 -31.42 -47.47
CA ASN A 247 -10.01 -32.87 -47.63
C ASN A 247 -9.68 -33.50 -46.30
N ILE A 248 -10.61 -34.33 -45.78
CA ILE A 248 -10.37 -35.08 -44.56
C ILE A 248 -10.64 -36.55 -44.83
N THR A 249 -10.06 -37.39 -43.97
CA THR A 249 -10.23 -38.83 -44.09
C THR A 249 -11.55 -39.26 -43.48
N GLU A 250 -11.96 -40.48 -43.83
CA GLU A 250 -13.21 -41.04 -43.36
C GLU A 250 -12.94 -42.06 -42.25
N ASP A 251 -13.82 -42.07 -41.25
CA ASP A 251 -13.63 -42.90 -40.06
C ASP A 251 -14.97 -43.02 -39.34
N GLU A 252 -14.93 -43.71 -38.20
CA GLU A 252 -16.07 -43.86 -37.30
C GLU A 252 -15.66 -43.47 -35.89
N ILE A 253 -14.98 -42.34 -35.78
CA ILE A 253 -14.44 -41.85 -34.52
C ILE A 253 -15.14 -40.54 -34.19
N LEU A 254 -15.61 -40.40 -32.96
CA LEU A 254 -16.23 -39.15 -32.52
C LEU A 254 -15.21 -38.02 -32.58
N GLU A 255 -15.67 -36.85 -32.99
CA GLU A 255 -14.77 -35.72 -33.17
C GLU A 255 -15.47 -34.44 -32.75
N TRP A 256 -14.78 -33.33 -32.92
CA TRP A 256 -15.27 -32.04 -32.43
C TRP A 256 -15.10 -30.98 -33.50
N PHE A 257 -16.07 -30.08 -33.57
CA PHE A 257 -16.13 -29.01 -34.55
C PHE A 257 -16.36 -27.70 -33.80
N GLY A 258 -15.62 -26.66 -34.15
CA GLY A 258 -15.73 -25.46 -33.35
C GLY A 258 -15.80 -24.17 -34.14
N ILE A 259 -16.80 -23.33 -33.86
CA ILE A 259 -16.99 -22.08 -34.56
C ILE A 259 -16.84 -20.93 -33.56
N THR A 260 -16.04 -19.93 -33.93
CA THR A 260 -15.90 -18.74 -33.10
C THR A 260 -15.48 -17.57 -34.00
N GLN A 261 -15.29 -16.41 -33.38
CA GLN A 261 -14.93 -15.21 -34.14
C GLN A 261 -14.12 -14.27 -33.27
N THR A 262 -13.23 -13.53 -33.92
CA THR A 262 -12.52 -12.40 -33.32
C THR A 262 -12.51 -11.26 -34.32
N ALA A 263 -11.85 -10.17 -33.95
CA ALA A 263 -11.69 -9.04 -34.87
C ALA A 263 -10.85 -9.41 -36.09
N GLN A 264 -10.04 -10.47 -35.99
CA GLN A 264 -9.35 -11.00 -37.16
C GLN A 264 -10.34 -11.54 -38.17
N GLY A 265 -11.41 -12.15 -37.70
CA GLY A 265 -12.38 -12.80 -38.56
C GLY A 265 -12.93 -14.03 -37.89
N VAL A 266 -13.56 -14.88 -38.69
CA VAL A 266 -14.12 -16.11 -38.16
C VAL A 266 -13.00 -17.13 -38.00
N HIS A 267 -13.00 -17.84 -36.89
CA HIS A 267 -12.02 -18.90 -36.66
C HIS A 267 -12.75 -20.23 -36.53
N LEU A 268 -12.33 -21.18 -37.36
CA LEU A 268 -12.96 -22.48 -37.46
C LEU A 268 -11.95 -23.54 -37.01
N PHE A 269 -12.39 -24.41 -36.13
CA PHE A 269 -11.54 -25.34 -35.41
C PHE A 269 -12.00 -26.76 -35.67
N SER A 270 -11.03 -27.67 -35.74
CA SER A 270 -11.32 -29.09 -35.86
C SER A 270 -10.45 -29.87 -34.89
N SER A 271 -10.87 -31.10 -34.61
CA SER A 271 -10.06 -32.04 -33.85
C SER A 271 -9.45 -33.11 -34.72
N ARG A 272 -9.76 -33.13 -36.01
CA ARG A 272 -9.30 -34.19 -36.89
C ARG A 272 -7.83 -34.02 -37.25
N TYR A 273 -7.35 -32.77 -37.36
CA TYR A 273 -6.02 -32.53 -37.89
C TYR A 273 -4.93 -32.98 -36.94
N VAL A 274 -5.15 -32.85 -35.63
CA VAL A 274 -4.08 -33.11 -34.66
C VAL A 274 -4.42 -34.31 -33.80
N ASP A 275 -5.47 -34.20 -33.00
CA ASP A 275 -5.88 -35.29 -32.10
C ASP A 275 -7.01 -36.10 -32.72
N LEU A 276 -6.69 -36.77 -33.83
CA LEU A 276 -7.67 -37.68 -34.43
C LEU A 276 -7.84 -38.95 -33.59
N TYR A 277 -6.75 -39.46 -33.03
CA TYR A 277 -6.82 -40.51 -32.02
C TYR A 277 -7.07 -39.87 -30.66
N GLY A 278 -8.29 -39.40 -30.45
CA GLY A 278 -8.64 -38.76 -29.19
C GLY A 278 -9.60 -37.61 -29.43
N GLY A 279 -9.57 -36.61 -28.55
CA GLY A 279 -10.47 -35.47 -28.71
C GLY A 279 -9.98 -34.16 -28.11
N ASN A 280 -9.50 -33.27 -28.96
CA ASN A 280 -9.07 -31.95 -28.50
C ASN A 280 -9.77 -30.93 -29.37
N MET A 281 -9.12 -29.79 -29.64
CA MET A 281 -9.70 -28.78 -30.53
C MET A 281 -8.62 -27.83 -30.98
N PHE A 282 -8.14 -28.00 -32.21
CA PHE A 282 -7.04 -27.17 -32.70
C PHE A 282 -7.45 -26.30 -33.87
N GLN A 283 -6.75 -25.19 -34.08
CA GLN A 283 -7.12 -24.27 -35.14
C GLN A 283 -6.76 -24.79 -36.52
N PHE A 284 -7.71 -24.77 -37.45
CA PHE A 284 -7.37 -25.14 -38.82
C PHE A 284 -7.90 -24.21 -39.88
N ALA A 285 -8.74 -23.21 -39.58
CA ALA A 285 -9.25 -22.35 -40.63
C ALA A 285 -9.48 -20.94 -40.12
N THR A 286 -9.11 -19.96 -40.95
CA THR A 286 -9.41 -18.55 -40.69
C THR A 286 -10.22 -18.01 -41.86
N LEU A 287 -11.27 -17.27 -41.56
CA LEU A 287 -12.26 -16.84 -42.54
C LEU A 287 -12.31 -15.32 -42.54
N PRO A 288 -12.09 -14.66 -43.69
CA PRO A 288 -12.06 -13.19 -43.78
C PRO A 288 -13.47 -12.59 -43.91
N VAL A 289 -14.20 -12.62 -42.81
CA VAL A 289 -15.55 -12.09 -42.80
C VAL A 289 -15.48 -10.56 -42.76
N TYR A 290 -16.59 -9.90 -43.09
CA TYR A 290 -16.66 -8.46 -42.97
C TYR A 290 -17.20 -8.01 -41.61
N ASP A 291 -18.05 -8.80 -40.97
CA ASP A 291 -18.67 -8.39 -39.72
C ASP A 291 -18.91 -9.61 -38.85
N THR A 292 -19.04 -9.36 -37.55
CA THR A 292 -19.28 -10.43 -36.59
C THR A 292 -20.69 -11.01 -36.76
N ILE A 293 -20.82 -12.29 -36.43
CA ILE A 293 -22.06 -13.02 -36.65
C ILE A 293 -22.86 -13.06 -35.36
N LYS A 294 -24.17 -12.81 -35.46
CA LYS A 294 -25.03 -12.79 -34.29
C LYS A 294 -25.98 -13.97 -34.20
N TYR A 295 -26.31 -14.62 -35.32
CA TYR A 295 -27.32 -15.66 -35.33
C TYR A 295 -26.85 -16.85 -36.15
N TYR A 296 -27.38 -18.02 -35.81
CA TYR A 296 -27.00 -19.27 -36.46
C TYR A 296 -28.18 -20.22 -36.48
N SER A 297 -28.12 -21.18 -37.40
CA SER A 297 -29.09 -22.26 -37.40
C SER A 297 -28.51 -23.46 -38.14
N ILE A 298 -29.16 -24.59 -37.94
CA ILE A 298 -28.78 -25.86 -38.56
C ILE A 298 -29.60 -26.04 -39.83
N ILE A 299 -28.93 -26.39 -40.92
CA ILE A 299 -29.63 -26.70 -42.17
C ILE A 299 -30.19 -28.12 -42.09
N PRO A 300 -31.50 -28.29 -42.26
CA PRO A 300 -32.07 -29.64 -42.28
C PRO A 300 -31.55 -30.44 -43.47
N HIS A 301 -31.45 -31.75 -43.27
CA HIS A 301 -30.97 -32.64 -44.32
C HIS A 301 -31.63 -33.99 -44.16
N SER A 302 -32.04 -34.58 -45.29
CA SER A 302 -32.58 -35.93 -45.32
C SER A 302 -31.77 -36.74 -46.33
N ILE A 303 -32.01 -38.04 -46.32
CA ILE A 303 -31.24 -38.99 -47.14
C ILE A 303 -32.22 -39.74 -48.04
N ARG A 304 -31.94 -39.72 -49.34
CA ARG A 304 -32.73 -40.47 -50.32
C ARG A 304 -32.17 -41.89 -50.45
N SER A 305 -32.43 -42.68 -49.40
CA SER A 305 -31.98 -44.06 -49.35
C SER A 305 -33.17 -44.99 -49.51
N ILE A 306 -32.89 -46.23 -49.94
CA ILE A 306 -33.94 -47.23 -50.01
C ILE A 306 -34.33 -47.66 -48.60
N GLN A 307 -35.54 -48.22 -48.49
CA GLN A 307 -36.08 -48.57 -47.18
C GLN A 307 -35.31 -49.73 -46.55
N SER A 308 -34.98 -50.74 -47.36
CA SER A 308 -34.35 -51.94 -46.82
C SER A 308 -32.92 -51.70 -46.33
N ASP A 309 -32.23 -50.69 -46.86
CA ASP A 309 -30.86 -50.39 -46.46
C ASP A 309 -30.77 -49.07 -45.73
N ARG A 310 -31.80 -48.73 -44.95
CA ARG A 310 -31.75 -47.55 -44.10
C ARG A 310 -30.74 -47.75 -42.99
N LYS A 311 -29.97 -46.70 -42.70
CA LYS A 311 -28.87 -46.77 -41.75
C LYS A 311 -29.09 -45.77 -40.63
N ALA A 312 -28.78 -46.21 -39.40
CA ALA A 312 -28.87 -45.32 -38.25
C ALA A 312 -27.77 -44.27 -38.32
N TRP A 313 -28.14 -43.01 -38.16
CA TRP A 313 -27.21 -41.89 -38.26
C TRP A 313 -26.95 -41.34 -36.87
N ALA A 314 -25.68 -41.12 -36.56
CA ALA A 314 -25.31 -40.61 -35.24
C ALA A 314 -25.70 -39.15 -35.12
N ALA A 315 -26.39 -38.82 -34.02
CA ALA A 315 -26.75 -37.45 -33.76
C ALA A 315 -25.53 -36.64 -33.35
N PHE A 316 -25.65 -35.33 -33.47
CA PHE A 316 -24.60 -34.41 -33.05
C PHE A 316 -25.05 -33.65 -31.82
N TYR A 317 -24.12 -32.93 -31.21
CA TYR A 317 -24.40 -32.18 -29.99
C TYR A 317 -23.87 -30.77 -30.11
N VAL A 318 -24.62 -29.81 -29.59
CA VAL A 318 -24.27 -28.40 -29.67
C VAL A 318 -24.05 -27.88 -28.26
N TYR A 319 -22.94 -27.17 -28.06
CA TYR A 319 -22.59 -26.62 -26.75
C TYR A 319 -22.09 -25.20 -26.91
N LYS A 320 -22.69 -24.28 -26.15
CA LYS A 320 -22.36 -22.87 -26.26
C LYS A 320 -20.99 -22.56 -25.67
N LEU A 321 -20.39 -21.49 -26.15
CA LEU A 321 -19.08 -21.02 -25.69
C LEU A 321 -19.24 -19.67 -25.01
N GLN A 322 -18.63 -19.54 -23.83
CA GLN A 322 -18.75 -18.36 -22.99
C GLN A 322 -17.44 -18.16 -22.24
N PRO A 323 -17.07 -16.92 -21.93
CA PRO A 323 -15.75 -16.67 -21.32
C PRO A 323 -15.75 -17.01 -19.83
N LEU A 324 -14.93 -17.98 -19.46
CA LEU A 324 -14.74 -18.36 -18.07
C LEU A 324 -13.26 -18.54 -17.79
N THR A 325 -12.94 -19.11 -16.64
CA THR A 325 -11.58 -19.47 -16.25
C THR A 325 -11.57 -20.93 -15.83
N PHE A 326 -10.68 -21.72 -16.43
CA PHE A 326 -10.57 -23.14 -16.14
C PHE A 326 -9.20 -23.43 -15.59
N LEU A 327 -9.00 -24.67 -15.13
CA LEU A 327 -7.68 -25.20 -14.84
C LEU A 327 -7.44 -26.39 -15.74
N LEU A 328 -6.28 -26.41 -16.39
CA LEU A 328 -5.96 -27.39 -17.41
C LEU A 328 -4.77 -28.19 -16.93
N ASP A 329 -4.73 -29.49 -17.29
CA ASP A 329 -3.61 -30.35 -16.89
C ASP A 329 -2.95 -30.83 -18.17
N PHE A 330 -1.98 -30.06 -18.65
CA PHE A 330 -1.26 -30.41 -19.87
C PHE A 330 -0.36 -31.61 -19.60
N SER A 331 -0.50 -32.63 -20.46
CA SER A 331 0.21 -33.89 -20.29
C SER A 331 1.63 -33.76 -20.82
N VAL A 332 2.32 -34.90 -20.96
CA VAL A 332 3.68 -34.91 -21.48
C VAL A 332 3.71 -34.47 -22.93
N ASP A 333 2.76 -34.95 -23.72
CA ASP A 333 2.67 -34.56 -25.12
C ASP A 333 1.92 -33.25 -25.32
N GLY A 334 1.55 -32.58 -24.25
CA GLY A 334 0.88 -31.29 -24.35
C GLY A 334 -0.59 -31.35 -24.67
N TYR A 335 -1.14 -32.54 -24.90
CA TYR A 335 -2.56 -32.67 -25.12
C TYR A 335 -3.32 -32.46 -23.82
N ILE A 336 -4.56 -32.00 -23.94
CA ILE A 336 -5.43 -31.82 -22.78
C ILE A 336 -6.22 -33.11 -22.58
N ARG A 337 -5.87 -33.84 -21.53
CA ARG A 337 -6.61 -35.02 -21.13
C ARG A 337 -7.45 -34.79 -19.89
N ARG A 338 -7.26 -33.66 -19.20
CA ARG A 338 -7.98 -33.42 -17.97
C ARG A 338 -8.08 -31.92 -17.70
N ALA A 339 -9.27 -31.50 -17.27
CA ALA A 339 -9.52 -30.11 -16.94
C ALA A 339 -10.57 -30.04 -15.86
N ILE A 340 -10.56 -28.95 -15.10
CA ILE A 340 -11.53 -28.72 -14.03
C ILE A 340 -11.93 -27.26 -14.07
N ASP A 341 -13.04 -26.95 -13.41
CA ASP A 341 -13.73 -25.68 -13.58
C ASP A 341 -13.45 -24.76 -12.41
N CYS A 342 -13.98 -23.54 -12.51
CA CYS A 342 -14.00 -22.61 -11.40
C CYS A 342 -15.41 -22.20 -10.98
N GLY A 343 -16.39 -22.32 -11.87
CA GLY A 343 -17.72 -21.83 -11.59
C GLY A 343 -18.81 -22.86 -11.78
N PHE A 344 -18.44 -24.14 -11.84
CA PHE A 344 -19.47 -25.17 -11.85
C PHE A 344 -20.09 -25.33 -10.46
N ASN A 345 -19.26 -25.38 -9.43
CA ASN A 345 -19.74 -25.63 -8.07
C ASN A 345 -18.70 -25.11 -7.09
N ASP A 346 -18.93 -25.36 -5.81
CA ASP A 346 -18.01 -24.94 -4.76
C ASP A 346 -16.66 -25.65 -4.87
N LEU A 347 -16.69 -26.95 -5.18
CA LEU A 347 -15.44 -27.70 -5.32
C LEU A 347 -14.63 -27.21 -6.50
N SER A 348 -15.29 -26.71 -7.54
CA SER A 348 -14.58 -26.11 -8.66
C SER A 348 -13.80 -24.88 -8.21
N GLN A 349 -14.44 -24.01 -7.42
CA GLN A 349 -13.77 -22.83 -6.90
C GLN A 349 -12.64 -23.21 -5.95
N LEU A 350 -12.85 -24.26 -5.16
CA LEU A 350 -11.81 -24.72 -4.25
C LEU A 350 -10.62 -25.27 -5.01
N HIS A 351 -10.87 -26.01 -6.09
CA HIS A 351 -9.79 -26.56 -6.90
C HIS A 351 -9.02 -25.44 -7.59
N CYS A 352 -9.72 -24.46 -8.16
CA CYS A 352 -9.02 -23.36 -8.80
C CYS A 352 -8.36 -22.43 -7.79
N SER A 353 -8.77 -22.47 -6.54
CA SER A 353 -8.06 -21.69 -5.52
C SER A 353 -6.69 -22.30 -5.22
N TYR A 354 -6.56 -23.61 -5.31
CA TYR A 354 -5.31 -24.28 -5.01
C TYR A 354 -4.48 -24.58 -6.24
N GLU A 355 -4.96 -24.21 -7.43
CA GLU A 355 -4.29 -24.44 -8.71
C GLU A 355 -3.82 -25.87 -8.90
N SER A 356 -4.65 -26.84 -8.50
CA SER A 356 -4.29 -28.25 -8.62
C SER A 356 -5.55 -29.09 -8.62
N PHE A 357 -5.42 -30.30 -9.16
CA PHE A 357 -6.51 -31.27 -9.09
C PHE A 357 -6.64 -31.89 -7.71
N ASP A 358 -5.60 -31.81 -6.89
CA ASP A 358 -5.61 -32.34 -5.55
C ASP A 358 -5.50 -31.22 -4.54
N VAL A 359 -6.29 -31.30 -3.47
CA VAL A 359 -6.33 -30.30 -2.43
C VAL A 359 -6.12 -30.97 -1.08
N GLU A 360 -6.25 -30.22 0.00
CA GLU A 360 -6.13 -30.76 1.34
C GLU A 360 -7.52 -30.86 1.98
N SER A 361 -7.74 -31.95 2.71
CA SER A 361 -9.02 -32.14 3.38
C SER A 361 -9.20 -31.11 4.49
N GLY A 362 -10.41 -30.59 4.60
CA GLY A 362 -10.71 -29.67 5.69
C GLY A 362 -11.95 -28.85 5.42
N VAL A 363 -12.03 -27.76 6.17
CA VAL A 363 -13.12 -26.80 6.09
C VAL A 363 -12.65 -25.61 5.27
N TYR A 364 -13.48 -25.17 4.33
CA TYR A 364 -13.09 -24.09 3.43
C TYR A 364 -14.25 -23.13 3.25
N SER A 365 -13.91 -21.88 2.98
CA SER A 365 -14.90 -20.83 2.76
C SER A 365 -15.02 -20.56 1.27
N VAL A 366 -16.17 -20.89 0.71
CA VAL A 366 -16.46 -20.64 -0.69
C VAL A 366 -17.25 -19.36 -0.75
N SER A 367 -17.34 -18.78 -1.95
CA SER A 367 -18.06 -17.53 -2.15
C SER A 367 -19.54 -17.67 -1.79
N SER A 368 -20.09 -16.61 -1.22
CA SER A 368 -21.44 -16.62 -0.68
C SER A 368 -22.47 -16.53 -1.81
N PHE A 369 -23.75 -16.46 -1.41
CA PHE A 369 -24.83 -16.23 -2.34
C PHE A 369 -25.81 -15.25 -1.70
N GLU A 370 -26.69 -14.70 -2.52
CA GLU A 370 -27.60 -13.65 -2.10
C GLU A 370 -29.03 -14.00 -2.47
N ALA A 371 -29.96 -13.74 -1.55
CA ALA A 371 -31.37 -13.89 -1.87
C ALA A 371 -31.78 -12.82 -2.88
N LYS A 372 -32.57 -13.22 -3.88
CA LYS A 372 -32.96 -12.31 -4.94
C LYS A 372 -33.93 -11.25 -4.41
N PRO A 373 -33.83 -10.01 -4.90
CA PRO A 373 -34.84 -9.00 -4.57
C PRO A 373 -36.22 -9.40 -5.06
N SER A 374 -37.21 -9.17 -4.20
CA SER A 374 -38.59 -9.54 -4.51
C SER A 374 -39.30 -8.52 -5.39
N GLY A 375 -38.76 -7.31 -5.53
CA GLY A 375 -39.41 -6.30 -6.33
C GLY A 375 -38.77 -4.94 -6.10
N SER A 376 -39.54 -3.90 -6.42
CA SER A 376 -39.06 -2.53 -6.27
C SER A 376 -40.17 -1.67 -5.67
N VAL A 377 -39.78 -0.67 -4.88
CA VAL A 377 -40.69 0.29 -4.29
C VAL A 377 -40.20 1.69 -4.64
N VAL A 378 -41.12 2.53 -5.11
CA VAL A 378 -40.82 3.90 -5.52
C VAL A 378 -41.85 4.80 -4.85
N GLU A 379 -41.52 5.33 -3.68
CA GLU A 379 -42.46 6.23 -2.98
C GLU A 379 -41.64 7.23 -2.15
N GLN A 380 -41.34 8.37 -2.76
CA GLN A 380 -40.81 9.51 -2.01
C GLN A 380 -41.40 10.86 -2.42
N ALA A 381 -41.92 11.01 -3.63
CA ALA A 381 -42.40 12.31 -4.10
C ALA A 381 -43.37 12.09 -5.25
N GLU A 382 -44.58 12.66 -5.14
CA GLU A 382 -45.59 12.51 -6.16
C GLU A 382 -45.95 13.87 -6.75
N GLY A 383 -46.38 13.85 -8.01
CA GLY A 383 -46.68 15.06 -8.74
C GLY A 383 -48.09 15.57 -8.53
N VAL A 384 -48.46 16.55 -9.34
CA VAL A 384 -49.75 17.22 -9.25
C VAL A 384 -50.60 16.73 -10.42
N GLU A 385 -51.89 17.03 -10.40
CA GLU A 385 -52.82 16.63 -11.44
C GLU A 385 -53.16 17.80 -12.35
N CYS A 386 -53.39 17.50 -13.63
CA CYS A 386 -53.80 18.51 -14.59
C CYS A 386 -55.23 18.95 -14.33
N ASP A 387 -55.53 20.20 -14.67
CA ASP A 387 -56.82 20.80 -14.39
C ASP A 387 -57.69 20.79 -15.64
N PHE A 388 -58.88 20.22 -15.52
CA PHE A 388 -59.86 20.21 -16.61
C PHE A 388 -61.20 20.79 -16.20
N SER A 389 -61.27 21.42 -15.02
CA SER A 389 -62.51 22.06 -14.58
C SER A 389 -62.97 23.22 -15.47
N PRO A 390 -62.11 24.15 -15.95
CA PRO A 390 -62.62 25.14 -16.93
C PRO A 390 -63.13 24.53 -18.22
N LEU A 391 -62.62 23.36 -18.61
CA LEU A 391 -63.16 22.67 -19.78
C LEU A 391 -64.58 22.19 -19.52
N LEU A 392 -64.87 21.73 -18.30
CA LEU A 392 -66.16 21.16 -17.96
C LEU A 392 -67.14 22.16 -17.37
N SER A 393 -66.77 23.44 -17.28
CA SER A 393 -67.61 24.44 -16.65
C SER A 393 -67.73 25.67 -17.54
N GLY A 394 -68.80 26.42 -17.33
CA GLY A 394 -69.02 27.65 -18.07
C GLY A 394 -69.56 27.41 -19.46
N THR A 395 -69.82 28.51 -20.15
CA THR A 395 -70.29 28.44 -21.53
C THR A 395 -69.11 28.17 -22.46
N PRO A 396 -69.14 27.09 -23.24
CA PRO A 396 -68.05 26.83 -24.17
C PRO A 396 -68.05 27.82 -25.31
N PRO A 397 -66.94 28.52 -25.54
CA PRO A 397 -66.89 29.49 -26.64
C PRO A 397 -66.84 28.77 -27.98
N GLN A 398 -66.98 29.58 -29.04
CA GLN A 398 -67.22 29.04 -30.37
C GLN A 398 -65.94 28.49 -31.00
N VAL A 399 -66.08 27.99 -32.22
CA VAL A 399 -64.97 27.34 -32.93
C VAL A 399 -63.89 28.36 -33.29
N TYR A 400 -64.26 29.60 -33.61
CA TYR A 400 -63.26 30.64 -33.84
C TYR A 400 -62.72 31.22 -32.53
N ASN A 401 -63.29 30.84 -31.40
CA ASN A 401 -62.86 31.29 -30.08
C ASN A 401 -62.45 30.10 -29.21
N PHE A 402 -61.67 29.18 -29.78
CA PHE A 402 -61.26 27.99 -29.04
C PHE A 402 -60.36 28.38 -27.88
N LYS A 403 -60.70 27.93 -26.68
CA LYS A 403 -60.02 28.36 -25.47
C LYS A 403 -58.99 27.31 -25.05
N ARG A 404 -57.85 27.77 -24.56
CA ARG A 404 -56.64 26.98 -24.49
C ARG A 404 -56.32 26.59 -23.07
N LEU A 405 -55.84 25.36 -22.90
CA LEU A 405 -55.28 24.86 -21.65
C LEU A 405 -53.95 24.20 -21.97
N VAL A 406 -52.88 24.70 -21.36
CA VAL A 406 -51.55 24.15 -21.55
C VAL A 406 -51.24 23.22 -20.38
N PHE A 407 -50.54 22.12 -20.66
CA PHE A 407 -50.29 21.11 -19.65
C PHE A 407 -48.83 20.66 -19.72
N THR A 408 -48.10 20.92 -18.64
CA THR A 408 -46.79 20.33 -18.38
C THR A 408 -46.66 20.15 -16.88
N ASN A 409 -45.95 19.09 -16.50
CA ASN A 409 -45.69 18.71 -15.10
C ASN A 409 -47.00 18.54 -14.34
N CYS A 410 -47.81 17.59 -14.81
CA CYS A 410 -49.06 17.26 -14.14
C CYS A 410 -49.48 15.86 -14.52
N ASN A 411 -50.47 15.34 -13.80
CA ASN A 411 -50.99 14.00 -14.02
C ASN A 411 -52.39 14.08 -14.64
N TYR A 412 -52.60 13.31 -15.69
CA TYR A 412 -53.88 13.27 -16.39
C TYR A 412 -54.25 11.82 -16.65
N ASN A 413 -55.50 11.46 -16.36
CA ASN A 413 -55.98 10.08 -16.52
C ASN A 413 -57.22 10.10 -17.41
N LEU A 414 -57.10 9.58 -18.63
CA LEU A 414 -58.22 9.55 -19.55
C LEU A 414 -59.34 8.62 -19.08
N THR A 415 -59.03 7.65 -18.21
CA THR A 415 -60.08 6.87 -17.58
C THR A 415 -60.96 7.75 -16.70
N LYS A 416 -60.36 8.75 -16.05
CA LYS A 416 -61.10 9.75 -15.30
C LYS A 416 -61.41 11.00 -16.10
N LEU A 417 -60.97 11.08 -17.36
CA LEU A 417 -61.18 12.26 -18.19
C LEU A 417 -62.09 12.00 -19.38
N LEU A 418 -61.75 11.01 -20.21
CA LEU A 418 -62.53 10.76 -21.43
C LEU A 418 -63.88 10.11 -21.13
N SER A 419 -64.06 9.57 -19.93
CA SER A 419 -65.35 9.01 -19.55
C SER A 419 -66.41 10.10 -19.39
N LEU A 420 -65.98 11.33 -19.11
CA LEU A 420 -66.90 12.45 -18.95
C LEU A 420 -67.49 12.92 -20.28
N PHE A 421 -66.96 12.48 -21.41
CA PHE A 421 -67.42 12.93 -22.71
C PHE A 421 -68.46 11.97 -23.26
N SER A 422 -69.58 12.51 -23.73
CA SER A 422 -70.53 11.73 -24.52
C SER A 422 -69.94 11.62 -25.92
N VAL A 423 -69.19 10.54 -26.14
CA VAL A 423 -68.32 10.43 -27.31
C VAL A 423 -69.18 10.19 -28.55
N ASN A 424 -69.03 11.08 -29.54
CA ASN A 424 -69.66 10.93 -30.85
C ASN A 424 -68.66 10.70 -31.96
N ASP A 425 -67.68 11.59 -32.12
CA ASP A 425 -66.71 11.51 -33.20
C ASP A 425 -65.30 11.57 -32.63
N PHE A 426 -64.42 10.75 -33.18
CA PHE A 426 -63.04 10.65 -32.71
C PHE A 426 -62.12 10.55 -33.92
N THR A 427 -61.19 11.48 -34.06
CA THR A 427 -60.18 11.43 -35.11
C THR A 427 -58.82 11.76 -34.51
N CYS A 428 -57.78 11.12 -35.04
CA CYS A 428 -56.43 11.39 -34.59
C CYS A 428 -55.48 11.28 -35.78
N SER A 429 -54.52 12.19 -35.84
CA SER A 429 -53.52 12.21 -36.90
C SER A 429 -52.12 12.16 -36.28
N GLN A 430 -51.26 11.33 -36.90
CA GLN A 430 -49.85 11.15 -36.55
C GLN A 430 -49.64 10.60 -35.14
N ILE A 431 -50.67 10.01 -34.55
CA ILE A 431 -50.55 9.40 -33.23
C ILE A 431 -51.62 8.33 -33.10
N SER A 432 -51.28 7.24 -32.42
CA SER A 432 -52.26 6.20 -32.16
C SER A 432 -53.23 6.68 -31.06
N PRO A 433 -54.50 6.27 -31.15
CA PRO A 433 -55.49 6.72 -30.16
C PRO A 433 -55.19 6.31 -28.73
N ALA A 434 -54.56 5.16 -28.51
CA ALA A 434 -54.25 4.72 -27.15
C ALA A 434 -52.99 5.36 -26.59
N ALA A 435 -52.22 6.06 -27.42
CA ALA A 435 -50.97 6.66 -26.95
C ALA A 435 -51.23 7.88 -26.08
N ILE A 436 -52.28 8.65 -26.38
CA ILE A 436 -52.56 9.85 -25.61
C ILE A 436 -53.07 9.54 -24.22
N ALA A 437 -53.56 8.32 -24.00
CA ALA A 437 -53.96 7.88 -22.66
C ALA A 437 -52.88 7.09 -21.95
N SER A 438 -51.83 6.68 -22.66
CA SER A 438 -50.77 5.85 -22.08
C SER A 438 -49.41 6.53 -22.10
N ASN A 439 -48.96 7.00 -23.25
CA ASN A 439 -47.61 7.53 -23.39
C ASN A 439 -47.47 8.91 -22.75
N CYS A 440 -46.32 9.15 -22.16
CA CYS A 440 -45.99 10.46 -21.61
C CYS A 440 -45.43 11.35 -22.70
N TYR A 441 -45.65 12.66 -22.55
CA TYR A 441 -45.22 13.63 -23.55
C TYR A 441 -44.54 14.80 -22.87
N SER A 442 -43.83 15.59 -23.68
CA SER A 442 -43.15 16.77 -23.14
C SER A 442 -44.16 17.84 -22.75
N SER A 443 -45.04 18.22 -23.68
CA SER A 443 -46.04 19.23 -23.35
C SER A 443 -47.31 18.96 -24.14
N LEU A 444 -48.43 19.44 -23.62
CA LEU A 444 -49.71 19.28 -24.29
C LEU A 444 -50.43 20.62 -24.37
N ILE A 445 -51.14 20.85 -25.47
CA ILE A 445 -52.06 21.99 -25.56
C ILE A 445 -53.43 21.45 -25.97
N LEU A 446 -54.47 21.95 -25.33
CA LEU A 446 -55.82 21.46 -25.54
C LEU A 446 -56.77 22.65 -25.67
N ASP A 447 -57.39 22.80 -26.83
CA ASP A 447 -58.36 23.86 -27.06
C ASP A 447 -59.76 23.27 -27.11
N TYR A 448 -60.67 23.86 -26.34
CA TYR A 448 -62.06 23.46 -26.37
C TYR A 448 -62.89 24.54 -27.04
N PHE A 449 -63.84 24.14 -27.88
CA PHE A 449 -64.63 25.07 -28.64
C PHE A 449 -66.03 24.51 -28.85
N SER A 450 -66.95 25.37 -29.25
CA SER A 450 -68.30 24.93 -29.58
C SER A 450 -68.35 24.40 -31.00
N TYR A 451 -68.81 23.16 -31.15
CA TYR A 451 -68.77 22.50 -32.45
C TYR A 451 -69.88 21.46 -32.57
N PRO A 452 -70.92 21.73 -33.34
CA PRO A 452 -71.97 20.73 -33.54
C PRO A 452 -71.51 19.62 -34.49
N LEU A 453 -72.25 18.52 -34.47
CA LEU A 453 -71.92 17.38 -35.32
C LEU A 453 -72.35 17.59 -36.77
N SER A 454 -73.18 18.59 -37.04
CA SER A 454 -73.60 18.86 -38.41
C SER A 454 -72.46 19.45 -39.23
N MET A 455 -71.57 20.21 -38.59
CA MET A 455 -70.46 20.89 -39.26
C MET A 455 -69.16 20.09 -39.08
N LYS A 456 -69.29 18.79 -38.79
CA LYS A 456 -68.15 17.94 -38.45
C LYS A 456 -67.17 17.80 -39.60
N SER A 457 -67.67 17.64 -40.84
CA SER A 457 -66.83 17.29 -41.97
C SER A 457 -65.85 18.38 -42.37
N ASP A 458 -65.99 19.59 -41.84
CA ASP A 458 -65.03 20.67 -42.09
C ASP A 458 -63.83 20.61 -41.16
N LEU A 459 -63.77 19.62 -40.25
CA LEU A 459 -62.66 19.54 -39.30
C LEU A 459 -61.36 19.04 -39.92
N SER A 460 -61.40 18.54 -41.15
CA SER A 460 -60.20 17.95 -41.75
C SER A 460 -59.18 19.03 -42.11
N VAL A 461 -57.90 18.63 -42.08
CA VAL A 461 -56.82 19.54 -42.44
C VAL A 461 -56.86 19.84 -43.94
N SER A 462 -57.14 18.82 -44.76
CA SER A 462 -57.21 19.01 -46.20
C SER A 462 -58.47 19.73 -46.64
N SER A 463 -59.42 19.94 -45.74
CA SER A 463 -60.64 20.66 -46.09
C SER A 463 -60.34 22.13 -46.35
N ALA A 464 -61.20 22.76 -47.16
CA ALA A 464 -61.06 24.17 -47.51
C ALA A 464 -62.29 24.98 -47.10
N GLY A 465 -63.11 24.46 -46.20
CA GLY A 465 -64.28 25.17 -45.74
C GLY A 465 -63.93 26.25 -44.75
N PRO A 466 -64.96 26.98 -44.31
CA PRO A 466 -64.74 28.13 -43.41
C PRO A 466 -64.09 27.77 -42.09
N ILE A 467 -64.39 26.60 -41.54
CA ILE A 467 -63.74 26.17 -40.31
C ILE A 467 -62.26 25.88 -40.56
N SER A 468 -61.95 25.32 -41.73
CA SER A 468 -60.59 25.02 -42.12
C SER A 468 -59.90 26.20 -42.81
N GLN A 469 -60.54 27.36 -42.85
CA GLN A 469 -59.97 28.56 -43.45
C GLN A 469 -59.78 29.70 -42.46
N PHE A 470 -60.72 29.91 -41.54
CA PHE A 470 -60.67 31.09 -40.69
C PHE A 470 -60.77 30.75 -39.21
N ASN A 471 -61.47 29.66 -38.88
CA ASN A 471 -61.84 29.39 -37.50
C ASN A 471 -60.73 28.68 -36.73
N TYR A 472 -60.34 27.48 -37.17
CA TYR A 472 -59.35 26.70 -36.44
C TYR A 472 -58.68 25.73 -37.40
N LYS A 473 -57.35 25.75 -37.43
CA LYS A 473 -56.55 24.85 -38.25
C LYS A 473 -55.66 24.01 -37.35
N GLN A 474 -55.54 22.73 -37.69
CA GLN A 474 -54.75 21.79 -36.89
C GLN A 474 -53.25 21.99 -37.13
N SER A 475 -52.45 21.21 -36.43
CA SER A 475 -50.99 21.32 -36.50
C SER A 475 -50.47 20.43 -37.62
N PHE A 476 -49.72 21.02 -38.55
CA PHE A 476 -49.19 20.26 -39.68
C PHE A 476 -48.03 19.35 -39.25
N SER A 477 -47.14 19.85 -38.40
CA SER A 477 -45.93 19.14 -38.04
C SER A 477 -46.02 18.47 -36.66
N ASN A 478 -47.21 18.46 -36.05
CA ASN A 478 -47.37 17.80 -34.76
C ASN A 478 -48.57 16.89 -34.79
N PRO A 479 -48.51 15.75 -34.09
CA PRO A 479 -49.68 14.87 -33.99
C PRO A 479 -50.82 15.55 -33.25
N THR A 480 -52.04 15.32 -33.71
CA THR A 480 -53.21 16.01 -33.19
C THR A 480 -54.36 15.02 -33.03
N CYS A 481 -55.34 15.43 -32.23
CA CYS A 481 -56.54 14.62 -32.03
C CYS A 481 -57.75 15.53 -31.86
N LEU A 482 -58.82 15.26 -32.59
CA LEU A 482 -60.08 15.96 -32.48
C LEU A 482 -61.14 15.03 -31.92
N ILE A 483 -61.86 15.50 -30.90
CA ILE A 483 -62.95 14.75 -30.29
C ILE A 483 -64.19 15.61 -30.33
N LEU A 484 -65.22 15.14 -31.02
CA LEU A 484 -66.51 15.82 -31.08
C LEU A 484 -67.46 15.10 -30.14
N ALA A 485 -67.85 15.77 -29.07
CA ALA A 485 -68.64 15.18 -28.01
C ALA A 485 -69.93 15.99 -27.81
N THR A 486 -70.75 15.50 -26.90
CA THR A 486 -72.02 16.12 -26.54
C THR A 486 -72.04 16.28 -25.02
N VAL A 487 -72.80 17.24 -24.54
CA VAL A 487 -73.07 17.29 -23.10
C VAL A 487 -73.85 16.03 -22.71
N PRO A 488 -73.40 15.27 -21.70
CA PRO A 488 -74.24 14.17 -21.20
C PRO A 488 -75.52 14.72 -20.59
N HIS A 489 -76.58 13.91 -20.69
CA HIS A 489 -77.88 14.36 -20.20
C HIS A 489 -77.89 14.51 -18.68
N ASN A 490 -77.12 13.68 -17.98
CA ASN A 490 -76.91 13.84 -16.54
C ASN A 490 -75.64 14.67 -16.26
N LEU A 491 -75.54 15.83 -16.90
CA LEU A 491 -74.40 16.71 -16.72
C LEU A 491 -74.87 18.14 -16.92
N THR A 492 -74.74 18.96 -15.88
CA THR A 492 -75.24 20.33 -15.87
C THR A 492 -74.13 21.34 -15.56
N THR A 493 -72.96 20.86 -15.11
CA THR A 493 -71.85 21.74 -14.75
C THR A 493 -71.35 22.56 -15.93
N ILE A 494 -71.48 22.04 -17.14
CA ILE A 494 -71.26 22.84 -18.35
C ILE A 494 -72.62 23.33 -18.83
N THR A 495 -72.61 24.47 -19.51
CA THR A 495 -73.83 25.09 -20.01
C THR A 495 -73.79 25.10 -21.54
N LYS A 496 -74.83 25.68 -22.13
CA LYS A 496 -74.91 25.80 -23.57
C LYS A 496 -75.04 27.26 -23.97
N PRO A 497 -74.34 27.69 -25.04
CA PRO A 497 -74.46 29.09 -25.49
C PRO A 497 -75.78 29.37 -26.17
N LEU A 498 -75.98 30.62 -26.59
CA LEU A 498 -77.20 30.99 -27.28
C LEU A 498 -77.30 30.32 -28.64
N LYS A 499 -76.20 30.32 -29.41
CA LYS A 499 -76.19 29.70 -30.72
C LYS A 499 -74.75 29.40 -31.11
N TYR A 500 -74.57 28.30 -31.86
CA TYR A 500 -73.32 28.06 -32.56
C TYR A 500 -73.09 29.18 -33.57
N SER A 501 -71.84 29.62 -33.68
CA SER A 501 -71.52 30.64 -34.65
C SER A 501 -70.11 30.44 -35.16
N TYR A 502 -69.89 30.86 -36.41
CA TYR A 502 -68.57 30.78 -37.01
C TYR A 502 -68.46 31.86 -38.07
N ILE A 503 -67.29 31.95 -38.70
CA ILE A 503 -66.99 32.95 -39.72
C ILE A 503 -66.89 32.23 -41.04
N ASN A 504 -67.76 32.59 -41.99
CA ASN A 504 -67.73 31.94 -43.30
C ASN A 504 -66.95 32.72 -44.35
N LYS A 505 -66.89 34.04 -44.22
CA LYS A 505 -66.10 34.88 -45.11
C LYS A 505 -65.26 35.83 -44.28
N CYS A 506 -63.95 35.83 -44.51
CA CYS A 506 -63.02 36.69 -43.79
C CYS A 506 -61.93 37.14 -44.74
N SER A 507 -61.69 38.45 -44.79
CA SER A 507 -60.70 39.01 -45.69
C SER A 507 -60.30 40.40 -45.21
N ARG A 508 -59.19 40.89 -45.76
CA ARG A 508 -58.67 42.21 -45.47
C ARG A 508 -58.60 43.00 -46.77
N LEU A 509 -59.09 44.25 -46.73
CA LEU A 509 -59.03 45.15 -47.87
C LEU A 509 -57.88 46.11 -47.68
N LEU A 510 -57.04 46.25 -48.71
CA LEU A 510 -55.86 47.09 -48.62
C LEU A 510 -56.25 48.57 -48.75
N SER A 511 -55.23 49.44 -48.78
CA SER A 511 -55.47 50.88 -48.86
C SER A 511 -56.10 51.28 -50.19
N ASP A 512 -55.87 50.49 -51.24
CA ASP A 512 -56.54 50.75 -52.51
C ASP A 512 -58.00 50.33 -52.49
N ASP A 513 -58.41 49.54 -51.50
CA ASP A 513 -59.78 49.06 -51.26
C ASP A 513 -60.26 48.11 -52.36
N ARG A 514 -59.41 47.78 -53.33
CA ARG A 514 -59.75 46.89 -54.43
C ARG A 514 -59.00 45.56 -54.38
N THR A 515 -57.84 45.53 -53.76
CA THR A 515 -57.07 44.29 -53.61
C THR A 515 -57.45 43.64 -52.29
N GLU A 516 -57.95 42.41 -52.36
CA GLU A 516 -58.48 41.71 -51.19
C GLU A 516 -57.57 40.52 -50.86
N VAL A 517 -57.21 40.40 -49.58
CA VAL A 517 -56.34 39.33 -49.12
C VAL A 517 -57.09 38.48 -48.10
N PRO A 518 -57.39 37.21 -48.40
CA PRO A 518 -57.99 36.35 -47.39
C PRO A 518 -57.02 36.05 -46.26
N GLN A 519 -57.57 35.83 -45.08
CA GLN A 519 -56.78 35.57 -43.87
C GLN A 519 -56.80 34.08 -43.57
N LEU A 520 -55.61 33.49 -43.42
CA LEU A 520 -55.46 32.08 -43.11
C LEU A 520 -55.00 31.95 -41.67
N VAL A 521 -55.74 31.16 -40.88
CA VAL A 521 -55.38 30.88 -39.51
C VAL A 521 -54.44 29.67 -39.49
N ASN A 522 -53.39 29.75 -38.67
CA ASN A 522 -52.44 28.66 -38.53
C ASN A 522 -52.82 27.82 -37.32
N ALA A 523 -51.94 26.89 -36.94
CA ALA A 523 -52.12 26.14 -35.71
C ALA A 523 -51.85 27.06 -34.52
N ASN A 524 -52.77 27.03 -33.55
CA ASN A 524 -52.72 27.89 -32.35
C ASN A 524 -52.63 29.37 -32.71
N GLN A 525 -53.48 29.80 -33.64
CA GLN A 525 -53.52 31.18 -34.10
C GLN A 525 -54.95 31.70 -34.05
N TYR A 526 -55.10 33.01 -34.22
CA TYR A 526 -56.40 33.66 -34.29
C TYR A 526 -56.42 34.61 -35.48
N SER A 527 -57.52 34.56 -36.24
CA SER A 527 -57.69 35.44 -37.37
C SER A 527 -57.92 36.88 -36.91
N PRO A 528 -57.55 37.87 -37.71
CA PRO A 528 -57.97 39.25 -37.41
C PRO A 528 -59.47 39.43 -37.39
N CYS A 529 -60.20 38.66 -38.21
CA CYS A 529 -61.66 38.71 -38.21
C CYS A 529 -62.26 38.24 -36.90
N VAL A 530 -61.53 37.42 -36.13
CA VAL A 530 -61.97 37.04 -34.79
C VAL A 530 -62.03 38.26 -33.89
N SER A 531 -61.15 39.25 -34.12
CA SER A 531 -61.17 40.46 -33.32
C SER A 531 -62.43 41.30 -33.59
N ILE A 532 -63.00 41.20 -34.79
CA ILE A 532 -64.19 41.98 -35.12
C ILE A 532 -65.46 41.16 -35.09
N VAL A 533 -65.37 39.83 -35.14
CA VAL A 533 -66.54 38.97 -34.94
C VAL A 533 -66.71 38.75 -33.45
N PRO A 534 -67.89 39.04 -32.88
CA PRO A 534 -68.08 38.86 -31.44
C PRO A 534 -68.10 37.38 -31.06
N SER A 535 -68.17 37.15 -29.74
CA SER A 535 -68.16 35.78 -29.23
C SER A 535 -69.40 35.00 -29.67
N THR A 536 -70.49 35.70 -29.94
CA THR A 536 -71.69 35.09 -30.52
C THR A 536 -72.16 35.98 -31.66
N VAL A 537 -72.12 35.45 -32.88
CA VAL A 537 -72.70 36.16 -34.02
C VAL A 537 -74.22 36.23 -33.82
N TRP A 538 -74.80 37.39 -34.17
CA TRP A 538 -76.21 37.63 -33.89
C TRP A 538 -77.11 36.74 -34.75
N GLU A 539 -76.82 36.65 -36.04
CA GLU A 539 -77.65 35.85 -36.94
C GLU A 539 -76.81 35.43 -38.14
N ASP A 540 -77.43 34.61 -38.99
CA ASP A 540 -76.75 34.11 -40.19
C ASP A 540 -76.54 35.24 -41.18
N GLY A 541 -75.36 35.26 -41.80
CA GLY A 541 -75.05 36.24 -42.82
C GLY A 541 -74.75 37.63 -42.30
N ASP A 542 -74.39 37.77 -41.03
CA ASP A 542 -74.02 39.08 -40.49
C ASP A 542 -72.70 39.55 -41.08
N TYR A 543 -72.60 40.85 -41.33
CA TYR A 543 -71.39 41.44 -41.89
C TYR A 543 -70.77 42.37 -40.84
N TYR A 544 -69.50 42.14 -40.53
CA TYR A 544 -68.77 42.91 -39.53
C TYR A 544 -67.65 43.68 -40.22
N ARG A 545 -67.42 44.91 -39.75
CA ARG A 545 -66.50 45.84 -40.40
C ARG A 545 -65.64 46.52 -39.36
N LYS A 546 -64.43 46.92 -39.78
CA LYS A 546 -63.53 47.67 -38.91
C LYS A 546 -62.58 48.52 -39.76
N GLN A 547 -62.17 49.64 -39.19
CA GLN A 547 -61.16 50.48 -39.82
C GLN A 547 -59.76 50.04 -39.39
N LEU A 548 -58.88 49.92 -40.37
CA LEU A 548 -57.50 49.52 -40.12
C LEU A 548 -56.61 50.76 -40.07
N SER A 549 -55.62 50.72 -39.17
CA SER A 549 -54.72 51.84 -39.01
C SER A 549 -53.82 51.99 -40.24
N PRO A 550 -53.45 53.22 -40.61
CA PRO A 550 -52.61 53.42 -41.80
C PRO A 550 -51.23 52.77 -41.69
N LEU A 551 -50.67 52.67 -40.49
CA LEU A 551 -49.35 52.07 -40.34
C LEU A 551 -49.38 50.54 -40.50
N GLU A 552 -50.56 49.93 -40.41
CA GLU A 552 -50.72 48.51 -40.68
C GLU A 552 -51.04 48.23 -42.15
N GLY A 553 -50.66 49.12 -43.05
CA GLY A 553 -51.03 49.02 -44.44
C GLY A 553 -52.30 49.75 -44.80
N GLY A 554 -53.03 50.27 -43.82
CA GLY A 554 -54.26 51.00 -44.09
C GLY A 554 -55.39 50.09 -44.54
N GLY A 555 -56.37 50.70 -45.19
CA GLY A 555 -57.47 49.95 -45.75
C GLY A 555 -58.58 49.69 -44.75
N TRP A 556 -59.32 48.60 -44.98
CA TRP A 556 -60.50 48.28 -44.21
C TRP A 556 -60.51 46.78 -43.97
N LEU A 557 -61.17 46.35 -42.89
CA LEU A 557 -61.23 44.94 -42.55
C LEU A 557 -62.69 44.50 -42.52
N VAL A 558 -62.97 43.36 -43.15
CA VAL A 558 -64.33 42.86 -43.31
C VAL A 558 -64.39 41.40 -42.85
N ALA A 559 -65.57 40.99 -42.42
CA ALA A 559 -65.82 39.60 -42.08
C ALA A 559 -67.30 39.30 -42.22
N SER A 560 -67.63 38.03 -42.34
CA SER A 560 -69.02 37.58 -42.39
C SER A 560 -69.20 36.40 -41.46
N GLY A 561 -70.16 36.52 -40.55
CA GLY A 561 -70.44 35.51 -39.55
C GLY A 561 -71.79 34.85 -39.77
N SER A 562 -71.87 33.58 -39.42
CA SER A 562 -73.06 32.76 -39.60
C SER A 562 -73.34 31.97 -38.34
N THR A 563 -74.62 31.61 -38.15
CA THR A 563 -75.09 30.97 -36.93
C THR A 563 -75.87 29.70 -37.24
N VAL A 564 -75.68 28.71 -36.38
CA VAL A 564 -76.50 27.49 -36.35
C VAL A 564 -77.05 27.37 -34.93
N ALA A 565 -78.35 27.14 -34.82
CA ALA A 565 -78.99 27.16 -33.51
C ALA A 565 -78.61 25.92 -32.68
N MET A 566 -78.87 26.01 -31.38
CA MET A 566 -78.75 24.87 -30.48
C MET A 566 -79.60 23.68 -30.91
N THR A 567 -79.02 22.50 -30.79
CA THR A 567 -79.73 21.24 -30.97
C THR A 567 -80.42 20.88 -29.66
N GLU A 568 -80.85 19.62 -29.54
CA GLU A 568 -81.47 19.16 -28.30
C GLU A 568 -80.46 19.17 -27.15
N GLN A 569 -79.21 18.80 -27.43
CA GLN A 569 -78.14 18.91 -26.45
C GLN A 569 -76.92 19.52 -27.12
N LEU A 570 -76.15 20.27 -26.34
CA LEU A 570 -74.98 20.97 -26.88
C LEU A 570 -73.89 20.00 -27.29
N GLN A 571 -73.38 20.16 -28.50
CA GLN A 571 -72.23 19.42 -28.97
C GLN A 571 -71.05 20.36 -29.12
N MET A 572 -69.86 19.86 -28.78
CA MET A 572 -68.66 20.69 -28.76
C MET A 572 -67.46 19.87 -29.22
N GLY A 573 -66.33 20.54 -29.36
CA GLY A 573 -65.13 19.89 -29.85
C GLY A 573 -63.93 20.17 -28.98
N PHE A 574 -63.03 19.19 -28.94
CA PHE A 574 -61.80 19.25 -28.17
C PHE A 574 -60.64 18.90 -29.08
N GLY A 575 -59.61 19.75 -29.08
CA GLY A 575 -58.43 19.49 -29.88
C GLY A 575 -57.19 19.38 -29.02
N ILE A 576 -56.48 18.27 -29.13
CA ILE A 576 -55.26 18.03 -28.37
C ILE A 576 -54.10 18.00 -29.35
N THR A 577 -53.11 18.87 -29.15
CA THR A 577 -51.87 18.84 -29.88
C THR A 577 -50.73 18.55 -28.91
N VAL A 578 -49.98 17.50 -29.19
CA VAL A 578 -48.87 17.07 -28.36
C VAL A 578 -47.59 17.70 -28.86
N GLN A 579 -46.61 17.81 -27.98
CA GLN A 579 -45.28 18.30 -28.33
C GLN A 579 -44.27 17.45 -27.59
N TYR A 580 -43.24 16.99 -28.31
CA TYR A 580 -42.27 16.03 -27.79
C TYR A 580 -40.94 16.66 -27.40
N GLY A 581 -40.56 17.78 -28.03
CA GLY A 581 -39.26 18.36 -27.77
C GLY A 581 -39.32 19.80 -27.31
N THR A 582 -40.48 20.24 -26.81
CA THR A 582 -40.65 21.59 -26.33
C THR A 582 -40.61 21.71 -24.81
N ASP A 583 -40.47 20.59 -24.10
CA ASP A 583 -40.51 20.59 -22.64
C ASP A 583 -39.88 19.26 -22.20
N THR A 584 -39.88 19.00 -20.90
CA THR A 584 -39.47 17.70 -20.38
C THR A 584 -40.68 16.78 -20.37
N ASN A 585 -40.43 15.48 -20.58
CA ASN A 585 -41.52 14.51 -20.66
C ASN A 585 -42.14 14.31 -19.29
N SER A 586 -43.09 15.17 -18.95
CA SER A 586 -43.58 15.31 -17.58
C SER A 586 -45.04 14.94 -17.41
N VAL A 587 -45.91 15.23 -18.39
CA VAL A 587 -47.30 14.82 -18.28
C VAL A 587 -47.39 13.31 -18.45
N CYS A 588 -47.99 12.64 -17.49
CA CYS A 588 -48.02 11.19 -17.42
C CYS A 588 -49.34 10.74 -16.83
N PRO A 589 -49.77 9.50 -17.13
CA PRO A 589 -50.98 8.98 -16.50
C PRO A 589 -50.79 8.60 -15.03
N LYS A 590 -51.82 7.98 -14.45
CA LYS A 590 -51.76 7.53 -13.07
C LYS A 590 -50.64 6.52 -12.88
N LEU A 591 -49.99 6.58 -11.72
CA LEU A 591 -48.93 5.65 -11.36
C LEU A 591 -49.58 4.40 -10.77
N GLU A 592 -50.03 3.48 -11.63
CA GLU A 592 -50.82 2.32 -11.19
C GLU A 592 -49.94 1.22 -10.59
N PHE A 593 -49.17 1.59 -9.58
CA PHE A 593 -48.37 0.63 -8.81
C PHE A 593 -48.60 0.80 -7.32
N ALA A 594 -49.83 1.14 -6.92
CA ALA A 594 -50.13 1.42 -5.52
C ALA A 594 -50.22 0.16 -4.68
N ASN A 595 -50.20 -1.03 -5.29
CA ASN A 595 -50.31 -2.27 -4.55
C ASN A 595 -49.02 -3.09 -4.55
N ASP A 596 -47.97 -2.63 -5.23
CA ASP A 596 -46.72 -3.36 -5.23
C ASP A 596 -45.47 -2.49 -5.08
N THR A 597 -45.62 -1.16 -4.98
CA THR A 597 -44.47 -0.29 -4.75
C THR A 597 -44.59 0.47 -3.43
N LYS A 598 -45.47 0.04 -2.53
CA LYS A 598 -45.55 0.62 -1.21
C LYS A 598 -44.77 -0.23 -0.21
N ILE A 599 -44.54 0.37 0.96
CA ILE A 599 -43.75 -0.30 1.98
C ILE A 599 -44.52 -1.47 2.58
N ALA A 600 -45.81 -1.26 2.89
CA ALA A 600 -46.61 -2.30 3.53
C ALA A 600 -46.90 -3.47 2.61
N SER A 601 -46.73 -3.29 1.30
CA SER A 601 -46.97 -4.38 0.36
C SER A 601 -45.86 -5.42 0.39
N GLN A 602 -44.64 -5.01 0.76
CA GLN A 602 -43.47 -5.88 0.69
C GLN A 602 -42.67 -5.81 1.97
N LEU A 603 -43.36 -5.94 3.11
CA LEU A 603 -42.69 -6.00 4.40
C LEU A 603 -41.89 -7.28 4.54
N GLY A 604 -40.68 -7.16 5.06
CA GLY A 604 -39.87 -8.33 5.35
C GLY A 604 -39.31 -9.05 4.15
N ASN A 605 -39.29 -8.40 2.99
CA ASN A 605 -38.79 -9.01 1.77
C ASN A 605 -37.77 -8.09 1.13
N CYS A 606 -36.72 -8.68 0.55
CA CYS A 606 -35.67 -7.89 -0.08
C CYS A 606 -36.20 -7.22 -1.34
N VAL A 607 -36.00 -5.91 -1.44
CA VAL A 607 -36.46 -5.13 -2.58
C VAL A 607 -35.35 -4.17 -2.99
N GLU A 608 -35.43 -3.73 -4.24
CA GLU A 608 -34.55 -2.68 -4.75
C GLU A 608 -35.33 -1.37 -4.72
N TYR A 609 -35.08 -0.58 -3.69
CA TYR A 609 -35.77 0.68 -3.52
C TYR A 609 -35.22 1.73 -4.47
N SER A 610 -36.13 2.52 -5.04
CA SER A 610 -35.80 3.72 -5.81
C SER A 610 -36.60 4.83 -5.15
N LEU A 611 -36.00 5.43 -4.12
CA LEU A 611 -36.70 6.40 -3.26
C LEU A 611 -36.53 7.83 -3.76
N TYR A 612 -36.78 8.04 -5.05
CA TYR A 612 -36.71 9.32 -5.75
C TYR A 612 -35.39 10.04 -5.46
N GLY A 613 -34.32 9.43 -5.96
CA GLY A 613 -32.97 9.92 -5.74
C GLY A 613 -32.11 8.99 -4.91
N VAL A 614 -32.72 8.10 -4.14
CA VAL A 614 -32.00 7.12 -3.33
C VAL A 614 -32.42 5.73 -3.80
N SER A 615 -31.47 4.94 -4.27
CA SER A 615 -31.75 3.60 -4.76
C SER A 615 -30.75 2.62 -4.18
N GLY A 616 -31.19 1.38 -4.02
CA GLY A 616 -30.32 0.35 -3.49
C GLY A 616 -31.12 -0.91 -3.18
N ARG A 617 -30.51 -1.80 -2.41
CA ARG A 617 -31.12 -3.07 -2.05
C ARG A 617 -31.28 -3.15 -0.54
N GLY A 618 -32.45 -3.57 -0.08
CA GLY A 618 -32.68 -3.64 1.35
C GLY A 618 -34.05 -4.18 1.68
N VAL A 619 -34.33 -4.21 2.98
CA VAL A 619 -35.57 -4.75 3.52
C VAL A 619 -36.24 -3.69 4.37
N PHE A 620 -37.50 -3.42 4.09
CA PHE A 620 -38.26 -2.40 4.82
C PHE A 620 -39.04 -3.05 5.95
N GLN A 621 -38.98 -2.45 7.14
CA GLN A 621 -39.68 -2.94 8.31
C GLN A 621 -40.35 -1.77 9.00
N ASN A 622 -41.54 -2.01 9.57
CA ASN A 622 -42.20 -0.97 10.34
C ASN A 622 -41.43 -0.73 11.64
N CYS A 623 -41.39 0.54 12.06
CA CYS A 623 -40.58 0.93 13.21
C CYS A 623 -41.29 2.05 13.96
N THR A 624 -40.56 2.67 14.88
CA THR A 624 -41.03 3.82 15.65
C THR A 624 -40.24 5.05 15.23
N ALA A 625 -40.94 6.20 15.20
CA ALA A 625 -40.38 7.44 14.69
C ALA A 625 -39.15 7.89 15.47
N VAL A 626 -38.00 7.89 14.81
CA VAL A 626 -36.72 8.22 15.43
C VAL A 626 -36.03 9.25 14.55
N GLY A 627 -35.30 10.17 15.17
CA GLY A 627 -34.65 11.22 14.43
C GLY A 627 -35.65 12.28 13.98
N VAL A 628 -35.15 13.16 13.11
CA VAL A 628 -35.95 14.28 12.65
C VAL A 628 -36.95 13.79 11.61
N ARG A 629 -38.24 14.07 11.85
CA ARG A 629 -39.28 13.61 10.94
C ARG A 629 -39.29 14.39 9.64
N GLN A 630 -38.77 15.62 9.65
CA GLN A 630 -38.88 16.48 8.48
C GLN A 630 -37.91 16.07 7.39
N GLN A 631 -36.70 15.66 7.76
CA GLN A 631 -35.66 15.42 6.75
C GLN A 631 -35.91 14.15 5.94
N ARG A 632 -36.73 13.23 6.47
CA ARG A 632 -37.27 12.05 5.77
C ARG A 632 -36.19 11.00 5.51
N PHE A 633 -34.93 11.31 5.83
CA PHE A 633 -33.82 10.43 5.52
C PHE A 633 -32.89 10.41 6.73
N VAL A 634 -32.78 9.27 7.38
CA VAL A 634 -31.92 9.12 8.54
C VAL A 634 -30.85 8.08 8.23
N TYR A 635 -29.60 8.44 8.47
CA TYR A 635 -28.46 7.58 8.19
C TYR A 635 -27.72 7.27 9.48
N ASP A 636 -26.78 6.34 9.40
CA ASP A 636 -25.96 5.94 10.54
C ASP A 636 -24.71 6.83 10.56
N ALA A 637 -23.72 6.44 11.37
CA ALA A 637 -22.44 7.13 11.33
C ALA A 637 -21.72 6.92 10.01
N TYR A 638 -21.87 5.73 9.41
CA TYR A 638 -21.12 5.34 8.23
C TYR A 638 -21.86 5.65 6.93
N GLN A 639 -22.72 6.66 6.92
CA GLN A 639 -23.39 7.17 5.71
C GLN A 639 -24.24 6.10 5.04
N ASN A 640 -24.84 5.23 5.84
CA ASN A 640 -25.77 4.21 5.36
C ASN A 640 -27.13 4.49 5.97
N LEU A 641 -28.17 4.50 5.14
CA LEU A 641 -29.49 4.83 5.61
C LEU A 641 -30.02 3.75 6.55
N VAL A 642 -30.62 4.18 7.65
CA VAL A 642 -31.21 3.26 8.60
C VAL A 642 -32.73 3.29 8.56
N GLY A 643 -33.33 4.39 8.09
CA GLY A 643 -34.78 4.44 8.01
C GLY A 643 -35.24 5.55 7.08
N TYR A 644 -36.56 5.66 6.99
CA TYR A 644 -37.20 6.56 6.05
C TYR A 644 -38.63 6.84 6.51
N TYR A 645 -39.06 8.09 6.33
CA TYR A 645 -40.39 8.53 6.72
C TYR A 645 -41.27 8.56 5.49
N SER A 646 -42.16 7.58 5.36
CA SER A 646 -43.06 7.57 4.21
C SER A 646 -44.20 8.56 4.42
N ASP A 647 -44.94 8.82 3.34
CA ASP A 647 -46.04 9.77 3.37
C ASP A 647 -47.25 9.25 4.14
N ASP A 648 -47.27 7.97 4.51
CA ASP A 648 -48.36 7.41 5.29
C ASP A 648 -48.36 7.88 6.73
N GLY A 649 -47.30 8.56 7.17
CA GLY A 649 -47.10 8.84 8.58
C GLY A 649 -46.40 7.75 9.33
N ASN A 650 -46.03 6.66 8.67
CA ASN A 650 -45.36 5.54 9.30
C ASN A 650 -43.88 5.56 8.95
N TYR A 651 -43.04 5.57 9.98
CA TYR A 651 -41.61 5.47 9.80
C TYR A 651 -41.21 4.01 9.59
N TYR A 652 -40.16 3.81 8.79
CA TYR A 652 -39.68 2.47 8.51
C TYR A 652 -38.17 2.41 8.69
N CYS A 653 -37.68 1.23 9.06
CA CYS A 653 -36.25 0.95 9.09
C CYS A 653 -35.88 0.09 7.90
N LEU A 654 -34.76 0.42 7.29
CA LEU A 654 -34.15 -0.43 6.26
C LEU A 654 -32.76 -0.80 6.76
N ARG A 655 -32.52 -2.10 6.92
CA ARG A 655 -31.24 -2.59 7.41
C ARG A 655 -30.31 -2.97 6.28
N ALA A 656 -30.69 -3.96 5.47
CA ALA A 656 -29.91 -4.48 4.36
C ALA A 656 -30.74 -5.55 3.67
N CYS A 657 -30.27 -5.98 2.50
CA CYS A 657 -30.72 -7.22 1.88
C CYS A 657 -29.70 -8.27 2.28
N VAL A 658 -29.90 -8.88 3.44
CA VAL A 658 -28.90 -9.71 4.09
C VAL A 658 -29.11 -11.16 3.69
N SER A 659 -28.01 -11.87 3.43
CA SER A 659 -28.08 -13.28 3.08
C SER A 659 -27.08 -14.08 3.89
N VAL A 660 -26.89 -15.35 3.53
CA VAL A 660 -26.11 -16.30 4.33
C VAL A 660 -24.89 -16.71 3.52
N PRO A 661 -23.69 -16.71 4.10
CA PRO A 661 -22.53 -17.27 3.41
C PRO A 661 -22.56 -18.79 3.44
N VAL A 662 -21.72 -19.38 2.58
CA VAL A 662 -21.66 -20.83 2.38
C VAL A 662 -20.25 -21.30 2.67
N SER A 663 -20.14 -22.38 3.44
CA SER A 663 -18.88 -23.05 3.71
C SER A 663 -18.98 -24.51 3.29
N VAL A 664 -17.82 -25.12 3.06
CA VAL A 664 -17.77 -26.49 2.55
C VAL A 664 -16.82 -27.30 3.42
N ILE A 665 -17.14 -28.58 3.60
CA ILE A 665 -16.23 -29.54 4.22
C ILE A 665 -15.92 -30.63 3.21
N TYR A 666 -14.64 -30.93 3.04
CA TYR A 666 -14.23 -31.87 2.00
C TYR A 666 -13.17 -32.80 2.56
N ASP A 667 -13.18 -34.05 2.12
CA ASP A 667 -12.18 -35.01 2.56
C ASP A 667 -11.36 -35.53 1.39
N LYS A 668 -10.06 -35.65 1.60
CA LYS A 668 -9.17 -36.30 0.65
C LYS A 668 -9.24 -37.82 0.86
N GLU A 669 -8.89 -38.56 -0.20
CA GLU A 669 -8.80 -40.02 -0.34
C GLU A 669 -10.12 -40.74 -0.06
N THR A 670 -11.16 -39.98 0.26
CA THR A 670 -12.55 -40.42 0.20
C THR A 670 -13.28 -39.26 -0.45
N LYS A 671 -13.71 -39.42 -1.70
CA LYS A 671 -14.24 -38.31 -2.48
C LYS A 671 -15.61 -37.92 -1.93
N THR A 672 -15.58 -37.21 -0.81
CA THR A 672 -16.77 -36.90 -0.04
C THR A 672 -16.72 -35.44 0.39
N HIS A 673 -17.89 -34.81 0.40
CA HIS A 673 -18.01 -33.40 0.70
C HIS A 673 -19.42 -33.12 1.23
N ALA A 674 -19.54 -31.99 1.91
CA ALA A 674 -20.83 -31.54 2.41
C ALA A 674 -20.80 -30.02 2.56
N THR A 675 -21.98 -29.42 2.64
CA THR A 675 -22.11 -27.98 2.69
C THR A 675 -22.70 -27.54 4.02
N LEU A 676 -22.30 -26.36 4.46
CA LEU A 676 -22.69 -25.82 5.75
C LEU A 676 -23.02 -24.35 5.60
N PHE A 677 -24.07 -23.90 6.29
CA PHE A 677 -24.42 -22.50 6.38
C PHE A 677 -24.49 -22.15 7.86
N GLY A 678 -23.62 -21.25 8.30
CA GLY A 678 -23.51 -20.92 9.70
C GLY A 678 -24.43 -19.80 10.13
N SER A 679 -24.76 -19.81 11.44
CA SER A 679 -25.49 -18.74 12.11
C SER A 679 -26.88 -18.52 11.53
N VAL A 680 -27.47 -19.56 10.96
CA VAL A 680 -28.76 -19.44 10.28
C VAL A 680 -29.64 -20.63 10.66
N ALA A 681 -30.92 -20.36 10.87
CA ALA A 681 -31.89 -21.43 11.06
C ALA A 681 -32.10 -22.18 9.75
N CYS A 682 -32.53 -23.43 9.88
CA CYS A 682 -32.76 -24.28 8.70
C CYS A 682 -34.05 -23.81 8.03
N GLU A 683 -33.91 -22.76 7.23
CA GLU A 683 -35.05 -22.12 6.59
C GLU A 683 -34.85 -21.84 5.10
N HIS A 684 -33.62 -21.78 4.61
CA HIS A 684 -33.35 -21.44 3.22
C HIS A 684 -32.98 -22.71 2.46
N ILE A 685 -33.73 -22.99 1.40
CA ILE A 685 -33.53 -24.15 0.55
C ILE A 685 -33.29 -23.57 -0.85
N SER A 686 -33.18 -24.42 -1.86
CA SER A 686 -32.57 -24.10 -3.16
C SER A 686 -33.39 -23.15 -4.05
N SER A 687 -34.42 -22.52 -3.51
CA SER A 687 -35.34 -21.75 -4.35
C SER A 687 -34.74 -20.42 -4.82
N THR A 688 -34.44 -19.52 -3.89
CA THR A 688 -34.01 -18.16 -4.23
C THR A 688 -32.50 -18.09 -4.14
N MET A 689 -31.84 -18.34 -5.27
CA MET A 689 -30.39 -18.48 -5.35
C MET A 689 -29.76 -17.28 -6.02
N SER A 690 -28.43 -17.29 -6.02
CA SER A 690 -27.59 -16.38 -6.80
C SER A 690 -26.31 -17.14 -7.14
N GLN A 691 -25.25 -16.38 -7.49
CA GLN A 691 -23.96 -16.85 -8.02
C GLN A 691 -24.10 -18.01 -9.01
N TYR A 692 -23.19 -18.96 -8.94
CA TYR A 692 -23.05 -19.93 -10.03
C TYR A 692 -24.06 -21.07 -9.93
N SER A 693 -23.94 -21.89 -8.89
CA SER A 693 -24.77 -23.09 -8.71
C SER A 693 -24.52 -23.62 -7.31
N ARG A 694 -25.07 -24.79 -7.03
CA ARG A 694 -24.88 -25.49 -5.77
C ARG A 694 -24.48 -26.93 -6.05
N SER A 695 -23.87 -27.56 -5.05
CA SER A 695 -23.35 -28.91 -5.19
C SER A 695 -23.96 -29.81 -4.14
N THR A 696 -24.66 -30.86 -4.59
CA THR A 696 -25.21 -31.87 -3.70
C THR A 696 -25.32 -33.17 -4.46
N ARG A 697 -24.90 -34.27 -3.84
CA ARG A 697 -25.03 -35.60 -4.40
C ARG A 697 -25.62 -36.53 -3.35
N SER A 698 -25.87 -37.77 -3.78
CA SER A 698 -26.43 -38.84 -2.93
C SER A 698 -27.77 -38.45 -2.33
N MET A 699 -28.76 -38.24 -3.20
CA MET A 699 -30.12 -37.96 -2.75
C MET A 699 -30.75 -39.21 -2.14
N TYR A 707 -34.01 -35.30 6.27
CA TYR A 707 -32.95 -35.88 5.44
C TYR A 707 -31.91 -34.85 5.04
N GLY A 708 -32.33 -33.88 4.21
CA GLY A 708 -31.42 -32.89 3.70
C GLY A 708 -31.06 -31.82 4.71
N PRO A 709 -32.04 -31.02 5.13
CA PRO A 709 -31.77 -30.02 6.17
C PRO A 709 -31.47 -30.67 7.51
N LEU A 710 -30.41 -30.20 8.16
CA LEU A 710 -30.01 -30.68 9.47
C LEU A 710 -29.58 -29.50 10.31
N GLN A 711 -30.21 -29.34 11.48
CA GLN A 711 -29.95 -28.20 12.35
C GLN A 711 -28.90 -28.57 13.38
N THR A 712 -27.80 -27.85 13.37
CA THR A 712 -26.66 -28.00 14.27
C THR A 712 -26.42 -26.67 14.96
N PRO A 713 -25.73 -26.66 16.09
CA PRO A 713 -25.38 -25.38 16.74
C PRO A 713 -24.57 -24.44 15.85
N VAL A 714 -23.78 -24.99 14.92
CA VAL A 714 -23.11 -24.13 13.95
C VAL A 714 -24.11 -23.51 13.00
N GLY A 715 -25.11 -24.28 12.56
CA GLY A 715 -26.05 -23.77 11.58
C GLY A 715 -26.93 -24.83 10.94
N CYS A 716 -26.97 -24.83 9.62
CA CYS A 716 -27.70 -25.83 8.85
C CYS A 716 -26.74 -26.53 7.90
N VAL A 717 -26.75 -27.85 7.92
CA VAL A 717 -25.78 -28.65 7.18
C VAL A 717 -26.49 -29.57 6.21
N LEU A 718 -26.07 -29.54 4.95
CA LEU A 718 -26.50 -30.50 3.94
C LEU A 718 -25.38 -31.50 3.70
N GLY A 719 -25.72 -32.79 3.75
CA GLY A 719 -24.77 -33.86 3.50
C GLY A 719 -24.50 -34.74 4.70
N LEU A 720 -24.57 -34.17 5.91
CA LEU A 720 -24.35 -34.92 7.13
C LEU A 720 -25.55 -35.81 7.45
N VAL A 721 -25.44 -36.56 8.53
CA VAL A 721 -26.53 -37.36 9.07
C VAL A 721 -26.36 -37.43 10.58
N ASN A 722 -27.46 -37.31 11.30
CA ASN A 722 -27.40 -37.29 12.75
C ASN A 722 -27.06 -38.68 13.29
N SER A 723 -26.16 -38.72 14.27
CA SER A 723 -25.72 -39.98 14.82
C SER A 723 -25.21 -39.75 16.24
N SER A 724 -25.25 -40.82 17.04
CA SER A 724 -24.79 -40.78 18.42
C SER A 724 -23.36 -41.33 18.47
N LEU A 725 -22.42 -40.50 18.05
CA LEU A 725 -21.01 -40.86 18.04
C LEU A 725 -20.21 -39.80 18.77
N PHE A 726 -19.05 -40.21 19.27
CA PHE A 726 -18.17 -39.34 20.04
C PHE A 726 -16.75 -39.54 19.57
N VAL A 727 -16.15 -38.49 19.02
CA VAL A 727 -14.81 -38.56 18.45
C VAL A 727 -13.91 -37.63 19.25
N GLU A 728 -12.78 -38.16 19.71
CA GLU A 728 -11.81 -37.41 20.50
C GLU A 728 -10.63 -36.92 19.68
N ASP A 729 -10.47 -37.40 18.45
CA ASP A 729 -9.32 -37.10 17.60
C ASP A 729 -9.80 -36.62 16.23
N CYS A 730 -10.69 -35.63 16.25
CA CYS A 730 -11.34 -35.15 15.04
C CYS A 730 -10.34 -34.54 14.06
N LYS A 731 -10.62 -34.70 12.77
CA LYS A 731 -9.79 -34.15 11.71
C LYS A 731 -10.41 -32.96 11.00
N LEU A 732 -11.74 -32.91 10.92
CA LEU A 732 -12.44 -31.82 10.24
C LEU A 732 -13.27 -31.08 11.28
N PRO A 733 -12.75 -30.01 11.86
CA PRO A 733 -13.48 -29.29 12.92
C PRO A 733 -14.56 -28.40 12.32
N LEU A 734 -15.82 -28.78 12.52
CA LEU A 734 -16.93 -27.96 12.06
C LEU A 734 -17.18 -26.75 12.96
N GLY A 735 -16.58 -26.70 14.13
CA GLY A 735 -16.78 -25.62 15.06
C GLY A 735 -17.56 -26.06 16.28
N GLN A 736 -17.61 -25.14 17.26
CA GLN A 736 -18.14 -25.38 18.60
C GLN A 736 -17.50 -26.60 19.22
N SER A 737 -18.18 -27.74 19.15
CA SER A 737 -17.54 -29.02 19.43
C SER A 737 -18.06 -30.11 18.50
N LEU A 738 -18.39 -29.75 17.26
CA LEU A 738 -19.01 -30.68 16.34
C LEU A 738 -18.02 -31.06 15.25
N CYS A 739 -18.01 -32.34 14.89
CA CYS A 739 -17.08 -32.89 13.92
C CYS A 739 -17.80 -33.87 13.01
N ALA A 740 -17.16 -34.21 11.90
CA ALA A 740 -17.70 -35.17 10.95
C ALA A 740 -16.65 -36.22 10.62
N LEU A 741 -17.12 -37.42 10.33
CA LEU A 741 -16.25 -38.57 10.17
C LEU A 741 -16.64 -39.39 8.94
N PRO A 742 -15.71 -39.67 8.04
CA PRO A 742 -16.03 -40.52 6.88
C PRO A 742 -16.21 -41.97 7.28
N ASP A 743 -16.88 -42.72 6.40
CA ASP A 743 -17.07 -44.15 6.57
C ASP A 743 -16.16 -44.88 5.60
N THR A 744 -15.23 -45.66 6.14
CA THR A 744 -14.30 -46.42 5.32
C THR A 744 -14.82 -47.84 5.09
N PRO A 757 -18.16 -46.32 -0.25
CA PRO A 757 -19.10 -45.21 -0.36
C PRO A 757 -20.08 -45.13 0.81
N GLY A 758 -19.92 -44.08 1.61
CA GLY A 758 -20.78 -43.84 2.75
C GLY A 758 -20.60 -42.41 3.22
N GLU A 759 -21.72 -41.70 3.43
CA GLU A 759 -21.65 -40.26 3.65
C GLU A 759 -21.12 -39.94 5.05
N MET A 760 -20.91 -38.65 5.27
CA MET A 760 -20.26 -38.14 6.46
C MET A 760 -21.15 -38.37 7.68
N ARG A 761 -20.52 -38.73 8.80
CA ARG A 761 -21.23 -38.93 10.06
C ARG A 761 -20.99 -37.77 11.00
N LEU A 762 -22.07 -37.16 11.50
CA LEU A 762 -21.96 -36.13 12.52
C LEU A 762 -21.63 -36.74 13.87
N ALA A 763 -20.81 -36.03 14.64
CA ALA A 763 -20.50 -36.42 16.00
C ALA A 763 -20.12 -35.18 16.79
N SER A 764 -20.12 -35.32 18.11
CA SER A 764 -19.63 -34.28 18.99
C SER A 764 -18.20 -34.60 19.40
N ILE A 765 -17.43 -33.55 19.73
CA ILE A 765 -16.05 -33.75 20.17
C ILE A 765 -16.08 -34.44 21.53
N ALA A 766 -15.49 -35.63 21.59
CA ALA A 766 -15.52 -36.43 22.80
C ALA A 766 -14.53 -35.86 23.82
N PHE A 767 -15.04 -35.54 25.00
CA PHE A 767 -14.16 -35.10 26.08
C PHE A 767 -13.58 -36.31 26.78
N ASN A 768 -12.26 -36.33 26.92
CA ASN A 768 -11.59 -37.43 27.62
C ASN A 768 -11.61 -37.11 29.12
N HIS A 769 -12.43 -37.84 29.86
CA HIS A 769 -12.45 -37.69 31.31
C HIS A 769 -11.14 -38.18 31.90
N PRO A 770 -10.50 -37.41 32.78
CA PRO A 770 -9.38 -37.95 33.54
C PRO A 770 -9.87 -39.03 34.50
N ILE A 771 -8.94 -39.92 34.88
CA ILE A 771 -9.26 -41.05 35.73
C ILE A 771 -9.69 -40.53 37.09
N GLN A 772 -10.97 -40.73 37.42
CA GLN A 772 -11.55 -40.13 38.61
C GLN A 772 -11.07 -40.82 39.87
N VAL A 773 -10.89 -40.05 40.93
CA VAL A 773 -10.53 -40.57 42.25
C VAL A 773 -11.32 -39.80 43.29
N ASP A 774 -11.82 -40.51 44.31
CA ASP A 774 -12.68 -39.93 45.30
C ASP A 774 -11.87 -39.27 46.40
N GLN A 775 -12.12 -37.99 46.64
CA GLN A 775 -11.45 -37.24 47.70
C GLN A 775 -12.08 -37.63 49.02
N LEU A 776 -11.42 -38.52 49.76
CA LEU A 776 -11.97 -39.01 51.01
C LEU A 776 -11.83 -37.95 52.10
N ASN A 777 -12.54 -38.16 53.21
CA ASN A 777 -12.68 -37.16 54.26
C ASN A 777 -12.11 -37.66 55.58
N SER A 778 -11.26 -38.69 55.53
CA SER A 778 -10.76 -39.32 56.73
C SER A 778 -9.26 -39.14 56.82
N SER A 779 -8.66 -39.78 57.82
CA SER A 779 -7.21 -39.79 58.00
C SER A 779 -6.54 -40.48 56.83
N TYR A 780 -7.16 -41.55 56.33
CA TYR A 780 -6.63 -42.29 55.20
C TYR A 780 -6.74 -41.47 53.93
N PHE A 781 -6.15 -41.98 52.85
CA PHE A 781 -6.20 -41.28 51.57
C PHE A 781 -6.13 -42.28 50.43
N LYS A 782 -6.95 -42.06 49.39
CA LYS A 782 -6.98 -42.93 48.23
C LYS A 782 -5.99 -42.43 47.19
N LEU A 783 -4.88 -43.13 47.05
CA LEU A 783 -3.82 -42.77 46.12
C LEU A 783 -3.98 -43.48 44.78
N SER A 784 -3.67 -42.76 43.71
CA SER A 784 -3.61 -43.34 42.38
C SER A 784 -2.16 -43.61 42.02
N ILE A 785 -1.86 -44.85 41.63
CA ILE A 785 -0.49 -45.22 41.29
C ILE A 785 -0.49 -46.01 39.99
N PRO A 786 0.47 -45.79 39.10
CA PRO A 786 0.55 -46.59 37.87
C PRO A 786 1.38 -47.85 38.05
N THR A 787 0.90 -48.93 37.42
CA THR A 787 1.55 -50.23 37.49
C THR A 787 2.22 -50.63 36.18
N ASN A 788 2.16 -49.79 35.16
CA ASN A 788 2.79 -50.08 33.88
C ASN A 788 3.31 -48.77 33.31
N PHE A 789 4.28 -48.88 32.40
CA PHE A 789 4.87 -47.67 31.87
C PHE A 789 5.47 -47.94 30.49
N SER A 790 5.73 -46.86 29.78
CA SER A 790 6.35 -46.92 28.47
C SER A 790 7.24 -45.70 28.30
N PHE A 791 8.06 -45.74 27.27
CA PHE A 791 8.89 -44.61 26.88
C PHE A 791 8.28 -43.98 25.64
N GLY A 792 7.90 -42.71 25.74
CA GLY A 792 7.32 -41.99 24.64
C GLY A 792 8.34 -41.06 24.02
N VAL A 793 8.44 -41.13 22.70
CA VAL A 793 9.29 -40.21 21.95
C VAL A 793 8.44 -39.04 21.47
N THR A 794 8.90 -37.83 21.77
CA THR A 794 8.22 -36.61 21.36
C THR A 794 9.14 -35.88 20.40
N GLN A 795 8.68 -35.63 19.19
CA GLN A 795 9.49 -35.02 18.16
C GLN A 795 9.10 -33.55 18.02
N GLU A 796 10.10 -32.68 18.06
CA GLU A 796 9.88 -31.25 17.95
C GLU A 796 10.90 -30.69 16.97
N TYR A 797 10.53 -29.61 16.31
CA TYR A 797 11.43 -28.92 15.40
C TYR A 797 11.46 -27.44 15.77
N ILE A 798 12.66 -26.87 15.81
CA ILE A 798 12.83 -25.46 16.08
C ILE A 798 13.56 -24.85 14.91
N GLN A 799 12.90 -23.96 14.18
CA GLN A 799 13.53 -23.28 13.05
C GLN A 799 14.48 -22.22 13.58
N THR A 800 15.77 -22.40 13.34
CA THR A 800 16.77 -21.49 13.88
C THR A 800 17.44 -20.61 12.83
N THR A 801 17.21 -20.85 11.54
CA THR A 801 17.98 -20.14 10.52
C THR A 801 17.17 -20.08 9.24
N ILE A 802 16.85 -18.86 8.80
CA ILE A 802 16.27 -18.67 7.49
C ILE A 802 17.37 -18.67 6.44
N GLN A 803 16.97 -18.84 5.18
CA GLN A 803 17.94 -18.94 4.10
C GLN A 803 18.58 -17.58 3.85
N LYS A 804 19.89 -17.50 4.06
CA LYS A 804 20.62 -16.26 3.85
C LYS A 804 20.65 -15.95 2.36
N VAL A 805 19.84 -14.98 1.94
CA VAL A 805 19.65 -14.67 0.54
C VAL A 805 20.06 -13.24 0.29
N THR A 806 20.74 -13.02 -0.83
CA THR A 806 21.04 -11.68 -1.32
C THR A 806 20.38 -11.51 -2.68
N VAL A 807 20.22 -10.26 -3.07
CA VAL A 807 19.68 -9.92 -4.38
C VAL A 807 20.52 -8.79 -4.96
N ASP A 808 20.88 -8.92 -6.23
CA ASP A 808 21.62 -7.87 -6.93
C ASP A 808 20.59 -6.90 -7.50
N CYS A 809 20.53 -5.70 -6.93
CA CYS A 809 19.39 -4.81 -7.16
C CYS A 809 19.28 -4.37 -8.61
N LYS A 810 20.39 -3.87 -9.18
CA LYS A 810 20.34 -3.26 -10.49
C LYS A 810 20.04 -4.27 -11.58
N GLN A 811 20.61 -5.48 -11.50
CA GLN A 811 20.36 -6.46 -12.55
C GLN A 811 18.98 -7.06 -12.43
N TYR A 812 18.41 -7.13 -11.22
CA TYR A 812 17.03 -7.60 -11.10
C TYR A 812 16.07 -6.57 -11.65
N VAL A 813 16.24 -5.31 -11.25
CA VAL A 813 15.26 -4.29 -11.63
C VAL A 813 15.51 -3.79 -13.05
N CYS A 814 16.65 -4.12 -13.63
CA CYS A 814 17.09 -3.42 -14.82
C CYS A 814 17.43 -4.34 -15.98
N ASN A 815 18.00 -5.52 -15.71
CA ASN A 815 18.32 -6.55 -16.69
C ASN A 815 19.27 -6.06 -17.79
N GLY A 816 20.18 -5.15 -17.43
CA GLY A 816 21.29 -4.80 -18.30
C GLY A 816 20.96 -4.14 -19.63
N PHE A 817 20.08 -3.15 -19.62
CA PHE A 817 19.81 -2.33 -20.80
C PHE A 817 20.17 -0.89 -20.45
N GLN A 818 20.95 -0.24 -21.32
CA GLN A 818 21.65 0.97 -20.93
C GLN A 818 20.70 2.11 -20.59
N LYS A 819 19.59 2.21 -21.33
CA LYS A 819 18.59 3.23 -21.01
C LYS A 819 17.98 3.00 -19.63
N CYS A 820 17.83 1.74 -19.22
CA CYS A 820 17.34 1.44 -17.89
C CYS A 820 18.30 1.94 -16.80
N GLU A 821 19.61 1.71 -16.97
CA GLU A 821 20.53 2.26 -15.97
C GLU A 821 20.62 3.78 -16.04
N GLN A 822 20.33 4.37 -17.21
CA GLN A 822 20.21 5.83 -17.26
C GLN A 822 19.03 6.31 -16.42
N LEU A 823 17.91 5.58 -16.49
CA LEU A 823 16.73 5.97 -15.70
C LEU A 823 16.94 5.72 -14.22
N LEU A 824 17.62 4.63 -13.86
CA LEU A 824 17.77 4.28 -12.44
C LEU A 824 18.82 5.09 -11.72
N ARG A 825 19.58 5.94 -12.43
CA ARG A 825 20.59 6.73 -11.76
C ARG A 825 19.97 7.79 -10.85
N GLU A 826 18.80 8.30 -11.21
CA GLU A 826 18.17 9.34 -10.40
C GLU A 826 17.54 8.76 -9.13
N TYR A 827 17.10 7.51 -9.17
CA TYR A 827 16.53 6.89 -7.97
C TYR A 827 17.60 6.67 -6.91
N GLY A 828 18.79 6.23 -7.34
CA GLY A 828 19.95 6.21 -6.48
C GLY A 828 19.91 5.25 -5.32
N GLN A 829 19.76 5.78 -4.11
CA GLN A 829 19.99 5.10 -2.84
C GLN A 829 18.99 4.01 -2.52
N PHE A 830 18.01 3.67 -3.36
CA PHE A 830 17.09 2.59 -3.02
C PHE A 830 17.80 1.24 -3.02
N CYS A 831 18.62 0.99 -4.04
CA CYS A 831 19.41 -0.23 -4.10
C CYS A 831 20.39 -0.30 -2.95
N SER A 832 21.03 0.84 -2.63
CA SER A 832 21.95 0.89 -1.51
C SER A 832 21.25 0.59 -0.19
N LYS A 833 20.06 1.15 0.00
CA LYS A 833 19.31 0.93 1.23
C LYS A 833 18.88 -0.53 1.37
N ILE A 834 18.39 -1.14 0.29
CA ILE A 834 17.96 -2.53 0.41
C ILE A 834 19.16 -3.46 0.57
N ASN A 835 20.30 -3.13 -0.05
CA ASN A 835 21.50 -3.91 0.19
C ASN A 835 21.98 -3.79 1.63
N GLN A 836 21.88 -2.58 2.20
CA GLN A 836 22.22 -2.38 3.61
C GLN A 836 21.34 -3.23 4.51
N ALA A 837 20.04 -3.23 4.24
CA ALA A 837 19.10 -3.98 5.07
C ALA A 837 19.34 -5.48 4.97
N LEU A 838 19.54 -5.99 3.75
CA LEU A 838 19.74 -7.44 3.59
C LEU A 838 21.09 -7.86 4.17
N HIS A 839 22.11 -7.02 4.05
CA HIS A 839 23.40 -7.34 4.65
C HIS A 839 23.33 -7.34 6.16
N GLY A 840 22.59 -6.39 6.75
CA GLY A 840 22.40 -6.39 8.19
C GLY A 840 21.64 -7.61 8.67
N ALA A 841 20.62 -8.01 7.92
CA ALA A 841 19.87 -9.22 8.27
C ALA A 841 20.75 -10.46 8.17
N ASN A 842 21.59 -10.54 7.14
CA ASN A 842 22.47 -11.69 7.00
C ASN A 842 23.52 -11.73 8.11
N LEU A 843 24.03 -10.57 8.51
CA LEU A 843 25.00 -10.53 9.60
C LEU A 843 24.33 -10.89 10.92
N ARG A 844 23.08 -10.47 11.12
CA ARG A 844 22.34 -10.87 12.32
C ARG A 844 22.11 -12.38 12.35
N GLN A 845 21.76 -12.96 11.20
CA GLN A 845 21.60 -14.41 11.10
C GLN A 845 22.91 -15.13 11.42
N ASP A 846 24.02 -14.63 10.87
CA ASP A 846 25.32 -15.24 11.10
C ASP A 846 25.72 -15.15 12.57
N ASP A 847 25.47 -14.00 13.20
CA ASP A 847 25.81 -13.83 14.61
C ASP A 847 24.96 -14.73 15.49
N SER A 848 23.68 -14.90 15.14
CA SER A 848 22.82 -15.82 15.88
C SER A 848 23.32 -17.25 15.75
N VAL A 849 23.72 -17.65 14.54
CA VAL A 849 24.21 -19.01 14.32
C VAL A 849 25.49 -19.25 15.10
N ARG A 850 26.42 -18.29 15.05
CA ARG A 850 27.68 -18.43 15.76
C ARG A 850 27.48 -18.43 17.27
N ASN A 851 26.56 -17.60 17.78
CA ASN A 851 26.27 -17.60 19.20
C ASN A 851 25.66 -18.92 19.65
N LEU A 852 24.76 -19.48 18.84
CA LEU A 852 24.17 -20.78 19.17
C LEU A 852 25.23 -21.86 19.18
N PHE A 853 26.09 -21.90 18.15
CA PHE A 853 27.06 -22.97 18.08
C PHE A 853 28.20 -22.80 19.07
N ALA A 854 28.43 -21.58 19.56
CA ALA A 854 29.32 -21.42 20.71
C ALA A 854 28.64 -21.89 21.98
N SER A 855 27.34 -21.63 22.12
CA SER A 855 26.63 -22.00 23.33
C SER A 855 26.46 -23.52 23.44
N VAL A 856 26.19 -24.19 22.32
CA VAL A 856 25.94 -25.62 22.37
C VAL A 856 27.23 -26.42 22.40
N LYS A 857 28.37 -25.77 22.13
CA LYS A 857 29.66 -26.45 22.16
C LYS A 857 30.03 -26.92 23.55
N SER A 858 30.03 -28.24 23.74
CA SER A 858 30.37 -28.80 25.04
C SER A 858 31.85 -28.63 25.32
N SER A 859 32.19 -28.51 26.60
CA SER A 859 33.59 -28.39 26.98
C SER A 859 34.33 -29.71 26.83
N GLN A 860 33.68 -30.81 27.20
CA GLN A 860 34.31 -32.13 27.15
C GLN A 860 33.35 -33.12 26.53
N SER A 861 33.92 -34.16 25.92
CA SER A 861 33.13 -35.21 25.30
C SER A 861 33.90 -36.52 25.31
N SER A 862 33.17 -37.59 25.15
CA SER A 862 33.66 -38.95 24.98
C SER A 862 33.65 -39.33 23.51
N PRO A 863 34.60 -40.14 23.05
CA PRO A 863 34.59 -40.57 21.65
C PRO A 863 33.39 -41.45 21.36
N ILE A 864 32.91 -41.35 20.11
CA ILE A 864 31.82 -42.20 19.65
C ILE A 864 32.42 -43.45 19.04
N ILE A 865 32.03 -44.61 19.57
CA ILE A 865 32.60 -45.89 19.17
C ILE A 865 31.47 -46.79 18.71
N PRO A 866 31.73 -47.79 17.85
CA PRO A 866 30.68 -48.76 17.51
C PRO A 866 30.26 -49.56 18.73
N GLY A 867 28.99 -50.00 18.71
CA GLY A 867 28.43 -50.61 19.90
C GLY A 867 28.16 -49.64 21.01
N PHE A 868 27.95 -48.37 20.68
CA PHE A 868 27.67 -47.36 21.68
C PHE A 868 26.31 -47.59 22.32
N GLY A 869 26.21 -47.31 23.61
CA GLY A 869 24.96 -47.44 24.33
C GLY A 869 24.82 -48.68 25.17
N GLY A 870 25.87 -49.50 25.28
CA GLY A 870 25.79 -50.71 26.08
C GLY A 870 24.81 -51.72 25.55
N ASP A 871 23.69 -51.89 26.25
CA ASP A 871 22.64 -52.80 25.80
C ASP A 871 21.65 -52.15 24.85
N PHE A 872 21.48 -50.83 24.94
CA PHE A 872 20.47 -50.14 24.14
C PHE A 872 20.98 -49.98 22.70
N ASN A 873 20.30 -50.63 21.75
CA ASN A 873 20.65 -50.47 20.34
C ASN A 873 20.13 -49.12 19.90
N LEU A 874 20.99 -48.11 20.03
CA LEU A 874 20.64 -46.73 19.72
C LEU A 874 21.48 -46.16 18.57
N THR A 875 21.97 -47.03 17.68
CA THR A 875 22.89 -46.63 16.64
C THR A 875 22.26 -45.77 15.55
N LEU A 876 20.93 -45.56 15.59
CA LEU A 876 20.29 -44.68 14.62
C LEU A 876 20.79 -43.25 14.75
N LEU A 877 21.17 -42.85 15.96
CA LEU A 877 21.73 -41.53 16.20
C LEU A 877 23.21 -41.46 15.89
N GLU A 878 23.88 -42.60 15.71
CA GLU A 878 25.30 -42.64 15.44
C GLU A 878 25.58 -42.22 14.00
N PRO A 879 26.63 -41.43 13.77
CA PRO A 879 27.04 -41.11 12.39
C PRO A 879 27.86 -42.25 11.79
N VAL A 880 27.28 -42.95 10.83
CA VAL A 880 27.96 -44.07 10.20
C VAL A 880 28.97 -43.58 9.17
N ALA A 889 30.53 -37.87 7.55
CA ALA A 889 29.19 -37.50 7.13
C ALA A 889 28.29 -37.30 8.34
N ARG A 890 26.99 -37.15 8.07
CA ARG A 890 26.02 -36.91 9.12
C ARG A 890 25.55 -38.23 9.72
N SER A 891 24.56 -38.15 10.62
CA SER A 891 24.00 -39.34 11.23
C SER A 891 23.01 -40.00 10.28
N ALA A 892 22.73 -41.28 10.57
CA ALA A 892 21.80 -42.05 9.75
C ALA A 892 20.40 -41.47 9.83
N ILE A 893 19.95 -41.10 11.02
CA ILE A 893 18.64 -40.48 11.17
C ILE A 893 18.65 -39.09 10.52
N GLU A 894 19.79 -38.39 10.56
CA GLU A 894 19.88 -37.07 9.94
C GLU A 894 19.81 -37.17 8.42
N ASP A 895 20.54 -38.12 7.84
CA ASP A 895 20.50 -38.30 6.39
C ASP A 895 19.14 -38.79 5.94
N LEU A 896 18.50 -39.64 6.75
CA LEU A 896 17.13 -40.06 6.45
C LEU A 896 16.17 -38.88 6.50
N LEU A 897 16.38 -37.95 7.45
CA LEU A 897 15.54 -36.76 7.53
C LEU A 897 15.74 -35.86 6.32
N PHE A 898 17.00 -35.69 5.88
CA PHE A 898 17.25 -34.89 4.69
C PHE A 898 16.65 -35.54 3.45
N ASP A 899 16.75 -36.86 3.33
CA ASP A 899 16.25 -37.54 2.14
C ASP A 899 14.73 -37.56 2.11
N LYS A 900 14.09 -37.71 3.29
CA LYS A 900 12.64 -37.80 3.35
C LYS A 900 11.97 -36.44 3.09
N VAL A 901 12.69 -35.35 3.27
CA VAL A 901 12.14 -34.01 3.11
C VAL A 901 12.51 -33.50 1.73
N THR A 902 11.54 -32.93 1.02
CA THR A 902 11.77 -32.33 -0.28
C THR A 902 12.72 -31.16 -0.16
N ILE A 903 13.96 -31.32 -0.60
CA ILE A 903 14.99 -30.29 -0.48
C ILE A 903 15.78 -30.26 -1.79
N ALA A 904 16.10 -29.04 -2.25
CA ALA A 904 16.86 -28.85 -3.46
C ALA A 904 18.29 -28.44 -3.12
N ASP A 905 19.26 -29.11 -3.71
CA ASP A 905 20.66 -28.76 -3.51
C ASP A 905 20.95 -27.43 -4.18
N PRO A 906 21.44 -26.42 -3.45
CA PRO A 906 21.60 -25.09 -4.05
C PRO A 906 22.93 -24.92 -4.79
N GLY A 907 23.34 -25.93 -5.56
CA GLY A 907 24.47 -25.89 -6.47
C GLY A 907 25.76 -25.26 -5.99
N TYR A 908 26.29 -25.75 -4.87
CA TYR A 908 27.44 -25.09 -4.26
C TYR A 908 28.72 -25.27 -5.05
N MET A 909 28.81 -26.27 -5.92
CA MET A 909 30.04 -26.55 -6.64
C MET A 909 29.90 -26.33 -8.15
N GLN A 910 28.90 -26.93 -8.79
CA GLN A 910 28.69 -26.82 -10.23
C GLN A 910 27.26 -26.35 -10.53
N GLY A 911 26.83 -25.30 -9.84
CA GLY A 911 25.53 -24.71 -10.17
C GLY A 911 25.51 -24.08 -11.55
N TYR A 912 26.60 -23.40 -11.91
CA TYR A 912 26.70 -22.79 -13.24
C TYR A 912 26.74 -23.86 -14.33
N ASP A 913 27.48 -24.94 -14.11
CA ASP A 913 27.49 -26.04 -15.08
C ASP A 913 26.16 -26.78 -15.08
N ASP A 914 25.45 -26.79 -13.95
CA ASP A 914 24.10 -27.32 -13.91
C ASP A 914 23.18 -26.50 -14.80
N CYS A 915 23.35 -25.17 -14.80
CA CYS A 915 22.58 -24.33 -15.70
C CYS A 915 23.05 -24.45 -17.15
N MET A 916 24.32 -24.80 -17.36
CA MET A 916 24.79 -25.16 -18.69
C MET A 916 24.04 -26.38 -19.23
N GLN A 917 23.93 -27.44 -18.42
CA GLN A 917 23.48 -28.72 -18.94
C GLN A 917 22.05 -29.07 -18.58
N GLN A 918 21.54 -28.60 -17.44
CA GLN A 918 20.18 -28.94 -17.04
C GLN A 918 19.37 -27.69 -16.73
N LEU A 926 14.37 -23.60 -10.47
CA LEU A 926 14.43 -22.96 -9.17
C LEU A 926 15.87 -22.65 -8.78
N ILE A 927 16.67 -23.70 -8.57
CA ILE A 927 18.09 -23.51 -8.30
C ILE A 927 18.78 -22.94 -9.54
N CYS A 928 18.47 -23.48 -10.71
CA CYS A 928 18.97 -22.92 -11.97
C CYS A 928 18.31 -21.60 -12.32
N ALA A 929 17.24 -21.22 -11.63
CA ALA A 929 16.60 -19.93 -11.81
C ALA A 929 17.29 -18.81 -11.04
N GLN A 930 18.54 -19.03 -10.61
CA GLN A 930 19.25 -18.07 -9.77
C GLN A 930 19.51 -16.77 -10.51
N TYR A 931 19.74 -16.83 -11.82
CA TYR A 931 20.13 -15.65 -12.58
C TYR A 931 19.04 -15.17 -13.53
N VAL A 932 17.99 -15.97 -13.77
CA VAL A 932 16.90 -15.53 -14.63
C VAL A 932 16.17 -14.34 -14.01
N ALA A 933 16.30 -14.16 -12.70
CA ALA A 933 15.92 -12.93 -12.03
C ALA A 933 17.11 -12.17 -11.47
N GLY A 934 18.08 -12.88 -10.91
CA GLY A 934 19.28 -12.26 -10.36
C GLY A 934 19.26 -12.20 -8.85
N TYR A 935 19.90 -13.18 -8.22
CA TYR A 935 19.97 -13.36 -6.77
C TYR A 935 20.89 -14.54 -6.49
N LYS A 936 21.49 -14.54 -5.30
CA LYS A 936 22.42 -15.58 -4.91
C LYS A 936 22.03 -16.09 -3.53
N VAL A 937 22.06 -17.41 -3.36
CA VAL A 937 21.80 -18.03 -2.07
C VAL A 937 23.13 -18.25 -1.37
N LEU A 938 23.31 -17.60 -0.23
CA LEU A 938 24.55 -17.76 0.50
C LEU A 938 24.56 -19.09 1.24
N PRO A 939 25.68 -19.83 1.19
CA PRO A 939 25.79 -21.04 1.99
C PRO A 939 25.88 -20.70 3.47
N PRO A 940 25.45 -21.60 4.35
CA PRO A 940 25.54 -21.32 5.79
C PRO A 940 26.97 -21.35 6.28
N LEU A 941 27.19 -20.69 7.43
CA LEU A 941 28.52 -20.60 8.01
C LEU A 941 29.01 -21.95 8.50
N MET A 942 28.12 -22.80 9.02
CA MET A 942 28.48 -24.11 9.51
C MET A 942 28.49 -25.11 8.35
N ASP A 943 29.60 -25.82 8.19
CA ASP A 943 29.69 -26.86 7.17
C ASP A 943 29.18 -28.19 7.71
N VAL A 944 28.87 -29.09 6.78
CA VAL A 944 28.18 -30.35 7.11
C VAL A 944 28.98 -31.16 8.10
N ASN A 945 30.30 -31.22 7.91
CA ASN A 945 31.17 -31.88 8.88
C ASN A 945 31.14 -31.18 10.22
N MET A 946 30.91 -29.86 10.24
CA MET A 946 30.89 -29.15 11.52
C MET A 946 29.64 -29.49 12.32
N GLU A 947 28.46 -29.54 11.69
CA GLU A 947 27.30 -30.03 12.44
C GLU A 947 27.46 -31.48 12.84
N ALA A 948 28.10 -32.29 11.98
CA ALA A 948 28.33 -33.69 12.34
C ALA A 948 29.19 -33.79 13.61
N ALA A 949 30.27 -33.01 13.66
CA ALA A 949 31.15 -33.03 14.83
C ALA A 949 30.46 -32.48 16.06
N TYR A 950 29.65 -31.43 15.91
CA TYR A 950 29.00 -30.84 17.08
C TYR A 950 27.92 -31.75 17.63
N THR A 951 27.10 -32.34 16.77
CA THR A 951 26.10 -33.30 17.23
C THR A 951 26.76 -34.53 17.82
N SER A 952 27.92 -34.93 17.29
CA SER A 952 28.67 -36.03 17.88
C SER A 952 29.14 -35.69 19.28
N SER A 953 29.61 -34.45 19.48
CA SER A 953 30.02 -34.01 20.81
C SER A 953 28.86 -34.00 21.78
N LEU A 954 27.69 -33.54 21.33
CA LEU A 954 26.49 -33.59 22.18
C LEU A 954 26.10 -35.03 22.52
N LEU A 955 26.14 -35.93 21.54
CA LEU A 955 25.79 -37.32 21.79
C LEU A 955 26.77 -38.00 22.72
N GLY A 956 28.04 -37.58 22.69
CA GLY A 956 29.00 -38.11 23.63
C GLY A 956 28.98 -37.46 24.99
N SER A 957 28.42 -36.25 25.09
CA SER A 957 28.45 -35.51 26.35
C SER A 957 27.14 -35.55 27.13
N ILE A 958 26.05 -36.03 26.52
CA ILE A 958 24.79 -36.13 27.25
C ILE A 958 24.89 -37.10 28.42
N ALA A 959 25.63 -38.20 28.26
CA ALA A 959 25.87 -39.10 29.37
C ALA A 959 26.73 -38.44 30.43
N GLY A 960 27.67 -37.60 30.02
CA GLY A 960 28.62 -37.03 30.94
C GLY A 960 28.07 -35.92 31.81
N VAL A 961 27.46 -34.92 31.19
CA VAL A 961 27.00 -33.75 31.94
C VAL A 961 25.83 -34.11 32.84
N GLY A 962 24.91 -34.94 32.35
CA GLY A 962 23.70 -35.24 33.09
C GLY A 962 23.87 -36.24 34.22
N TRP A 963 24.73 -35.94 35.18
CA TRP A 963 24.79 -36.76 36.39
C TRP A 963 24.63 -35.95 37.66
N THR A 964 25.24 -34.77 37.73
CA THR A 964 25.15 -33.88 38.88
C THR A 964 25.45 -32.47 38.38
N ALA A 965 24.74 -31.48 38.92
CA ALA A 965 24.91 -30.10 38.50
C ALA A 965 26.32 -29.61 38.81
N GLY A 966 26.79 -28.68 37.99
CA GLY A 966 28.17 -28.24 38.03
C GLY A 966 28.89 -28.66 36.78
N LEU A 967 29.05 -27.73 35.84
CA LEU A 967 29.54 -28.05 34.51
C LEU A 967 31.05 -28.07 34.40
N SER A 968 31.77 -27.87 35.50
CA SER A 968 33.22 -27.85 35.44
C SER A 968 33.79 -29.23 35.10
N SER A 969 33.32 -30.27 35.78
CA SER A 969 33.84 -31.59 35.56
C SER A 969 33.17 -32.26 34.37
N PHE A 970 33.70 -33.41 33.99
CA PHE A 970 33.04 -34.27 33.02
C PHE A 970 32.93 -35.66 33.62
N ALA A 971 31.80 -36.30 33.39
CA ALA A 971 31.40 -37.52 34.09
C ALA A 971 30.87 -38.55 33.11
N ALA A 972 31.67 -38.87 32.08
CA ALA A 972 31.20 -39.73 30.98
C ALA A 972 31.06 -41.17 31.44
N ILE A 973 29.99 -41.41 32.20
CA ILE A 973 29.60 -42.72 32.70
C ILE A 973 29.18 -43.57 31.51
N PRO A 974 29.33 -44.90 31.56
CA PRO A 974 28.62 -45.75 30.59
C PRO A 974 27.13 -45.48 30.60
N PHE A 975 26.53 -45.52 29.41
CA PHE A 975 25.26 -44.85 29.15
C PHE A 975 24.11 -45.46 29.95
N ALA A 976 24.03 -46.79 30.00
CA ALA A 976 22.93 -47.47 30.68
C ALA A 976 22.87 -47.10 32.16
N GLN A 977 24.03 -46.85 32.78
CA GLN A 977 24.02 -46.33 34.14
C GLN A 977 23.44 -44.93 34.22
N SER A 978 23.65 -44.10 33.18
CA SER A 978 23.06 -42.77 33.18
C SER A 978 21.54 -42.82 33.09
N ILE A 979 21.00 -43.69 32.22
CA ILE A 979 19.55 -43.87 32.20
C ILE A 979 19.05 -44.44 33.52
N PHE A 980 19.80 -45.37 34.12
CA PHE A 980 19.39 -45.94 35.40
C PHE A 980 19.32 -44.87 36.49
N TYR A 981 20.31 -43.99 36.55
CA TYR A 981 20.31 -42.96 37.59
C TYR A 981 19.23 -41.92 37.34
N ARG A 982 19.05 -41.50 36.08
CA ARG A 982 18.01 -40.52 35.78
C ARG A 982 16.63 -41.09 36.06
N LEU A 983 16.42 -42.37 35.73
CA LEU A 983 15.13 -43.01 35.98
C LEU A 983 14.92 -43.25 37.46
N ASN A 984 16.00 -43.44 38.22
CA ASN A 984 15.89 -43.49 39.67
C ASN A 984 15.47 -42.12 40.22
N GLY A 985 15.99 -41.05 39.62
CA GLY A 985 15.74 -39.72 40.15
C GLY A 985 14.31 -39.23 39.97
N VAL A 986 13.55 -39.83 39.05
CA VAL A 986 12.21 -39.32 38.75
C VAL A 986 11.15 -40.08 39.53
N GLY A 987 11.57 -40.88 40.51
CA GLY A 987 10.60 -41.51 41.39
C GLY A 987 10.42 -42.99 41.16
N ILE A 988 11.48 -43.69 40.76
CA ILE A 988 11.49 -45.14 40.62
C ILE A 988 12.50 -45.69 41.62
N THR A 989 12.08 -46.66 42.41
CA THR A 989 12.98 -47.22 43.41
C THR A 989 14.09 -48.03 42.76
N GLN A 990 15.19 -48.18 43.50
CA GLN A 990 16.37 -48.86 43.00
C GLN A 990 16.12 -50.35 42.78
N GLN A 991 15.18 -50.93 43.53
CA GLN A 991 14.99 -52.38 43.50
C GLN A 991 14.48 -52.86 42.16
N VAL A 992 13.42 -52.21 41.64
CA VAL A 992 12.81 -52.70 40.40
C VAL A 992 13.74 -52.49 39.21
N LEU A 993 14.45 -51.36 39.17
CA LEU A 993 15.44 -51.19 38.12
C LEU A 993 16.63 -52.12 38.29
N SER A 994 16.88 -52.59 39.52
CA SER A 994 17.89 -53.60 39.74
C SER A 994 17.44 -54.99 39.33
N GLU A 995 16.14 -55.24 39.23
CA GLU A 995 15.66 -56.57 38.86
C GLU A 995 14.92 -56.62 37.53
N ASN A 996 14.81 -55.50 36.81
CA ASN A 996 14.03 -55.47 35.57
C ASN A 996 14.79 -54.73 34.49
N GLN A 997 16.06 -55.07 34.30
CA GLN A 997 16.88 -54.35 33.32
C GLN A 997 16.51 -54.70 31.90
N LYS A 998 16.30 -56.00 31.60
CA LYS A 998 16.11 -56.45 30.24
C LYS A 998 14.81 -55.92 29.64
N LEU A 999 13.74 -55.93 30.42
CA LEU A 999 12.44 -55.52 29.88
C LEU A 999 12.40 -54.03 29.62
N ILE A 1000 12.95 -53.22 30.53
CA ILE A 1000 12.99 -51.79 30.27
C ILE A 1000 13.97 -51.46 29.16
N ALA A 1001 15.02 -52.27 29.01
CA ALA A 1001 15.95 -52.08 27.89
C ALA A 1001 15.26 -52.34 26.57
N ASN A 1002 14.49 -53.41 26.48
CA ASN A 1002 13.76 -53.71 25.26
C ASN A 1002 12.65 -52.69 25.01
N LYS A 1003 12.03 -52.18 26.07
CA LYS A 1003 11.04 -51.12 25.90
C LYS A 1003 11.67 -49.85 25.35
N PHE A 1004 12.84 -49.49 25.86
CA PHE A 1004 13.55 -48.32 25.35
C PHE A 1004 13.97 -48.52 23.90
N ASN A 1005 14.44 -49.71 23.57
CA ASN A 1005 14.84 -50.01 22.20
C ASN A 1005 13.66 -49.96 21.25
N GLN A 1006 12.51 -50.51 21.66
CA GLN A 1006 11.31 -50.45 20.85
C GLN A 1006 10.83 -49.01 20.69
N ALA A 1007 10.94 -48.21 21.75
CA ALA A 1007 10.54 -46.81 21.67
C ALA A 1007 11.39 -46.04 20.68
N LEU A 1008 12.70 -46.28 20.69
CA LEU A 1008 13.56 -45.61 19.70
C LEU A 1008 13.38 -46.18 18.30
N GLY A 1009 12.99 -47.45 18.18
CA GLY A 1009 12.67 -47.98 16.87
C GLY A 1009 11.36 -47.47 16.32
N ALA A 1010 10.45 -47.04 17.20
CA ALA A 1010 9.17 -46.52 16.76
C ALA A 1010 9.32 -45.23 15.97
N MET A 1011 10.22 -44.34 16.40
CA MET A 1011 10.42 -43.09 15.71
C MET A 1011 11.21 -43.22 14.43
N GLN A 1012 11.82 -44.39 14.18
CA GLN A 1012 12.52 -44.62 12.92
C GLN A 1012 11.57 -44.60 11.74
N THR A 1013 10.41 -45.25 11.88
CA THR A 1013 9.43 -45.32 10.81
C THR A 1013 8.42 -44.18 10.85
N GLY A 1014 8.56 -43.26 11.81
CA GLY A 1014 7.61 -42.18 11.93
C GLY A 1014 7.75 -41.06 10.95
N PHE A 1015 8.76 -41.11 10.08
CA PHE A 1015 9.05 -40.03 9.14
C PHE A 1015 8.01 -40.03 8.02
N THR A 1016 6.85 -39.49 8.33
CA THR A 1016 5.72 -39.45 7.40
C THR A 1016 4.89 -38.21 7.71
N THR A 1017 3.67 -38.18 7.20
CA THR A 1017 2.79 -37.03 7.38
C THR A 1017 2.34 -36.88 8.84
N THR A 1018 2.24 -38.01 9.57
CA THR A 1018 1.63 -38.00 10.89
C THR A 1018 2.43 -37.21 11.92
N ASN A 1019 3.73 -37.05 11.71
CA ASN A 1019 4.56 -36.34 12.68
C ASN A 1019 4.45 -34.84 12.44
N GLU A 1020 4.11 -34.11 13.51
CA GLU A 1020 3.90 -32.67 13.39
C GLU A 1020 5.21 -31.92 13.15
N ALA A 1021 6.30 -32.38 13.74
CA ALA A 1021 7.59 -31.76 13.50
C ALA A 1021 8.05 -31.97 12.06
N PHE A 1022 7.72 -33.12 11.49
CA PHE A 1022 7.95 -33.37 10.07
C PHE A 1022 7.20 -32.36 9.22
N GLN A 1023 5.94 -32.11 9.57
CA GLN A 1023 5.14 -31.12 8.86
C GLN A 1023 5.72 -29.72 9.02
N LYS A 1024 6.24 -29.41 10.21
CA LYS A 1024 6.83 -28.10 10.43
C LYS A 1024 8.11 -27.92 9.61
N VAL A 1025 8.92 -28.96 9.50
CA VAL A 1025 10.13 -28.90 8.68
C VAL A 1025 9.76 -28.68 7.22
N GLN A 1026 8.78 -29.45 6.73
CA GLN A 1026 8.33 -29.28 5.35
C GLN A 1026 7.74 -27.90 5.12
N ASP A 1027 7.04 -27.37 6.12
CA ASP A 1027 6.45 -26.04 6.01
C ASP A 1027 7.52 -24.97 5.96
N ALA A 1028 8.58 -25.11 6.75
CA ALA A 1028 9.67 -24.13 6.71
C ALA A 1028 10.40 -24.16 5.37
N VAL A 1029 10.64 -25.37 4.85
CA VAL A 1029 11.30 -25.49 3.54
C VAL A 1029 10.42 -24.89 2.45
N ASN A 1030 9.11 -25.17 2.49
CA ASN A 1030 8.19 -24.58 1.53
C ASN A 1030 8.08 -23.08 1.71
N ASN A 1031 8.24 -22.58 2.94
CA ASN A 1031 8.24 -21.14 3.17
C ASN A 1031 9.42 -20.47 2.50
N ASN A 1032 10.61 -21.07 2.62
CA ASN A 1032 11.77 -20.54 1.91
C ASN A 1032 11.58 -20.62 0.40
N ALA A 1033 11.01 -21.73 -0.08
CA ALA A 1033 10.79 -21.91 -1.50
C ALA A 1033 9.81 -20.88 -2.05
N GLN A 1034 8.72 -20.61 -1.34
CA GLN A 1034 7.76 -19.62 -1.82
C GLN A 1034 8.30 -18.21 -1.66
N ALA A 1035 9.16 -17.97 -0.68
CA ALA A 1035 9.82 -16.67 -0.57
C ALA A 1035 10.70 -16.42 -1.78
N LEU A 1036 11.44 -17.43 -2.22
CA LEU A 1036 12.23 -17.26 -3.44
C LEU A 1036 11.36 -17.16 -4.68
N SER A 1037 10.25 -17.91 -4.72
CA SER A 1037 9.34 -17.85 -5.86
C SER A 1037 8.63 -16.50 -5.95
N LYS A 1038 8.52 -15.78 -4.84
CA LYS A 1038 8.02 -14.40 -4.89
C LYS A 1038 8.91 -13.54 -5.78
N LEU A 1039 10.22 -13.65 -5.60
CA LEU A 1039 11.14 -12.91 -6.47
C LEU A 1039 11.12 -13.46 -7.88
N ALA A 1040 11.11 -14.78 -8.03
CA ALA A 1040 11.14 -15.40 -9.35
C ALA A 1040 9.84 -15.24 -10.12
N SER A 1041 8.77 -14.77 -9.47
CA SER A 1041 7.46 -14.65 -10.10
C SER A 1041 7.09 -13.22 -10.47
N GLU A 1042 7.48 -12.24 -9.64
CA GLU A 1042 7.02 -10.87 -9.85
C GLU A 1042 7.68 -10.18 -11.03
N LEU A 1043 8.74 -10.76 -11.59
CA LEU A 1043 9.26 -10.25 -12.85
C LEU A 1043 8.27 -10.44 -13.99
N SER A 1044 7.46 -11.49 -13.92
CA SER A 1044 6.45 -11.72 -14.94
C SER A 1044 5.36 -10.65 -14.91
N ASN A 1045 5.05 -10.12 -13.73
CA ASN A 1045 4.02 -9.10 -13.61
C ASN A 1045 4.48 -7.80 -14.26
N THR A 1046 3.61 -7.22 -15.09
CA THR A 1046 3.94 -5.98 -15.77
C THR A 1046 3.81 -4.76 -14.86
N PHE A 1047 3.10 -4.89 -13.74
CA PHE A 1047 2.81 -3.79 -12.82
C PHE A 1047 2.15 -2.61 -13.54
N GLY A 1048 1.23 -2.93 -14.44
CA GLY A 1048 0.54 -1.91 -15.20
C GLY A 1048 1.19 -1.52 -16.50
N ALA A 1049 2.39 -2.05 -16.80
CA ALA A 1049 3.03 -1.76 -18.06
C ALA A 1049 2.44 -2.64 -19.17
N ILE A 1050 2.91 -2.44 -20.40
CA ILE A 1050 2.39 -3.19 -21.54
C ILE A 1050 3.23 -4.42 -21.88
N SER A 1051 4.43 -4.54 -21.33
CA SER A 1051 5.28 -5.69 -21.60
C SER A 1051 6.24 -5.87 -20.44
N ALA A 1052 6.59 -7.13 -20.17
CA ALA A 1052 7.48 -7.47 -19.08
C ALA A 1052 8.94 -7.58 -19.52
N SER A 1053 9.24 -7.30 -20.79
CA SER A 1053 10.60 -7.32 -21.30
C SER A 1053 11.05 -5.89 -21.54
N ILE A 1054 12.09 -5.46 -20.82
CA ILE A 1054 12.57 -4.09 -20.93
C ILE A 1054 13.19 -3.86 -22.29
N GLY A 1055 13.90 -4.85 -22.82
CA GLY A 1055 14.47 -4.73 -24.16
C GLY A 1055 13.40 -4.61 -25.23
N ASP A 1056 12.32 -5.39 -25.10
CA ASP A 1056 11.19 -5.24 -26.00
C ASP A 1056 10.52 -3.88 -25.83
N ILE A 1057 10.51 -3.36 -24.61
CA ILE A 1057 9.94 -2.04 -24.36
C ILE A 1057 10.74 -0.96 -25.08
N ILE A 1058 12.07 -1.01 -24.95
CA ILE A 1058 12.90 0.01 -25.58
C ILE A 1058 13.05 -0.19 -27.07
N GLN A 1059 12.78 -1.39 -27.58
CA GLN A 1059 12.82 -1.60 -29.03
C GLN A 1059 11.51 -1.20 -29.69
N ARG A 1060 10.39 -1.61 -29.11
CA ARG A 1060 9.09 -1.45 -29.75
C ARG A 1060 8.45 -0.10 -29.49
N LEU A 1061 9.08 0.76 -28.68
CA LEU A 1061 8.49 2.04 -28.34
C LEU A 1061 9.48 3.17 -28.63
N ASP A 1062 8.92 4.37 -28.78
CA ASP A 1062 9.72 5.58 -28.84
C ASP A 1062 10.19 5.96 -27.43
N PRO A 1063 11.28 6.73 -27.32
CA PRO A 1063 11.83 7.08 -25.99
C PRO A 1063 10.86 7.79 -25.05
N PRO A 1064 10.14 8.87 -25.46
CA PRO A 1064 9.46 9.68 -24.43
C PRO A 1064 8.36 8.97 -23.64
N GLU A 1065 7.62 8.04 -24.24
CA GLU A 1065 6.63 7.29 -23.48
C GLU A 1065 7.17 5.98 -22.91
N GLN A 1066 8.21 5.41 -23.54
CA GLN A 1066 8.85 4.25 -22.93
C GLN A 1066 9.54 4.64 -21.63
N ASP A 1067 9.95 5.90 -21.49
CA ASP A 1067 10.49 6.36 -20.21
C ASP A 1067 9.44 6.28 -19.12
N ALA A 1068 8.21 6.71 -19.41
CA ALA A 1068 7.13 6.62 -18.43
C ALA A 1068 6.78 5.16 -18.12
N GLN A 1069 6.73 4.31 -19.15
CA GLN A 1069 6.40 2.91 -18.93
C GLN A 1069 7.48 2.20 -18.09
N ILE A 1070 8.75 2.45 -18.40
CA ILE A 1070 9.83 1.92 -17.60
C ILE A 1070 9.76 2.45 -16.18
N ASP A 1071 9.44 3.73 -16.01
CA ASP A 1071 9.34 4.29 -14.66
C ASP A 1071 8.24 3.62 -13.85
N ARG A 1072 7.10 3.33 -14.49
CA ARG A 1072 6.03 2.60 -13.83
C ARG A 1072 6.48 1.22 -13.39
N LEU A 1073 7.14 0.48 -14.28
CA LEU A 1073 7.55 -0.87 -13.91
C LEU A 1073 8.67 -0.87 -12.88
N ILE A 1074 9.53 0.15 -12.89
CA ILE A 1074 10.55 0.28 -11.86
C ILE A 1074 9.90 0.55 -10.50
N ASN A 1075 8.88 1.41 -10.47
CA ASN A 1075 8.17 1.66 -9.22
C ASN A 1075 7.53 0.39 -8.68
N GLY A 1076 6.91 -0.40 -9.57
CA GLY A 1076 6.33 -1.66 -9.12
C GLY A 1076 7.36 -2.65 -8.61
N ARG A 1077 8.47 -2.79 -9.34
CA ARG A 1077 9.53 -3.71 -8.94
C ARG A 1077 10.14 -3.30 -7.60
N LEU A 1078 10.39 -2.01 -7.41
CA LEU A 1078 10.98 -1.55 -6.16
C LEU A 1078 10.01 -1.67 -5.00
N THR A 1079 8.71 -1.50 -5.26
CA THR A 1079 7.71 -1.79 -4.23
C THR A 1079 7.76 -3.25 -3.82
N THR A 1080 7.90 -4.15 -4.81
CA THR A 1080 8.01 -5.57 -4.51
C THR A 1080 9.27 -5.87 -3.69
N LEU A 1081 10.39 -5.25 -4.04
CA LEU A 1081 11.63 -5.44 -3.27
C LEU A 1081 11.50 -4.91 -1.85
N ASN A 1082 10.85 -3.76 -1.68
CA ASN A 1082 10.68 -3.22 -0.32
C ASN A 1082 9.81 -4.12 0.53
N ALA A 1083 8.74 -4.67 -0.06
CA ALA A 1083 7.91 -5.63 0.66
C ALA A 1083 8.70 -6.89 1.00
N PHE A 1084 9.56 -7.34 0.09
CA PHE A 1084 10.38 -8.51 0.35
C PHE A 1084 11.36 -8.27 1.48
N VAL A 1085 11.95 -7.07 1.52
CA VAL A 1085 12.88 -6.73 2.61
C VAL A 1085 12.13 -6.68 3.94
N ALA A 1086 10.93 -6.13 3.95
CA ALA A 1086 10.14 -6.05 5.18
C ALA A 1086 9.80 -7.45 5.70
N GLN A 1087 9.36 -8.34 4.81
CA GLN A 1087 9.02 -9.69 5.25
C GLN A 1087 10.27 -10.48 5.62
N GLN A 1088 11.41 -10.16 4.99
CA GLN A 1088 12.68 -10.77 5.38
C GLN A 1088 13.07 -10.36 6.79
N LEU A 1089 12.87 -9.09 7.13
CA LEU A 1089 13.14 -8.62 8.48
C LEU A 1089 12.22 -9.29 9.49
N VAL A 1090 10.95 -9.47 9.13
CA VAL A 1090 10.00 -10.14 10.01
C VAL A 1090 10.44 -11.57 10.27
N ARG A 1091 10.80 -12.29 9.20
CA ARG A 1091 11.26 -13.67 9.34
C ARG A 1091 12.55 -13.75 10.13
N SER A 1092 13.45 -12.78 9.94
CA SER A 1092 14.71 -12.77 10.69
C SER A 1092 14.48 -12.57 12.18
N GLU A 1093 13.55 -11.67 12.54
CA GLU A 1093 13.25 -11.47 13.97
C GLU A 1093 12.62 -12.72 14.57
N SER A 1094 11.70 -13.36 13.83
CA SER A 1094 11.10 -14.59 14.32
C SER A 1094 12.15 -15.69 14.48
N ALA A 1095 13.08 -15.77 13.52
CA ALA A 1095 14.14 -16.77 13.60
C ALA A 1095 15.09 -16.49 14.76
N ALA A 1096 15.35 -15.21 15.05
CA ALA A 1096 16.20 -14.87 16.18
C ALA A 1096 15.57 -15.28 17.50
N LEU A 1097 14.28 -14.99 17.67
CA LEU A 1097 13.59 -15.40 18.90
C LEU A 1097 13.54 -16.92 19.02
N SER A 1098 13.27 -17.59 17.89
CA SER A 1098 13.21 -19.04 17.90
C SER A 1098 14.59 -19.65 18.19
N ALA A 1099 15.65 -19.01 17.71
CA ALA A 1099 17.01 -19.47 18.01
C ALA A 1099 17.32 -19.31 19.48
N GLN A 1100 16.86 -18.20 20.09
CA GLN A 1100 17.04 -18.02 21.52
C GLN A 1100 16.32 -19.11 22.31
N LEU A 1101 15.09 -19.44 21.90
CA LEU A 1101 14.36 -20.52 22.56
C LEU A 1101 15.06 -21.86 22.36
N ALA A 1102 15.65 -22.07 21.17
CA ALA A 1102 16.39 -23.31 20.91
C ALA A 1102 17.60 -23.44 21.81
N LYS A 1103 18.34 -22.33 21.98
CA LYS A 1103 19.49 -22.35 22.87
C LYS A 1103 19.07 -22.63 24.30
N ASP A 1104 17.95 -22.03 24.73
CA ASP A 1104 17.43 -22.30 26.07
C ASP A 1104 17.07 -23.78 26.24
N LYS A 1105 16.41 -24.36 25.23
CA LYS A 1105 16.00 -25.76 25.34
C LYS A 1105 17.19 -26.70 25.35
N VAL A 1106 18.17 -26.45 24.47
CA VAL A 1106 19.31 -27.35 24.39
C VAL A 1106 20.24 -27.17 25.58
N ASN A 1107 20.19 -26.02 26.25
CA ASN A 1107 20.96 -25.88 27.47
C ASN A 1107 20.19 -26.30 28.71
N GLU A 1108 18.88 -26.52 28.60
CA GLU A 1108 18.06 -26.90 29.75
C GLU A 1108 17.89 -28.41 29.87
N CYS A 1109 17.28 -29.05 28.88
CA CYS A 1109 16.90 -30.46 29.00
C CYS A 1109 17.63 -31.35 27.99
N VAL A 1110 18.80 -30.93 27.52
CA VAL A 1110 19.66 -31.75 26.68
C VAL A 1110 20.97 -32.07 27.39
N LYS A 1111 21.66 -31.05 27.88
CA LYS A 1111 22.84 -31.29 28.69
C LYS A 1111 22.50 -31.86 30.06
N ALA A 1112 21.27 -31.68 30.52
CA ALA A 1112 20.86 -32.20 31.82
C ALA A 1112 19.40 -32.62 31.72
N GLN A 1113 18.81 -32.93 32.87
CA GLN A 1113 17.44 -33.39 32.96
C GLN A 1113 16.60 -32.30 33.62
N SER A 1114 15.70 -31.71 32.85
CA SER A 1114 14.83 -30.67 33.39
C SER A 1114 13.66 -31.30 34.13
N LYS A 1115 13.40 -30.82 35.35
CA LYS A 1115 12.28 -31.30 36.15
C LYS A 1115 10.98 -30.58 35.83
N ARG A 1116 11.00 -29.62 34.92
CA ARG A 1116 9.79 -28.88 34.59
C ARG A 1116 8.82 -29.77 33.84
N SER A 1117 7.56 -29.75 34.27
CA SER A 1117 6.55 -30.64 33.72
C SER A 1117 6.09 -30.13 32.35
N GLY A 1118 6.30 -30.94 31.32
CA GLY A 1118 5.79 -30.63 30.01
C GLY A 1118 6.43 -29.45 29.31
N PHE A 1119 7.66 -29.09 29.69
CA PHE A 1119 8.32 -27.98 29.01
C PHE A 1119 8.85 -28.42 27.65
N CYS A 1120 9.77 -29.37 27.64
CA CYS A 1120 10.35 -29.86 26.40
C CYS A 1120 9.96 -31.32 26.11
N GLY A 1121 9.21 -31.95 27.00
CA GLY A 1121 8.73 -33.29 26.76
C GLY A 1121 7.41 -33.54 27.45
N GLN A 1122 6.43 -34.03 26.72
CA GLN A 1122 5.14 -34.37 27.32
C GLN A 1122 5.32 -35.57 28.25
N GLY A 1123 4.77 -35.45 29.45
CA GLY A 1123 5.05 -36.43 30.49
C GLY A 1123 6.37 -36.14 31.16
N THR A 1124 6.75 -37.04 32.06
CA THR A 1124 7.99 -36.88 32.81
C THR A 1124 9.18 -37.11 31.90
N HIS A 1125 9.97 -36.06 31.68
CA HIS A 1125 11.11 -36.14 30.78
C HIS A 1125 12.20 -37.03 31.35
N ILE A 1126 12.81 -37.84 30.50
CA ILE A 1126 13.91 -38.69 30.92
C ILE A 1126 15.19 -38.21 30.26
N VAL A 1127 15.26 -38.31 28.93
CA VAL A 1127 16.43 -37.85 28.18
C VAL A 1127 15.97 -37.16 26.90
N SER A 1128 16.92 -36.58 26.20
CA SER A 1128 16.64 -35.95 24.92
C SER A 1128 17.86 -36.05 24.03
N PHE A 1129 17.61 -36.02 22.72
CA PHE A 1129 18.67 -36.06 21.73
C PHE A 1129 18.38 -35.00 20.68
N VAL A 1130 19.43 -34.50 20.06
CA VAL A 1130 19.34 -33.41 19.10
C VAL A 1130 20.09 -33.78 17.83
N VAL A 1131 19.49 -33.46 16.69
CA VAL A 1131 20.13 -33.58 15.38
C VAL A 1131 19.83 -32.30 14.62
N ASN A 1132 20.49 -32.15 13.48
CA ASN A 1132 20.31 -30.96 12.68
C ASN A 1132 19.03 -31.08 11.85
N ALA A 1133 18.71 -30.02 11.11
CA ALA A 1133 17.51 -29.96 10.29
C ALA A 1133 17.76 -28.92 9.22
N PRO A 1134 17.17 -29.06 8.03
CA PRO A 1134 17.63 -28.27 6.88
C PRO A 1134 17.50 -26.76 7.03
N ASN A 1135 16.70 -26.29 7.99
CA ASN A 1135 16.77 -24.89 8.37
C ASN A 1135 16.75 -24.69 9.88
N GLY A 1136 16.95 -25.74 10.66
CA GLY A 1136 16.86 -25.61 12.10
C GLY A 1136 17.46 -26.75 12.88
N LEU A 1137 16.93 -26.97 14.08
CA LEU A 1137 17.41 -28.01 14.98
C LEU A 1137 16.25 -28.92 15.34
N TYR A 1138 16.47 -30.22 15.24
CA TYR A 1138 15.44 -31.23 15.42
C TYR A 1138 15.68 -31.95 16.74
N PHE A 1139 14.66 -31.95 17.60
CA PHE A 1139 14.74 -32.53 18.93
C PHE A 1139 13.87 -33.78 18.97
N MET A 1140 14.37 -34.82 19.62
CA MET A 1140 13.48 -35.90 20.03
C MET A 1140 13.72 -36.22 21.50
N HIS A 1141 12.65 -36.24 22.28
CA HIS A 1141 12.73 -36.39 23.73
C HIS A 1141 12.12 -37.73 24.12
N VAL A 1142 12.87 -38.52 24.88
CA VAL A 1142 12.35 -39.75 25.45
C VAL A 1142 11.86 -39.42 26.85
N GLY A 1143 10.57 -39.68 27.09
CA GLY A 1143 9.96 -39.32 28.35
C GLY A 1143 9.13 -40.47 28.91
N TYR A 1144 8.90 -40.38 30.22
CA TYR A 1144 8.15 -41.41 30.93
C TYR A 1144 6.67 -41.31 30.61
N TYR A 1145 6.01 -42.46 30.46
CA TYR A 1145 4.59 -42.46 30.21
C TYR A 1145 3.90 -43.52 31.05
N PRO A 1146 3.14 -43.12 32.08
CA PRO A 1146 2.50 -44.11 32.95
C PRO A 1146 1.24 -44.68 32.34
N SER A 1147 0.83 -45.84 32.87
CA SER A 1147 -0.35 -46.54 32.41
C SER A 1147 -0.74 -47.57 33.46
N ASN A 1148 -1.98 -48.06 33.34
CA ASN A 1148 -2.58 -49.04 34.25
C ASN A 1148 -2.57 -48.53 35.69
N HIS A 1149 -3.27 -47.41 35.88
CA HIS A 1149 -3.37 -46.81 37.20
C HIS A 1149 -4.42 -47.52 38.03
N ILE A 1150 -4.12 -47.71 39.30
CA ILE A 1150 -5.05 -48.30 40.26
C ILE A 1150 -5.08 -47.44 41.52
N GLU A 1151 -6.14 -47.62 42.29
CA GLU A 1151 -6.38 -46.87 43.51
C GLU A 1151 -6.07 -47.75 44.71
N VAL A 1152 -5.31 -47.20 45.65
CA VAL A 1152 -4.87 -47.88 46.86
C VAL A 1152 -5.11 -46.96 48.05
N VAL A 1153 -4.85 -47.47 49.25
CA VAL A 1153 -5.05 -46.73 50.49
C VAL A 1153 -3.68 -46.40 51.07
N SER A 1154 -3.51 -45.16 51.52
CA SER A 1154 -2.23 -44.67 51.99
C SER A 1154 -2.44 -43.65 53.11
N ALA A 1155 -1.32 -43.24 53.71
CA ALA A 1155 -1.32 -42.20 54.73
C ALA A 1155 -0.33 -41.10 54.37
N TYR A 1156 -0.03 -40.22 55.33
CA TYR A 1156 0.92 -39.14 55.13
C TYR A 1156 2.18 -39.33 55.95
N GLY A 1157 2.22 -40.28 56.85
CA GLY A 1157 3.36 -40.50 57.73
C GLY A 1157 2.96 -41.28 58.96
N LEU A 1158 3.92 -41.96 59.57
CA LEU A 1158 3.63 -42.86 60.68
C LEU A 1158 4.22 -42.31 61.97
N CYS A 1159 3.47 -42.44 63.06
CA CYS A 1159 3.92 -42.00 64.37
C CYS A 1159 3.63 -43.07 65.39
N ASP A 1160 4.58 -43.26 66.31
CA ASP A 1160 4.40 -44.23 67.39
C ASP A 1160 3.50 -43.64 68.48
N ALA A 1161 2.64 -44.47 69.03
CA ALA A 1161 1.81 -44.05 70.15
C ALA A 1161 2.65 -43.78 71.40
N ALA A 1162 3.57 -44.69 71.72
CA ALA A 1162 4.40 -44.54 72.91
C ALA A 1162 5.43 -43.44 72.74
N ASN A 1163 5.82 -43.11 71.51
CA ASN A 1163 6.72 -42.00 71.22
C ASN A 1163 6.07 -41.13 70.15
N PRO A 1164 5.13 -40.27 70.55
CA PRO A 1164 4.50 -39.37 69.57
C PRO A 1164 5.45 -38.37 68.96
N THR A 1165 6.56 -38.06 69.65
CA THR A 1165 7.58 -37.19 69.07
C THR A 1165 8.24 -37.84 67.86
N ASN A 1166 8.50 -39.15 67.94
CA ASN A 1166 9.15 -39.87 66.85
C ASN A 1166 8.13 -40.09 65.74
N CYS A 1167 8.38 -39.47 64.59
CA CYS A 1167 7.50 -39.61 63.44
C CYS A 1167 8.34 -39.67 62.18
N ILE A 1168 7.79 -40.32 61.14
CA ILE A 1168 8.46 -40.50 59.88
C ILE A 1168 7.58 -39.96 58.76
N ALA A 1169 8.23 -39.58 57.66
CA ALA A 1169 7.56 -39.09 56.48
C ALA A 1169 8.28 -39.63 55.26
N PRO A 1170 7.57 -39.95 54.18
CA PRO A 1170 8.22 -40.55 53.02
C PRO A 1170 9.05 -39.54 52.25
N VAL A 1171 10.13 -40.02 51.64
CA VAL A 1171 11.02 -39.21 50.84
C VAL A 1171 10.94 -39.74 49.41
N ASN A 1172 10.36 -38.93 48.52
CA ASN A 1172 10.16 -39.26 47.11
C ASN A 1172 9.41 -40.58 46.98
N GLY A 1173 8.23 -40.64 47.60
CA GLY A 1173 7.43 -41.84 47.57
C GLY A 1173 6.27 -41.73 48.54
N TYR A 1174 5.64 -42.87 48.78
CA TYR A 1174 4.46 -42.91 49.63
C TYR A 1174 4.50 -44.14 50.53
N PHE A 1175 4.14 -43.94 51.79
CA PHE A 1175 3.81 -45.08 52.65
C PHE A 1175 2.51 -45.69 52.15
N ILE A 1176 2.41 -47.01 52.28
CA ILE A 1176 1.34 -47.73 51.62
C ILE A 1176 0.93 -48.93 52.47
N LYS A 1177 -0.32 -49.35 52.27
CA LYS A 1177 -0.83 -50.60 52.79
C LYS A 1177 -1.06 -51.57 51.64
N THR A 1178 -0.97 -52.86 51.94
CA THR A 1178 -1.20 -53.88 50.93
C THR A 1178 -1.76 -55.12 51.60
N ASN A 1179 -2.41 -55.96 50.82
CA ASN A 1179 -2.98 -57.22 51.29
C ASN A 1179 -2.11 -58.36 50.78
N ASN A 1180 -1.32 -58.95 51.68
CA ASN A 1180 -0.42 -60.03 51.30
C ASN A 1180 -1.17 -61.34 51.13
N GLU A 1186 0.49 -53.27 59.37
CA GLU A 1186 1.83 -53.26 58.82
C GLU A 1186 1.85 -52.57 57.46
N TRP A 1187 2.75 -51.61 57.30
CA TRP A 1187 2.81 -50.79 56.10
C TRP A 1187 4.06 -51.13 55.30
N SER A 1188 4.27 -50.39 54.21
CA SER A 1188 5.44 -50.55 53.36
C SER A 1188 5.63 -49.26 52.58
N TYR A 1189 6.56 -49.26 51.63
CA TYR A 1189 6.91 -48.08 50.86
C TYR A 1189 6.70 -48.36 49.37
N THR A 1190 6.32 -47.32 48.63
CA THR A 1190 6.37 -47.35 47.18
C THR A 1190 6.96 -46.06 46.67
N GLY A 1191 7.49 -46.12 45.46
CA GLY A 1191 8.06 -44.95 44.82
C GLY A 1191 6.99 -44.01 44.29
N SER A 1192 7.45 -42.85 43.83
CA SER A 1192 6.54 -41.81 43.38
C SER A 1192 6.07 -42.01 41.94
N SER A 1193 6.56 -43.02 41.24
CA SER A 1193 6.18 -43.19 39.85
C SER A 1193 5.91 -44.63 39.44
N PHE A 1194 5.96 -45.59 40.36
CA PHE A 1194 5.62 -46.96 40.03
C PHE A 1194 5.12 -47.66 41.28
N TYR A 1195 4.16 -48.56 41.09
CA TYR A 1195 3.64 -49.35 42.19
C TYR A 1195 4.67 -50.43 42.46
N ALA A 1196 5.62 -50.13 43.35
CA ALA A 1196 6.70 -51.04 43.69
C ALA A 1196 6.74 -51.20 45.20
N PRO A 1197 5.98 -52.14 45.75
CA PRO A 1197 6.01 -52.36 47.19
C PRO A 1197 7.36 -52.90 47.65
N GLU A 1198 7.85 -52.37 48.77
CA GLU A 1198 9.10 -52.81 49.37
C GLU A 1198 9.10 -52.36 50.82
N PRO A 1199 9.77 -53.08 51.72
CA PRO A 1199 9.72 -52.73 53.14
C PRO A 1199 10.37 -51.40 53.44
N ILE A 1200 9.82 -50.71 54.43
CA ILE A 1200 10.21 -49.33 54.73
C ILE A 1200 11.58 -49.31 55.42
N THR A 1201 12.45 -48.44 54.94
CA THR A 1201 13.78 -48.23 55.51
C THR A 1201 13.92 -46.78 55.96
N SER A 1202 15.06 -46.49 56.58
CA SER A 1202 15.42 -45.10 56.85
C SER A 1202 16.04 -44.44 55.64
N LEU A 1203 16.44 -45.21 54.63
CA LEU A 1203 17.07 -44.67 53.44
C LEU A 1203 16.10 -43.92 52.55
N ASN A 1204 14.80 -44.02 52.81
CA ASN A 1204 13.79 -43.38 51.98
C ASN A 1204 12.75 -42.64 52.81
N THR A 1205 13.05 -42.34 54.07
CA THR A 1205 12.16 -41.57 54.93
C THR A 1205 12.97 -40.55 55.70
N LYS A 1206 12.26 -39.57 56.28
CA LYS A 1206 12.90 -38.55 57.09
C LYS A 1206 12.06 -38.31 58.34
N TYR A 1207 12.72 -37.78 59.36
CA TYR A 1207 12.04 -37.47 60.61
C TYR A 1207 11.39 -36.09 60.51
N VAL A 1208 10.10 -36.04 60.82
CA VAL A 1208 9.32 -34.80 60.79
C VAL A 1208 8.57 -34.70 62.11
N ALA A 1209 8.44 -33.48 62.63
CA ALA A 1209 7.68 -33.25 63.86
C ALA A 1209 6.22 -33.69 63.67
N PRO A 1210 5.61 -34.21 64.74
CA PRO A 1210 4.26 -34.79 64.61
C PRO A 1210 3.19 -33.77 64.24
N GLN A 1211 2.20 -34.24 63.50
CA GLN A 1211 1.00 -33.48 63.16
C GLN A 1211 -0.23 -34.29 63.54
N VAL A 1212 -1.35 -33.60 63.77
CA VAL A 1212 -2.57 -34.24 64.22
C VAL A 1212 -3.17 -35.16 63.16
N THR A 1213 -2.83 -34.97 61.88
CA THR A 1213 -3.45 -35.73 60.81
C THR A 1213 -2.88 -37.13 60.67
N TYR A 1214 -1.86 -37.48 61.44
CA TYR A 1214 -1.08 -38.67 61.14
C TYR A 1214 -1.79 -39.91 61.68
N GLN A 1215 -1.16 -41.07 61.52
CA GLN A 1215 -1.68 -42.34 62.01
C GLN A 1215 -0.80 -42.87 63.13
N ASN A 1216 -1.38 -43.01 64.33
CA ASN A 1216 -0.66 -43.59 65.45
C ASN A 1216 -0.66 -45.12 65.35
N ILE A 1217 0.51 -45.70 65.57
CA ILE A 1217 0.68 -47.15 65.49
C ILE A 1217 1.47 -47.60 66.72
N SER A 1218 1.04 -48.72 67.31
CA SER A 1218 1.69 -49.22 68.51
C SER A 1218 1.83 -50.75 68.53
N THR A 1219 1.69 -51.41 67.38
CA THR A 1219 1.76 -52.87 67.33
C THR A 1219 2.95 -53.37 66.55
N ASN A 1220 3.11 -52.95 65.30
CA ASN A 1220 4.22 -53.37 64.44
C ASN A 1220 5.04 -52.14 64.10
N LEU A 1221 5.99 -51.81 64.96
CA LEU A 1221 6.82 -50.63 64.74
C LEU A 1221 7.81 -50.90 63.61
N PRO A 1222 7.87 -50.04 62.60
CA PRO A 1222 8.88 -50.19 61.56
C PRO A 1222 10.28 -49.94 62.12
N PRO A 1223 11.30 -50.50 61.48
CA PRO A 1223 12.69 -50.25 61.92
C PRO A 1223 13.09 -48.78 61.89
N PRO A 1224 12.53 -47.93 61.00
CA PRO A 1224 12.68 -46.48 61.25
C PRO A 1224 12.15 -46.03 62.59
N LEU A 1225 11.02 -46.58 63.04
CA LEU A 1225 10.51 -46.21 64.36
C LEU A 1225 11.34 -46.85 65.47
N LEU A 1226 11.89 -48.02 65.22
CA LEU A 1226 12.70 -48.71 66.21
C LEU A 1226 14.13 -48.16 66.22
N VAL B 22 -41.52 44.60 -13.04
CA VAL B 22 -42.32 43.41 -13.31
C VAL B 22 -43.34 43.21 -12.20
N ASP B 23 -42.88 43.32 -10.96
CA ASP B 23 -43.69 43.07 -9.79
C ASP B 23 -44.69 44.21 -9.57
N VAL B 24 -45.83 43.86 -8.98
CA VAL B 24 -46.93 44.81 -8.77
C VAL B 24 -46.70 45.45 -7.40
N GLY B 25 -46.00 46.58 -7.41
CA GLY B 25 -45.82 47.36 -6.22
C GLY B 25 -46.61 48.66 -6.29
N PRO B 26 -47.43 48.93 -5.26
CA PRO B 26 -48.19 50.18 -5.23
C PRO B 26 -47.26 51.36 -4.98
N ASP B 27 -47.06 52.18 -6.01
CA ASP B 27 -46.18 53.33 -5.88
C ASP B 27 -46.79 54.37 -4.96
N SER B 28 -45.97 54.88 -4.04
CA SER B 28 -46.45 55.82 -3.04
C SER B 28 -46.31 57.23 -3.62
N VAL B 29 -46.76 58.23 -2.87
CA VAL B 29 -46.99 59.56 -3.42
C VAL B 29 -46.07 60.60 -2.81
N LYS B 30 -45.59 60.36 -1.59
CA LYS B 30 -44.88 61.42 -0.88
C LYS B 30 -43.39 61.39 -1.18
N SER B 31 -42.88 62.52 -1.68
CA SER B 31 -41.45 62.78 -1.80
C SER B 31 -41.14 63.99 -0.94
N ALA B 32 -40.82 63.73 0.33
CA ALA B 32 -40.86 64.68 1.43
C ALA B 32 -40.66 63.92 2.73
N CYS B 33 -39.57 63.16 2.81
CA CYS B 33 -39.35 62.21 3.89
C CYS B 33 -39.20 62.91 5.23
N ILE B 34 -39.35 62.14 6.30
CA ILE B 34 -39.27 62.66 7.65
C ILE B 34 -37.81 62.65 8.10
N GLU B 35 -37.50 63.50 9.07
CA GLU B 35 -36.14 63.68 9.53
C GLU B 35 -35.66 62.46 10.31
N VAL B 36 -34.40 62.08 10.10
CA VAL B 36 -33.76 60.97 10.80
C VAL B 36 -32.54 61.51 11.53
N ASP B 37 -32.45 61.21 12.82
CA ASP B 37 -31.36 61.67 13.67
C ASP B 37 -30.34 60.56 13.89
N ILE B 38 -29.18 60.96 14.40
CA ILE B 38 -28.09 60.05 14.74
C ILE B 38 -27.73 60.28 16.20
N GLN B 39 -28.12 59.34 17.07
CA GLN B 39 -27.82 59.43 18.49
C GLN B 39 -27.33 58.05 18.96
N GLN B 40 -26.34 57.51 18.23
CA GLN B 40 -25.89 56.13 18.43
C GLN B 40 -25.18 55.90 19.76
N THR B 41 -24.80 56.96 20.48
CA THR B 41 -24.13 56.78 21.76
C THR B 41 -25.05 56.20 22.82
N PHE B 42 -26.36 56.40 22.71
CA PHE B 42 -27.29 55.69 23.58
C PHE B 42 -27.37 54.22 23.22
N PHE B 43 -27.17 53.90 21.94
CA PHE B 43 -27.20 52.52 21.48
C PHE B 43 -25.95 51.74 21.89
N ASP B 44 -24.87 52.45 22.24
CA ASP B 44 -23.61 51.80 22.61
C ASP B 44 -23.72 51.30 24.04
N LYS B 45 -24.24 50.09 24.21
CA LYS B 45 -24.35 49.47 25.52
C LYS B 45 -23.92 48.01 25.42
N THR B 46 -23.47 47.48 26.54
CA THR B 46 -22.90 46.13 26.59
C THR B 46 -23.92 45.17 27.21
N TRP B 47 -24.42 44.24 26.40
CA TRP B 47 -25.13 43.05 26.87
C TRP B 47 -24.37 41.85 26.31
N PRO B 48 -23.31 41.42 26.99
CA PRO B 48 -22.45 40.36 26.45
C PRO B 48 -23.15 39.01 26.45
N ARG B 49 -23.38 38.47 25.25
CA ARG B 49 -23.96 37.14 25.08
C ARG B 49 -23.14 36.37 24.05
N PRO B 50 -21.95 35.89 24.44
CA PRO B 50 -21.18 35.04 23.52
C PRO B 50 -21.84 33.68 23.37
N ILE B 51 -21.70 33.11 22.19
CA ILE B 51 -22.37 31.86 21.87
C ILE B 51 -21.58 30.69 22.47
N ASP B 52 -22.30 29.79 23.11
CA ASP B 52 -21.74 28.55 23.63
C ASP B 52 -22.14 27.41 22.72
N VAL B 53 -21.15 26.68 22.20
CA VAL B 53 -21.45 25.55 21.34
C VAL B 53 -21.99 24.39 22.17
N SER B 54 -21.62 24.31 23.45
CA SER B 54 -22.14 23.25 24.30
C SER B 54 -23.61 23.48 24.63
N LYS B 55 -24.01 24.76 24.78
CA LYS B 55 -25.41 25.09 24.90
C LYS B 55 -26.16 24.92 23.59
N ALA B 56 -25.44 24.74 22.47
CA ALA B 56 -26.00 24.49 21.14
C ALA B 56 -26.92 25.64 20.70
N ASP B 57 -26.33 26.82 20.55
CA ASP B 57 -27.03 28.00 20.07
C ASP B 57 -26.45 28.41 18.73
N GLY B 58 -27.32 28.54 17.72
CA GLY B 58 -26.90 29.00 16.42
C GLY B 58 -26.02 28.04 15.65
N ILE B 59 -26.57 26.89 15.27
CA ILE B 59 -25.85 25.90 14.48
C ILE B 59 -26.71 25.52 13.28
N ILE B 60 -26.12 25.56 12.09
CA ILE B 60 -26.83 25.11 10.90
C ILE B 60 -26.90 23.59 10.92
N TYR B 61 -28.12 23.06 10.90
CA TYR B 61 -28.31 21.62 10.84
C TYR B 61 -27.87 21.10 9.47
N PRO B 62 -27.51 19.82 9.38
CA PRO B 62 -27.29 19.21 8.06
C PRO B 62 -28.53 19.33 7.19
N GLN B 63 -28.31 19.58 5.90
CA GLN B 63 -29.36 20.08 5.03
C GLN B 63 -30.47 19.05 4.79
N GLY B 64 -30.10 17.78 4.66
CA GLY B 64 -31.09 16.76 4.40
C GLY B 64 -30.83 15.44 5.07
N ARG B 65 -29.81 15.40 5.92
CA ARG B 65 -29.24 14.14 6.41
C ARG B 65 -29.30 14.13 7.93
N THR B 66 -30.42 13.68 8.50
CA THR B 66 -30.52 13.61 9.94
C THR B 66 -29.97 12.28 10.45
N TYR B 67 -29.70 12.23 11.75
CA TYR B 67 -29.18 11.05 12.40
C TYR B 67 -29.89 10.90 13.74
N SER B 68 -29.39 9.99 14.58
CA SER B 68 -29.99 9.81 15.90
C SER B 68 -28.97 9.18 16.85
N ASN B 69 -28.88 9.77 18.05
CA ASN B 69 -28.16 9.21 19.20
C ASN B 69 -26.69 8.92 18.89
N ILE B 70 -26.06 9.76 18.07
CA ILE B 70 -24.66 9.56 17.72
C ILE B 70 -23.91 10.88 17.72
N THR B 71 -22.63 10.81 18.05
CA THR B 71 -21.74 11.98 18.04
C THR B 71 -20.91 11.90 16.77
N ILE B 72 -21.14 12.84 15.86
CA ILE B 72 -20.60 12.79 14.51
C ILE B 72 -19.83 14.07 14.22
N THR B 73 -18.66 13.92 13.62
CA THR B 73 -17.96 15.07 13.07
C THR B 73 -18.65 15.53 11.79
N TYR B 74 -18.66 16.85 11.59
CA TYR B 74 -19.37 17.44 10.46
C TYR B 74 -18.66 18.72 10.05
N GLN B 75 -18.19 18.77 8.81
CA GLN B 75 -17.57 19.96 8.27
C GLN B 75 -18.65 20.84 7.67
N GLY B 76 -18.49 22.15 7.81
CA GLY B 76 -19.44 23.09 7.24
C GLY B 76 -19.16 24.52 7.59
N LEU B 77 -20.20 25.36 7.54
CA LEU B 77 -20.09 26.78 7.88
C LEU B 77 -20.65 26.98 9.27
N PHE B 78 -19.82 27.50 10.18
CA PHE B 78 -20.21 27.65 11.57
C PHE B 78 -19.54 28.89 12.13
N PRO B 79 -20.14 29.54 13.12
CA PRO B 79 -19.45 30.66 13.79
C PRO B 79 -18.42 30.15 14.78
N TYR B 80 -17.46 31.02 15.08
CA TYR B 80 -16.46 30.74 16.10
C TYR B 80 -17.12 30.64 17.48
N GLN B 81 -16.49 29.86 18.36
CA GLN B 81 -17.01 29.72 19.71
C GLN B 81 -16.69 30.96 20.53
N GLY B 82 -17.71 31.50 21.20
CA GLY B 82 -17.53 32.63 22.08
C GLY B 82 -17.26 33.93 21.35
N ASP B 83 -18.19 34.37 20.52
CA ASP B 83 -18.08 35.62 19.78
C ASP B 83 -19.02 36.64 20.37
N HIS B 84 -18.50 37.85 20.63
CA HIS B 84 -19.35 38.94 21.06
C HIS B 84 -20.29 39.40 19.96
N GLY B 85 -19.87 39.25 18.70
CA GLY B 85 -20.75 39.54 17.59
C GLY B 85 -20.93 41.04 17.35
N ASP B 86 -22.02 41.35 16.64
CA ASP B 86 -22.34 42.69 16.17
C ASP B 86 -23.78 43.05 16.54
N MET B 87 -24.11 42.87 17.82
CA MET B 87 -25.47 43.07 18.31
C MET B 87 -25.91 44.52 18.13
N TYR B 88 -27.14 44.69 17.62
CA TYR B 88 -27.75 46.00 17.47
C TYR B 88 -29.12 45.97 18.15
N VAL B 89 -29.65 47.15 18.49
CA VAL B 89 -30.95 47.29 19.11
C VAL B 89 -31.74 48.36 18.36
N TYR B 90 -32.99 48.06 18.05
CA TYR B 90 -33.92 49.05 17.51
C TYR B 90 -34.53 49.88 18.63
N SER B 91 -34.87 51.13 18.31
CA SER B 91 -35.47 52.03 19.28
C SER B 91 -36.61 52.80 18.64
N ALA B 92 -37.51 53.29 19.49
CA ALA B 92 -38.66 54.06 19.04
C ALA B 92 -38.30 55.54 18.87
N GLY B 93 -39.08 56.21 18.03
CA GLY B 93 -38.86 57.63 17.77
C GLY B 93 -39.35 58.50 18.90
N HIS B 94 -39.17 59.81 18.72
CA HIS B 94 -39.60 60.77 19.74
C HIS B 94 -41.11 60.81 19.84
N ALA B 95 -41.59 61.17 21.03
CA ALA B 95 -43.02 61.30 21.28
C ALA B 95 -43.22 62.20 22.48
N THR B 96 -44.08 63.20 22.32
CA THR B 96 -44.49 64.07 23.42
C THR B 96 -45.95 63.74 23.74
N GLY B 97 -46.15 62.99 24.81
CA GLY B 97 -47.48 62.50 25.13
C GLY B 97 -47.92 61.44 24.14
N THR B 98 -48.88 61.79 23.28
CA THR B 98 -49.35 60.88 22.23
C THR B 98 -49.11 61.44 20.83
N THR B 99 -48.18 62.39 20.70
CA THR B 99 -47.88 62.99 19.41
C THR B 99 -46.73 62.25 18.76
N PRO B 100 -46.93 61.62 17.60
CA PRO B 100 -45.82 60.92 16.94
C PRO B 100 -44.82 61.90 16.35
N GLN B 101 -43.68 62.04 16.99
CA GLN B 101 -42.68 63.03 16.62
C GLN B 101 -41.63 62.42 15.68
N LYS B 102 -40.52 63.13 15.52
CA LYS B 102 -39.42 62.71 14.67
C LYS B 102 -38.78 61.43 15.22
N LEU B 103 -38.14 60.69 14.32
CA LEU B 103 -37.64 59.35 14.62
C LEU B 103 -36.44 59.41 15.57
N PHE B 104 -35.95 58.23 15.96
CA PHE B 104 -34.82 58.13 16.87
C PHE B 104 -34.14 56.78 16.61
N VAL B 105 -33.06 56.79 15.83
CA VAL B 105 -32.31 55.59 15.49
C VAL B 105 -30.82 55.92 15.53
N ALA B 106 -30.00 54.88 15.32
CA ALA B 106 -28.56 55.00 15.30
C ALA B 106 -28.07 55.24 13.89
N ASN B 107 -26.75 55.11 13.67
CA ASN B 107 -26.13 55.29 12.35
C ASN B 107 -25.84 53.96 11.67
N TYR B 108 -26.72 52.97 11.86
CA TYR B 108 -26.52 51.65 11.27
C TYR B 108 -26.54 51.70 9.74
N SER B 109 -27.28 52.64 9.16
CA SER B 109 -27.40 52.72 7.71
C SER B 109 -26.09 53.09 7.05
N GLN B 110 -25.23 53.84 7.75
CA GLN B 110 -23.94 54.26 7.22
C GLN B 110 -22.86 53.21 7.41
N ASP B 111 -23.21 52.02 7.85
CA ASP B 111 -22.27 50.95 8.13
C ASP B 111 -22.53 49.79 7.18
N VAL B 112 -21.45 49.27 6.58
CA VAL B 112 -21.54 48.13 5.66
C VAL B 112 -20.43 47.15 6.00
N LYS B 113 -20.77 45.86 5.97
CA LYS B 113 -19.82 44.79 6.25
C LYS B 113 -19.95 43.71 5.18
N GLN B 114 -18.86 42.96 5.01
CA GLN B 114 -18.82 41.90 4.00
C GLN B 114 -19.68 40.72 4.41
N PHE B 115 -20.44 40.19 3.44
CA PHE B 115 -21.30 39.04 3.70
C PHE B 115 -20.48 37.80 4.07
N ALA B 116 -19.34 37.61 3.41
CA ALA B 116 -18.37 36.53 3.67
C ALA B 116 -19.08 35.19 3.47
N ASN B 117 -18.97 34.25 4.40
CA ASN B 117 -19.60 32.95 4.28
C ASN B 117 -20.94 32.89 5.00
N GLY B 118 -21.65 34.01 5.04
CA GLY B 118 -22.95 34.06 5.67
C GLY B 118 -22.87 34.30 7.16
N PHE B 119 -24.04 34.55 7.75
CA PHE B 119 -24.13 34.84 9.17
C PHE B 119 -25.50 34.42 9.68
N VAL B 120 -25.62 34.34 10.99
CA VAL B 120 -26.85 33.93 11.65
C VAL B 120 -27.25 35.00 12.65
N VAL B 121 -28.55 35.04 12.95
CA VAL B 121 -29.13 36.10 13.79
C VAL B 121 -29.97 35.46 14.89
N ARG B 122 -29.71 35.87 16.13
CA ARG B 122 -30.52 35.49 17.28
C ARG B 122 -31.48 36.62 17.64
N ILE B 123 -32.71 36.23 17.98
CA ILE B 123 -33.83 37.15 18.20
C ILE B 123 -34.41 36.89 19.57
N GLY B 124 -34.60 37.96 20.35
CA GLY B 124 -35.32 37.87 21.60
C GLY B 124 -34.64 37.11 22.71
N ALA B 125 -33.31 37.24 22.83
CA ALA B 125 -32.61 36.61 23.94
C ALA B 125 -32.90 37.31 25.27
N ALA B 126 -33.42 38.53 25.24
CA ALA B 126 -33.75 39.28 26.44
C ALA B 126 -35.23 39.25 26.77
N ALA B 127 -36.03 38.45 26.06
CA ALA B 127 -37.46 38.38 26.32
C ALA B 127 -37.73 37.72 27.67
N ASN B 128 -39.01 37.73 28.07
CA ASN B 128 -39.46 37.30 29.39
C ASN B 128 -38.76 38.06 30.51
N SER B 129 -38.49 39.34 30.27
CA SER B 129 -37.68 40.12 31.20
C SER B 129 -38.01 41.61 31.04
N THR B 130 -37.30 42.44 31.77
CA THR B 130 -37.54 43.87 31.85
C THR B 130 -36.21 44.61 31.69
N GLY B 131 -36.24 45.70 30.89
CA GLY B 131 -35.02 46.41 30.58
C GLY B 131 -35.32 47.85 30.20
N THR B 132 -34.25 48.63 30.08
CA THR B 132 -34.39 50.06 29.85
C THR B 132 -34.77 50.35 28.40
N VAL B 133 -35.25 51.57 28.19
CA VAL B 133 -35.56 52.08 26.85
C VAL B 133 -34.37 52.90 26.37
N ILE B 134 -34.08 52.82 25.07
CA ILE B 134 -32.96 53.57 24.51
C ILE B 134 -33.27 55.07 24.52
N ILE B 135 -34.46 55.44 24.06
CA ILE B 135 -34.82 56.85 24.05
C ILE B 135 -35.17 57.36 25.45
N SER B 136 -35.48 56.45 26.38
CA SER B 136 -35.79 56.82 27.76
C SER B 136 -34.93 55.96 28.68
N PRO B 137 -33.67 56.33 28.88
CA PRO B 137 -32.78 55.53 29.74
C PRO B 137 -33.24 55.48 31.20
N SER B 138 -33.98 56.48 31.67
CA SER B 138 -34.47 56.46 33.04
C SER B 138 -35.64 55.52 33.23
N THR B 139 -36.32 55.12 32.16
CA THR B 139 -37.50 54.27 32.23
C THR B 139 -37.16 52.86 31.79
N SER B 140 -37.62 51.88 32.55
CA SER B 140 -37.45 50.47 32.20
C SER B 140 -38.83 49.83 32.05
N ALA B 141 -39.04 49.19 30.90
CA ALA B 141 -40.29 48.52 30.59
C ALA B 141 -40.01 47.07 30.23
N THR B 142 -41.08 46.31 30.02
CA THR B 142 -40.95 44.89 29.68
C THR B 142 -40.29 44.75 28.31
N ILE B 143 -39.30 43.86 28.23
CA ILE B 143 -38.54 43.69 27.01
C ILE B 143 -39.38 42.97 25.97
N ARG B 144 -39.52 43.58 24.80
CA ARG B 144 -40.40 43.09 23.76
C ARG B 144 -39.57 42.71 22.54
N LYS B 145 -39.80 41.51 22.01
CA LYS B 145 -39.05 41.05 20.86
C LYS B 145 -39.49 41.78 19.60
N ILE B 146 -38.53 42.05 18.72
CA ILE B 146 -38.80 42.68 17.44
C ILE B 146 -37.97 41.98 16.38
N TYR B 147 -38.38 42.12 15.13
CA TYR B 147 -37.60 41.44 14.10
C TYR B 147 -36.89 42.46 13.22
N PRO B 148 -35.68 42.15 12.76
CA PRO B 148 -34.92 43.14 11.97
C PRO B 148 -35.09 42.99 10.47
N ALA B 149 -34.77 44.06 9.74
CA ALA B 149 -34.86 44.08 8.29
C ALA B 149 -33.47 44.23 7.70
N PHE B 150 -33.14 43.38 6.73
CA PHE B 150 -31.80 43.30 6.19
C PHE B 150 -31.81 43.64 4.70
N MET B 151 -30.72 44.22 4.22
CA MET B 151 -30.58 44.47 2.79
C MET B 151 -29.23 43.92 2.33
N LEU B 152 -29.25 43.34 1.13
CA LEU B 152 -28.16 42.53 0.60
C LEU B 152 -27.79 43.05 -0.78
N GLY B 153 -26.50 43.25 -1.01
CA GLY B 153 -26.03 43.67 -2.31
C GLY B 153 -24.55 43.44 -2.53
N SER B 154 -24.17 43.13 -3.76
CA SER B 154 -22.77 42.93 -4.11
C SER B 154 -22.03 44.24 -4.36
N SER B 155 -22.74 45.36 -4.45
CA SER B 155 -22.14 46.61 -4.86
C SER B 155 -21.79 47.49 -3.67
N VAL B 156 -21.05 48.57 -3.93
CA VAL B 156 -20.79 49.63 -2.96
C VAL B 156 -21.02 50.95 -3.65
N GLY B 157 -21.14 52.01 -2.85
CA GLY B 157 -21.27 53.34 -3.41
C GLY B 157 -21.73 54.32 -2.35
N ASN B 158 -21.69 55.60 -2.73
CA ASN B 158 -22.11 56.68 -1.87
C ASN B 158 -23.49 57.16 -2.28
N PHE B 159 -24.16 57.83 -1.34
CA PHE B 159 -25.49 58.38 -1.60
C PHE B 159 -25.34 59.69 -2.37
N SER B 160 -26.45 60.41 -2.54
CA SER B 160 -26.41 61.68 -3.27
C SER B 160 -25.62 62.73 -2.50
N ASP B 161 -25.71 62.72 -1.17
CA ASP B 161 -24.88 63.59 -0.36
C ASP B 161 -23.46 63.08 -0.17
N GLY B 162 -23.17 61.88 -0.65
CA GLY B 162 -21.83 61.32 -0.58
C GLY B 162 -21.57 60.39 0.59
N LYS B 163 -22.56 60.17 1.45
CA LYS B 163 -22.37 59.27 2.59
C LYS B 163 -22.25 57.83 2.12
N MET B 164 -21.34 57.09 2.74
CA MET B 164 -21.16 55.68 2.42
C MET B 164 -22.40 54.89 2.80
N GLY B 165 -22.79 53.95 1.93
CA GLY B 165 -23.90 53.07 2.26
C GLY B 165 -24.85 52.78 1.11
N ARG B 166 -24.81 53.59 0.06
CA ARG B 166 -25.74 53.39 -1.05
C ARG B 166 -25.28 52.22 -1.91
N PHE B 167 -26.22 51.33 -2.23
CA PHE B 167 -26.00 50.20 -3.11
C PHE B 167 -26.57 50.50 -4.49
N PHE B 168 -26.03 49.82 -5.50
CA PHE B 168 -26.44 50.02 -6.88
C PHE B 168 -26.98 48.73 -7.47
N ASN B 169 -27.68 48.87 -8.59
CA ASN B 169 -28.26 47.79 -9.40
C ASN B 169 -29.26 47.01 -8.53
N HIS B 170 -29.29 45.69 -8.68
CA HIS B 170 -30.22 44.87 -7.92
C HIS B 170 -29.86 44.82 -6.45
N THR B 171 -30.89 44.76 -5.61
CA THR B 171 -30.71 44.79 -4.17
C THR B 171 -31.83 43.96 -3.54
N LEU B 172 -31.46 43.12 -2.57
CA LEU B 172 -32.41 42.30 -1.83
C LEU B 172 -32.77 42.98 -0.51
N VAL B 173 -34.05 42.95 -0.15
CA VAL B 173 -34.51 43.49 1.12
C VAL B 173 -35.48 42.50 1.75
N LEU B 174 -35.23 42.15 3.01
CA LEU B 174 -36.15 41.37 3.83
C LEU B 174 -36.63 42.28 4.96
N LEU B 175 -37.93 42.58 4.96
CA LEU B 175 -38.56 43.40 5.97
C LEU B 175 -39.66 42.61 6.66
N PRO B 176 -39.68 42.59 7.99
CA PRO B 176 -40.83 42.01 8.70
C PRO B 176 -41.91 43.07 8.90
N ASP B 177 -43.10 42.77 8.42
CA ASP B 177 -44.22 43.71 8.44
C ASP B 177 -45.40 43.06 9.13
N GLY B 178 -46.47 43.85 9.31
CA GLY B 178 -47.67 43.39 9.96
C GLY B 178 -47.43 43.00 11.41
N CYS B 179 -46.69 43.85 12.14
CA CYS B 179 -46.20 43.57 13.49
C CYS B 179 -45.39 42.28 13.54
N GLY B 180 -44.59 42.04 12.50
CA GLY B 180 -43.70 40.90 12.45
C GLY B 180 -44.33 39.60 11.98
N THR B 181 -45.64 39.56 11.73
CA THR B 181 -46.27 38.34 11.26
C THR B 181 -45.87 38.05 9.81
N LEU B 182 -45.81 39.09 8.98
CA LEU B 182 -45.39 38.95 7.59
C LEU B 182 -43.89 39.13 7.48
N LEU B 183 -43.28 38.41 6.53
CA LEU B 183 -41.83 38.34 6.39
C LEU B 183 -41.43 38.70 4.97
N ARG B 184 -41.88 39.88 4.52
CA ARG B 184 -41.77 40.24 3.11
C ARG B 184 -40.33 40.27 2.63
N ALA B 185 -40.10 39.69 1.46
CA ALA B 185 -38.76 39.60 0.88
C ALA B 185 -38.86 39.91 -0.60
N PHE B 186 -37.95 40.77 -1.08
CA PHE B 186 -38.05 41.25 -2.45
C PHE B 186 -36.69 41.73 -2.96
N TYR B 187 -36.38 41.34 -4.19
CA TYR B 187 -35.08 41.55 -4.83
C TYR B 187 -35.31 42.46 -6.04
N CYS B 188 -35.18 43.77 -5.82
CA CYS B 188 -35.65 44.75 -6.80
C CYS B 188 -34.54 45.68 -7.22
N ILE B 189 -34.89 46.77 -7.91
CA ILE B 189 -34.02 47.92 -8.09
C ILE B 189 -34.57 49.02 -7.20
N LEU B 190 -33.71 49.58 -6.35
CA LEU B 190 -34.14 50.55 -5.35
C LEU B 190 -33.88 51.96 -5.87
N GLU B 191 -34.95 52.75 -5.99
CA GLU B 191 -34.88 54.10 -6.47
C GLU B 191 -35.08 55.06 -5.30
N PRO B 192 -34.08 55.85 -4.94
CA PRO B 192 -34.26 56.82 -3.85
C PRO B 192 -35.19 57.95 -4.25
N ARG B 193 -35.89 58.48 -3.25
CA ARG B 193 -36.73 59.65 -3.50
C ARG B 193 -35.92 60.92 -3.32
N SER B 194 -36.40 62.00 -3.93
CA SER B 194 -35.68 63.26 -4.02
C SER B 194 -36.44 64.41 -3.38
N GLY B 195 -37.09 64.15 -2.26
CA GLY B 195 -37.74 65.17 -1.48
C GLY B 195 -36.93 65.60 -0.28
N ASN B 196 -37.58 66.30 0.64
CA ASN B 196 -36.93 66.72 1.88
C ASN B 196 -36.67 65.52 2.76
N HIS B 197 -35.46 65.47 3.34
CA HIS B 197 -34.94 64.35 4.14
C HIS B 197 -34.94 63.03 3.37
N CYS B 198 -34.94 63.08 2.05
CA CYS B 198 -34.95 61.91 1.18
C CYS B 198 -33.58 61.71 0.54
N PRO B 199 -33.21 60.46 0.23
CA PRO B 199 -31.83 60.18 -0.17
C PRO B 199 -31.35 60.87 -1.43
N ALA B 200 -32.21 61.08 -2.42
CA ALA B 200 -31.82 61.83 -3.59
C ALA B 200 -32.15 63.32 -3.48
N GLY B 201 -32.70 63.75 -2.34
CA GLY B 201 -33.05 65.12 -2.12
C GLY B 201 -32.17 65.79 -1.09
N ASN B 202 -32.66 66.90 -0.54
CA ASN B 202 -31.93 67.67 0.44
C ASN B 202 -32.19 67.15 1.86
N SER B 203 -31.32 67.58 2.79
CA SER B 203 -31.41 67.27 4.22
C SER B 203 -31.42 65.77 4.49
N TYR B 204 -30.70 65.01 3.66
CA TYR B 204 -30.66 63.57 3.81
C TYR B 204 -29.66 63.19 4.89
N THR B 205 -30.12 62.44 5.89
CA THR B 205 -29.26 61.87 6.91
C THR B 205 -29.22 60.35 6.83
N SER B 206 -30.38 59.70 6.89
CA SER B 206 -30.47 58.25 6.78
C SER B 206 -31.89 57.89 6.36
N PHE B 207 -32.04 56.67 5.87
CA PHE B 207 -33.35 56.11 5.56
C PHE B 207 -33.76 55.14 6.66
N ALA B 208 -35.01 55.27 7.11
CA ALA B 208 -35.50 54.51 8.25
C ALA B 208 -36.90 54.00 7.96
N THR B 209 -37.33 53.02 8.74
CA THR B 209 -38.66 52.41 8.61
C THR B 209 -39.40 52.61 9.93
N TYR B 210 -40.45 53.43 9.90
CA TYR B 210 -41.22 53.68 11.11
C TYR B 210 -42.35 52.67 11.25
N HIS B 211 -42.82 52.53 12.49
CA HIS B 211 -43.87 51.57 12.83
C HIS B 211 -44.81 52.23 13.83
N THR B 212 -45.96 52.71 13.35
CA THR B 212 -46.94 53.30 14.24
C THR B 212 -47.86 52.22 14.78
N PRO B 213 -47.82 51.91 16.08
CA PRO B 213 -48.64 50.80 16.61
C PRO B 213 -50.13 51.05 16.51
N ALA B 214 -50.55 52.32 16.48
CA ALA B 214 -51.97 52.61 16.37
C ALA B 214 -52.48 52.39 14.95
N THR B 215 -51.66 52.73 13.94
CA THR B 215 -52.12 52.71 12.55
C THR B 215 -51.51 51.59 11.72
N ASP B 216 -50.20 51.52 11.74
CA ASP B 216 -49.53 50.59 10.84
C ASP B 216 -50.12 49.28 11.13
N CYS B 217 -50.42 49.11 12.40
CA CYS B 217 -50.93 47.85 12.79
C CYS B 217 -52.29 48.10 13.33
N SER B 218 -53.16 47.12 13.21
CA SER B 218 -54.45 47.28 13.83
C SER B 218 -54.83 45.99 14.52
N ASP B 219 -54.01 45.53 15.46
CA ASP B 219 -54.27 44.27 16.20
C ASP B 219 -55.04 43.22 15.42
N GLY B 220 -54.54 42.84 14.25
CA GLY B 220 -55.23 41.86 13.43
C GLY B 220 -55.30 42.36 12.01
N ASN B 221 -55.68 43.62 11.84
CA ASN B 221 -55.77 44.20 10.51
C ASN B 221 -54.49 44.93 10.15
N TYR B 222 -53.35 44.28 10.40
CA TYR B 222 -52.07 44.87 10.05
C TYR B 222 -51.57 44.29 8.75
N ASN B 223 -52.43 43.56 8.04
CA ASN B 223 -52.05 42.94 6.78
C ASN B 223 -52.00 43.96 5.64
N ARG B 224 -52.05 45.24 5.95
CA ARG B 224 -51.97 46.29 4.95
C ARG B 224 -50.53 46.69 4.71
N ASN B 225 -49.57 45.85 5.11
CA ASN B 225 -48.14 46.18 5.01
C ASN B 225 -47.77 47.67 5.14
N ALA B 226 -48.25 48.33 6.17
CA ALA B 226 -48.01 49.77 6.30
C ALA B 226 -46.55 50.14 6.54
N SER B 227 -45.72 49.17 6.91
CA SER B 227 -44.29 49.45 7.00
C SER B 227 -43.58 49.31 5.67
N LEU B 228 -44.12 48.50 4.75
CA LEU B 228 -43.68 48.54 3.37
C LEU B 228 -44.03 49.89 2.78
N ASN B 229 -45.10 50.52 3.27
CA ASN B 229 -45.40 51.90 2.87
C ASN B 229 -44.35 52.86 3.38
N SER B 230 -43.86 52.65 4.61
CA SER B 230 -42.76 53.46 5.13
C SER B 230 -41.50 53.26 4.31
N PHE B 231 -41.26 52.02 3.87
CA PHE B 231 -40.17 51.75 2.94
C PHE B 231 -40.40 52.45 1.61
N LYS B 232 -41.65 52.50 1.16
CA LYS B 232 -42.01 53.25 -0.04
C LYS B 232 -41.95 54.75 0.18
N GLU B 233 -41.99 55.19 1.44
CA GLU B 233 -42.02 56.61 1.73
C GLU B 233 -40.62 57.23 1.57
N TYR B 234 -39.57 56.40 1.53
CA TYR B 234 -38.23 56.81 1.14
C TYR B 234 -37.78 56.25 -0.21
N PHE B 235 -38.13 55.00 -0.53
CA PHE B 235 -37.62 54.31 -1.71
C PHE B 235 -38.76 53.93 -2.64
N ASN B 236 -38.38 53.44 -3.82
CA ASN B 236 -39.32 52.93 -4.81
C ASN B 236 -38.76 51.65 -5.42
N LEU B 237 -39.66 50.73 -5.78
CA LEU B 237 -39.26 49.46 -6.37
C LEU B 237 -39.36 49.53 -7.88
N ARG B 238 -38.34 48.99 -8.56
CA ARG B 238 -38.30 49.00 -10.01
C ARG B 238 -37.84 47.64 -10.53
N ASN B 239 -38.48 47.19 -11.62
CA ASN B 239 -38.03 46.05 -12.45
C ASN B 239 -37.78 44.79 -11.62
N CYS B 240 -38.64 44.57 -10.63
CA CYS B 240 -38.33 43.61 -9.58
C CYS B 240 -38.51 42.18 -10.08
N THR B 241 -37.65 41.29 -9.57
CA THR B 241 -37.68 39.90 -10.01
C THR B 241 -38.79 39.12 -9.30
N PHE B 242 -38.83 39.17 -7.98
CA PHE B 242 -39.81 38.41 -7.23
C PHE B 242 -40.10 39.11 -5.91
N MET B 243 -41.21 38.70 -5.29
CA MET B 243 -41.73 39.32 -4.08
C MET B 243 -42.37 38.21 -3.25
N TYR B 244 -41.76 37.89 -2.11
CA TYR B 244 -42.17 36.76 -1.30
C TYR B 244 -42.51 37.20 0.11
N THR B 245 -43.54 36.59 0.68
CA THR B 245 -43.93 36.81 2.07
C THR B 245 -44.09 35.47 2.77
N TYR B 246 -44.05 35.52 4.09
CA TYR B 246 -44.20 34.31 4.91
C TYR B 246 -45.00 34.64 6.15
N ASN B 247 -45.69 33.63 6.67
CA ASN B 247 -46.59 33.79 7.81
C ASN B 247 -45.97 33.13 9.03
N ILE B 248 -45.74 33.92 10.08
CA ILE B 248 -45.20 33.41 11.34
C ILE B 248 -45.98 34.05 12.48
N THR B 249 -46.49 33.21 13.38
CA THR B 249 -47.25 33.70 14.52
C THR B 249 -46.34 34.35 15.55
N GLU B 250 -46.92 35.18 16.41
CA GLU B 250 -46.15 35.86 17.43
C GLU B 250 -46.08 35.03 18.71
N ASP B 251 -45.03 35.27 19.49
CA ASP B 251 -44.81 34.57 20.75
C ASP B 251 -43.86 35.42 21.60
N GLU B 252 -43.34 34.82 22.66
CA GLU B 252 -42.34 35.47 23.51
C GLU B 252 -41.24 34.47 23.86
N ILE B 253 -40.79 33.73 22.85
CA ILE B 253 -39.76 32.70 23.02
C ILE B 253 -38.61 33.06 22.08
N LEU B 254 -37.39 32.65 22.46
CA LEU B 254 -36.19 32.96 21.69
C LEU B 254 -36.27 32.35 20.29
N GLU B 255 -35.68 33.05 19.32
CA GLU B 255 -35.71 32.61 17.93
C GLU B 255 -34.32 32.73 17.33
N TRP B 256 -34.09 31.94 16.28
CA TRP B 256 -32.83 31.91 15.56
C TRP B 256 -33.15 31.80 14.08
N PHE B 257 -32.43 32.54 13.22
CA PHE B 257 -32.57 32.28 11.79
C PHE B 257 -31.28 32.62 11.05
N GLY B 258 -31.12 31.98 9.90
CA GLY B 258 -29.92 32.13 9.10
C GLY B 258 -30.23 32.58 7.69
N ILE B 259 -29.31 33.38 7.14
CA ILE B 259 -29.52 34.11 5.90
C ILE B 259 -28.48 33.58 4.90
N THR B 260 -27.76 32.55 5.31
CA THR B 260 -26.57 32.05 4.62
C THR B 260 -27.05 31.33 3.35
N GLN B 261 -26.18 31.26 2.34
CA GLN B 261 -26.53 30.91 0.97
C GLN B 261 -26.00 29.54 0.59
N THR B 262 -26.21 29.19 -0.67
CA THR B 262 -25.38 28.27 -1.44
C THR B 262 -24.98 28.96 -2.73
N ALA B 263 -24.41 28.19 -3.66
CA ALA B 263 -23.93 28.76 -4.91
C ALA B 263 -25.07 29.20 -5.82
N GLN B 264 -25.95 28.27 -6.18
CA GLN B 264 -27.01 28.58 -7.14
C GLN B 264 -28.13 29.43 -6.56
N GLY B 265 -28.24 29.49 -5.23
CA GLY B 265 -29.31 30.25 -4.62
C GLY B 265 -29.07 30.56 -3.16
N VAL B 266 -29.53 31.72 -2.69
CA VAL B 266 -29.40 32.00 -1.27
C VAL B 266 -30.44 31.21 -0.52
N HIS B 267 -30.19 30.94 0.75
CA HIS B 267 -31.11 30.13 1.51
C HIS B 267 -31.61 30.91 2.73
N LEU B 268 -32.79 30.55 3.20
CA LEU B 268 -33.32 31.09 4.44
C LEU B 268 -33.62 29.92 5.36
N PHE B 269 -32.90 29.88 6.48
CA PHE B 269 -33.01 28.84 7.50
C PHE B 269 -33.65 29.44 8.74
N SER B 270 -34.33 28.61 9.52
CA SER B 270 -34.90 29.06 10.78
C SER B 270 -35.12 27.85 11.67
N SER B 271 -35.45 28.13 12.93
CA SER B 271 -36.01 27.15 13.84
C SER B 271 -37.51 27.27 13.99
N ARG B 272 -38.06 28.40 13.54
CA ARG B 272 -39.48 28.72 13.74
C ARG B 272 -40.40 27.69 13.09
N TYR B 273 -40.02 27.22 11.91
CA TYR B 273 -40.88 26.33 11.16
C TYR B 273 -40.92 24.93 11.77
N VAL B 274 -39.80 24.49 12.34
CA VAL B 274 -39.71 23.11 12.82
C VAL B 274 -39.69 23.06 14.34
N ASP B 275 -38.69 23.69 14.96
CA ASP B 275 -38.45 23.56 16.40
C ASP B 275 -38.66 24.90 17.08
N LEU B 276 -39.89 25.16 17.52
CA LEU B 276 -40.17 26.37 18.29
C LEU B 276 -39.37 26.37 19.59
N TYR B 277 -39.28 25.21 20.24
CA TYR B 277 -38.54 25.12 21.49
C TYR B 277 -37.07 24.82 21.25
N GLY B 278 -36.68 24.53 20.00
CA GLY B 278 -35.29 24.39 19.64
C GLY B 278 -34.74 25.65 18.97
N GLY B 279 -33.46 25.58 18.62
CA GLY B 279 -32.80 26.69 17.96
C GLY B 279 -32.03 26.27 16.73
N ASN B 280 -32.34 25.09 16.21
CA ASN B 280 -31.63 24.51 15.09
C ASN B 280 -32.10 25.15 13.78
N MET B 281 -31.15 25.46 12.90
CA MET B 281 -31.50 25.92 11.56
C MET B 281 -32.22 24.80 10.80
N PHE B 282 -33.17 25.19 9.96
CA PHE B 282 -33.85 24.24 9.11
C PHE B 282 -34.28 24.97 7.85
N GLN B 283 -34.13 24.29 6.71
CA GLN B 283 -34.41 24.90 5.41
C GLN B 283 -35.90 25.19 5.29
N PHE B 284 -36.26 26.47 5.33
CA PHE B 284 -37.64 26.85 5.06
C PHE B 284 -37.81 27.70 3.81
N ALA B 285 -36.74 28.26 3.24
CA ALA B 285 -36.89 28.95 1.97
C ALA B 285 -35.65 28.81 1.12
N THR B 286 -35.84 28.59 -0.18
CA THR B 286 -34.75 28.48 -1.15
C THR B 286 -34.89 29.67 -2.10
N LEU B 287 -34.28 30.78 -1.73
CA LEU B 287 -34.48 32.01 -2.49
C LEU B 287 -33.58 32.02 -3.72
N PRO B 288 -34.15 32.08 -4.93
CA PRO B 288 -33.36 31.97 -6.17
C PRO B 288 -32.73 33.29 -6.64
N VAL B 289 -31.60 33.62 -6.03
CA VAL B 289 -30.80 34.75 -6.47
C VAL B 289 -30.02 34.26 -7.68
N TYR B 290 -29.46 35.16 -8.48
CA TYR B 290 -28.65 34.80 -9.62
C TYR B 290 -27.19 35.18 -9.45
N ASP B 291 -26.84 35.95 -8.42
CA ASP B 291 -25.47 36.39 -8.17
C ASP B 291 -25.13 36.15 -6.71
N THR B 292 -23.83 36.10 -6.43
CA THR B 292 -23.34 35.96 -5.07
C THR B 292 -23.28 37.34 -4.43
N ILE B 293 -23.96 37.51 -3.30
CA ILE B 293 -24.04 38.81 -2.66
C ILE B 293 -22.80 39.02 -1.79
N LYS B 294 -22.11 40.14 -2.01
CA LYS B 294 -20.86 40.41 -1.34
C LYS B 294 -21.04 41.12 0.00
N TYR B 295 -22.06 41.95 0.15
CA TYR B 295 -22.20 42.79 1.33
C TYR B 295 -23.61 42.75 1.88
N TYR B 296 -23.71 42.86 3.20
CA TYR B 296 -24.97 42.92 3.91
C TYR B 296 -25.02 44.18 4.76
N SER B 297 -26.23 44.64 5.06
CA SER B 297 -26.40 45.77 5.95
C SER B 297 -27.76 45.68 6.64
N ILE B 298 -27.85 46.36 7.77
CA ILE B 298 -29.05 46.42 8.59
C ILE B 298 -29.73 47.76 8.38
N ILE B 299 -31.05 47.73 8.24
CA ILE B 299 -31.84 48.95 8.12
C ILE B 299 -32.28 49.38 9.51
N PRO B 300 -31.95 50.60 9.93
CA PRO B 300 -32.51 51.11 11.19
C PRO B 300 -34.03 51.22 11.10
N HIS B 301 -34.70 50.87 12.20
CA HIS B 301 -36.15 50.82 12.22
C HIS B 301 -36.67 51.67 13.36
N SER B 302 -37.75 52.41 13.09
CA SER B 302 -38.37 53.29 14.07
C SER B 302 -39.74 52.76 14.46
N ILE B 303 -40.20 53.21 15.62
CA ILE B 303 -41.54 52.91 16.12
C ILE B 303 -42.16 54.21 16.61
N ARG B 304 -43.35 54.52 16.12
CA ARG B 304 -44.06 55.74 16.51
C ARG B 304 -45.01 55.50 17.67
N SER B 305 -44.49 54.89 18.74
CA SER B 305 -45.29 54.71 19.94
C SER B 305 -45.44 56.03 20.68
N ILE B 306 -46.50 56.12 21.49
CA ILE B 306 -46.69 57.31 22.31
C ILE B 306 -45.68 57.32 23.45
N GLN B 307 -45.54 58.49 24.08
CA GLN B 307 -44.56 58.66 25.15
C GLN B 307 -44.94 57.83 26.38
N SER B 308 -46.23 57.79 26.73
CA SER B 308 -46.67 57.10 27.93
C SER B 308 -46.65 55.58 27.78
N ASP B 309 -46.44 55.05 26.58
CA ASP B 309 -46.43 53.62 26.34
C ASP B 309 -45.23 53.23 25.50
N ARG B 310 -44.06 53.73 25.89
CA ARG B 310 -42.81 53.39 25.20
C ARG B 310 -42.36 52.00 25.64
N LYS B 311 -42.71 51.00 24.85
CA LYS B 311 -42.39 49.61 25.17
C LYS B 311 -40.90 49.36 24.96
N ALA B 312 -40.27 48.72 25.94
CA ALA B 312 -38.86 48.38 25.80
C ALA B 312 -38.68 47.25 24.81
N TRP B 313 -37.75 47.43 23.88
CA TRP B 313 -37.52 46.44 22.83
C TRP B 313 -36.41 45.49 23.25
N ALA B 314 -36.19 44.48 22.41
CA ALA B 314 -35.20 43.46 22.70
C ALA B 314 -33.90 43.73 21.95
N ALA B 315 -32.92 42.86 22.17
CA ALA B 315 -31.63 42.94 21.52
C ALA B 315 -31.45 41.72 20.63
N PHE B 316 -30.99 41.94 19.41
CA PHE B 316 -30.73 40.86 18.46
C PHE B 316 -29.23 40.78 18.19
N TYR B 317 -28.76 39.56 17.94
CA TYR B 317 -27.33 39.32 17.85
C TYR B 317 -26.98 38.74 16.49
N VAL B 318 -25.81 39.14 15.97
CA VAL B 318 -25.34 38.75 14.65
C VAL B 318 -24.01 38.02 14.81
N TYR B 319 -23.90 36.84 14.20
CA TYR B 319 -22.68 36.06 14.27
C TYR B 319 -22.29 35.58 12.88
N LYS B 320 -21.09 35.98 12.44
CA LYS B 320 -20.59 35.58 11.13
C LYS B 320 -20.12 34.12 11.15
N LEU B 321 -20.12 33.51 9.97
CA LEU B 321 -19.83 32.10 9.82
C LEU B 321 -18.57 31.90 9.00
N GLN B 322 -17.78 30.88 9.37
CA GLN B 322 -16.55 30.51 8.70
C GLN B 322 -16.54 29.01 8.49
N PRO B 323 -15.81 28.52 7.48
CA PRO B 323 -15.74 27.05 7.27
C PRO B 323 -14.88 26.36 8.32
N LEU B 324 -15.52 25.55 9.17
CA LEU B 324 -14.84 24.78 10.19
C LEU B 324 -15.38 23.36 10.20
N THR B 325 -15.00 22.62 11.24
CA THR B 325 -15.53 21.29 11.53
C THR B 325 -16.03 21.29 12.97
N PHE B 326 -17.20 20.69 13.19
CA PHE B 326 -17.75 20.56 14.53
C PHE B 326 -17.94 19.09 14.86
N LEU B 327 -18.18 18.83 16.14
CA LEU B 327 -18.69 17.55 16.60
C LEU B 327 -20.07 17.78 17.17
N LEU B 328 -21.04 16.96 16.75
CA LEU B 328 -22.43 17.15 17.12
C LEU B 328 -22.95 15.90 17.81
N ASP B 329 -23.88 16.10 18.75
CA ASP B 329 -24.46 15.00 19.53
C ASP B 329 -25.94 14.92 19.15
N PHE B 330 -26.24 14.13 18.12
CA PHE B 330 -27.62 13.94 17.70
C PHE B 330 -28.31 13.02 18.70
N SER B 331 -29.38 13.53 19.32
CA SER B 331 -30.10 12.79 20.35
C SER B 331 -31.05 11.79 19.70
N VAL B 332 -31.94 11.20 20.50
CA VAL B 332 -32.88 10.21 20.00
C VAL B 332 -33.85 10.87 19.01
N ASP B 333 -34.37 12.05 19.36
CA ASP B 333 -35.18 12.82 18.43
C ASP B 333 -34.35 13.46 17.34
N GLY B 334 -33.02 13.46 17.46
CA GLY B 334 -32.14 13.94 16.41
C GLY B 334 -31.89 15.42 16.41
N TYR B 335 -32.57 16.20 17.25
CA TYR B 335 -32.31 17.62 17.33
C TYR B 335 -30.97 17.88 17.99
N ILE B 336 -30.27 18.91 17.52
CA ILE B 336 -28.96 19.24 18.06
C ILE B 336 -29.14 19.91 19.41
N ARG B 337 -28.67 19.27 20.46
CA ARG B 337 -28.69 19.83 21.80
C ARG B 337 -27.32 19.95 22.43
N ARG B 338 -26.30 19.30 21.87
CA ARG B 338 -24.93 19.46 22.35
C ARG B 338 -23.99 19.40 21.17
N ALA B 339 -22.98 20.26 21.18
CA ALA B 339 -21.99 20.31 20.11
C ALA B 339 -20.71 20.91 20.66
N ILE B 340 -19.62 20.72 19.91
CA ILE B 340 -18.33 21.24 20.33
C ILE B 340 -17.50 21.60 19.09
N ASP B 341 -16.64 22.60 19.25
CA ASP B 341 -15.74 23.08 18.22
C ASP B 341 -14.56 22.11 18.07
N CYS B 342 -13.79 22.30 17.00
CA CYS B 342 -12.52 21.61 16.82
C CYS B 342 -11.33 22.54 17.00
N GLY B 343 -11.41 23.74 16.44
CA GLY B 343 -10.29 24.67 16.48
C GLY B 343 -10.53 25.86 17.38
N PHE B 344 -11.39 25.72 18.39
CA PHE B 344 -11.52 26.79 19.37
C PHE B 344 -10.29 26.84 20.28
N ASN B 345 -9.85 25.70 20.77
CA ASN B 345 -8.75 25.65 21.71
C ASN B 345 -8.15 24.24 21.68
N ASP B 346 -7.22 23.99 22.61
CA ASP B 346 -6.64 22.67 22.78
C ASP B 346 -7.68 21.61 23.15
N LEU B 347 -8.61 21.95 24.04
CA LEU B 347 -9.64 20.99 24.45
C LEU B 347 -10.56 20.65 23.29
N SER B 348 -10.85 21.64 22.44
CA SER B 348 -11.60 21.36 21.22
C SER B 348 -10.82 20.41 20.30
N GLN B 349 -9.50 20.58 20.24
CA GLN B 349 -8.67 19.72 19.41
C GLN B 349 -8.68 18.29 19.94
N LEU B 350 -8.66 18.11 21.26
CA LEU B 350 -8.72 16.75 21.80
C LEU B 350 -10.11 16.15 21.66
N HIS B 351 -11.16 16.95 21.80
CA HIS B 351 -12.51 16.44 21.61
C HIS B 351 -12.75 16.00 20.18
N CYS B 352 -12.27 16.78 19.21
CA CYS B 352 -12.39 16.36 17.82
C CYS B 352 -11.37 15.29 17.44
N SER B 353 -10.39 15.01 18.30
CA SER B 353 -9.46 13.92 18.04
C SER B 353 -10.09 12.56 18.29
N TYR B 354 -11.08 12.50 19.17
CA TYR B 354 -11.64 11.23 19.61
C TYR B 354 -13.09 11.04 19.19
N GLU B 355 -13.71 12.06 18.59
CA GLU B 355 -15.11 12.03 18.15
C GLU B 355 -16.06 11.71 19.31
N SER B 356 -15.77 12.31 20.47
CA SER B 356 -16.61 12.10 21.64
C SER B 356 -16.52 13.34 22.52
N PHE B 357 -17.53 13.50 23.38
CA PHE B 357 -17.50 14.56 24.37
C PHE B 357 -16.71 14.18 25.60
N ASP B 358 -16.38 12.91 25.77
CA ASP B 358 -15.62 12.43 26.91
C ASP B 358 -14.34 11.79 26.43
N VAL B 359 -13.22 12.17 27.04
CA VAL B 359 -11.91 11.66 26.68
C VAL B 359 -11.30 11.02 27.92
N GLU B 360 -10.07 10.56 27.82
CA GLU B 360 -9.36 10.02 28.96
C GLU B 360 -8.35 11.03 29.47
N SER B 361 -8.12 11.02 30.78
CA SER B 361 -7.17 11.93 31.39
C SER B 361 -5.74 11.55 31.00
N GLY B 362 -4.86 12.54 31.02
CA GLY B 362 -3.45 12.28 30.82
C GLY B 362 -2.80 13.29 29.87
N VAL B 363 -1.50 13.10 29.69
CA VAL B 363 -0.70 14.01 28.88
C VAL B 363 -1.01 13.77 27.41
N TYR B 364 -1.24 14.85 26.66
CA TYR B 364 -1.54 14.78 25.25
C TYR B 364 -0.65 15.74 24.48
N SER B 365 -0.03 15.23 23.42
CA SER B 365 0.71 16.09 22.51
C SER B 365 -0.27 16.80 21.59
N VAL B 366 -0.45 18.09 21.82
CA VAL B 366 -1.41 18.90 21.07
C VAL B 366 -0.60 19.71 20.06
N SER B 367 -1.30 20.27 19.07
CA SER B 367 -0.66 21.01 17.99
C SER B 367 0.11 22.21 18.53
N SER B 368 1.34 22.38 18.04
CA SER B 368 2.21 23.43 18.52
C SER B 368 1.88 24.76 17.84
N PHE B 369 2.33 25.83 18.47
CA PHE B 369 2.16 27.17 17.93
C PHE B 369 3.50 27.66 17.36
N GLU B 370 3.45 28.77 16.64
CA GLU B 370 4.59 29.29 15.91
C GLU B 370 4.78 30.77 16.21
N ALA B 371 6.04 31.17 16.36
CA ALA B 371 6.38 32.58 16.48
C ALA B 371 6.30 33.25 15.12
N LYS B 372 5.66 34.41 15.07
CA LYS B 372 5.59 35.16 13.83
C LYS B 372 6.96 35.74 13.47
N PRO B 373 7.26 35.91 12.18
CA PRO B 373 8.50 36.57 11.79
C PRO B 373 8.52 38.03 12.24
N SER B 374 9.72 38.49 12.59
CA SER B 374 9.90 39.87 13.04
C SER B 374 10.00 40.85 11.88
N GLY B 375 10.01 40.36 10.64
CA GLY B 375 10.13 41.21 9.48
C GLY B 375 10.79 40.44 8.36
N SER B 376 11.22 41.17 7.33
CA SER B 376 11.91 40.57 6.20
C SER B 376 13.03 41.52 5.76
N VAL B 377 14.22 40.95 5.53
CA VAL B 377 15.35 41.70 5.01
C VAL B 377 15.75 41.09 3.67
N VAL B 378 15.95 41.94 2.68
CA VAL B 378 16.35 41.52 1.34
C VAL B 378 17.66 42.22 1.03
N GLU B 379 18.72 41.45 0.84
CA GLU B 379 20.03 42.04 0.62
C GLU B 379 20.94 41.04 -0.07
N GLN B 380 21.34 41.35 -1.29
CA GLN B 380 22.43 40.66 -1.99
C GLN B 380 22.95 41.61 -3.05
N ALA B 381 23.72 41.08 -4.00
CA ALA B 381 24.41 41.91 -4.97
C ALA B 381 23.43 42.53 -5.97
N GLU B 382 23.46 43.85 -6.06
CA GLU B 382 22.65 44.60 -7.03
C GLU B 382 23.58 45.45 -7.87
N GLY B 383 23.39 45.38 -9.18
CA GLY B 383 24.21 46.13 -10.14
C GLY B 383 23.35 46.90 -11.10
N VAL B 384 23.79 46.93 -12.36
CA VAL B 384 23.06 47.64 -13.40
C VAL B 384 21.78 46.88 -13.74
N GLU B 385 20.80 47.61 -14.28
CA GLU B 385 19.58 47.00 -14.75
C GLU B 385 19.86 46.14 -15.98
N CYS B 386 18.96 45.20 -16.24
CA CYS B 386 19.08 44.36 -17.44
C CYS B 386 18.82 45.20 -18.68
N ASP B 387 19.62 44.95 -19.72
CA ASP B 387 19.58 45.73 -20.95
C ASP B 387 18.57 45.09 -21.89
N PHE B 388 17.47 45.79 -22.14
CA PHE B 388 16.44 45.32 -23.05
C PHE B 388 16.42 46.10 -24.35
N SER B 389 17.39 47.00 -24.55
CA SER B 389 17.53 47.67 -25.85
C SER B 389 17.83 46.71 -27.01
N PRO B 390 18.76 45.73 -26.90
CA PRO B 390 18.90 44.78 -28.02
C PRO B 390 17.69 43.89 -28.24
N LEU B 391 16.81 43.74 -27.23
CA LEU B 391 15.57 42.99 -27.45
C LEU B 391 14.69 43.70 -28.47
N LEU B 392 14.59 45.02 -28.39
CA LEU B 392 13.84 45.81 -29.35
C LEU B 392 14.64 46.17 -30.59
N SER B 393 15.91 45.77 -30.65
CA SER B 393 16.79 46.14 -31.75
C SER B 393 16.84 45.03 -32.78
N GLY B 394 16.76 45.41 -34.05
CA GLY B 394 16.90 44.49 -35.15
C GLY B 394 15.59 43.84 -35.55
N THR B 395 15.56 43.36 -36.79
CA THR B 395 14.43 42.59 -37.27
C THR B 395 14.35 41.26 -36.53
N PRO B 396 13.20 40.89 -35.98
CA PRO B 396 13.09 39.60 -35.30
C PRO B 396 13.26 38.45 -36.27
N PRO B 397 14.06 37.44 -35.90
CA PRO B 397 14.42 36.38 -36.84
C PRO B 397 13.32 35.32 -36.90
N GLN B 398 13.59 34.27 -37.67
CA GLN B 398 12.63 33.21 -37.85
C GLN B 398 12.64 32.26 -36.64
N VAL B 399 11.68 31.35 -36.64
CA VAL B 399 11.51 30.44 -35.51
C VAL B 399 12.66 29.45 -35.44
N TYR B 400 13.14 28.98 -36.59
CA TYR B 400 14.30 28.12 -36.64
C TYR B 400 15.62 28.88 -36.48
N ASN B 401 15.56 30.20 -36.39
CA ASN B 401 16.74 31.03 -36.20
C ASN B 401 16.55 31.96 -35.01
N PHE B 402 15.94 31.44 -33.95
CA PHE B 402 15.51 32.28 -32.82
C PHE B 402 16.71 32.91 -32.11
N LYS B 403 16.57 34.19 -31.77
CA LYS B 403 17.66 34.96 -31.20
C LYS B 403 17.64 34.84 -29.69
N ARG B 404 18.69 34.25 -29.12
CA ARG B 404 18.77 34.03 -27.69
C ARG B 404 19.55 35.16 -27.02
N LEU B 405 19.30 35.34 -25.72
CA LEU B 405 20.08 36.25 -24.90
C LEU B 405 19.91 35.81 -23.45
N VAL B 406 20.96 35.98 -22.66
CA VAL B 406 20.98 35.56 -21.26
C VAL B 406 21.14 36.80 -20.38
N PHE B 407 20.33 36.87 -19.32
CA PHE B 407 20.43 37.90 -18.29
C PHE B 407 20.94 37.26 -17.01
N THR B 408 22.06 37.78 -16.50
CA THR B 408 22.63 37.31 -15.25
C THR B 408 23.25 38.51 -14.55
N ASN B 409 23.01 38.59 -13.24
CA ASN B 409 23.53 39.67 -12.37
C ASN B 409 23.08 41.04 -12.87
N CYS B 410 21.80 41.16 -13.20
CA CYS B 410 21.22 42.45 -13.58
C CYS B 410 19.80 42.54 -13.03
N ASN B 411 19.29 43.76 -12.99
CA ASN B 411 17.96 44.04 -12.47
C ASN B 411 16.97 44.10 -13.63
N TYR B 412 16.15 43.07 -13.76
CA TYR B 412 15.09 43.05 -14.77
C TYR B 412 13.84 43.67 -14.19
N ASN B 413 13.01 44.24 -15.06
CA ASN B 413 11.73 44.80 -14.64
C ASN B 413 10.80 44.82 -15.84
N LEU B 414 9.64 44.18 -15.71
CA LEU B 414 8.69 44.14 -16.81
C LEU B 414 7.79 45.37 -16.86
N THR B 415 7.88 46.27 -15.87
CA THR B 415 7.12 47.49 -15.91
C THR B 415 7.53 48.38 -17.07
N LYS B 416 8.82 48.46 -17.36
CA LYS B 416 9.32 49.20 -18.51
C LYS B 416 9.30 48.40 -19.80
N LEU B 417 9.02 47.10 -19.73
CA LEU B 417 9.12 46.22 -20.89
C LEU B 417 7.77 45.65 -21.31
N LEU B 418 7.03 45.04 -20.39
CA LEU B 418 5.75 44.44 -20.75
C LEU B 418 4.67 45.49 -20.99
N SER B 419 4.88 46.72 -20.52
CA SER B 419 3.93 47.80 -20.79
C SER B 419 3.90 48.15 -22.28
N LEU B 420 5.06 48.14 -22.92
CA LEU B 420 5.13 48.32 -24.36
C LEU B 420 4.75 47.07 -25.14
N PHE B 421 4.58 45.95 -24.45
CA PHE B 421 4.24 44.68 -25.10
C PHE B 421 2.74 44.55 -25.20
N SER B 422 2.20 44.75 -26.40
CA SER B 422 0.79 44.46 -26.66
C SER B 422 0.68 42.95 -26.82
N VAL B 423 0.55 42.27 -25.68
CA VAL B 423 0.67 40.81 -25.64
C VAL B 423 -0.60 40.17 -26.17
N ASN B 424 -0.47 39.31 -27.17
CA ASN B 424 -1.60 38.53 -27.65
C ASN B 424 -1.78 37.27 -26.82
N ASP B 425 -0.68 36.55 -26.56
CA ASP B 425 -0.74 35.28 -25.86
C ASP B 425 0.28 35.26 -24.73
N PHE B 426 -0.14 34.79 -23.55
CA PHE B 426 0.72 34.77 -22.36
C PHE B 426 0.52 33.42 -21.68
N THR B 427 1.33 32.44 -22.06
CA THR B 427 1.20 31.07 -21.54
C THR B 427 2.44 30.75 -20.72
N CYS B 428 2.31 30.84 -19.40
CA CYS B 428 3.38 30.50 -18.47
C CYS B 428 3.10 29.10 -17.91
N SER B 429 3.99 28.16 -18.20
CA SER B 429 3.87 26.79 -17.73
C SER B 429 4.87 26.54 -16.61
N GLN B 430 4.43 25.77 -15.61
CA GLN B 430 5.12 25.53 -14.34
C GLN B 430 5.42 26.81 -13.56
N ILE B 431 4.71 27.89 -13.90
CA ILE B 431 4.91 29.20 -13.27
C ILE B 431 3.69 30.04 -13.62
N SER B 432 3.36 30.99 -12.76
CA SER B 432 2.25 31.88 -13.04
C SER B 432 2.74 33.10 -13.80
N PRO B 433 1.85 33.77 -14.55
CA PRO B 433 2.24 35.06 -15.16
C PRO B 433 2.64 36.12 -14.15
N ALA B 434 2.04 36.10 -12.96
CA ALA B 434 2.40 37.06 -11.93
C ALA B 434 3.74 36.77 -11.29
N ALA B 435 4.16 35.51 -11.25
CA ALA B 435 5.43 35.15 -10.61
C ALA B 435 6.62 35.64 -11.42
N ILE B 436 6.54 35.54 -12.75
CA ILE B 436 7.67 35.91 -13.60
C ILE B 436 7.95 37.40 -13.59
N ALA B 437 6.99 38.21 -13.15
CA ALA B 437 7.22 39.63 -12.92
C ALA B 437 7.71 39.93 -11.51
N SER B 438 7.79 38.93 -10.65
CA SER B 438 8.17 39.15 -9.25
C SER B 438 9.30 38.24 -8.79
N ASN B 439 9.36 37.00 -9.27
CA ASN B 439 10.31 36.03 -8.75
C ASN B 439 11.74 36.37 -9.17
N CYS B 440 12.68 36.04 -8.29
CA CYS B 440 14.10 36.20 -8.55
C CYS B 440 14.72 34.87 -8.95
N TYR B 441 15.81 34.94 -9.70
CA TYR B 441 16.43 33.76 -10.28
C TYR B 441 17.95 33.87 -10.18
N SER B 442 18.64 32.79 -10.53
CA SER B 442 20.08 32.85 -10.72
C SER B 442 20.41 33.41 -12.10
N SER B 443 19.66 32.99 -13.12
CA SER B 443 19.85 33.49 -14.46
C SER B 443 18.53 33.35 -15.23
N LEU B 444 18.45 34.06 -16.34
CA LEU B 444 17.25 34.04 -17.17
C LEU B 444 17.69 34.02 -18.63
N ILE B 445 16.90 33.36 -19.48
CA ILE B 445 17.17 33.39 -20.92
C ILE B 445 15.87 33.75 -21.65
N LEU B 446 16.00 34.65 -22.62
CA LEU B 446 14.92 35.02 -23.50
C LEU B 446 15.39 34.81 -24.94
N ASP B 447 14.60 34.10 -25.72
CA ASP B 447 14.86 33.98 -27.15
C ASP B 447 13.62 34.40 -27.92
N TYR B 448 13.80 35.34 -28.85
CA TYR B 448 12.70 35.94 -29.58
C TYR B 448 12.77 35.56 -31.06
N PHE B 449 11.60 35.54 -31.68
CA PHE B 449 11.45 35.08 -33.05
C PHE B 449 10.23 35.74 -33.67
N SER B 450 10.18 35.73 -35.00
CA SER B 450 9.00 36.20 -35.73
C SER B 450 7.93 35.11 -35.69
N TYR B 451 6.75 35.46 -35.21
CA TYR B 451 5.70 34.47 -34.96
C TYR B 451 4.33 35.10 -35.15
N PRO B 452 3.65 34.82 -36.25
CA PRO B 452 2.25 35.23 -36.39
C PRO B 452 1.33 34.30 -35.60
N LEU B 453 0.06 34.71 -35.53
CA LEU B 453 -0.92 34.02 -34.69
C LEU B 453 -1.46 32.73 -35.30
N SER B 454 -1.16 32.45 -36.57
CA SER B 454 -1.79 31.33 -37.25
C SER B 454 -1.28 29.98 -36.72
N MET B 455 -0.02 29.89 -36.33
CA MET B 455 0.52 28.70 -35.70
C MET B 455 0.74 28.91 -34.19
N LYS B 456 -0.19 29.64 -33.56
CA LYS B 456 -0.11 29.86 -32.11
C LYS B 456 -0.19 28.56 -31.32
N SER B 457 -1.12 27.68 -31.70
CA SER B 457 -1.27 26.38 -31.03
C SER B 457 -0.07 25.46 -31.26
N ASP B 458 0.81 25.79 -32.19
CA ASP B 458 2.06 25.06 -32.36
C ASP B 458 3.11 25.40 -31.31
N LEU B 459 2.86 26.41 -30.46
CA LEU B 459 3.80 26.71 -29.39
C LEU B 459 3.63 25.79 -28.18
N SER B 460 2.57 24.99 -28.13
CA SER B 460 2.35 24.11 -26.99
C SER B 460 3.33 22.95 -27.00
N VAL B 461 3.44 22.28 -25.85
CA VAL B 461 4.35 21.15 -25.72
C VAL B 461 3.85 19.96 -26.54
N SER B 462 2.54 19.71 -26.51
CA SER B 462 1.96 18.53 -27.15
C SER B 462 1.80 18.68 -28.66
N SER B 463 2.06 19.86 -29.21
CA SER B 463 1.86 20.07 -30.64
C SER B 463 2.89 19.32 -31.47
N ALA B 464 2.41 18.67 -32.53
CA ALA B 464 3.27 17.93 -33.45
C ALA B 464 3.56 18.70 -34.73
N GLY B 465 3.25 19.99 -34.76
CA GLY B 465 3.59 20.84 -35.89
C GLY B 465 5.06 21.17 -35.90
N PRO B 466 5.52 21.70 -37.04
CA PRO B 466 6.97 21.88 -37.25
C PRO B 466 7.63 22.87 -36.30
N ILE B 467 6.86 23.78 -35.68
CA ILE B 467 7.44 24.71 -34.71
C ILE B 467 7.98 23.95 -33.51
N SER B 468 7.20 23.02 -32.98
CA SER B 468 7.61 22.21 -31.84
C SER B 468 8.28 20.90 -32.26
N GLN B 469 8.40 20.64 -33.56
CA GLN B 469 9.04 19.44 -34.06
C GLN B 469 10.47 19.68 -34.53
N PHE B 470 10.69 20.74 -35.32
CA PHE B 470 11.94 20.91 -36.03
C PHE B 470 12.54 22.29 -35.83
N ASN B 471 11.88 23.17 -35.08
CA ASN B 471 12.28 24.56 -34.96
C ASN B 471 12.70 24.91 -33.54
N TYR B 472 11.83 24.66 -32.56
CA TYR B 472 12.13 24.97 -31.17
C TYR B 472 11.47 23.95 -30.26
N LYS B 473 12.17 23.63 -29.16
CA LYS B 473 11.67 22.70 -28.15
C LYS B 473 11.85 23.32 -26.77
N GLN B 474 10.83 23.19 -25.94
CA GLN B 474 10.87 23.73 -24.58
C GLN B 474 11.66 22.80 -23.68
N SER B 475 11.73 23.16 -22.40
CA SER B 475 12.46 22.40 -21.40
C SER B 475 11.50 21.78 -20.38
N PHE B 476 11.83 20.56 -19.95
CA PHE B 476 11.06 19.88 -18.91
C PHE B 476 11.73 19.95 -17.55
N SER B 477 12.73 20.82 -17.39
CA SER B 477 13.45 20.93 -16.13
C SER B 477 13.22 22.26 -15.41
N ASN B 478 12.83 23.31 -16.12
CA ASN B 478 12.63 24.61 -15.52
C ASN B 478 11.29 25.18 -15.95
N PRO B 479 10.67 26.02 -15.11
CA PRO B 479 9.44 26.70 -15.53
C PRO B 479 9.69 27.62 -16.71
N THR B 480 8.72 27.68 -17.62
CA THR B 480 8.88 28.39 -18.88
C THR B 480 7.68 29.29 -19.13
N CYS B 481 7.83 30.20 -20.08
CA CYS B 481 6.71 31.01 -20.51
C CYS B 481 6.87 31.42 -21.96
N LEU B 482 5.74 31.59 -22.64
CA LEU B 482 5.68 32.05 -24.02
C LEU B 482 4.84 33.32 -24.07
N ILE B 483 5.40 34.36 -24.70
CA ILE B 483 4.74 35.65 -24.81
C ILE B 483 4.67 36.03 -26.28
N LEU B 484 3.49 35.91 -26.87
CA LEU B 484 3.23 36.40 -28.22
C LEU B 484 2.70 37.82 -28.12
N ALA B 485 3.43 38.77 -28.71
CA ALA B 485 3.05 40.17 -28.65
C ALA B 485 2.96 40.74 -30.07
N THR B 486 2.27 41.86 -30.18
CA THR B 486 2.11 42.58 -31.44
C THR B 486 2.72 43.96 -31.29
N VAL B 487 3.46 44.38 -32.31
CA VAL B 487 4.04 45.72 -32.32
C VAL B 487 2.92 46.75 -32.42
N PRO B 488 2.88 47.75 -31.55
CA PRO B 488 1.85 48.80 -31.67
C PRO B 488 2.08 49.67 -32.89
N HIS B 489 1.03 50.41 -33.26
CA HIS B 489 1.14 51.34 -34.38
C HIS B 489 2.12 52.48 -34.06
N ASN B 490 2.14 52.92 -32.80
CA ASN B 490 3.05 53.98 -32.37
C ASN B 490 4.36 53.40 -31.82
N LEU B 491 5.01 52.56 -32.61
CA LEU B 491 6.31 51.99 -32.23
C LEU B 491 7.06 51.68 -33.52
N THR B 492 8.12 52.43 -33.80
CA THR B 492 8.90 52.28 -35.01
C THR B 492 10.35 51.89 -34.72
N THR B 493 10.62 51.27 -33.58
CA THR B 493 11.97 50.86 -33.23
C THR B 493 12.33 49.47 -33.76
N ILE B 494 11.41 48.81 -34.47
CA ILE B 494 11.62 47.47 -34.99
C ILE B 494 11.16 47.46 -36.44
N THR B 495 11.67 46.50 -37.21
CA THR B 495 11.37 46.36 -38.63
C THR B 495 10.76 44.99 -38.89
N LYS B 496 10.50 44.70 -40.17
CA LYS B 496 9.90 43.45 -40.59
C LYS B 496 10.73 42.81 -41.70
N PRO B 497 10.79 41.48 -41.74
CA PRO B 497 11.57 40.79 -42.77
C PRO B 497 10.81 40.71 -44.08
N LEU B 498 11.40 39.98 -45.03
CA LEU B 498 10.76 39.80 -46.34
C LEU B 498 9.51 38.92 -46.22
N LYS B 499 9.67 37.71 -45.69
CA LYS B 499 8.54 36.83 -45.45
C LYS B 499 8.89 35.89 -44.31
N TYR B 500 7.88 35.56 -43.51
CA TYR B 500 8.07 34.58 -42.44
C TYR B 500 8.30 33.20 -43.03
N SER B 501 9.06 32.38 -42.33
CA SER B 501 9.37 31.05 -42.85
C SER B 501 9.72 30.11 -41.70
N TYR B 502 9.60 28.81 -41.99
CA TYR B 502 10.06 27.78 -41.07
C TYR B 502 10.43 26.55 -41.89
N ILE B 503 10.98 25.55 -41.20
CA ILE B 503 11.51 24.34 -41.83
C ILE B 503 10.53 23.21 -41.56
N ASN B 504 10.20 22.43 -42.61
CA ASN B 504 9.31 21.30 -42.46
C ASN B 504 9.99 19.95 -42.64
N LYS B 505 11.16 19.92 -43.27
CA LYS B 505 11.84 18.65 -43.56
C LYS B 505 13.33 18.81 -43.34
N CYS B 506 13.91 17.86 -42.61
CA CYS B 506 15.35 17.74 -42.43
C CYS B 506 15.64 16.31 -42.04
N SER B 507 16.26 15.55 -42.94
CA SER B 507 16.43 14.12 -42.75
C SER B 507 17.85 13.73 -43.13
N ARG B 508 18.28 12.58 -42.63
CA ARG B 508 19.64 12.09 -42.83
C ARG B 508 19.62 11.03 -43.92
N LEU B 509 20.42 11.22 -44.96
CA LEU B 509 20.56 10.23 -46.03
C LEU B 509 22.01 9.75 -46.03
N LEU B 510 22.20 8.44 -45.89
CA LEU B 510 23.52 7.86 -45.68
C LEU B 510 24.21 7.60 -47.02
N SER B 511 25.41 7.03 -46.94
CA SER B 511 26.20 6.75 -48.13
C SER B 511 25.76 5.48 -48.85
N ASP B 512 24.97 4.62 -48.20
CA ASP B 512 24.49 3.41 -48.85
C ASP B 512 23.36 3.68 -49.84
N ASP B 513 22.80 4.90 -49.84
CA ASP B 513 21.79 5.36 -50.79
C ASP B 513 20.53 4.49 -50.75
N ARG B 514 20.19 3.97 -49.57
CA ARG B 514 18.96 3.21 -49.40
C ARG B 514 18.24 3.51 -48.09
N THR B 515 18.77 4.38 -47.24
CA THR B 515 18.21 4.62 -45.92
C THR B 515 18.09 6.12 -45.68
N GLU B 516 16.97 6.54 -45.10
CA GLU B 516 16.76 7.92 -44.69
C GLU B 516 16.16 7.93 -43.30
N VAL B 517 16.73 8.74 -42.42
CA VAL B 517 16.38 8.76 -40.99
C VAL B 517 15.80 10.12 -40.66
N PRO B 518 14.62 10.19 -40.04
CA PRO B 518 14.12 11.49 -39.58
C PRO B 518 14.93 12.02 -38.41
N GLN B 519 14.90 13.34 -38.27
CA GLN B 519 15.64 14.05 -37.23
C GLN B 519 14.69 14.55 -36.14
N LEU B 520 15.28 15.00 -35.05
CA LEU B 520 14.55 15.60 -33.94
C LEU B 520 15.40 16.70 -33.32
N VAL B 521 14.75 17.77 -32.87
CA VAL B 521 15.45 18.88 -32.25
C VAL B 521 15.28 18.78 -30.74
N ASN B 522 16.26 19.28 -30.00
CA ASN B 522 16.25 19.28 -28.55
C ASN B 522 16.02 20.71 -28.04
N ALA B 523 16.05 20.85 -26.72
CA ALA B 523 15.78 22.15 -26.09
C ALA B 523 16.97 23.07 -26.27
N ASN B 524 16.70 24.25 -26.85
CA ASN B 524 17.71 25.28 -27.14
C ASN B 524 18.86 24.72 -27.98
N GLN B 525 18.52 23.89 -28.96
CA GLN B 525 19.50 23.28 -29.84
C GLN B 525 19.10 23.56 -31.29
N TYR B 526 20.09 23.51 -32.18
CA TYR B 526 19.91 23.87 -33.57
C TYR B 526 20.25 22.70 -34.48
N SER B 527 19.33 22.39 -35.40
CA SER B 527 19.54 21.30 -36.34
C SER B 527 20.64 21.67 -37.34
N PRO B 528 21.39 20.69 -37.85
CA PRO B 528 22.42 20.98 -38.86
C PRO B 528 21.86 21.53 -40.18
N CYS B 529 20.59 21.27 -40.50
CA CYS B 529 20.00 21.83 -41.71
C CYS B 529 19.88 23.35 -41.67
N VAL B 530 19.98 23.95 -40.48
CA VAL B 530 20.04 25.41 -40.37
C VAL B 530 21.31 25.94 -41.05
N SER B 531 22.38 25.12 -41.08
CA SER B 531 23.64 25.55 -41.66
C SER B 531 23.56 25.82 -43.17
N ILE B 532 22.56 25.27 -43.86
CA ILE B 532 22.39 25.54 -45.29
C ILE B 532 21.05 26.19 -45.62
N VAL B 533 20.07 26.13 -44.71
CA VAL B 533 18.78 26.79 -44.96
C VAL B 533 18.91 28.26 -44.60
N PRO B 534 18.60 29.17 -45.52
CA PRO B 534 18.74 30.60 -45.22
C PRO B 534 17.66 31.07 -44.27
N SER B 535 17.87 32.28 -43.74
CA SER B 535 16.85 32.92 -42.91
C SER B 535 15.60 33.23 -43.70
N THR B 536 15.76 33.69 -44.93
CA THR B 536 14.64 34.01 -45.81
C THR B 536 14.47 32.87 -46.81
N VAL B 537 13.36 32.14 -46.69
CA VAL B 537 12.99 31.10 -47.63
C VAL B 537 12.11 31.71 -48.71
N TRP B 538 12.45 31.44 -49.97
CA TRP B 538 11.82 32.15 -51.08
C TRP B 538 10.35 31.78 -51.25
N GLU B 539 10.02 30.49 -51.11
CA GLU B 539 8.65 30.04 -51.30
C GLU B 539 8.42 28.76 -50.50
N ASP B 540 7.18 28.28 -50.55
CA ASP B 540 6.80 27.07 -49.83
C ASP B 540 7.47 25.85 -50.44
N GLY B 541 7.89 24.94 -49.57
CA GLY B 541 8.47 23.68 -50.01
C GLY B 541 9.81 23.81 -50.69
N ASP B 542 10.56 24.87 -50.40
CA ASP B 542 11.87 25.05 -51.02
C ASP B 542 12.84 23.99 -50.52
N TYR B 543 13.54 23.37 -51.48
CA TYR B 543 14.33 22.17 -51.23
C TYR B 543 15.81 22.49 -51.40
N TYR B 544 16.60 22.17 -50.38
CA TYR B 544 18.03 22.47 -50.36
C TYR B 544 18.81 21.19 -50.08
N ARG B 545 20.04 21.14 -50.60
CA ARG B 545 20.82 19.92 -50.56
C ARG B 545 22.30 20.27 -50.43
N LYS B 546 23.07 19.31 -49.95
CA LYS B 546 24.52 19.42 -49.79
C LYS B 546 25.09 18.03 -49.63
N GLN B 547 26.42 17.94 -49.62
CA GLN B 547 27.11 16.66 -49.44
C GLN B 547 27.70 16.58 -48.05
N LEU B 548 27.45 15.46 -47.37
CA LEU B 548 28.00 15.20 -46.05
C LEU B 548 29.41 14.64 -46.16
N SER B 549 30.32 15.19 -45.38
CA SER B 549 31.68 14.68 -45.34
C SER B 549 31.72 13.32 -44.65
N PRO B 550 32.63 12.43 -45.06
CA PRO B 550 32.74 11.12 -44.39
C PRO B 550 33.16 11.20 -42.93
N LEU B 551 33.83 12.29 -42.53
CA LEU B 551 34.18 12.46 -41.12
C LEU B 551 32.95 12.72 -40.25
N GLU B 552 31.86 13.20 -40.83
CA GLU B 552 30.61 13.42 -40.12
C GLU B 552 29.61 12.29 -40.37
N GLY B 553 30.08 11.12 -40.78
CA GLY B 553 29.23 9.99 -41.07
C GLY B 553 28.98 9.73 -42.54
N GLY B 554 29.24 10.70 -43.41
CA GLY B 554 29.05 10.52 -44.83
C GLY B 554 27.60 10.64 -45.24
N GLY B 555 27.39 10.58 -46.56
CA GLY B 555 26.05 10.68 -47.09
C GLY B 555 25.77 12.05 -47.67
N TRP B 556 24.50 12.47 -47.56
CA TRP B 556 24.03 13.72 -48.14
C TRP B 556 23.05 14.42 -47.21
N LEU B 557 23.01 15.74 -47.32
CA LEU B 557 22.22 16.63 -46.49
C LEU B 557 21.05 17.15 -47.31
N VAL B 558 19.83 16.99 -46.79
CA VAL B 558 18.62 17.44 -47.48
C VAL B 558 17.76 18.23 -46.50
N ALA B 559 17.01 19.20 -47.03
CA ALA B 559 16.12 20.01 -46.20
C ALA B 559 15.05 20.63 -47.07
N SER B 560 13.94 21.03 -46.42
CA SER B 560 12.85 21.71 -47.11
C SER B 560 12.13 22.66 -46.16
N GLY B 561 11.67 23.79 -46.72
CA GLY B 561 11.07 24.83 -45.92
C GLY B 561 9.77 25.33 -46.52
N SER B 562 8.98 26.00 -45.66
CA SER B 562 7.71 26.61 -46.04
C SER B 562 7.65 28.03 -45.49
N THR B 563 6.70 28.82 -46.01
CA THR B 563 6.63 30.25 -45.74
C THR B 563 5.24 30.65 -45.24
N VAL B 564 5.23 31.72 -44.45
CA VAL B 564 4.03 32.40 -44.00
C VAL B 564 4.19 33.89 -44.31
N ALA B 565 3.18 34.48 -44.96
CA ALA B 565 3.31 35.81 -45.53
C ALA B 565 3.12 36.91 -44.49
N MET B 566 3.48 38.12 -44.90
CA MET B 566 3.28 39.33 -44.09
C MET B 566 1.82 39.56 -43.74
N THR B 567 1.60 40.02 -42.51
CA THR B 567 0.33 40.56 -42.05
C THR B 567 0.42 42.09 -42.07
N GLU B 568 -0.60 42.74 -41.51
CA GLU B 568 -0.58 44.20 -41.47
C GLU B 568 0.41 44.75 -40.45
N GLN B 569 0.78 43.97 -39.46
CA GLN B 569 1.68 44.42 -38.41
C GLN B 569 2.52 43.24 -37.93
N LEU B 570 3.63 43.55 -37.27
CA LEU B 570 4.58 42.53 -36.84
C LEU B 570 4.12 41.93 -35.51
N GLN B 571 3.85 40.62 -35.53
CA GLN B 571 3.63 39.84 -34.32
C GLN B 571 4.84 38.95 -34.11
N MET B 572 5.38 38.97 -32.89
CA MET B 572 6.60 38.23 -32.59
C MET B 572 6.52 37.63 -31.20
N GLY B 573 7.28 36.56 -31.00
CA GLY B 573 7.16 35.74 -29.80
C GLY B 573 8.45 35.65 -29.01
N PHE B 574 8.29 35.58 -27.69
CA PHE B 574 9.39 35.46 -26.75
C PHE B 574 9.25 34.14 -26.01
N GLY B 575 10.34 33.40 -25.89
CA GLY B 575 10.45 32.28 -24.98
C GLY B 575 11.29 32.69 -23.79
N ILE B 576 10.76 32.45 -22.59
CA ILE B 576 11.39 32.83 -21.35
C ILE B 576 11.63 31.55 -20.55
N THR B 577 12.89 31.31 -20.19
CA THR B 577 13.23 30.15 -19.37
C THR B 577 14.10 30.61 -18.21
N VAL B 578 13.76 30.18 -17.01
CA VAL B 578 14.39 30.63 -15.79
C VAL B 578 15.41 29.59 -15.34
N GLN B 579 16.36 30.01 -14.51
CA GLN B 579 17.36 29.12 -13.93
C GLN B 579 17.61 29.57 -12.50
N TYR B 580 17.33 28.68 -11.55
CA TYR B 580 17.43 29.04 -10.13
C TYR B 580 18.80 28.74 -9.52
N GLY B 581 19.66 27.98 -10.20
CA GLY B 581 20.92 27.59 -9.59
C GLY B 581 22.11 27.53 -10.52
N THR B 582 22.02 28.18 -11.69
CA THR B 582 23.14 28.18 -12.63
C THR B 582 24.27 29.11 -12.20
N ASP B 583 24.03 29.99 -11.23
CA ASP B 583 25.04 30.94 -10.75
C ASP B 583 24.56 31.42 -9.39
N THR B 584 25.20 32.47 -8.87
CA THR B 584 24.68 33.16 -7.71
C THR B 584 23.34 33.81 -8.06
N ASN B 585 22.36 33.64 -7.19
CA ASN B 585 21.03 34.22 -7.39
C ASN B 585 21.12 35.73 -7.36
N SER B 586 20.98 36.36 -8.53
CA SER B 586 21.34 37.77 -8.65
C SER B 586 20.43 38.62 -9.55
N VAL B 587 19.35 38.07 -10.09
CA VAL B 587 18.44 38.86 -10.92
C VAL B 587 17.11 39.03 -10.17
N CYS B 588 16.68 40.27 -10.01
CA CYS B 588 15.49 40.61 -9.24
C CYS B 588 14.86 41.86 -9.82
N PRO B 589 13.58 42.09 -9.54
CA PRO B 589 12.98 43.39 -9.85
C PRO B 589 13.55 44.49 -8.96
N LYS B 590 13.52 45.71 -9.50
CA LYS B 590 13.92 46.88 -8.72
C LYS B 590 12.90 47.14 -7.63
N LEU B 591 13.39 47.45 -6.44
CA LEU B 591 12.52 47.69 -5.30
C LEU B 591 13.12 48.79 -4.43
N GLU B 592 12.26 49.43 -3.65
CA GLU B 592 12.73 50.38 -2.64
C GLU B 592 13.40 49.61 -1.51
N PHE B 593 14.67 49.91 -1.27
CA PHE B 593 15.46 49.20 -0.27
C PHE B 593 15.48 50.04 0.99
N ALA B 594 14.73 49.61 2.00
CA ALA B 594 14.58 50.38 3.23
C ALA B 594 15.87 50.32 4.06
N ASN B 595 15.92 51.18 5.07
CA ASN B 595 17.04 51.15 6.01
C ASN B 595 17.06 49.86 6.81
N ASP B 596 15.89 49.33 7.14
CA ASP B 596 15.80 48.05 7.86
C ASP B 596 15.68 46.88 6.89
N THR B 597 16.60 46.81 5.94
CA THR B 597 16.71 45.68 5.03
C THR B 597 18.08 45.02 5.11
N LYS B 598 18.98 45.55 5.93
CA LYS B 598 20.29 44.95 6.13
C LYS B 598 20.18 43.70 7.01
N ILE B 599 21.18 42.84 6.90
CA ILE B 599 21.28 41.70 7.80
C ILE B 599 21.53 42.18 9.22
N ALA B 600 22.37 43.22 9.38
CA ALA B 600 22.63 43.78 10.68
C ALA B 600 21.43 44.52 11.26
N SER B 601 20.42 44.83 10.44
CA SER B 601 19.25 45.54 10.92
C SER B 601 18.42 44.66 11.85
N GLN B 602 18.31 43.37 11.57
CA GLN B 602 17.48 42.44 12.31
C GLN B 602 18.25 41.19 12.70
N LEU B 603 19.45 41.37 13.23
CA LEU B 603 20.25 40.24 13.69
C LEU B 603 19.61 39.60 14.91
N GLY B 604 19.70 38.27 14.98
CA GLY B 604 19.21 37.55 16.14
C GLY B 604 17.71 37.48 16.26
N ASN B 605 16.98 37.67 15.17
CA ASN B 605 15.52 37.63 15.19
C ASN B 605 15.02 36.69 14.10
N CYS B 606 13.86 36.09 14.35
CA CYS B 606 13.18 35.31 13.32
C CYS B 606 12.67 36.26 12.25
N VAL B 607 13.33 36.27 11.10
CA VAL B 607 12.95 37.13 9.98
C VAL B 607 12.94 36.30 8.71
N GLU B 608 12.34 36.89 7.67
CA GLU B 608 12.29 36.27 6.36
C GLU B 608 13.52 36.71 5.57
N TYR B 609 14.33 35.75 5.17
CA TYR B 609 15.46 36.03 4.30
C TYR B 609 15.02 35.89 2.85
N SER B 610 15.47 36.83 2.02
CA SER B 610 15.28 36.79 0.58
C SER B 610 16.64 37.06 -0.06
N LEU B 611 17.44 36.01 -0.21
CA LEU B 611 18.75 36.11 -0.85
C LEU B 611 18.56 35.93 -2.36
N TYR B 612 17.86 36.92 -2.92
CA TYR B 612 17.67 37.21 -4.34
C TYR B 612 17.37 35.97 -5.18
N GLY B 613 16.63 35.03 -4.60
CA GLY B 613 16.42 33.74 -5.23
C GLY B 613 16.36 32.62 -4.21
N VAL B 614 16.83 32.88 -3.00
CA VAL B 614 16.75 31.91 -1.91
C VAL B 614 15.89 32.56 -0.82
N SER B 615 14.64 32.14 -0.71
CA SER B 615 13.72 32.77 0.23
C SER B 615 13.29 31.79 1.31
N GLY B 616 12.99 32.33 2.48
CA GLY B 616 12.48 31.50 3.56
C GLY B 616 12.47 32.26 4.87
N ARG B 617 12.32 31.50 5.95
CA ARG B 617 12.33 32.03 7.31
C ARG B 617 13.55 31.52 8.05
N GLY B 618 14.05 32.33 8.99
CA GLY B 618 15.17 31.88 9.79
C GLY B 618 15.71 32.98 10.68
N VAL B 619 16.79 32.63 11.38
CA VAL B 619 17.48 33.52 12.29
C VAL B 619 18.84 33.83 11.66
N PHE B 620 19.50 34.87 12.16
CA PHE B 620 20.83 35.22 11.70
C PHE B 620 21.77 35.35 12.88
N GLN B 621 22.99 34.83 12.73
CA GLN B 621 23.99 34.98 13.79
C GLN B 621 25.37 35.15 13.16
N ASN B 622 26.19 35.98 13.78
CA ASN B 622 27.53 36.23 13.27
C ASN B 622 28.45 35.06 13.60
N CYS B 623 29.07 34.49 12.58
CA CYS B 623 29.85 33.26 12.73
C CYS B 623 31.19 33.40 12.05
N THR B 624 32.11 32.51 12.42
CA THR B 624 33.41 32.44 11.78
C THR B 624 33.27 31.98 10.33
N ALA B 625 34.23 32.38 9.50
CA ALA B 625 34.17 32.08 8.08
C ALA B 625 34.32 30.60 7.83
N VAL B 626 33.30 30.01 7.20
CA VAL B 626 33.27 28.58 6.91
C VAL B 626 32.81 28.39 5.47
N GLY B 627 33.61 27.69 4.68
CA GLY B 627 33.23 27.35 3.32
C GLY B 627 33.82 28.26 2.28
N VAL B 628 33.37 28.06 1.05
CA VAL B 628 33.86 28.79 -0.11
C VAL B 628 33.24 30.17 -0.13
N ARG B 629 34.09 31.20 -0.27
CA ARG B 629 33.60 32.58 -0.30
C ARG B 629 32.77 32.86 -1.54
N GLN B 630 33.22 32.37 -2.70
CA GLN B 630 32.62 32.78 -3.97
C GLN B 630 31.21 32.21 -4.16
N GLN B 631 30.95 31.01 -3.62
CA GLN B 631 29.65 30.38 -3.84
C GLN B 631 28.54 31.10 -3.08
N ARG B 632 28.86 31.69 -1.93
CA ARG B 632 27.98 32.54 -1.12
C ARG B 632 26.79 31.75 -0.53
N PHE B 633 26.73 30.44 -0.71
CA PHE B 633 25.65 29.63 -0.17
C PHE B 633 26.21 28.31 0.31
N VAL B 634 25.86 27.92 1.54
CA VAL B 634 26.37 26.71 2.14
C VAL B 634 25.21 25.83 2.58
N TYR B 635 25.35 24.53 2.35
CA TYR B 635 24.27 23.57 2.59
C TYR B 635 24.79 22.40 3.41
N ASP B 636 23.86 21.72 4.07
CA ASP B 636 24.15 20.52 4.83
C ASP B 636 23.97 19.29 3.95
N ALA B 637 23.97 18.10 4.56
CA ALA B 637 23.71 16.88 3.81
C ALA B 637 22.27 16.81 3.31
N TYR B 638 21.32 17.31 4.09
CA TYR B 638 19.91 17.24 3.74
C TYR B 638 19.43 18.45 2.96
N GLN B 639 20.34 19.17 2.32
CA GLN B 639 20.05 20.27 1.39
C GLN B 639 19.24 21.39 2.09
N ASN B 640 19.84 21.94 3.13
CA ASN B 640 19.25 23.05 3.87
C ASN B 640 20.29 24.15 4.05
N LEU B 641 19.84 25.40 4.04
CA LEU B 641 20.73 26.53 4.12
C LEU B 641 21.35 26.61 5.51
N VAL B 642 22.66 26.42 5.59
CA VAL B 642 23.34 26.55 6.87
C VAL B 642 23.70 28.00 7.16
N GLY B 643 24.00 28.78 6.12
CA GLY B 643 24.40 30.14 6.34
C GLY B 643 24.64 30.87 5.04
N TYR B 644 25.23 32.05 5.16
CA TYR B 644 25.36 32.96 4.04
C TYR B 644 26.56 33.87 4.27
N TYR B 645 27.38 34.04 3.22
CA TYR B 645 28.51 34.96 3.24
C TYR B 645 28.02 36.34 2.82
N SER B 646 27.83 37.22 3.79
CA SER B 646 27.28 38.53 3.49
C SER B 646 28.34 39.44 2.87
N ASP B 647 27.87 40.57 2.33
CA ASP B 647 28.75 41.50 1.63
C ASP B 647 29.73 42.19 2.57
N ASP B 648 29.49 42.17 3.88
CA ASP B 648 30.42 42.75 4.83
C ASP B 648 31.68 41.90 5.00
N GLY B 649 31.70 40.69 4.46
CA GLY B 649 32.74 39.73 4.74
C GLY B 649 32.48 38.85 5.94
N ASN B 650 31.38 39.10 6.66
CA ASN B 650 31.03 38.32 7.84
C ASN B 650 30.11 37.18 7.44
N TYR B 651 30.53 35.95 7.70
CA TYR B 651 29.65 34.80 7.55
C TYR B 651 28.55 34.85 8.61
N TYR B 652 27.34 34.47 8.22
CA TYR B 652 26.20 34.45 9.13
C TYR B 652 25.57 33.06 9.08
N CYS B 653 25.50 32.42 10.25
CA CYS B 653 24.74 31.19 10.39
C CYS B 653 23.25 31.50 10.37
N LEU B 654 22.47 30.58 9.79
CA LEU B 654 21.03 30.71 9.65
C LEU B 654 20.44 29.34 10.00
N ARG B 655 19.86 29.22 11.19
CA ARG B 655 19.45 27.92 11.70
C ARG B 655 17.99 27.61 11.36
N ALA B 656 17.07 28.40 11.91
CA ALA B 656 15.63 28.23 11.77
C ALA B 656 14.94 29.37 12.51
N CYS B 657 13.61 29.43 12.36
CA CYS B 657 12.76 30.23 13.24
C CYS B 657 12.20 29.28 14.30
N VAL B 658 12.99 29.06 15.34
CA VAL B 658 12.60 28.11 16.37
C VAL B 658 11.55 28.74 17.28
N SER B 659 10.45 27.99 17.48
CA SER B 659 9.40 28.32 18.42
C SER B 659 9.17 27.11 19.31
N VAL B 660 8.09 27.09 20.08
CA VAL B 660 7.94 26.19 21.22
C VAL B 660 6.84 25.17 20.92
N PRO B 661 7.10 23.88 21.10
CA PRO B 661 6.02 22.89 21.06
C PRO B 661 5.18 22.91 22.32
N VAL B 662 3.91 22.53 22.17
CA VAL B 662 2.91 22.67 23.23
C VAL B 662 2.36 21.30 23.60
N SER B 663 2.33 21.00 24.89
CA SER B 663 1.70 19.81 25.42
C SER B 663 0.58 20.21 26.38
N VAL B 664 -0.44 19.37 26.49
CA VAL B 664 -1.61 19.67 27.31
C VAL B 664 -1.83 18.53 28.28
N ILE B 665 -2.36 18.85 29.46
CA ILE B 665 -2.79 17.85 30.42
C ILE B 665 -4.24 18.14 30.81
N TYR B 666 -5.05 17.08 30.87
CA TYR B 666 -6.45 17.18 31.23
C TYR B 666 -6.81 16.04 32.16
N ASP B 667 -7.69 16.32 33.12
CA ASP B 667 -8.16 15.32 34.07
C ASP B 667 -9.65 15.05 33.89
N LYS B 668 -10.01 13.77 33.88
CA LYS B 668 -11.42 13.39 33.88
C LYS B 668 -11.98 13.49 35.30
N GLU B 669 -13.32 13.63 35.37
CA GLU B 669 -14.21 13.72 36.53
C GLU B 669 -13.90 14.92 37.42
N THR B 670 -12.89 15.70 37.05
CA THR B 670 -12.64 17.05 37.58
C THR B 670 -12.22 17.86 36.37
N LYS B 671 -13.12 18.70 35.85
CA LYS B 671 -12.93 19.33 34.55
C LYS B 671 -11.84 20.39 34.67
N THR B 672 -10.58 19.91 34.66
CA THR B 672 -9.43 20.76 34.84
C THR B 672 -8.35 20.38 33.85
N HIS B 673 -7.51 21.36 33.54
CA HIS B 673 -6.51 21.22 32.48
C HIS B 673 -5.40 22.22 32.72
N ALA B 674 -4.25 21.95 32.11
CA ALA B 674 -3.10 22.85 32.21
C ALA B 674 -2.21 22.64 30.98
N THR B 675 -1.35 23.63 30.74
CA THR B 675 -0.49 23.63 29.56
C THR B 675 0.97 23.56 29.98
N LEU B 676 1.76 22.79 29.24
CA LEU B 676 3.18 22.70 29.49
C LEU B 676 3.95 22.90 28.19
N PHE B 677 5.11 23.52 28.31
CA PHE B 677 6.02 23.76 27.21
C PHE B 677 7.33 23.09 27.54
N GLY B 678 7.75 22.14 26.71
CA GLY B 678 8.93 21.34 26.99
C GLY B 678 10.21 22.01 26.52
N SER B 679 11.27 21.83 27.32
CA SER B 679 12.65 22.15 26.94
C SER B 679 12.84 23.63 26.64
N VAL B 680 12.13 24.49 27.38
CA VAL B 680 12.22 25.92 27.18
C VAL B 680 12.02 26.61 28.51
N ALA B 681 12.84 27.62 28.78
CA ALA B 681 12.68 28.42 29.98
C ALA B 681 11.41 29.27 29.87
N CYS B 682 10.95 29.76 31.02
CA CYS B 682 9.72 30.54 31.06
C CYS B 682 10.02 31.91 30.43
N GLU B 683 9.69 32.03 29.15
CA GLU B 683 10.04 33.20 28.35
C GLU B 683 8.88 33.72 27.51
N HIS B 684 7.91 32.90 27.16
CA HIS B 684 6.86 33.25 26.21
C HIS B 684 5.50 33.13 26.87
N ILE B 685 4.64 34.13 26.65
CA ILE B 685 3.27 34.05 27.19
C ILE B 685 2.24 34.16 26.08
N SER B 686 2.14 35.33 25.45
CA SER B 686 1.10 35.52 24.44
C SER B 686 1.52 36.42 23.28
N SER B 687 2.81 36.67 23.07
CA SER B 687 3.21 37.72 22.14
C SER B 687 3.21 37.22 20.69
N THR B 688 4.07 36.25 20.37
CA THR B 688 4.21 35.77 19.00
C THR B 688 3.35 34.53 18.83
N MET B 689 2.11 34.76 18.38
CA MET B 689 1.09 33.73 18.31
C MET B 689 0.83 33.25 16.89
N SER B 690 0.27 32.05 16.82
CA SER B 690 -0.20 31.38 15.63
C SER B 690 -1.38 30.51 16.06
N GLN B 691 -1.71 29.50 15.24
CA GLN B 691 -2.65 28.44 15.58
C GLN B 691 -4.05 29.05 15.71
N TYR B 692 -4.71 28.87 16.86
CA TYR B 692 -6.06 29.39 17.05
C TYR B 692 -6.18 30.32 18.25
N SER B 693 -5.78 29.86 19.43
CA SER B 693 -5.88 30.62 20.67
C SER B 693 -5.04 29.90 21.72
N ARG B 694 -5.14 30.34 22.96
CA ARG B 694 -4.56 29.65 24.10
C ARG B 694 -5.59 29.54 25.21
N SER B 695 -5.52 28.45 25.97
CA SER B 695 -6.60 28.05 26.87
C SER B 695 -6.09 28.00 28.31
N THR B 696 -6.37 29.06 29.06
CA THR B 696 -6.13 29.09 30.51
C THR B 696 -7.01 30.19 31.09
N ARG B 697 -7.90 29.83 32.01
CA ARG B 697 -8.89 30.77 32.52
C ARG B 697 -8.80 31.03 34.01
N SER B 698 -8.04 30.25 34.77
CA SER B 698 -8.03 30.37 36.23
C SER B 698 -7.02 31.44 36.64
N MET B 699 -7.36 32.69 36.34
CA MET B 699 -6.58 33.84 36.77
C MET B 699 -7.22 34.50 37.99
N TYR B 707 -0.88 30.92 40.30
CA TYR B 707 -0.92 30.39 38.95
C TYR B 707 0.16 31.00 38.08
N GLY B 708 1.28 31.37 38.70
CA GLY B 708 2.39 31.94 37.99
C GLY B 708 3.06 30.93 37.08
N PRO B 709 3.73 31.41 36.02
CA PRO B 709 4.48 30.50 35.14
C PRO B 709 5.60 29.80 35.87
N LEU B 710 5.49 28.48 36.00
CA LEU B 710 6.39 27.71 36.83
C LEU B 710 7.53 27.13 35.99
N GLN B 711 8.77 27.35 36.45
CA GLN B 711 9.93 26.78 35.80
C GLN B 711 10.20 25.39 36.38
N THR B 712 10.30 24.41 35.49
CA THR B 712 10.38 23.00 35.84
C THR B 712 11.50 22.39 35.03
N PRO B 713 12.03 21.23 35.45
CA PRO B 713 13.01 20.53 34.62
C PRO B 713 12.51 20.14 33.23
N VAL B 714 11.19 20.00 33.06
CA VAL B 714 10.67 19.78 31.72
C VAL B 714 10.55 21.08 30.94
N GLY B 715 10.39 22.21 31.61
CA GLY B 715 10.20 23.46 30.89
C GLY B 715 9.41 24.52 31.63
N CYS B 716 8.34 25.01 31.01
CA CYS B 716 7.50 26.04 31.59
C CYS B 716 6.06 25.56 31.67
N VAL B 717 5.46 25.73 32.85
CA VAL B 717 4.14 25.18 33.14
C VAL B 717 3.18 26.33 33.45
N LEU B 718 2.01 26.32 32.81
CA LEU B 718 0.93 27.26 33.12
C LEU B 718 -0.28 26.46 33.57
N GLY B 719 -0.93 26.93 34.63
CA GLY B 719 -2.12 26.30 35.16
C GLY B 719 -1.90 25.43 36.38
N LEU B 720 -0.69 25.37 36.90
CA LEU B 720 -0.38 24.57 38.08
C LEU B 720 0.09 25.46 39.22
N VAL B 721 0.41 24.83 40.34
CA VAL B 721 0.90 25.51 41.53
C VAL B 721 2.04 24.68 42.11
N ASN B 722 3.07 25.36 42.58
CA ASN B 722 4.17 24.68 43.24
C ASN B 722 3.69 24.06 44.56
N SER B 723 4.18 22.86 44.83
CA SER B 723 3.81 22.17 46.06
C SER B 723 4.92 21.18 46.41
N SER B 724 5.22 21.08 47.71
CA SER B 724 6.22 20.15 48.20
C SER B 724 5.49 18.91 48.72
N LEU B 725 5.02 18.10 47.79
CA LEU B 725 4.28 16.88 48.11
C LEU B 725 4.95 15.69 47.43
N PHE B 726 4.59 14.50 47.91
CA PHE B 726 5.22 13.27 47.44
C PHE B 726 4.14 12.21 47.26
N VAL B 727 3.97 11.74 46.02
CA VAL B 727 2.99 10.71 45.70
C VAL B 727 3.73 9.58 44.97
N GLU B 728 3.63 8.37 45.51
CA GLU B 728 4.32 7.22 44.94
C GLU B 728 3.56 6.56 43.79
N ASP B 729 2.26 6.80 43.70
CA ASP B 729 1.38 6.06 42.79
C ASP B 729 0.61 7.02 41.90
N CYS B 730 1.32 7.94 41.26
CA CYS B 730 0.68 8.98 40.48
C CYS B 730 -0.01 8.41 39.24
N LYS B 731 -1.18 8.96 38.92
CA LYS B 731 -1.99 8.47 37.81
C LYS B 731 -1.81 9.27 36.53
N LEU B 732 -1.36 10.53 36.62
CA LEU B 732 -1.08 11.37 35.45
C LEU B 732 0.36 11.85 35.57
N PRO B 733 1.33 10.98 35.29
CA PRO B 733 2.73 11.35 35.52
C PRO B 733 3.24 12.26 34.40
N LEU B 734 3.86 13.37 34.79
CA LEU B 734 4.29 14.40 33.85
C LEU B 734 5.64 14.10 33.24
N GLY B 735 6.11 12.87 33.29
CA GLY B 735 7.46 12.60 32.86
C GLY B 735 8.45 13.09 33.89
N GLN B 736 9.73 12.98 33.53
CA GLN B 736 10.87 13.41 34.34
C GLN B 736 10.83 12.77 35.72
N SER B 737 10.40 13.51 36.73
CA SER B 737 10.00 12.93 38.00
C SER B 737 8.82 13.69 38.58
N LEU B 738 7.96 14.25 37.73
CA LEU B 738 6.95 15.20 38.15
C LEU B 738 5.55 14.63 37.92
N CYS B 739 4.62 15.07 38.76
CA CYS B 739 3.24 14.62 38.70
C CYS B 739 2.33 15.76 39.11
N ALA B 740 1.05 15.64 38.74
CA ALA B 740 0.04 16.63 39.06
C ALA B 740 -1.00 15.99 39.97
N LEU B 741 -1.28 16.64 41.10
CA LEU B 741 -2.31 16.17 42.02
C LEU B 741 -3.63 16.83 41.65
N PRO B 742 -4.64 16.07 41.24
CA PRO B 742 -5.94 16.66 40.97
C PRO B 742 -6.62 17.15 42.24
N ASP B 743 -7.50 18.13 42.08
CA ASP B 743 -8.20 18.74 43.20
C ASP B 743 -9.71 18.52 43.05
N THR B 744 -10.39 18.44 44.18
CA THR B 744 -11.83 18.22 44.21
C THR B 744 -12.61 19.39 43.64
N PRO B 757 -12.07 24.04 40.47
CA PRO B 757 -11.67 25.36 40.95
C PRO B 757 -10.20 25.39 41.37
N GLY B 758 -9.84 24.57 42.35
CA GLY B 758 -8.44 24.45 42.73
C GLY B 758 -7.65 23.73 41.66
N GLU B 759 -6.49 24.27 41.32
CA GLU B 759 -5.68 23.70 40.26
C GLU B 759 -4.89 22.51 40.77
N MET B 760 -4.34 21.74 39.82
CA MET B 760 -3.55 20.57 40.19
C MET B 760 -2.25 21.00 40.84
N ARG B 761 -1.91 20.33 41.94
CA ARG B 761 -0.71 20.66 42.70
C ARG B 761 0.47 19.91 42.11
N LEU B 762 1.45 20.65 41.61
CA LEU B 762 2.62 20.01 41.01
C LEU B 762 3.51 19.45 42.11
N ALA B 763 3.72 18.15 42.08
CA ALA B 763 4.54 17.46 43.07
C ALA B 763 5.56 16.59 42.35
N SER B 764 6.48 16.06 43.14
CA SER B 764 7.48 15.14 42.61
C SER B 764 6.95 13.71 42.68
N ILE B 765 7.36 12.91 41.69
CA ILE B 765 7.07 11.48 41.74
C ILE B 765 7.89 10.89 42.88
N ALA B 766 7.22 10.49 43.94
CA ALA B 766 7.92 10.03 45.13
C ALA B 766 8.57 8.67 44.89
N PHE B 767 9.72 8.47 45.51
CA PHE B 767 10.42 7.20 45.48
C PHE B 767 10.31 6.55 46.84
N ASN B 768 9.80 5.33 46.87
CA ASN B 768 9.70 4.58 48.12
C ASN B 768 11.04 3.92 48.41
N HIS B 769 11.69 4.36 49.48
CA HIS B 769 12.87 3.67 49.94
C HIS B 769 12.49 2.28 50.46
N PRO B 770 13.28 1.26 50.13
CA PRO B 770 13.14 -0.01 50.86
C PRO B 770 13.58 0.17 52.30
N ILE B 771 13.18 -0.79 53.14
CA ILE B 771 13.50 -0.72 54.56
C ILE B 771 15.01 -0.82 54.72
N GLN B 772 15.61 0.29 55.14
CA GLN B 772 17.06 0.33 55.32
C GLN B 772 17.47 -0.56 56.47
N VAL B 773 18.55 -1.30 56.28
CA VAL B 773 19.07 -2.18 57.32
C VAL B 773 20.54 -1.87 57.51
N ASP B 774 21.02 -2.04 58.74
CA ASP B 774 22.41 -1.78 59.07
C ASP B 774 23.25 -3.01 58.74
N GLN B 775 24.49 -2.75 58.34
CA GLN B 775 25.43 -3.82 58.01
C GLN B 775 26.51 -3.82 59.07
N LEU B 776 26.50 -4.84 59.92
CA LEU B 776 27.48 -4.93 61.00
C LEU B 776 28.84 -5.37 60.47
N ASN B 777 29.86 -5.21 61.31
CA ASN B 777 31.20 -5.69 61.02
C ASN B 777 31.59 -6.81 61.96
N SER B 778 30.65 -7.30 62.76
CA SER B 778 30.93 -8.22 63.85
C SER B 778 30.49 -9.63 63.50
N SER B 779 30.61 -10.51 64.49
CA SER B 779 30.27 -11.92 64.34
C SER B 779 28.78 -12.12 64.07
N TYR B 780 27.93 -11.41 64.79
CA TYR B 780 26.50 -11.61 64.67
C TYR B 780 25.94 -10.91 63.44
N PHE B 781 24.62 -10.85 63.31
CA PHE B 781 24.04 -10.30 62.10
C PHE B 781 22.65 -9.74 62.40
N LYS B 782 22.33 -8.60 61.79
CA LYS B 782 21.03 -7.96 61.97
C LYS B 782 20.07 -8.50 60.90
N LEU B 783 19.10 -9.30 61.33
CA LEU B 783 18.19 -10.03 60.47
C LEU B 783 16.82 -9.38 60.47
N SER B 784 16.19 -9.32 59.29
CA SER B 784 14.86 -8.74 59.15
C SER B 784 13.83 -9.84 58.98
N ILE B 785 12.95 -9.99 59.98
CA ILE B 785 11.94 -11.05 59.97
C ILE B 785 10.55 -10.44 60.03
N PRO B 786 9.62 -10.87 59.19
CA PRO B 786 8.23 -10.39 59.28
C PRO B 786 7.53 -10.95 60.51
N THR B 787 6.50 -10.22 60.92
CA THR B 787 5.63 -10.63 62.02
C THR B 787 4.17 -10.76 61.60
N ASN B 788 3.71 -9.93 60.67
CA ASN B 788 2.36 -9.97 60.16
C ASN B 788 2.41 -10.33 58.68
N PHE B 789 1.30 -10.83 58.16
CA PHE B 789 1.28 -11.23 56.76
C PHE B 789 -0.13 -11.18 56.22
N SER B 790 -0.24 -11.18 54.90
CA SER B 790 -1.52 -11.22 54.21
C SER B 790 -1.39 -12.13 52.99
N PHE B 791 -2.52 -12.73 52.62
CA PHE B 791 -2.61 -13.50 51.38
C PHE B 791 -2.99 -12.52 50.28
N GLY B 792 -2.01 -12.11 49.48
CA GLY B 792 -2.26 -11.15 48.42
C GLY B 792 -2.67 -11.82 47.14
N VAL B 793 -3.77 -11.37 46.57
CA VAL B 793 -4.23 -11.86 45.29
C VAL B 793 -3.57 -11.05 44.19
N THR B 794 -3.46 -11.65 43.01
CA THR B 794 -2.87 -10.98 41.86
C THR B 794 -3.52 -11.53 40.60
N GLN B 795 -4.11 -10.64 39.81
CA GLN B 795 -4.80 -11.02 38.59
C GLN B 795 -3.90 -10.77 37.38
N GLU B 796 -4.01 -11.63 36.39
CA GLU B 796 -3.35 -11.40 35.11
C GLU B 796 -4.12 -12.12 34.02
N TYR B 797 -3.85 -11.74 32.78
CA TYR B 797 -4.56 -12.28 31.64
C TYR B 797 -3.57 -12.55 30.53
N ILE B 798 -3.77 -13.63 29.79
CA ILE B 798 -2.94 -13.94 28.63
C ILE B 798 -3.86 -14.09 27.41
N GLN B 799 -3.58 -13.30 26.38
CA GLN B 799 -4.32 -13.36 25.13
C GLN B 799 -3.77 -14.52 24.31
N THR B 800 -4.34 -15.70 24.51
CA THR B 800 -3.85 -16.90 23.84
C THR B 800 -4.48 -17.15 22.48
N THR B 801 -5.60 -16.49 22.16
CA THR B 801 -6.38 -16.86 20.99
C THR B 801 -7.07 -15.61 20.45
N ILE B 802 -6.50 -15.02 19.40
CA ILE B 802 -7.24 -13.97 18.71
C ILE B 802 -8.43 -14.58 17.98
N GLN B 803 -9.39 -13.72 17.67
CA GLN B 803 -10.67 -14.18 17.14
C GLN B 803 -10.50 -14.63 15.69
N LYS B 804 -10.88 -15.87 15.40
CA LYS B 804 -10.75 -16.41 14.06
C LYS B 804 -11.72 -15.73 13.10
N VAL B 805 -11.22 -15.32 11.95
CA VAL B 805 -12.03 -14.67 10.94
C VAL B 805 -11.77 -15.31 9.58
N THR B 806 -12.79 -15.29 8.74
CA THR B 806 -12.64 -15.61 7.33
C THR B 806 -13.40 -14.56 6.52
N VAL B 807 -13.01 -14.38 5.28
CA VAL B 807 -13.57 -13.33 4.43
C VAL B 807 -13.75 -13.86 3.02
N ASP B 808 -14.88 -13.52 2.42
CA ASP B 808 -15.10 -13.81 1.01
C ASP B 808 -14.48 -12.70 0.17
N CYS B 809 -13.83 -13.10 -0.91
CA CYS B 809 -13.12 -12.13 -1.74
C CYS B 809 -14.09 -11.35 -2.62
N LYS B 810 -14.80 -12.05 -3.50
CA LYS B 810 -15.59 -11.36 -4.53
C LYS B 810 -16.80 -10.67 -3.94
N GLN B 811 -17.37 -11.18 -2.85
CA GLN B 811 -18.53 -10.52 -2.25
C GLN B 811 -18.13 -9.21 -1.58
N TYR B 812 -17.02 -9.23 -0.84
CA TYR B 812 -16.57 -8.01 -0.16
C TYR B 812 -16.08 -6.98 -1.15
N VAL B 813 -15.21 -7.38 -2.09
CA VAL B 813 -14.66 -6.40 -3.00
C VAL B 813 -15.64 -6.00 -4.09
N CYS B 814 -16.57 -6.85 -4.46
CA CYS B 814 -17.18 -6.75 -5.77
C CYS B 814 -18.68 -6.47 -5.73
N ASN B 815 -19.37 -6.89 -4.67
CA ASN B 815 -20.77 -6.56 -4.37
C ASN B 815 -21.76 -7.06 -5.43
N GLY B 816 -21.39 -8.09 -6.19
CA GLY B 816 -22.32 -8.79 -7.05
C GLY B 816 -22.93 -8.02 -8.20
N PHE B 817 -22.11 -7.29 -8.94
CA PHE B 817 -22.53 -6.61 -10.16
C PHE B 817 -21.60 -7.07 -11.28
N GLN B 818 -22.20 -7.53 -12.39
CA GLN B 818 -21.52 -8.48 -13.28
C GLN B 818 -20.27 -7.89 -13.93
N LYS B 819 -20.27 -6.58 -14.20
CA LYS B 819 -19.08 -5.95 -14.76
C LYS B 819 -17.91 -5.98 -13.79
N CYS B 820 -18.19 -5.93 -12.49
CA CYS B 820 -17.14 -6.08 -11.49
C CYS B 820 -16.50 -7.48 -11.53
N GLU B 821 -17.32 -8.53 -11.64
CA GLU B 821 -16.73 -9.87 -11.76
C GLU B 821 -16.00 -10.03 -13.08
N GLN B 822 -16.45 -9.37 -14.14
CA GLN B 822 -15.69 -9.40 -15.39
C GLN B 822 -14.35 -8.68 -15.22
N LEU B 823 -14.33 -7.61 -14.45
CA LEU B 823 -13.12 -6.83 -14.21
C LEU B 823 -12.26 -7.41 -13.09
N LEU B 824 -12.71 -8.49 -12.45
CA LEU B 824 -11.93 -9.12 -11.40
C LEU B 824 -11.13 -10.32 -11.88
N ARG B 825 -11.56 -10.96 -12.98
CA ARG B 825 -10.95 -12.21 -13.43
C ARG B 825 -9.52 -12.04 -13.91
N GLU B 826 -9.13 -10.83 -14.30
CA GLU B 826 -7.74 -10.61 -14.71
C GLU B 826 -6.80 -10.66 -13.52
N TYR B 827 -7.23 -10.12 -12.37
CA TYR B 827 -6.42 -10.19 -11.17
C TYR B 827 -6.41 -11.60 -10.60
N GLY B 828 -7.57 -12.26 -10.56
CA GLY B 828 -7.66 -13.68 -10.33
C GLY B 828 -7.19 -14.17 -8.97
N GLN B 829 -6.00 -14.77 -8.96
CA GLN B 829 -5.43 -15.51 -7.83
C GLN B 829 -5.12 -14.65 -6.61
N PHE B 830 -5.43 -13.35 -6.62
CA PHE B 830 -5.37 -12.56 -5.39
C PHE B 830 -6.36 -13.10 -4.36
N CYS B 831 -7.55 -13.46 -4.81
CA CYS B 831 -8.54 -14.10 -3.93
C CYS B 831 -8.02 -15.44 -3.41
N SER B 832 -7.34 -16.19 -4.28
CA SER B 832 -6.73 -17.45 -3.86
C SER B 832 -5.69 -17.22 -2.78
N LYS B 833 -4.86 -16.18 -2.95
CA LYS B 833 -3.80 -15.90 -1.97
C LYS B 833 -4.38 -15.48 -0.62
N ILE B 834 -5.40 -14.61 -0.63
CA ILE B 834 -5.96 -14.18 0.64
C ILE B 834 -6.69 -15.33 1.33
N ASN B 835 -7.38 -16.19 0.55
CA ASN B 835 -8.02 -17.35 1.15
C ASN B 835 -7.00 -18.32 1.72
N GLN B 836 -5.87 -18.50 1.03
CA GLN B 836 -4.79 -19.33 1.55
C GLN B 836 -4.26 -18.78 2.86
N ALA B 837 -4.04 -17.46 2.91
CA ALA B 837 -3.47 -16.85 4.12
C ALA B 837 -4.41 -16.98 5.30
N LEU B 838 -5.70 -16.69 5.10
CA LEU B 838 -6.66 -16.82 6.20
C LEU B 838 -6.85 -18.27 6.63
N HIS B 839 -6.87 -19.21 5.68
CA HIS B 839 -7.01 -20.61 6.06
C HIS B 839 -5.80 -21.10 6.84
N GLY B 840 -4.60 -20.69 6.43
CA GLY B 840 -3.40 -21.06 7.18
C GLY B 840 -3.38 -20.46 8.56
N ALA B 841 -3.78 -19.19 8.69
CA ALA B 841 -3.84 -18.55 10.00
C ALA B 841 -4.85 -19.23 10.91
N ASN B 842 -6.00 -19.59 10.37
CA ASN B 842 -7.02 -20.26 11.18
C ASN B 842 -6.56 -21.66 11.60
N LEU B 843 -5.87 -22.38 10.71
CA LEU B 843 -5.35 -23.70 11.09
C LEU B 843 -4.27 -23.58 12.16
N ARG B 844 -3.43 -22.55 12.05
CA ARG B 844 -2.42 -22.30 13.07
C ARG B 844 -3.07 -22.00 14.42
N GLN B 845 -4.12 -21.19 14.41
CA GLN B 845 -4.84 -20.89 15.64
C GLN B 845 -5.46 -22.15 16.22
N ASP B 846 -6.06 -22.99 15.37
CA ASP B 846 -6.76 -24.18 15.84
C ASP B 846 -5.79 -25.19 16.46
N ASP B 847 -4.69 -25.50 15.78
CA ASP B 847 -3.81 -26.49 16.38
C ASP B 847 -2.98 -25.92 17.53
N SER B 848 -2.78 -24.59 17.58
CA SER B 848 -2.19 -24.01 18.79
C SER B 848 -3.12 -24.16 19.98
N VAL B 849 -4.42 -23.91 19.77
CA VAL B 849 -5.41 -24.10 20.83
C VAL B 849 -5.46 -25.56 21.26
N ARG B 850 -5.42 -26.47 20.29
CA ARG B 850 -5.45 -27.90 20.60
C ARG B 850 -4.21 -28.32 21.38
N ASN B 851 -3.04 -27.81 21.01
CA ASN B 851 -1.82 -28.12 21.74
C ASN B 851 -1.87 -27.61 23.17
N LEU B 852 -2.34 -26.37 23.36
CA LEU B 852 -2.41 -25.81 24.70
C LEU B 852 -3.39 -26.58 25.57
N PHE B 853 -4.55 -26.95 25.02
CA PHE B 853 -5.50 -27.68 25.84
C PHE B 853 -5.10 -29.14 26.04
N ALA B 854 -4.30 -29.70 25.14
CA ALA B 854 -3.75 -31.02 25.40
C ALA B 854 -2.72 -30.99 26.52
N SER B 855 -1.90 -29.93 26.56
CA SER B 855 -0.87 -29.85 27.59
C SER B 855 -1.48 -29.59 28.97
N VAL B 856 -2.50 -28.73 29.04
CA VAL B 856 -3.07 -28.38 30.34
C VAL B 856 -3.99 -29.48 30.86
N LYS B 857 -4.40 -30.41 30.00
CA LYS B 857 -5.29 -31.49 30.42
C LYS B 857 -4.60 -32.41 31.42
N SER B 858 -5.12 -32.44 32.64
CA SER B 858 -4.51 -33.22 33.71
C SER B 858 -4.72 -34.71 33.46
N SER B 859 -3.81 -35.50 34.03
CA SER B 859 -3.95 -36.95 33.93
C SER B 859 -5.11 -37.45 34.77
N GLN B 860 -5.20 -36.99 36.02
CA GLN B 860 -6.17 -37.51 36.97
C GLN B 860 -6.70 -36.36 37.82
N SER B 861 -7.90 -36.55 38.36
CA SER B 861 -8.56 -35.49 39.12
C SER B 861 -9.59 -36.11 40.05
N SER B 862 -10.10 -35.28 40.96
CA SER B 862 -11.16 -35.55 41.90
C SER B 862 -12.41 -34.76 41.51
N PRO B 863 -13.61 -35.30 41.74
CA PRO B 863 -14.83 -34.58 41.37
C PRO B 863 -15.03 -33.32 42.21
N ILE B 864 -15.63 -32.33 41.60
CA ILE B 864 -15.96 -31.08 42.27
C ILE B 864 -17.29 -31.25 43.00
N ILE B 865 -17.29 -30.99 44.30
CA ILE B 865 -18.49 -31.10 45.12
C ILE B 865 -18.62 -29.84 45.97
N PRO B 866 -19.84 -29.53 46.41
CA PRO B 866 -19.99 -28.53 47.47
C PRO B 866 -19.25 -28.97 48.72
N GLY B 867 -18.68 -28.00 49.43
CA GLY B 867 -17.70 -28.29 50.45
C GLY B 867 -16.29 -28.40 49.94
N PHE B 868 -16.05 -28.05 48.67
CA PHE B 868 -14.69 -28.02 48.13
C PHE B 868 -13.87 -26.98 48.87
N GLY B 869 -12.69 -27.39 49.33
CA GLY B 869 -11.87 -26.55 50.17
C GLY B 869 -12.21 -26.60 51.63
N GLY B 870 -13.26 -27.33 52.01
CA GLY B 870 -13.63 -27.52 53.40
C GLY B 870 -14.00 -26.24 54.11
N ASP B 871 -13.14 -25.79 55.02
CA ASP B 871 -13.38 -24.54 55.74
C ASP B 871 -13.26 -23.34 54.82
N PHE B 872 -12.47 -23.44 53.77
CA PHE B 872 -12.29 -22.33 52.85
C PHE B 872 -13.52 -22.16 51.97
N ASN B 873 -14.05 -20.94 51.94
CA ASN B 873 -15.22 -20.62 51.11
C ASN B 873 -14.79 -20.22 49.71
N LEU B 874 -14.09 -21.14 49.04
CA LEU B 874 -13.58 -20.93 47.69
C LEU B 874 -14.57 -21.36 46.61
N THR B 875 -15.86 -21.45 46.96
CA THR B 875 -16.87 -21.95 46.05
C THR B 875 -17.15 -21.01 44.88
N LEU B 876 -16.60 -19.79 44.90
CA LEU B 876 -16.66 -18.93 43.73
C LEU B 876 -15.96 -19.56 42.55
N LEU B 877 -14.83 -20.22 42.80
CA LEU B 877 -14.16 -20.99 41.75
C LEU B 877 -14.98 -22.21 41.35
N GLU B 878 -15.77 -22.76 42.28
CA GLU B 878 -16.55 -23.95 41.99
C GLU B 878 -17.65 -23.63 40.99
N PRO B 879 -17.76 -24.36 39.89
CA PRO B 879 -18.82 -24.09 38.92
C PRO B 879 -20.11 -24.83 39.23
N VAL B 880 -21.22 -24.10 39.23
CA VAL B 880 -22.53 -24.69 39.45
C VAL B 880 -23.60 -23.83 38.79
N ALA B 889 -21.38 -26.42 33.40
CA ALA B 889 -21.66 -25.01 33.65
C ALA B 889 -20.39 -24.26 34.03
N ARG B 890 -20.39 -22.95 33.81
CA ARG B 890 -19.23 -22.13 34.12
C ARG B 890 -19.18 -21.79 35.60
N SER B 891 -18.02 -21.31 36.04
CA SER B 891 -17.87 -20.83 37.40
C SER B 891 -18.52 -19.45 37.55
N ALA B 892 -18.80 -19.10 38.81
CA ALA B 892 -19.43 -17.81 39.08
C ALA B 892 -18.51 -16.66 38.72
N ILE B 893 -17.21 -16.82 38.96
CA ILE B 893 -16.25 -15.80 38.55
C ILE B 893 -16.23 -15.66 37.05
N GLU B 894 -16.33 -16.78 36.33
CA GLU B 894 -16.36 -16.75 34.87
C GLU B 894 -17.59 -16.02 34.36
N ASP B 895 -18.76 -16.30 34.94
CA ASP B 895 -19.98 -15.64 34.49
C ASP B 895 -19.96 -14.16 34.83
N LEU B 896 -19.44 -13.80 36.01
CA LEU B 896 -19.33 -12.39 36.38
C LEU B 896 -18.36 -11.66 35.47
N LEU B 897 -17.28 -12.33 35.09
CA LEU B 897 -16.31 -11.73 34.18
C LEU B 897 -16.90 -11.55 32.79
N PHE B 898 -17.71 -12.51 32.33
CA PHE B 898 -18.43 -12.33 31.07
C PHE B 898 -19.41 -11.19 31.15
N ASP B 899 -20.08 -11.04 32.30
CA ASP B 899 -21.11 -10.01 32.45
C ASP B 899 -20.50 -8.62 32.49
N LYS B 900 -19.38 -8.45 33.20
CA LYS B 900 -18.82 -7.12 33.40
C LYS B 900 -18.03 -6.60 32.22
N VAL B 901 -17.82 -7.40 31.18
CA VAL B 901 -17.03 -7.01 30.03
C VAL B 901 -17.98 -6.88 28.83
N THR B 902 -17.80 -5.80 28.06
CA THR B 902 -18.66 -5.51 26.93
C THR B 902 -18.43 -6.55 25.85
N ILE B 903 -19.31 -7.55 25.80
CA ILE B 903 -19.20 -8.68 24.89
C ILE B 903 -20.50 -8.80 24.12
N ALA B 904 -20.41 -8.92 22.80
CA ALA B 904 -21.56 -9.19 21.96
C ALA B 904 -21.52 -10.66 21.53
N ASP B 905 -22.66 -11.34 21.67
CA ASP B 905 -22.72 -12.75 21.31
C ASP B 905 -22.57 -12.91 19.80
N PRO B 906 -21.75 -13.87 19.34
CA PRO B 906 -21.48 -13.97 17.90
C PRO B 906 -22.55 -14.74 17.13
N GLY B 907 -23.83 -14.46 17.42
CA GLY B 907 -24.99 -14.95 16.69
C GLY B 907 -25.01 -16.42 16.30
N TYR B 908 -24.50 -17.29 17.17
CA TYR B 908 -24.33 -18.70 16.82
C TYR B 908 -25.64 -19.45 16.75
N MET B 909 -26.70 -18.95 17.39
CA MET B 909 -28.01 -19.58 17.34
C MET B 909 -28.97 -18.86 16.42
N GLN B 910 -29.20 -17.56 16.63
CA GLN B 910 -30.18 -16.81 15.88
C GLN B 910 -29.60 -15.53 15.26
N GLY B 911 -28.35 -15.58 14.82
CA GLY B 911 -27.70 -14.39 14.29
C GLY B 911 -28.39 -13.84 13.04
N TYR B 912 -28.50 -14.67 12.01
CA TYR B 912 -29.32 -14.32 10.86
C TYR B 912 -30.78 -14.18 11.25
N ASP B 913 -31.23 -14.96 12.23
CA ASP B 913 -32.63 -14.87 12.66
C ASP B 913 -32.92 -13.55 13.38
N ASP B 914 -31.97 -13.03 14.17
CA ASP B 914 -32.20 -11.70 14.73
C ASP B 914 -32.01 -10.62 13.69
N CYS B 915 -31.17 -10.86 12.68
CA CYS B 915 -31.06 -9.92 11.57
C CYS B 915 -32.34 -9.88 10.73
N MET B 916 -33.14 -10.95 10.74
CA MET B 916 -34.45 -10.90 10.10
C MET B 916 -35.38 -9.86 10.71
N GLN B 917 -35.25 -9.57 12.01
CA GLN B 917 -36.20 -8.69 12.66
C GLN B 917 -35.54 -7.42 13.19
N GLN B 918 -34.26 -7.50 13.55
CA GLN B 918 -33.56 -6.35 14.11
C GLN B 918 -32.06 -6.44 13.84
N LEU B 926 -23.66 -5.01 16.11
CA LEU B 926 -22.46 -5.09 15.30
C LEU B 926 -22.26 -6.50 14.77
N ILE B 927 -22.66 -7.49 15.58
CA ILE B 927 -22.61 -8.88 15.14
C ILE B 927 -23.61 -9.13 14.02
N CYS B 928 -24.79 -8.52 14.10
CA CYS B 928 -25.75 -8.59 13.01
C CYS B 928 -25.21 -7.93 11.74
N ALA B 929 -24.28 -6.98 11.88
CA ALA B 929 -23.53 -6.44 10.74
C ALA B 929 -22.34 -7.35 10.45
N GLN B 930 -22.66 -8.58 10.03
CA GLN B 930 -21.64 -9.56 9.63
C GLN B 930 -21.58 -9.78 8.13
N TYR B 931 -22.71 -9.67 7.44
CA TYR B 931 -22.79 -9.93 6.02
C TYR B 931 -22.64 -8.66 5.18
N VAL B 932 -22.97 -7.49 5.75
CA VAL B 932 -23.01 -6.23 5.01
C VAL B 932 -21.63 -5.90 4.44
N ALA B 933 -20.57 -6.29 5.14
CA ALA B 933 -19.24 -6.26 4.54
C ALA B 933 -18.91 -7.59 3.88
N GLY B 934 -19.25 -8.69 4.53
CA GLY B 934 -19.00 -10.02 4.01
C GLY B 934 -17.81 -10.66 4.69
N TYR B 935 -18.09 -11.45 5.71
CA TYR B 935 -17.12 -12.15 6.55
C TYR B 935 -17.89 -13.03 7.51
N LYS B 936 -17.21 -14.06 8.02
CA LYS B 936 -17.80 -14.96 9.00
C LYS B 936 -16.86 -15.06 10.20
N VAL B 937 -17.40 -14.81 11.39
CA VAL B 937 -16.69 -15.11 12.62
C VAL B 937 -16.80 -16.62 12.85
N LEU B 938 -15.67 -17.30 12.87
CA LEU B 938 -15.69 -18.73 13.08
C LEU B 938 -16.05 -19.04 14.52
N PRO B 939 -16.81 -20.12 14.77
CA PRO B 939 -17.02 -20.55 16.15
C PRO B 939 -15.72 -21.06 16.74
N PRO B 940 -15.56 -20.98 18.07
CA PRO B 940 -14.34 -21.45 18.69
C PRO B 940 -14.19 -22.96 18.56
N LEU B 941 -12.94 -23.41 18.62
CA LEU B 941 -12.63 -24.82 18.43
C LEU B 941 -13.22 -25.69 19.54
N MET B 942 -13.24 -25.19 20.77
CA MET B 942 -13.82 -25.88 21.90
C MET B 942 -15.15 -25.23 22.29
N ASP B 943 -16.08 -26.07 22.76
CA ASP B 943 -17.31 -25.57 23.33
C ASP B 943 -17.02 -24.88 24.66
N VAL B 944 -17.92 -23.98 25.05
CA VAL B 944 -17.85 -23.38 26.38
C VAL B 944 -18.02 -24.44 27.45
N ASN B 945 -18.79 -25.50 27.17
CA ASN B 945 -18.87 -26.62 28.11
C ASN B 945 -17.57 -27.41 28.14
N MET B 946 -16.85 -27.46 27.02
CA MET B 946 -15.54 -28.11 27.02
C MET B 946 -14.56 -27.31 27.85
N GLU B 947 -14.63 -25.98 27.77
CA GLU B 947 -13.86 -25.13 28.67
C GLU B 947 -14.25 -25.35 30.11
N ALA B 948 -15.54 -25.56 30.37
CA ALA B 948 -16.01 -25.82 31.73
C ALA B 948 -15.43 -27.14 32.24
N ALA B 949 -15.39 -28.16 31.39
CA ALA B 949 -14.81 -29.44 31.79
C ALA B 949 -13.32 -29.31 32.07
N TYR B 950 -12.59 -28.56 31.24
CA TYR B 950 -11.17 -28.36 31.50
C TYR B 950 -10.93 -27.59 32.79
N THR B 951 -11.68 -26.52 33.02
CA THR B 951 -11.50 -25.73 34.23
C THR B 951 -11.88 -26.54 35.46
N SER B 952 -12.92 -27.37 35.35
CA SER B 952 -13.28 -28.26 36.45
C SER B 952 -12.19 -29.27 36.73
N SER B 953 -11.57 -29.82 35.67
CA SER B 953 -10.48 -30.76 35.84
C SER B 953 -9.30 -30.11 36.57
N LEU B 954 -8.93 -28.90 36.14
CA LEU B 954 -7.83 -28.19 36.80
C LEU B 954 -8.16 -27.84 38.25
N LEU B 955 -9.39 -27.39 38.51
CA LEU B 955 -9.74 -27.00 39.88
C LEU B 955 -9.82 -28.21 40.80
N GLY B 956 -10.28 -29.34 40.29
CA GLY B 956 -10.32 -30.54 41.10
C GLY B 956 -9.02 -31.32 41.15
N SER B 957 -8.06 -30.97 40.31
CA SER B 957 -6.79 -31.67 40.29
C SER B 957 -5.63 -30.87 40.87
N ILE B 958 -5.79 -29.56 41.03
CA ILE B 958 -4.69 -28.74 41.52
C ILE B 958 -4.38 -29.03 42.98
N ALA B 959 -5.37 -29.48 43.76
CA ALA B 959 -5.08 -29.92 45.12
C ALA B 959 -4.24 -31.18 45.12
N GLY B 960 -4.37 -32.01 44.09
CA GLY B 960 -3.69 -33.29 44.07
C GLY B 960 -2.32 -33.26 43.46
N VAL B 961 -2.16 -32.52 42.35
CA VAL B 961 -0.91 -32.53 41.62
C VAL B 961 0.19 -31.82 42.43
N GLY B 962 -0.19 -30.87 43.27
CA GLY B 962 0.79 -30.07 43.98
C GLY B 962 1.31 -30.67 45.28
N TRP B 963 1.72 -31.93 45.25
CA TRP B 963 2.37 -32.52 46.41
C TRP B 963 3.64 -33.30 46.11
N THR B 964 3.85 -33.78 44.89
CA THR B 964 4.99 -34.63 44.58
C THR B 964 5.55 -34.25 43.22
N ALA B 965 6.88 -34.21 43.12
CA ALA B 965 7.54 -33.98 41.85
C ALA B 965 7.24 -35.12 40.88
N GLY B 966 7.03 -34.77 39.61
CA GLY B 966 6.65 -35.74 38.62
C GLY B 966 5.14 -35.96 38.60
N LEU B 967 4.55 -35.95 37.41
CA LEU B 967 3.10 -36.08 37.26
C LEU B 967 2.65 -37.53 37.14
N SER B 968 3.47 -38.48 37.63
CA SER B 968 3.11 -39.89 37.51
C SER B 968 1.93 -40.24 38.41
N SER B 969 2.00 -39.84 39.67
CA SER B 969 0.94 -40.13 40.62
C SER B 969 0.02 -38.92 40.78
N PHE B 970 -1.12 -39.15 41.42
CA PHE B 970 -2.05 -38.07 41.74
C PHE B 970 -2.48 -38.23 43.19
N ALA B 971 -2.55 -37.09 43.89
CA ALA B 971 -2.45 -37.06 45.35
C ALA B 971 -3.55 -36.18 45.95
N ALA B 972 -4.81 -36.50 45.65
CA ALA B 972 -5.93 -35.62 46.01
C ALA B 972 -6.15 -35.59 47.52
N ILE B 973 -5.28 -34.87 48.21
CA ILE B 973 -5.39 -34.61 49.64
C ILE B 973 -6.48 -33.55 49.79
N PRO B 974 -7.16 -33.46 50.93
CA PRO B 974 -8.01 -32.29 51.18
C PRO B 974 -7.25 -30.98 51.07
N PHE B 975 -7.97 -29.93 50.64
CA PHE B 975 -7.36 -28.67 50.26
C PHE B 975 -6.65 -28.00 51.43
N ALA B 976 -7.20 -28.14 52.64
CA ALA B 976 -6.60 -27.53 53.82
C ALA B 976 -5.21 -28.10 54.07
N GLN B 977 -5.07 -29.42 53.99
CA GLN B 977 -3.75 -30.03 54.17
C GLN B 977 -2.82 -29.69 53.01
N SER B 978 -3.36 -29.48 51.81
CA SER B 978 -2.52 -29.01 50.71
C SER B 978 -1.94 -27.64 51.00
N ILE B 979 -2.76 -26.74 51.55
CA ILE B 979 -2.26 -25.43 51.96
C ILE B 979 -1.27 -25.57 53.10
N PHE B 980 -1.52 -26.52 54.01
CA PHE B 980 -0.59 -26.80 55.11
C PHE B 980 0.78 -27.17 54.57
N TYR B 981 0.82 -28.09 53.60
CA TYR B 981 2.10 -28.53 53.06
C TYR B 981 2.75 -27.45 52.20
N ARG B 982 1.95 -26.64 51.50
CA ARG B 982 2.53 -25.57 50.70
C ARG B 982 3.14 -24.48 51.58
N LEU B 983 2.50 -24.17 52.70
CA LEU B 983 3.08 -23.21 53.63
C LEU B 983 4.25 -23.82 54.40
N ASN B 984 4.27 -25.14 54.54
CA ASN B 984 5.50 -25.80 54.98
C ASN B 984 6.60 -25.58 53.95
N GLY B 985 6.26 -25.63 52.67
CA GLY B 985 7.25 -25.49 51.61
C GLY B 985 7.87 -24.12 51.50
N VAL B 986 7.21 -23.08 52.05
CA VAL B 986 7.74 -21.73 51.93
C VAL B 986 8.61 -21.36 53.13
N GLY B 987 8.63 -22.17 54.17
CA GLY B 987 9.48 -21.87 55.31
C GLY B 987 8.74 -21.30 56.49
N ILE B 988 7.58 -21.88 56.82
CA ILE B 988 6.83 -21.51 58.02
C ILE B 988 6.72 -22.76 58.87
N THR B 989 6.99 -22.63 60.17
CA THR B 989 7.07 -23.79 61.04
C THR B 989 5.69 -24.40 61.26
N GLN B 990 5.69 -25.68 61.66
CA GLN B 990 4.46 -26.41 61.86
C GLN B 990 3.76 -26.04 63.15
N GLN B 991 4.45 -25.37 64.07
CA GLN B 991 3.83 -24.95 65.32
C GLN B 991 2.74 -23.93 65.07
N VAL B 992 3.06 -22.86 64.34
CA VAL B 992 2.08 -21.82 64.10
C VAL B 992 0.96 -22.31 63.19
N LEU B 993 1.27 -23.18 62.22
CA LEU B 993 0.22 -23.78 61.41
C LEU B 993 -0.67 -24.68 62.25
N SER B 994 -0.10 -25.37 63.24
CA SER B 994 -0.90 -26.12 64.19
C SER B 994 -1.73 -25.21 65.09
N GLU B 995 -1.29 -23.98 65.30
CA GLU B 995 -1.93 -23.10 66.26
C GLU B 995 -2.78 -22.01 65.62
N ASN B 996 -2.55 -21.66 64.37
CA ASN B 996 -3.19 -20.46 63.83
C ASN B 996 -3.97 -20.77 62.56
N GLN B 997 -4.82 -21.80 62.60
CA GLN B 997 -5.58 -22.19 61.42
C GLN B 997 -6.70 -21.20 61.12
N LYS B 998 -7.38 -20.72 62.16
CA LYS B 998 -8.59 -19.91 61.96
C LYS B 998 -8.27 -18.57 61.31
N LEU B 999 -7.21 -17.89 61.77
CA LEU B 999 -6.91 -16.57 61.23
C LEU B 999 -6.40 -16.66 59.80
N ILE B 1000 -5.59 -17.67 59.47
CA ILE B 1000 -5.13 -17.80 58.10
C ILE B 1000 -6.27 -18.22 57.18
N ALA B 1001 -7.22 -19.02 57.70
CA ALA B 1001 -8.39 -19.37 56.92
C ALA B 1001 -9.24 -18.13 56.63
N ASN B 1002 -9.43 -17.28 57.65
CA ASN B 1002 -10.18 -16.04 57.45
C ASN B 1002 -9.45 -15.11 56.50
N LYS B 1003 -8.12 -15.07 56.57
CA LYS B 1003 -7.34 -14.21 55.69
C LYS B 1003 -7.47 -14.66 54.25
N PHE B 1004 -7.35 -15.97 54.00
CA PHE B 1004 -7.50 -16.49 52.65
C PHE B 1004 -8.91 -16.27 52.13
N ASN B 1005 -9.91 -16.47 52.99
CA ASN B 1005 -11.30 -16.29 52.59
C ASN B 1005 -11.60 -14.84 52.23
N GLN B 1006 -11.14 -13.90 53.06
CA GLN B 1006 -11.40 -12.49 52.76
C GLN B 1006 -10.55 -12.02 51.58
N ALA B 1007 -9.40 -12.64 51.36
CA ALA B 1007 -8.60 -12.32 50.18
C ALA B 1007 -9.33 -12.72 48.91
N LEU B 1008 -9.91 -13.91 48.88
CA LEU B 1008 -10.68 -14.32 47.71
C LEU B 1008 -12.04 -13.63 47.63
N GLY B 1009 -12.53 -13.08 48.75
CA GLY B 1009 -13.78 -12.34 48.69
C GLY B 1009 -13.62 -10.88 48.33
N ALA B 1010 -12.42 -10.32 48.49
CA ALA B 1010 -12.23 -8.91 48.20
C ALA B 1010 -12.16 -8.63 46.70
N MET B 1011 -11.82 -9.61 45.89
CA MET B 1011 -11.59 -9.37 44.48
C MET B 1011 -12.88 -9.21 43.67
N GLN B 1012 -14.03 -9.64 44.21
CA GLN B 1012 -15.28 -9.49 43.48
C GLN B 1012 -15.66 -8.02 43.33
N THR B 1013 -15.53 -7.25 44.40
CA THR B 1013 -15.81 -5.82 44.36
C THR B 1013 -14.73 -5.02 43.65
N GLY B 1014 -13.56 -5.61 43.43
CA GLY B 1014 -12.50 -4.95 42.69
C GLY B 1014 -12.61 -5.05 41.19
N PHE B 1015 -13.73 -5.56 40.69
CA PHE B 1015 -13.96 -5.74 39.26
C PHE B 1015 -14.28 -4.38 38.64
N THR B 1016 -13.22 -3.65 38.30
CA THR B 1016 -13.33 -2.29 37.78
C THR B 1016 -12.07 -1.99 36.97
N THR B 1017 -11.83 -0.69 36.72
CA THR B 1017 -10.68 -0.27 35.93
C THR B 1017 -9.36 -0.58 36.63
N THR B 1018 -9.38 -0.71 37.95
CA THR B 1018 -8.16 -0.94 38.71
C THR B 1018 -7.54 -2.30 38.37
N ASN B 1019 -8.36 -3.30 38.09
CA ASN B 1019 -7.88 -4.59 37.64
C ASN B 1019 -7.24 -4.44 36.26
N GLU B 1020 -5.91 -4.52 36.20
CA GLU B 1020 -5.22 -4.39 34.93
C GLU B 1020 -5.56 -5.54 33.98
N ALA B 1021 -5.92 -6.69 34.53
CA ALA B 1021 -6.34 -7.83 33.72
C ALA B 1021 -7.61 -7.51 32.94
N PHE B 1022 -8.57 -6.84 33.57
CA PHE B 1022 -9.76 -6.41 32.83
C PHE B 1022 -9.42 -5.39 31.78
N GLN B 1023 -8.45 -4.50 32.06
CA GLN B 1023 -8.04 -3.53 31.06
C GLN B 1023 -7.46 -4.23 29.83
N LYS B 1024 -6.63 -5.25 30.06
CA LYS B 1024 -6.04 -6.00 28.96
C LYS B 1024 -7.08 -6.80 28.19
N VAL B 1025 -8.02 -7.43 28.90
CA VAL B 1025 -9.12 -8.13 28.23
C VAL B 1025 -9.94 -7.15 27.40
N GLN B 1026 -10.20 -5.97 27.96
CA GLN B 1026 -11.05 -4.99 27.31
C GLN B 1026 -10.42 -4.48 26.02
N ASP B 1027 -9.14 -4.12 26.04
CA ASP B 1027 -8.62 -3.58 24.78
C ASP B 1027 -8.23 -4.71 23.83
N ALA B 1028 -8.11 -5.94 24.31
CA ALA B 1028 -7.99 -7.06 23.37
C ALA B 1028 -9.30 -7.29 22.61
N VAL B 1029 -10.42 -7.28 23.34
CA VAL B 1029 -11.73 -7.39 22.69
C VAL B 1029 -11.97 -6.19 21.78
N ASN B 1030 -11.55 -5.01 22.23
CA ASN B 1030 -11.64 -3.81 21.39
C ASN B 1030 -10.74 -3.91 20.17
N ASN B 1031 -9.59 -4.57 20.29
CA ASN B 1031 -8.72 -4.78 19.14
C ASN B 1031 -9.37 -5.67 18.10
N ASN B 1032 -10.02 -6.76 18.56
CA ASN B 1032 -10.78 -7.58 17.62
C ASN B 1032 -11.93 -6.80 17.00
N ALA B 1033 -12.63 -6.00 17.80
CA ALA B 1033 -13.75 -5.23 17.30
C ALA B 1033 -13.31 -4.20 16.27
N GLN B 1034 -12.19 -3.51 16.51
CA GLN B 1034 -11.73 -2.51 15.56
C GLN B 1034 -11.10 -3.18 14.34
N ALA B 1035 -10.55 -4.39 14.50
CA ALA B 1035 -10.07 -5.13 13.35
C ALA B 1035 -11.22 -5.48 12.42
N LEU B 1036 -12.34 -5.91 12.98
CA LEU B 1036 -13.52 -6.16 12.15
C LEU B 1036 -14.12 -4.87 11.61
N SER B 1037 -14.07 -3.79 12.39
CA SER B 1037 -14.59 -2.51 11.94
C SER B 1037 -13.75 -1.89 10.84
N LYS B 1038 -12.48 -2.26 10.73
CA LYS B 1038 -11.66 -1.83 9.60
C LYS B 1038 -12.22 -2.38 8.30
N LEU B 1039 -12.64 -3.65 8.30
CA LEU B 1039 -13.30 -4.21 7.13
C LEU B 1039 -14.67 -3.59 6.93
N ALA B 1040 -15.45 -3.50 8.00
CA ALA B 1040 -16.85 -3.07 7.88
C ALA B 1040 -16.99 -1.58 7.57
N SER B 1041 -15.94 -0.79 7.76
CA SER B 1041 -16.03 0.65 7.61
C SER B 1041 -15.39 1.16 6.33
N GLU B 1042 -14.35 0.50 5.83
CA GLU B 1042 -13.58 1.04 4.73
C GLU B 1042 -14.23 0.79 3.37
N LEU B 1043 -15.39 0.11 3.35
CA LEU B 1043 -16.17 0.04 2.12
C LEU B 1043 -16.64 1.42 1.68
N SER B 1044 -16.98 2.28 2.63
CA SER B 1044 -17.44 3.63 2.31
C SER B 1044 -16.34 4.49 1.70
N ASN B 1045 -15.07 4.10 1.89
CA ASN B 1045 -13.97 4.82 1.25
C ASN B 1045 -14.05 4.68 -0.26
N THR B 1046 -13.65 5.75 -0.95
CA THR B 1046 -13.76 5.81 -2.40
C THR B 1046 -12.44 5.63 -3.12
N PHE B 1047 -11.33 5.97 -2.45
CA PHE B 1047 -9.97 5.86 -3.02
C PHE B 1047 -9.84 6.61 -4.35
N GLY B 1048 -10.40 7.82 -4.39
CA GLY B 1048 -10.38 8.62 -5.60
C GLY B 1048 -11.60 8.47 -6.48
N ALA B 1049 -12.45 7.49 -6.23
CA ALA B 1049 -13.70 7.37 -6.97
C ALA B 1049 -14.71 8.39 -6.46
N ILE B 1050 -15.85 8.45 -7.15
CA ILE B 1050 -16.89 9.40 -6.75
C ILE B 1050 -17.99 8.75 -5.92
N SER B 1051 -18.07 7.42 -5.90
CA SER B 1051 -19.07 6.73 -5.11
C SER B 1051 -18.50 5.39 -4.64
N ALA B 1052 -18.89 5.00 -3.44
CA ALA B 1052 -18.42 3.74 -2.86
C ALA B 1052 -19.24 2.55 -3.31
N SER B 1053 -20.39 2.76 -3.95
CA SER B 1053 -21.25 1.67 -4.40
C SER B 1053 -20.98 1.40 -5.87
N ILE B 1054 -20.62 0.14 -6.17
CA ILE B 1054 -20.36 -0.25 -7.55
C ILE B 1054 -21.64 -0.20 -8.37
N GLY B 1055 -22.75 -0.63 -7.77
CA GLY B 1055 -24.03 -0.59 -8.48
C GLY B 1055 -24.48 0.83 -8.78
N ASP B 1056 -24.24 1.76 -7.84
CA ASP B 1056 -24.54 3.15 -8.12
C ASP B 1056 -23.62 3.72 -9.19
N ILE B 1057 -22.38 3.26 -9.24
CA ILE B 1057 -21.46 3.68 -10.30
C ILE B 1057 -21.95 3.20 -11.66
N ILE B 1058 -22.37 1.94 -11.75
CA ILE B 1058 -22.86 1.41 -13.00
C ILE B 1058 -24.23 1.97 -13.37
N GLN B 1059 -24.98 2.49 -12.39
CA GLN B 1059 -26.28 3.06 -12.69
C GLN B 1059 -26.19 4.56 -12.98
N ARG B 1060 -25.09 5.21 -12.62
CA ARG B 1060 -24.88 6.62 -12.97
C ARG B 1060 -24.00 6.84 -14.19
N LEU B 1061 -22.97 6.04 -14.41
CA LEU B 1061 -21.91 6.38 -15.34
C LEU B 1061 -21.91 5.46 -16.55
N ASP B 1062 -21.10 5.84 -17.55
CA ASP B 1062 -20.87 5.14 -18.80
C ASP B 1062 -19.67 4.19 -18.62
N PRO B 1063 -19.65 3.06 -19.33
CA PRO B 1063 -18.63 2.00 -19.09
C PRO B 1063 -17.17 2.45 -19.21
N PRO B 1064 -16.77 3.31 -20.17
CA PRO B 1064 -15.32 3.62 -20.26
C PRO B 1064 -14.71 4.27 -19.02
N GLU B 1065 -15.45 5.10 -18.30
CA GLU B 1065 -14.92 5.69 -17.08
C GLU B 1065 -15.18 4.83 -15.84
N GLN B 1066 -16.24 4.02 -15.85
CA GLN B 1066 -16.45 3.15 -14.71
C GLN B 1066 -15.44 2.00 -14.69
N ASP B 1067 -14.82 1.70 -15.83
CA ASP B 1067 -13.69 0.77 -15.82
C ASP B 1067 -12.58 1.27 -14.91
N ALA B 1068 -12.18 2.53 -15.09
CA ALA B 1068 -11.14 3.11 -14.24
C ALA B 1068 -11.62 3.27 -12.81
N GLN B 1069 -12.88 3.68 -12.61
CA GLN B 1069 -13.39 3.87 -11.25
C GLN B 1069 -13.44 2.56 -10.48
N ILE B 1070 -13.98 1.51 -11.11
CA ILE B 1070 -14.04 0.19 -10.49
C ILE B 1070 -12.64 -0.33 -10.24
N ASP B 1071 -11.71 -0.11 -11.18
CA ASP B 1071 -10.33 -0.54 -10.99
C ASP B 1071 -9.69 0.15 -9.79
N ARG B 1072 -9.91 1.45 -9.64
CA ARG B 1072 -9.37 2.18 -8.50
C ARG B 1072 -9.93 1.65 -7.18
N LEU B 1073 -11.25 1.42 -7.13
CA LEU B 1073 -11.83 0.99 -5.86
C LEU B 1073 -11.45 -0.45 -5.53
N ILE B 1074 -11.33 -1.34 -6.52
CA ILE B 1074 -10.95 -2.71 -6.21
C ILE B 1074 -9.46 -2.77 -5.84
N ASN B 1075 -8.64 -1.89 -6.43
CA ASN B 1075 -7.25 -1.82 -5.99
C ASN B 1075 -7.16 -1.35 -4.54
N GLY B 1076 -7.98 -0.36 -4.17
CA GLY B 1076 -8.03 0.06 -2.79
C GLY B 1076 -8.48 -1.04 -1.85
N ARG B 1077 -9.52 -1.78 -2.26
CA ARG B 1077 -10.04 -2.87 -1.43
C ARG B 1077 -9.02 -4.01 -1.29
N LEU B 1078 -8.32 -4.35 -2.36
CA LEU B 1078 -7.29 -5.39 -2.28
C LEU B 1078 -6.11 -4.95 -1.42
N THR B 1079 -5.71 -3.67 -1.51
CA THR B 1079 -4.65 -3.21 -0.62
C THR B 1079 -5.09 -3.24 0.84
N THR B 1080 -6.34 -2.85 1.10
CA THR B 1080 -6.90 -2.94 2.44
C THR B 1080 -6.89 -4.38 2.94
N LEU B 1081 -7.31 -5.31 2.08
CA LEU B 1081 -7.34 -6.71 2.48
C LEU B 1081 -5.95 -7.29 2.69
N ASN B 1082 -4.96 -6.86 1.90
CA ASN B 1082 -3.60 -7.31 2.12
C ASN B 1082 -3.05 -6.79 3.44
N ALA B 1083 -3.34 -5.52 3.77
CA ALA B 1083 -2.95 -4.99 5.07
C ALA B 1083 -3.63 -5.75 6.20
N PHE B 1084 -4.90 -6.11 6.00
CA PHE B 1084 -5.61 -6.90 7.00
C PHE B 1084 -5.01 -8.30 7.14
N VAL B 1085 -4.55 -8.88 6.03
CA VAL B 1085 -3.89 -10.17 6.07
C VAL B 1085 -2.60 -10.09 6.90
N ALA B 1086 -1.81 -9.04 6.66
CA ALA B 1086 -0.57 -8.86 7.42
C ALA B 1086 -0.86 -8.64 8.89
N GLN B 1087 -1.87 -7.85 9.20
CA GLN B 1087 -2.26 -7.60 10.59
C GLN B 1087 -2.72 -8.88 11.27
N GLN B 1088 -3.52 -9.68 10.57
CA GLN B 1088 -3.99 -10.95 11.11
C GLN B 1088 -2.83 -11.91 11.33
N LEU B 1089 -1.86 -11.92 10.41
CA LEU B 1089 -0.72 -12.82 10.53
C LEU B 1089 0.14 -12.45 11.74
N VAL B 1090 0.43 -11.16 11.92
CA VAL B 1090 1.26 -10.78 13.06
C VAL B 1090 0.50 -10.96 14.37
N ARG B 1091 -0.83 -10.70 14.36
CA ARG B 1091 -1.63 -10.93 15.55
C ARG B 1091 -1.67 -12.41 15.93
N SER B 1092 -1.78 -13.28 14.92
CA SER B 1092 -1.80 -14.72 15.19
C SER B 1092 -0.44 -15.21 15.67
N GLU B 1093 0.64 -14.64 15.13
CA GLU B 1093 1.97 -15.02 15.60
C GLU B 1093 2.18 -14.61 17.05
N SER B 1094 1.77 -13.38 17.40
CA SER B 1094 1.85 -12.96 18.79
C SER B 1094 0.95 -13.80 19.69
N ALA B 1095 -0.21 -14.20 19.16
CA ALA B 1095 -1.12 -15.06 19.92
C ALA B 1095 -0.51 -16.42 20.17
N ALA B 1096 0.20 -16.98 19.19
CA ALA B 1096 0.85 -18.27 19.37
C ALA B 1096 1.98 -18.17 20.38
N LEU B 1097 2.76 -17.09 20.33
CA LEU B 1097 3.82 -16.89 21.33
C LEU B 1097 3.23 -16.75 22.72
N SER B 1098 2.14 -15.99 22.85
CA SER B 1098 1.47 -15.87 24.14
C SER B 1098 0.87 -17.19 24.60
N ALA B 1099 0.40 -18.01 23.65
CA ALA B 1099 -0.12 -19.33 23.99
C ALA B 1099 0.98 -20.23 24.56
N GLN B 1100 2.16 -20.19 23.94
CA GLN B 1100 3.30 -20.95 24.46
C GLN B 1100 3.69 -20.46 25.85
N LEU B 1101 3.69 -19.13 26.04
CA LEU B 1101 4.01 -18.57 27.35
C LEU B 1101 2.97 -18.98 28.40
N ALA B 1102 1.70 -18.99 28.02
CA ALA B 1102 0.63 -19.39 28.92
C ALA B 1102 0.75 -20.87 29.29
N LYS B 1103 1.09 -21.70 28.31
CA LYS B 1103 1.28 -23.12 28.57
C LYS B 1103 2.43 -23.33 29.54
N ASP B 1104 3.53 -22.59 29.35
CA ASP B 1104 4.64 -22.68 30.29
C ASP B 1104 4.25 -22.21 31.69
N LYS B 1105 3.47 -21.13 31.77
CA LYS B 1105 3.09 -20.59 33.08
C LYS B 1105 2.15 -21.53 33.82
N VAL B 1106 1.18 -22.13 33.11
CA VAL B 1106 0.28 -23.06 33.78
C VAL B 1106 0.98 -24.38 34.06
N ASN B 1107 2.05 -24.70 33.32
CA ASN B 1107 2.80 -25.90 33.64
C ASN B 1107 3.81 -25.66 34.76
N GLU B 1108 4.11 -24.42 35.09
CA GLU B 1108 5.08 -24.12 36.14
C GLU B 1108 4.42 -23.89 37.49
N CYS B 1109 3.56 -22.88 37.60
CA CYS B 1109 3.06 -22.43 38.90
C CYS B 1109 1.57 -22.67 39.06
N VAL B 1110 1.03 -23.69 38.39
CA VAL B 1110 -0.35 -24.09 38.63
C VAL B 1110 -0.33 -25.56 39.07
N LYS B 1111 0.25 -26.42 38.25
CA LYS B 1111 0.37 -27.83 38.62
C LYS B 1111 1.42 -28.05 39.70
N ALA B 1112 2.27 -27.08 39.97
CA ALA B 1112 3.29 -27.22 41.01
C ALA B 1112 3.53 -25.86 41.63
N GLN B 1113 4.17 -25.88 42.80
CA GLN B 1113 4.49 -24.66 43.52
C GLN B 1113 5.87 -24.19 43.08
N SER B 1114 5.92 -23.04 42.41
CA SER B 1114 7.18 -22.53 41.90
C SER B 1114 7.97 -21.81 42.98
N LYS B 1115 9.23 -21.51 42.66
CA LYS B 1115 10.08 -20.71 43.52
C LYS B 1115 10.64 -19.48 42.81
N ARG B 1116 10.29 -19.27 41.55
CA ARG B 1116 10.83 -18.14 40.81
C ARG B 1116 10.27 -16.84 41.34
N SER B 1117 11.13 -15.83 41.42
CA SER B 1117 10.79 -14.56 42.04
C SER B 1117 9.83 -13.79 41.15
N GLY B 1118 8.54 -13.85 41.51
CA GLY B 1118 7.53 -13.07 40.82
C GLY B 1118 7.33 -13.44 39.37
N PHE B 1119 7.52 -14.71 39.02
CA PHE B 1119 7.28 -15.13 37.64
C PHE B 1119 5.80 -15.07 37.29
N CYS B 1120 4.95 -15.53 38.20
CA CYS B 1120 3.51 -15.47 37.98
C CYS B 1120 2.75 -14.94 39.18
N GLY B 1121 3.39 -14.76 40.33
CA GLY B 1121 2.75 -14.10 41.44
C GLY B 1121 3.70 -13.14 42.14
N GLN B 1122 3.31 -11.87 42.25
CA GLN B 1122 4.14 -10.90 42.94
C GLN B 1122 4.16 -11.22 44.44
N GLY B 1123 5.35 -11.22 45.01
CA GLY B 1123 5.56 -11.82 46.31
C GLY B 1123 5.92 -13.28 46.14
N THR B 1124 6.10 -13.96 47.26
CA THR B 1124 6.40 -15.38 47.19
C THR B 1124 5.11 -16.14 46.93
N HIS B 1125 5.07 -16.85 45.79
CA HIS B 1125 3.85 -17.51 45.36
C HIS B 1125 3.45 -18.66 46.28
N ILE B 1126 2.15 -18.79 46.51
CA ILE B 1126 1.59 -19.91 47.26
C ILE B 1126 0.78 -20.83 46.34
N VAL B 1127 -0.31 -20.32 45.78
CA VAL B 1127 -1.18 -21.11 44.91
C VAL B 1127 -1.63 -20.25 43.74
N SER B 1128 -2.30 -20.88 42.78
CA SER B 1128 -2.85 -20.20 41.63
C SER B 1128 -4.18 -20.84 41.27
N PHE B 1129 -4.96 -20.14 40.46
CA PHE B 1129 -6.20 -20.66 39.91
C PHE B 1129 -6.36 -20.08 38.50
N VAL B 1130 -7.07 -20.83 37.66
CA VAL B 1130 -7.14 -20.57 36.23
C VAL B 1130 -8.58 -20.69 35.76
N VAL B 1131 -9.03 -19.73 34.94
CA VAL B 1131 -10.32 -19.81 34.28
C VAL B 1131 -10.14 -19.32 32.84
N ASN B 1132 -11.20 -19.47 32.06
CA ASN B 1132 -11.20 -18.98 30.68
C ASN B 1132 -11.40 -17.48 30.68
N ALA B 1133 -11.40 -16.90 29.48
CA ALA B 1133 -11.60 -15.47 29.29
C ALA B 1133 -12.10 -15.27 27.87
N PRO B 1134 -12.96 -14.28 27.63
CA PRO B 1134 -13.73 -14.25 26.36
C PRO B 1134 -12.89 -14.17 25.11
N ASN B 1135 -11.62 -13.80 25.23
CA ASN B 1135 -10.68 -14.00 24.15
C ASN B 1135 -9.54 -14.94 24.51
N GLY B 1136 -9.16 -15.05 25.78
CA GLY B 1136 -7.96 -15.78 26.16
C GLY B 1136 -8.12 -16.53 27.45
N LEU B 1137 -7.10 -16.45 28.31
CA LEU B 1137 -7.08 -17.23 29.54
C LEU B 1137 -6.79 -16.31 30.71
N TYR B 1138 -7.61 -16.41 31.75
CA TYR B 1138 -7.53 -15.55 32.93
C TYR B 1138 -6.88 -16.32 34.07
N PHE B 1139 -5.91 -15.67 34.72
CA PHE B 1139 -5.16 -16.27 35.81
C PHE B 1139 -5.35 -15.41 37.04
N MET B 1140 -5.48 -16.04 38.20
CA MET B 1140 -5.26 -15.32 39.45
C MET B 1140 -4.38 -16.16 40.36
N HIS B 1141 -3.64 -15.48 41.22
CA HIS B 1141 -2.63 -16.13 42.05
C HIS B 1141 -2.75 -15.60 43.46
N VAL B 1142 -2.55 -16.47 44.44
CA VAL B 1142 -2.51 -16.09 45.84
C VAL B 1142 -1.09 -16.30 46.31
N GLY B 1143 -0.48 -15.24 46.85
CA GLY B 1143 0.89 -15.26 47.30
C GLY B 1143 1.04 -14.62 48.67
N TYR B 1144 2.27 -14.68 49.17
CA TYR B 1144 2.59 -14.21 50.50
C TYR B 1144 2.94 -12.72 50.46
N TYR B 1145 2.43 -11.97 51.43
CA TYR B 1145 2.82 -10.57 51.54
C TYR B 1145 3.14 -10.24 53.00
N PRO B 1146 4.41 -10.08 53.33
CA PRO B 1146 4.78 -9.77 54.71
C PRO B 1146 4.49 -8.32 55.06
N SER B 1147 4.45 -8.07 56.37
CA SER B 1147 4.18 -6.74 56.91
C SER B 1147 4.63 -6.72 58.36
N ASN B 1148 4.92 -5.51 58.84
CA ASN B 1148 5.40 -5.27 60.21
C ASN B 1148 6.68 -6.06 60.49
N HIS B 1149 7.71 -5.75 59.71
CA HIS B 1149 9.00 -6.41 59.87
C HIS B 1149 9.72 -5.89 61.11
N ILE B 1150 10.54 -6.76 61.71
CA ILE B 1150 11.35 -6.37 62.85
C ILE B 1150 12.79 -6.83 62.63
N GLU B 1151 13.71 -6.06 63.18
CA GLU B 1151 15.14 -6.36 63.14
C GLU B 1151 15.52 -7.09 64.43
N VAL B 1152 16.31 -8.15 64.28
CA VAL B 1152 16.72 -9.01 65.38
C VAL B 1152 18.18 -9.39 65.18
N VAL B 1153 18.73 -10.10 66.15
CA VAL B 1153 20.12 -10.55 66.11
C VAL B 1153 20.15 -12.05 65.82
N SER B 1154 21.04 -12.46 64.92
CA SER B 1154 21.10 -13.84 64.48
C SER B 1154 22.54 -14.23 64.22
N ALA B 1155 22.76 -15.54 64.08
CA ALA B 1155 24.08 -16.13 63.88
C ALA B 1155 24.11 -16.88 62.55
N TYR B 1156 25.22 -17.57 62.30
CA TYR B 1156 25.39 -18.39 61.11
C TYR B 1156 25.59 -19.86 61.42
N GLY B 1157 25.72 -20.23 62.68
CA GLY B 1157 25.93 -21.62 63.03
C GLY B 1157 26.31 -21.79 64.48
N LEU B 1158 25.93 -22.92 65.08
CA LEU B 1158 26.21 -23.20 66.46
C LEU B 1158 27.26 -24.29 66.56
N CYS B 1159 28.35 -23.99 67.27
CA CYS B 1159 29.46 -24.92 67.42
C CYS B 1159 29.86 -25.00 68.87
N ASP B 1160 30.25 -26.19 69.31
CA ASP B 1160 30.67 -26.38 70.69
C ASP B 1160 32.08 -25.83 70.90
N ALA B 1161 32.28 -25.16 72.04
CA ALA B 1161 33.61 -24.69 72.38
C ALA B 1161 34.57 -25.86 72.61
N ALA B 1162 34.12 -26.89 73.32
CA ALA B 1162 34.98 -28.04 73.58
C ALA B 1162 35.16 -28.89 72.33
N ASN B 1163 34.15 -28.95 71.45
CA ASN B 1163 34.21 -29.72 70.22
C ASN B 1163 33.91 -28.78 69.06
N PRO B 1164 34.93 -28.06 68.58
CA PRO B 1164 34.70 -27.13 67.46
C PRO B 1164 34.33 -27.80 66.15
N THR B 1165 34.63 -29.09 65.99
CA THR B 1165 34.24 -29.80 64.77
C THR B 1165 32.73 -29.91 64.65
N ASN B 1166 32.05 -30.18 65.75
CA ASN B 1166 30.59 -30.30 65.75
C ASN B 1166 29.97 -28.94 65.50
N CYS B 1167 29.44 -28.73 64.30
CA CYS B 1167 28.81 -27.47 63.94
C CYS B 1167 27.51 -27.77 63.21
N ILE B 1168 26.48 -26.97 63.49
CA ILE B 1168 25.18 -27.14 62.87
C ILE B 1168 24.82 -25.85 62.13
N ALA B 1169 23.93 -26.00 61.16
CA ALA B 1169 23.48 -24.93 60.29
C ALA B 1169 21.97 -25.00 60.19
N PRO B 1170 21.29 -23.85 60.05
CA PRO B 1170 19.83 -23.88 60.01
C PRO B 1170 19.31 -24.38 58.67
N VAL B 1171 18.24 -25.16 58.74
CA VAL B 1171 17.61 -25.72 57.55
C VAL B 1171 16.28 -25.01 57.36
N ASN B 1172 16.18 -24.24 56.28
CA ASN B 1172 14.98 -23.47 55.93
C ASN B 1172 14.54 -22.58 57.09
N GLY B 1173 15.52 -21.91 57.69
CA GLY B 1173 15.23 -21.03 58.80
C GLY B 1173 16.48 -20.32 59.27
N TYR B 1174 16.39 -19.73 60.46
CA TYR B 1174 17.49 -18.97 61.02
C TYR B 1174 17.64 -19.28 62.51
N PHE B 1175 18.84 -19.02 63.01
CA PHE B 1175 19.14 -19.16 64.43
C PHE B 1175 18.94 -17.82 65.09
N ILE B 1176 18.04 -17.76 66.06
CA ILE B 1176 17.57 -16.52 66.64
C ILE B 1176 17.90 -16.48 68.13
N LYS B 1177 18.46 -15.35 68.57
CA LYS B 1177 18.67 -15.10 69.99
C LYS B 1177 17.44 -14.40 70.54
N THR B 1178 16.61 -15.12 71.27
CA THR B 1178 15.46 -14.51 71.90
C THR B 1178 15.89 -13.65 73.08
N ASN B 1179 15.01 -12.71 73.44
CA ASN B 1179 15.26 -11.81 74.57
C ASN B 1179 14.16 -11.94 75.61
N ASN B 1180 13.76 -13.17 75.90
CA ASN B 1180 12.74 -13.43 76.91
C ASN B 1180 13.29 -13.20 78.31
N GLU B 1186 21.72 -18.75 75.09
CA GLU B 1186 20.35 -19.22 74.99
C GLU B 1186 19.76 -18.84 73.63
N TRP B 1187 19.90 -19.74 72.66
CA TRP B 1187 19.43 -19.52 71.30
C TRP B 1187 18.15 -20.31 71.06
N SER B 1188 17.59 -20.15 69.86
CA SER B 1188 16.39 -20.84 69.45
C SER B 1188 16.30 -20.76 67.93
N TYR B 1189 15.22 -21.32 67.38
CA TYR B 1189 15.04 -21.41 65.94
C TYR B 1189 13.89 -20.52 65.49
N THR B 1190 14.01 -19.98 64.28
CA THR B 1190 12.90 -19.28 63.65
C THR B 1190 12.78 -19.72 62.20
N GLY B 1191 11.57 -19.60 61.67
CA GLY B 1191 11.33 -19.94 60.28
C GLY B 1191 11.79 -18.85 59.34
N SER B 1192 11.86 -19.21 58.06
CA SER B 1192 12.42 -18.31 57.06
C SER B 1192 11.51 -17.17 56.68
N SER B 1193 10.22 -17.22 57.03
CA SER B 1193 9.34 -16.13 56.63
C SER B 1193 8.34 -15.76 57.73
N PHE B 1194 8.59 -16.15 58.98
CA PHE B 1194 7.73 -15.76 60.08
C PHE B 1194 8.52 -15.80 61.36
N TYR B 1195 8.15 -14.93 62.30
CA TYR B 1195 8.82 -14.85 63.59
C TYR B 1195 8.11 -15.81 64.53
N ALA B 1196 8.66 -17.00 64.66
CA ALA B 1196 8.15 -18.03 65.56
C ALA B 1196 9.31 -18.62 66.35
N PRO B 1197 9.72 -17.98 67.44
CA PRO B 1197 10.79 -18.55 68.27
C PRO B 1197 10.34 -19.83 68.93
N GLU B 1198 11.13 -20.88 68.77
CA GLU B 1198 10.82 -22.18 69.31
C GLU B 1198 12.14 -22.88 69.59
N PRO B 1199 12.19 -23.79 70.57
CA PRO B 1199 13.48 -24.37 70.98
C PRO B 1199 14.11 -25.20 69.87
N ILE B 1200 15.42 -25.03 69.71
CA ILE B 1200 16.13 -25.62 68.58
C ILE B 1200 16.29 -27.12 68.83
N THR B 1201 15.96 -27.91 67.81
CA THR B 1201 16.03 -29.36 67.91
C THR B 1201 16.90 -29.94 66.81
N SER B 1202 16.91 -31.26 66.67
CA SER B 1202 17.65 -31.92 65.61
C SER B 1202 16.87 -32.02 64.31
N LEU B 1203 15.58 -31.72 64.33
CA LEU B 1203 14.73 -31.93 63.17
C LEU B 1203 14.62 -30.70 62.28
N ASN B 1204 15.37 -29.65 62.57
CA ASN B 1204 15.36 -28.44 61.76
C ASN B 1204 16.74 -27.90 61.46
N THR B 1205 17.79 -28.68 61.73
CA THR B 1205 19.15 -28.24 61.48
C THR B 1205 19.96 -29.37 60.87
N LYS B 1206 21.11 -29.03 60.31
CA LYS B 1206 21.96 -30.00 59.62
C LYS B 1206 23.39 -29.81 60.10
N TYR B 1207 24.07 -30.92 60.39
CA TYR B 1207 25.47 -30.86 60.79
C TYR B 1207 26.33 -30.35 59.64
N VAL B 1208 27.21 -29.41 59.94
CA VAL B 1208 27.92 -28.65 58.91
C VAL B 1208 29.39 -28.57 59.28
N ALA B 1209 30.22 -28.34 58.26
CA ALA B 1209 31.67 -28.23 58.46
C ALA B 1209 32.01 -26.99 59.28
N PRO B 1210 33.01 -27.07 60.15
CA PRO B 1210 33.32 -25.92 61.01
C PRO B 1210 34.07 -24.82 60.28
N GLN B 1211 33.85 -23.60 60.75
CA GLN B 1211 34.57 -22.41 60.31
C GLN B 1211 34.73 -21.47 61.51
N VAL B 1212 35.62 -20.49 61.37
CA VAL B 1212 35.77 -19.48 62.40
C VAL B 1212 34.57 -18.53 62.44
N THR B 1213 33.80 -18.47 61.35
CA THR B 1213 32.79 -17.43 61.20
C THR B 1213 31.57 -17.60 62.11
N TYR B 1214 31.33 -18.80 62.64
CA TYR B 1214 30.16 -19.00 63.49
C TYR B 1214 30.49 -18.60 64.93
N GLN B 1215 29.59 -18.93 65.85
CA GLN B 1215 29.69 -18.52 67.24
C GLN B 1215 29.97 -19.74 68.10
N ASN B 1216 31.08 -19.71 68.82
CA ASN B 1216 31.36 -20.74 69.80
C ASN B 1216 30.51 -20.51 71.04
N ILE B 1217 30.02 -21.60 71.63
CA ILE B 1217 29.13 -21.50 72.79
C ILE B 1217 29.39 -22.70 73.69
N SER B 1218 29.37 -22.46 75.00
CA SER B 1218 29.65 -23.52 75.96
C SER B 1218 28.77 -23.45 77.20
N THR B 1219 27.65 -22.72 77.16
CA THR B 1219 26.81 -22.54 78.34
C THR B 1219 25.46 -23.23 78.19
N ASN B 1220 24.69 -22.88 77.16
CA ASN B 1220 23.39 -23.49 76.90
C ASN B 1220 23.48 -24.24 75.58
N LEU B 1221 23.93 -25.48 75.66
CA LEU B 1221 24.16 -26.26 74.45
C LEU B 1221 22.83 -26.81 73.94
N PRO B 1222 22.52 -26.61 72.66
CA PRO B 1222 21.35 -27.24 72.07
C PRO B 1222 21.52 -28.75 72.01
N PRO B 1223 20.42 -29.49 71.99
CA PRO B 1223 20.50 -30.97 71.95
C PRO B 1223 21.23 -31.51 70.73
N PRO B 1224 21.21 -30.85 69.55
CA PRO B 1224 22.18 -31.25 68.52
C PRO B 1224 23.64 -31.07 68.95
N LEU B 1225 23.95 -30.07 69.76
CA LEU B 1225 25.33 -29.89 70.19
C LEU B 1225 25.73 -30.91 71.24
N LEU B 1226 24.78 -31.37 72.04
CA LEU B 1226 25.08 -32.29 73.13
C LEU B 1226 25.46 -33.68 72.62
N VAL C 22 29.42 42.93 -34.39
CA VAL C 22 30.65 42.91 -35.15
C VAL C 22 31.77 43.59 -34.38
N ASP C 23 33.01 43.24 -34.69
CA ASP C 23 34.18 43.79 -34.00
C ASP C 23 35.25 44.09 -35.04
N VAL C 24 36.46 44.36 -34.56
CA VAL C 24 37.54 44.87 -35.39
C VAL C 24 38.67 43.85 -35.47
N GLY C 25 39.45 43.97 -36.53
CA GLY C 25 40.70 43.24 -36.66
C GLY C 25 41.49 43.74 -37.85
N PRO C 26 42.76 44.10 -37.62
CA PRO C 26 43.61 44.57 -38.71
C PRO C 26 44.12 43.42 -39.56
N ASP C 27 44.56 43.78 -40.77
CA ASP C 27 45.27 42.86 -41.65
C ASP C 27 46.72 43.32 -41.74
N SER C 28 47.64 42.49 -41.26
CA SER C 28 49.02 42.93 -41.08
C SER C 28 49.82 42.85 -42.37
N VAL C 29 50.00 41.65 -42.91
CA VAL C 29 50.93 41.41 -44.01
C VAL C 29 50.20 40.72 -45.14
N LYS C 30 50.91 40.58 -46.26
CA LYS C 30 50.40 39.82 -47.40
C LYS C 30 50.35 38.34 -47.05
N SER C 31 49.36 37.66 -47.63
CA SER C 31 49.13 36.25 -47.32
C SER C 31 50.22 35.37 -47.93
N ALA C 32 51.25 35.06 -47.14
CA ALA C 32 52.25 34.06 -47.52
C ALA C 32 52.78 33.44 -46.24
N CYS C 33 52.15 32.32 -45.84
CA CYS C 33 52.50 31.66 -44.59
C CYS C 33 53.89 31.05 -44.67
N ILE C 34 54.60 31.05 -43.54
CA ILE C 34 55.92 30.45 -43.48
C ILE C 34 55.79 28.92 -43.50
N GLU C 35 56.91 28.26 -43.83
CA GLU C 35 56.88 26.82 -44.05
C GLU C 35 56.73 26.06 -42.74
N VAL C 36 55.94 24.99 -42.78
CA VAL C 36 55.66 24.15 -41.63
C VAL C 36 55.74 22.69 -42.06
N ASP C 37 56.52 21.89 -41.33
CA ASP C 37 56.65 20.47 -41.62
C ASP C 37 55.89 19.66 -40.58
N ILE C 38 55.85 18.35 -40.79
CA ILE C 38 55.21 17.40 -39.89
C ILE C 38 56.25 16.38 -39.46
N GLN C 39 56.52 16.32 -38.16
CA GLN C 39 57.47 15.37 -37.60
C GLN C 39 56.88 14.74 -36.33
N GLN C 40 55.65 14.24 -36.43
CA GLN C 40 54.98 13.63 -35.30
C GLN C 40 55.69 12.37 -34.80
N THR C 41 56.54 11.76 -35.63
CA THR C 41 57.37 10.65 -35.17
C THR C 41 58.31 11.11 -34.08
N PHE C 42 58.89 12.31 -34.22
CA PHE C 42 59.74 12.86 -33.18
C PHE C 42 58.95 13.23 -31.93
N PHE C 43 57.66 13.49 -32.09
CA PHE C 43 56.82 13.86 -30.95
C PHE C 43 56.36 12.66 -30.13
N ASP C 44 56.60 11.44 -30.61
CA ASP C 44 56.04 10.25 -30.00
C ASP C 44 56.90 9.80 -28.82
N LYS C 45 56.92 10.65 -27.79
CA LYS C 45 57.47 10.31 -26.49
C LYS C 45 56.34 10.26 -25.48
N THR C 46 56.42 9.28 -24.57
CA THR C 46 55.32 9.01 -23.65
C THR C 46 55.62 9.59 -22.29
N TRP C 47 54.69 10.41 -21.79
CA TRP C 47 54.67 10.86 -20.39
C TRP C 47 53.29 10.49 -19.86
N PRO C 48 53.08 9.23 -19.43
CA PRO C 48 51.75 8.83 -18.95
C PRO C 48 51.49 9.39 -17.56
N ARG C 49 50.45 10.21 -17.44
CA ARG C 49 49.99 10.75 -16.18
C ARG C 49 48.50 10.48 -16.05
N PRO C 50 48.12 9.28 -15.64
CA PRO C 50 46.70 9.00 -15.39
C PRO C 50 46.19 9.79 -14.20
N ILE C 51 44.91 10.14 -14.25
CA ILE C 51 44.33 10.96 -13.20
C ILE C 51 44.12 10.12 -11.94
N ASP C 52 43.91 10.82 -10.83
CA ASP C 52 43.58 10.18 -9.55
C ASP C 52 42.52 11.03 -8.87
N VAL C 53 41.29 10.52 -8.83
CA VAL C 53 40.19 11.29 -8.24
C VAL C 53 40.38 11.40 -6.73
N SER C 54 41.03 10.42 -6.11
CA SER C 54 41.29 10.48 -4.67
C SER C 54 42.24 11.62 -4.31
N LYS C 55 43.16 11.97 -5.21
CA LYS C 55 44.06 13.10 -5.00
C LYS C 55 43.44 14.43 -5.40
N ALA C 56 42.13 14.44 -5.70
CA ALA C 56 41.38 15.62 -6.14
C ALA C 56 42.01 16.24 -7.39
N ASP C 57 42.10 15.42 -8.43
CA ASP C 57 42.68 15.83 -9.71
C ASP C 57 41.56 16.00 -10.73
N GLY C 58 41.30 17.25 -11.11
CA GLY C 58 40.39 17.57 -12.18
C GLY C 58 38.94 17.19 -11.97
N ILE C 59 38.41 17.48 -10.79
CA ILE C 59 37.00 17.25 -10.49
C ILE C 59 36.26 18.58 -10.57
N ILE C 60 35.17 18.60 -11.34
CA ILE C 60 34.37 19.80 -11.47
C ILE C 60 33.67 20.08 -10.14
N TYR C 61 33.36 21.33 -9.91
CA TYR C 61 32.69 21.69 -8.68
C TYR C 61 31.18 21.77 -8.87
N PRO C 62 30.41 21.57 -7.81
CA PRO C 62 29.00 21.98 -7.86
C PRO C 62 28.91 23.48 -8.03
N GLN C 63 28.43 23.91 -9.18
CA GLN C 63 28.62 25.28 -9.64
C GLN C 63 27.83 26.32 -8.85
N GLY C 64 26.90 25.90 -7.99
CA GLY C 64 26.10 26.89 -7.29
C GLY C 64 26.21 26.85 -5.78
N ARG C 65 26.52 25.69 -5.22
CA ARG C 65 26.42 25.47 -3.78
C ARG C 65 27.68 24.79 -3.29
N THR C 66 28.21 25.27 -2.16
CA THR C 66 29.35 24.64 -1.51
C THR C 66 28.94 24.08 -0.15
N TYR C 67 29.80 23.22 0.40
CA TYR C 67 29.53 22.57 1.68
C TYR C 67 30.77 22.61 2.56
N SER C 68 30.75 21.95 3.72
CA SER C 68 31.87 22.03 4.63
C SER C 68 31.92 20.80 5.53
N ASN C 69 33.04 20.07 5.44
CA ASN C 69 33.36 18.93 6.31
C ASN C 69 32.29 17.84 6.25
N ILE C 70 31.72 17.65 5.06
CA ILE C 70 30.69 16.63 4.84
C ILE C 70 31.06 15.87 3.58
N THR C 71 30.78 14.57 3.58
CA THR C 71 30.85 13.75 2.38
C THR C 71 29.49 13.77 1.71
N ILE C 72 29.46 14.13 0.42
CA ILE C 72 28.22 14.25 -0.35
C ILE C 72 28.36 13.44 -1.63
N THR C 73 27.34 12.64 -1.94
CA THR C 73 27.21 12.09 -3.29
C THR C 73 26.58 13.13 -4.20
N TYR C 74 27.17 13.30 -5.37
CA TYR C 74 26.76 14.34 -6.29
C TYR C 74 26.81 13.83 -7.71
N GLN C 75 25.82 14.21 -8.52
CA GLN C 75 25.74 13.82 -9.92
C GLN C 75 26.35 14.93 -10.77
N GLY C 76 27.38 14.59 -11.55
CA GLY C 76 28.05 15.60 -12.34
C GLY C 76 28.73 15.06 -13.58
N LEU C 77 29.61 15.86 -14.17
CA LEU C 77 30.33 15.48 -15.38
C LEU C 77 31.79 15.25 -15.02
N PHE C 78 32.28 14.05 -15.26
CA PHE C 78 33.57 13.62 -14.76
C PHE C 78 34.28 12.77 -15.80
N PRO C 79 35.59 12.62 -15.69
CA PRO C 79 36.30 11.60 -16.47
C PRO C 79 36.36 10.26 -15.75
N TYR C 80 36.50 9.20 -16.55
CA TYR C 80 36.77 7.88 -15.99
C TYR C 80 38.13 7.85 -15.31
N GLN C 81 38.21 7.08 -14.23
CA GLN C 81 39.40 7.05 -13.39
C GLN C 81 40.57 6.39 -14.12
N GLY C 82 41.74 7.00 -13.99
CA GLY C 82 42.98 6.41 -14.45
C GLY C 82 43.09 6.25 -15.95
N ASP C 83 42.67 7.26 -16.70
CA ASP C 83 42.79 7.25 -18.15
C ASP C 83 44.12 7.89 -18.54
N HIS C 84 44.80 7.27 -19.50
CA HIS C 84 46.00 7.88 -20.06
C HIS C 84 45.68 9.17 -20.79
N GLY C 85 44.48 9.27 -21.34
CA GLY C 85 44.04 10.52 -21.93
C GLY C 85 44.62 10.78 -23.30
N ASP C 86 44.84 12.06 -23.59
CA ASP C 86 45.20 12.55 -24.91
C ASP C 86 46.36 13.52 -24.82
N MET C 87 47.44 13.09 -24.17
CA MET C 87 48.61 13.94 -23.95
C MET C 87 49.22 14.41 -25.27
N TYR C 88 49.42 15.71 -25.38
CA TYR C 88 50.08 16.34 -26.51
C TYR C 88 51.18 17.27 -26.00
N VAL C 89 52.14 17.56 -26.86
CA VAL C 89 53.27 18.40 -26.50
C VAL C 89 53.52 19.39 -27.64
N TYR C 90 54.17 20.51 -27.30
CA TYR C 90 54.63 21.50 -28.26
C TYR C 90 56.15 21.52 -28.30
N SER C 91 56.68 22.14 -29.35
CA SER C 91 58.12 22.25 -29.53
C SER C 91 58.43 23.46 -30.40
N ALA C 92 59.69 23.87 -30.37
CA ALA C 92 60.17 24.98 -31.19
C ALA C 92 60.57 24.48 -32.58
N GLY C 93 60.63 25.42 -33.52
CA GLY C 93 60.95 25.09 -34.89
C GLY C 93 62.45 24.94 -35.14
N HIS C 94 62.78 24.61 -36.39
CA HIS C 94 64.17 24.52 -36.78
C HIS C 94 64.82 25.90 -36.79
N ALA C 95 66.12 25.91 -36.50
CA ALA C 95 66.88 27.15 -36.47
C ALA C 95 68.35 26.82 -36.68
N THR C 96 69.07 27.75 -37.30
CA THR C 96 70.51 27.62 -37.52
C THR C 96 71.19 28.76 -36.77
N GLY C 97 71.67 28.45 -35.55
CA GLY C 97 72.25 29.47 -34.71
C GLY C 97 71.22 30.47 -34.24
N THR C 98 71.27 31.69 -34.76
CA THR C 98 70.35 32.75 -34.40
C THR C 98 69.27 32.99 -35.45
N THR C 99 69.17 32.12 -36.46
CA THR C 99 68.26 32.36 -37.57
C THR C 99 67.00 31.54 -37.38
N PRO C 100 65.82 32.16 -37.22
CA PRO C 100 64.58 31.38 -37.09
C PRO C 100 64.15 30.78 -38.43
N GLN C 101 64.32 29.48 -38.57
CA GLN C 101 64.02 28.76 -39.79
C GLN C 101 62.63 28.11 -39.72
N LYS C 102 62.37 27.17 -40.63
CA LYS C 102 61.10 26.44 -40.73
C LYS C 102 60.71 25.80 -39.39
N LEU C 103 59.41 25.61 -39.20
CA LEU C 103 58.86 25.17 -37.92
C LEU C 103 59.17 23.70 -37.68
N PHE C 104 58.65 23.18 -36.56
CA PHE C 104 58.82 21.78 -36.19
C PHE C 104 57.65 21.40 -35.30
N VAL C 105 56.62 20.77 -35.87
CA VAL C 105 55.40 20.40 -35.16
C VAL C 105 54.93 19.04 -35.65
N ALA C 106 53.84 18.56 -35.05
CA ALA C 106 53.23 17.28 -35.38
C ALA C 106 52.04 17.51 -36.31
N ASN C 107 51.25 16.45 -36.52
CA ASN C 107 50.03 16.51 -37.32
C ASN C 107 48.79 16.65 -36.44
N TYR C 108 48.93 17.42 -35.36
CA TYR C 108 47.82 17.64 -34.43
C TYR C 108 46.62 18.29 -35.12
N SER C 109 46.90 19.20 -36.07
CA SER C 109 45.83 19.85 -36.82
C SER C 109 45.07 18.86 -37.70
N GLN C 110 45.67 17.73 -38.04
CA GLN C 110 45.01 16.68 -38.80
C GLN C 110 44.21 15.73 -37.92
N ASP C 111 43.90 16.13 -36.69
CA ASP C 111 43.18 15.29 -35.75
C ASP C 111 42.00 16.07 -35.20
N VAL C 112 40.81 15.48 -35.29
CA VAL C 112 39.59 16.11 -34.81
C VAL C 112 38.77 15.07 -34.06
N LYS C 113 38.20 15.46 -32.93
CA LYS C 113 37.36 14.58 -32.13
C LYS C 113 36.07 15.30 -31.77
N GLN C 114 35.08 14.52 -31.35
CA GLN C 114 33.79 15.07 -30.96
C GLN C 114 33.92 15.86 -29.67
N PHE C 115 33.19 16.98 -29.59
CA PHE C 115 33.23 17.80 -28.38
C PHE C 115 32.68 17.05 -27.18
N ALA C 116 31.62 16.27 -27.38
CA ALA C 116 30.99 15.39 -26.39
C ALA C 116 30.53 16.25 -25.21
N ASN C 117 30.85 15.89 -23.97
CA ASN C 117 30.38 16.61 -22.79
C ASN C 117 31.46 17.51 -22.19
N GLY C 118 32.34 18.05 -23.03
CA GLY C 118 33.45 18.83 -22.54
C GLY C 118 34.56 17.94 -22.01
N PHE C 119 35.66 18.59 -21.62
CA PHE C 119 36.81 17.83 -21.15
C PHE C 119 37.70 18.73 -20.30
N VAL C 120 38.66 18.11 -19.64
CA VAL C 120 39.55 18.77 -18.68
C VAL C 120 40.98 18.66 -19.18
N VAL C 121 41.68 19.79 -19.17
CA VAL C 121 43.07 19.88 -19.59
C VAL C 121 43.90 20.39 -18.42
N ARG C 122 44.97 19.66 -18.09
CA ARG C 122 45.92 20.12 -17.09
C ARG C 122 47.03 20.94 -17.77
N ILE C 123 47.62 21.85 -17.00
CA ILE C 123 48.60 22.79 -17.50
C ILE C 123 49.83 22.71 -16.61
N GLY C 124 51.00 22.57 -17.23
CA GLY C 124 52.24 22.54 -16.48
C GLY C 124 52.45 21.26 -15.71
N ALA C 125 52.37 20.11 -16.38
CA ALA C 125 52.55 18.83 -15.70
C ALA C 125 53.98 18.66 -15.19
N ALA C 126 54.95 19.19 -15.93
CA ALA C 126 56.35 19.13 -15.52
C ALA C 126 56.91 20.49 -15.16
N ALA C 127 56.10 21.36 -14.56
CA ALA C 127 56.53 22.71 -14.24
C ALA C 127 57.57 22.72 -13.12
N ASN C 128 58.41 23.75 -13.14
CA ASN C 128 59.55 23.91 -12.24
C ASN C 128 60.47 22.68 -12.31
N SER C 129 60.92 22.38 -13.51
CA SER C 129 61.78 21.22 -13.76
C SER C 129 62.57 21.46 -15.04
N THR C 130 63.47 20.52 -15.32
CA THR C 130 64.34 20.58 -16.50
C THR C 130 64.22 19.27 -17.25
N GLY C 131 64.04 19.34 -18.57
CA GLY C 131 63.80 18.15 -19.37
C GLY C 131 64.34 18.34 -20.77
N THR C 132 64.28 17.26 -21.55
CA THR C 132 64.87 17.26 -22.87
C THR C 132 64.08 18.14 -23.84
N VAL C 133 64.76 18.54 -24.91
CA VAL C 133 64.13 19.31 -25.98
C VAL C 133 63.68 18.34 -27.07
N ILE C 134 62.47 18.58 -27.60
CA ILE C 134 61.88 17.65 -28.56
C ILE C 134 62.66 17.68 -29.87
N ILE C 135 62.93 18.87 -30.39
CA ILE C 135 63.60 18.98 -31.69
C ILE C 135 65.06 18.55 -31.56
N SER C 136 65.72 18.91 -30.47
CA SER C 136 67.10 18.50 -30.20
C SER C 136 67.09 17.57 -29.00
N PRO C 137 67.04 16.25 -29.22
CA PRO C 137 66.98 15.32 -28.08
C PRO C 137 68.21 15.32 -27.20
N SER C 138 69.36 15.76 -27.72
CA SER C 138 70.57 15.85 -26.91
C SER C 138 70.58 17.07 -25.98
N THR C 139 69.65 18.00 -26.18
CA THR C 139 69.61 19.24 -25.42
C THR C 139 68.58 19.12 -24.30
N SER C 140 68.96 19.55 -23.09
CA SER C 140 68.06 19.63 -21.95
C SER C 140 67.90 21.09 -21.56
N ALA C 141 66.65 21.56 -21.52
CA ALA C 141 66.34 22.93 -21.19
C ALA C 141 65.28 22.97 -20.10
N THR C 142 65.06 24.18 -19.57
CA THR C 142 64.08 24.37 -18.52
C THR C 142 62.67 24.15 -19.05
N ILE C 143 61.87 23.37 -18.32
CA ILE C 143 60.51 23.03 -18.72
C ILE C 143 59.63 24.24 -18.41
N ARG C 144 59.37 25.07 -19.41
CA ARG C 144 58.52 26.25 -19.26
C ARG C 144 57.09 25.89 -19.61
N LYS C 145 56.17 26.21 -18.71
CA LYS C 145 54.76 25.92 -18.93
C LYS C 145 54.21 26.77 -20.08
N ILE C 146 53.26 26.20 -20.81
CA ILE C 146 52.66 26.84 -21.96
C ILE C 146 51.16 26.53 -21.93
N TYR C 147 50.38 27.42 -22.52
CA TYR C 147 48.94 27.23 -22.58
C TYR C 147 48.52 26.99 -24.01
N PRO C 148 47.65 26.01 -24.26
CA PRO C 148 47.33 25.62 -25.63
C PRO C 148 46.25 26.49 -26.24
N ALA C 149 46.03 26.29 -27.54
CA ALA C 149 45.04 27.02 -28.32
C ALA C 149 44.03 26.04 -28.89
N PHE C 150 42.75 26.34 -28.73
CA PHE C 150 41.67 25.41 -29.06
C PHE C 150 40.82 25.98 -30.19
N MET C 151 40.25 25.08 -31.00
CA MET C 151 39.41 25.47 -32.13
C MET C 151 38.20 24.54 -32.14
N LEU C 152 37.02 25.10 -31.87
CA LEU C 152 35.81 24.34 -31.67
C LEU C 152 34.75 24.78 -32.67
N GLY C 153 33.85 23.87 -33.01
CA GLY C 153 32.79 24.21 -33.92
C GLY C 153 31.81 23.06 -34.07
N SER C 154 30.90 23.21 -35.03
CA SER C 154 29.89 22.20 -35.28
C SER C 154 29.95 21.65 -36.69
N SER C 155 30.81 22.15 -37.55
CA SER C 155 30.93 21.66 -38.91
C SER C 155 32.41 21.52 -39.29
N VAL C 156 32.74 20.40 -39.90
CA VAL C 156 34.10 20.12 -40.35
C VAL C 156 34.08 19.91 -41.85
N GLY C 157 35.27 19.82 -42.43
CA GLY C 157 35.40 19.53 -43.85
C GLY C 157 36.86 19.30 -44.20
N ASN C 158 37.08 18.87 -45.43
CA ASN C 158 38.44 18.71 -45.92
C ASN C 158 39.00 20.04 -46.44
N PHE C 159 40.31 20.09 -46.56
CA PHE C 159 40.98 21.29 -47.03
C PHE C 159 41.09 21.26 -48.55
N SER C 160 41.90 22.17 -49.11
CA SER C 160 42.15 22.19 -50.54
C SER C 160 42.82 20.91 -51.00
N ASP C 161 43.78 20.42 -50.22
CA ASP C 161 44.46 19.16 -50.50
C ASP C 161 43.70 17.96 -49.94
N GLY C 162 42.48 18.16 -49.44
CA GLY C 162 41.69 17.09 -48.86
C GLY C 162 42.00 16.77 -47.42
N LYS C 163 42.96 17.48 -46.80
CA LYS C 163 43.29 17.23 -45.41
C LYS C 163 42.16 17.66 -44.49
N MET C 164 41.94 16.88 -43.45
CA MET C 164 40.92 17.21 -42.45
C MET C 164 41.40 18.35 -41.56
N GLY C 165 40.44 19.08 -41.01
CA GLY C 165 40.75 20.22 -40.16
C GLY C 165 40.02 21.47 -40.60
N ARG C 166 39.56 21.49 -41.85
CA ARG C 166 38.83 22.63 -42.36
C ARG C 166 37.45 22.68 -41.72
N PHE C 167 37.15 23.79 -41.06
CA PHE C 167 35.87 23.99 -40.41
C PHE C 167 35.01 24.92 -41.23
N PHE C 168 33.71 24.86 -41.01
CA PHE C 168 32.76 25.72 -41.69
C PHE C 168 32.08 26.65 -40.69
N ASN C 169 31.70 27.81 -41.21
CA ASN C 169 30.78 28.76 -40.59
C ASN C 169 31.41 29.33 -39.33
N HIS C 170 30.61 29.70 -38.34
CA HIS C 170 31.15 30.30 -37.13
C HIS C 170 31.96 29.28 -36.33
N THR C 171 33.11 29.72 -35.81
CA THR C 171 34.10 28.87 -35.17
C THR C 171 34.61 29.57 -33.93
N LEU C 172 34.79 28.81 -32.85
CA LEU C 172 35.25 29.35 -31.57
C LEU C 172 36.72 29.04 -31.38
N VAL C 173 37.55 30.08 -31.33
CA VAL C 173 39.00 29.93 -31.25
C VAL C 173 39.47 30.58 -29.96
N LEU C 174 40.27 29.83 -29.19
CA LEU C 174 40.86 30.27 -27.94
C LEU C 174 42.37 30.28 -28.10
N LEU C 175 43.00 31.43 -27.83
CA LEU C 175 44.42 31.58 -28.07
C LEU C 175 45.08 32.40 -26.95
N PRO C 176 46.18 31.91 -26.39
CA PRO C 176 46.96 32.73 -25.46
C PRO C 176 47.98 33.59 -26.19
N ASP C 177 48.56 34.53 -25.44
CA ASP C 177 49.52 35.47 -26.00
C ASP C 177 50.39 36.03 -24.88
N GLY C 178 51.46 36.72 -25.28
CA GLY C 178 52.34 37.42 -24.37
C GLY C 178 53.06 36.56 -23.36
N CYS C 179 53.66 35.45 -23.82
CA CYS C 179 54.10 34.35 -22.95
C CYS C 179 53.00 33.92 -21.99
N GLY C 180 51.80 33.72 -22.54
CA GLY C 180 50.70 33.17 -21.79
C GLY C 180 49.88 34.17 -21.00
N THR C 181 50.28 35.44 -20.95
CA THR C 181 49.62 36.40 -20.08
C THR C 181 48.23 36.80 -20.61
N LEU C 182 47.95 36.51 -21.88
CA LEU C 182 46.68 36.86 -22.49
C LEU C 182 45.93 35.60 -22.88
N LEU C 183 44.61 35.62 -22.68
CA LEU C 183 43.75 34.45 -22.84
C LEU C 183 42.60 34.75 -23.77
N ARG C 184 42.91 35.27 -24.96
CA ARG C 184 41.88 35.75 -25.88
C ARG C 184 41.04 34.60 -26.43
N ALA C 185 39.81 34.93 -26.82
CA ALA C 185 38.88 33.96 -27.37
C ALA C 185 37.84 34.69 -28.19
N PHE C 186 37.34 34.03 -29.24
CA PHE C 186 36.37 34.66 -30.13
C PHE C 186 35.60 33.61 -30.90
N TYR C 187 34.31 33.87 -31.11
CA TYR C 187 33.41 33.02 -31.90
C TYR C 187 33.09 33.77 -33.18
N CYS C 188 33.89 33.53 -34.22
CA CYS C 188 33.86 34.34 -35.43
C CYS C 188 33.95 33.44 -36.64
N ILE C 189 33.63 33.97 -37.83
CA ILE C 189 33.78 33.21 -39.06
C ILE C 189 35.26 33.10 -39.39
N LEU C 190 35.74 31.88 -39.58
CA LEU C 190 37.12 31.64 -39.97
C LEU C 190 37.19 31.14 -41.40
N GLU C 191 38.12 31.69 -42.17
CA GLU C 191 38.30 31.23 -43.54
C GLU C 191 39.80 31.08 -43.84
N PRO C 192 40.17 30.15 -44.70
CA PRO C 192 41.60 29.93 -44.98
C PRO C 192 42.19 31.04 -45.83
N ARG C 193 43.46 31.35 -45.55
CA ARG C 193 44.23 32.24 -46.41
C ARG C 193 44.72 31.48 -47.64
N SER C 194 44.89 32.23 -48.74
CA SER C 194 45.15 31.64 -50.05
C SER C 194 46.54 31.97 -50.56
N GLY C 195 47.55 31.89 -49.69
CA GLY C 195 48.92 32.16 -50.05
C GLY C 195 49.82 30.94 -49.97
N ASN C 196 51.12 31.22 -50.03
CA ASN C 196 52.13 30.16 -49.92
C ASN C 196 52.10 29.54 -48.53
N HIS C 197 52.02 28.21 -48.48
CA HIS C 197 51.90 27.42 -47.26
C HIS C 197 50.68 27.80 -46.43
N CYS C 198 49.65 28.37 -47.07
CA CYS C 198 48.40 28.77 -46.47
C CYS C 198 47.28 27.85 -46.96
N PRO C 199 46.27 27.58 -46.12
CA PRO C 199 45.34 26.45 -46.40
C PRO C 199 44.53 26.57 -47.69
N ALA C 200 44.15 27.78 -48.10
CA ALA C 200 43.49 27.94 -49.38
C ALA C 200 44.47 28.21 -50.51
N GLY C 201 45.77 28.18 -50.24
CA GLY C 201 46.77 28.43 -51.25
C GLY C 201 47.72 27.27 -51.49
N ASN C 202 48.80 27.53 -52.23
CA ASN C 202 49.71 26.47 -52.66
C ASN C 202 50.68 26.09 -51.54
N SER C 203 51.28 24.91 -51.70
CA SER C 203 52.37 24.40 -50.86
C SER C 203 51.98 24.31 -49.39
N TYR C 204 50.72 24.01 -49.12
CA TYR C 204 50.18 24.01 -47.76
C TYR C 204 50.29 22.60 -47.17
N THR C 205 51.07 22.47 -46.10
CA THR C 205 51.15 21.20 -45.38
C THR C 205 50.20 21.20 -44.19
N SER C 206 50.39 22.14 -43.27
CA SER C 206 49.54 22.28 -42.10
C SER C 206 49.56 23.72 -41.64
N PHE C 207 48.55 24.12 -40.88
CA PHE C 207 48.48 25.46 -40.33
C PHE C 207 49.00 25.46 -38.91
N ALA C 208 49.67 26.55 -38.53
CA ALA C 208 50.30 26.62 -37.23
C ALA C 208 50.41 28.09 -36.83
N THR C 209 50.61 28.31 -35.54
CA THR C 209 50.81 29.65 -34.98
C THR C 209 52.16 29.69 -34.27
N TYR C 210 52.93 30.75 -34.54
CA TYR C 210 54.27 30.86 -34.00
C TYR C 210 54.35 31.98 -32.98
N HIS C 211 55.29 31.84 -32.05
CA HIS C 211 55.63 32.87 -31.08
C HIS C 211 57.11 33.19 -31.22
N THR C 212 57.42 34.46 -31.41
CA THR C 212 58.81 34.90 -31.53
C THR C 212 59.21 35.64 -30.27
N PRO C 213 60.02 35.04 -29.39
CA PRO C 213 60.34 35.70 -28.11
C PRO C 213 61.14 36.98 -28.25
N ALA C 214 61.93 37.11 -29.32
CA ALA C 214 62.68 38.34 -29.54
C ALA C 214 61.75 39.51 -29.82
N THR C 215 60.73 39.27 -30.65
CA THR C 215 59.75 40.31 -30.94
C THR C 215 58.75 40.51 -29.83
N ASP C 216 58.57 39.53 -28.94
CA ASP C 216 57.46 39.57 -28.01
C ASP C 216 57.83 39.72 -26.55
N CYS C 217 58.60 38.78 -26.03
CA CYS C 217 58.53 38.50 -24.60
C CYS C 217 59.79 39.04 -23.92
N SER C 218 59.64 40.16 -23.21
CA SER C 218 60.79 40.94 -22.76
C SER C 218 60.52 41.64 -21.44
N ASP C 219 61.36 42.61 -21.10
CA ASP C 219 61.21 43.41 -19.89
C ASP C 219 59.98 44.31 -19.95
N GLY C 220 58.79 43.74 -19.85
CA GLY C 220 57.60 44.46 -20.20
C GLY C 220 57.22 44.11 -21.63
N ASN C 221 56.71 45.09 -22.38
CA ASN C 221 56.27 44.92 -23.76
C ASN C 221 55.21 43.82 -23.85
N TYR C 222 55.66 42.56 -23.91
CA TYR C 222 54.80 41.38 -24.10
C TYR C 222 53.87 41.59 -25.29
N ASN C 223 54.46 41.59 -26.50
CA ASN C 223 53.86 42.14 -27.72
C ASN C 223 52.44 41.66 -27.95
N ARG C 224 51.50 42.60 -27.88
CA ARG C 224 50.10 42.23 -27.88
C ARG C 224 49.65 41.94 -29.31
N ASN C 225 48.79 40.93 -29.42
CA ASN C 225 48.30 40.33 -30.67
C ASN C 225 49.41 39.69 -31.49
N ALA C 226 50.58 39.40 -30.91
CA ALA C 226 51.63 38.73 -31.66
C ALA C 226 51.21 37.31 -32.06
N SER C 227 50.62 36.58 -31.11
CA SER C 227 50.01 35.30 -31.46
C SER C 227 48.81 35.49 -32.36
N LEU C 228 48.05 36.57 -32.17
CA LEU C 228 46.93 36.86 -33.08
C LEU C 228 47.43 37.29 -34.46
N ASN C 229 48.55 38.03 -34.51
CA ASN C 229 49.14 38.34 -35.81
C ASN C 229 49.61 37.09 -36.52
N SER C 230 50.19 36.16 -35.76
CA SER C 230 50.61 34.88 -36.32
C SER C 230 49.41 34.07 -36.79
N PHE C 231 48.30 34.13 -36.04
CA PHE C 231 47.10 33.39 -36.43
C PHE C 231 46.48 33.97 -37.69
N LYS C 232 46.30 35.29 -37.74
CA LYS C 232 45.77 35.94 -38.92
C LYS C 232 46.76 35.94 -40.08
N GLU C 233 48.02 35.63 -39.83
CA GLU C 233 48.96 35.35 -40.91
C GLU C 233 48.63 34.01 -41.58
N TYR C 234 47.86 33.17 -40.91
CA TYR C 234 47.46 31.88 -41.45
C TYR C 234 45.98 31.81 -41.82
N PHE C 235 45.12 32.51 -41.10
CA PHE C 235 43.68 32.45 -41.27
C PHE C 235 43.14 33.84 -41.58
N ASN C 236 41.83 33.95 -41.75
CA ASN C 236 41.17 35.24 -41.84
C ASN C 236 39.88 35.20 -41.02
N LEU C 237 39.56 36.34 -40.41
CA LEU C 237 38.42 36.49 -39.51
C LEU C 237 37.38 37.38 -40.17
N ARG C 238 36.14 36.89 -40.24
CA ARG C 238 35.03 37.62 -40.80
C ARG C 238 33.84 37.51 -39.86
N ASN C 239 32.92 38.49 -39.98
CA ASN C 239 31.65 38.56 -39.27
C ASN C 239 31.83 38.34 -37.77
N CYS C 240 32.85 38.97 -37.19
CA CYS C 240 33.42 38.51 -35.93
C CYS C 240 32.55 39.01 -34.78
N THR C 241 31.97 38.06 -34.04
CA THR C 241 30.89 38.41 -33.11
C THR C 241 31.44 39.11 -31.87
N PHE C 242 32.30 38.45 -31.11
CA PHE C 242 32.78 39.04 -29.86
C PHE C 242 34.20 38.57 -29.58
N MET C 243 34.90 39.37 -28.78
CA MET C 243 36.28 39.10 -28.41
C MET C 243 36.42 39.36 -26.92
N TYR C 244 36.89 38.37 -26.18
CA TYR C 244 37.10 38.48 -24.75
C TYR C 244 38.53 38.14 -24.40
N THR C 245 39.18 39.02 -23.64
CA THR C 245 40.53 38.79 -23.13
C THR C 245 40.49 38.75 -21.61
N TYR C 246 41.41 37.99 -21.03
CA TYR C 246 41.45 37.83 -19.58
C TYR C 246 42.90 37.77 -19.11
N ASN C 247 43.20 38.57 -18.10
CA ASN C 247 44.55 38.68 -17.55
C ASN C 247 44.82 37.54 -16.58
N ILE C 248 46.05 37.03 -16.62
CA ILE C 248 46.47 35.90 -15.80
C ILE C 248 47.87 36.19 -15.27
N THR C 249 48.07 35.88 -13.98
CA THR C 249 49.37 36.06 -13.36
C THR C 249 50.35 34.98 -13.83
N GLU C 250 51.61 35.16 -13.47
CA GLU C 250 52.67 34.24 -13.87
C GLU C 250 53.19 33.47 -12.66
N ASP C 251 53.39 32.18 -12.84
CA ASP C 251 53.89 31.29 -11.79
C ASP C 251 54.54 30.09 -12.46
N GLU C 252 54.88 29.08 -11.65
CA GLU C 252 55.47 27.85 -12.16
C GLU C 252 54.83 26.64 -11.47
N ILE C 253 53.51 26.68 -11.32
CA ILE C 253 52.74 25.60 -10.71
C ILE C 253 51.68 25.15 -11.71
N LEU C 254 51.36 23.86 -11.70
CA LEU C 254 50.33 23.29 -12.55
C LEU C 254 48.97 23.91 -12.23
N GLU C 255 48.10 23.94 -13.24
CA GLU C 255 46.73 24.40 -13.09
C GLU C 255 45.80 23.46 -13.83
N TRP C 256 44.50 23.65 -13.61
CA TRP C 256 43.48 22.88 -14.30
C TRP C 256 42.61 23.81 -15.12
N PHE C 257 42.05 23.29 -16.20
CA PHE C 257 41.09 24.02 -17.02
C PHE C 257 40.06 23.03 -17.52
N GLY C 258 38.84 23.49 -17.66
CA GLY C 258 37.76 22.64 -18.14
C GLY C 258 36.86 23.38 -19.10
N ILE C 259 36.36 22.65 -20.08
CA ILE C 259 35.50 23.22 -21.10
C ILE C 259 34.24 22.38 -21.19
N THR C 260 33.09 23.05 -21.17
CA THR C 260 31.82 22.35 -21.32
C THR C 260 30.81 23.32 -21.91
N GLN C 261 29.57 22.86 -22.03
CA GLN C 261 28.51 23.75 -22.49
C GLN C 261 27.16 23.23 -22.00
N THR C 262 26.21 24.15 -21.87
CA THR C 262 24.82 23.85 -21.59
C THR C 262 23.93 24.71 -22.48
N ALA C 263 22.62 24.71 -22.20
CA ALA C 263 21.70 25.53 -22.99
C ALA C 263 21.98 27.01 -22.83
N GLN C 264 22.56 27.42 -21.71
CA GLN C 264 22.94 28.82 -21.54
C GLN C 264 24.15 29.19 -22.39
N GLY C 265 24.89 28.22 -22.89
CA GLY C 265 26.01 28.49 -23.75
C GLY C 265 27.24 27.74 -23.29
N VAL C 266 28.40 28.19 -23.74
CA VAL C 266 29.66 27.55 -23.40
C VAL C 266 30.05 27.98 -21.99
N HIS C 267 30.66 27.05 -21.26
CA HIS C 267 31.17 27.33 -19.93
C HIS C 267 32.65 26.98 -19.89
N LEU C 268 33.48 28.00 -19.62
CA LEU C 268 34.91 27.85 -19.45
C LEU C 268 35.21 27.97 -17.97
N PHE C 269 35.79 26.92 -17.40
CA PHE C 269 36.02 26.84 -15.97
C PHE C 269 37.52 26.66 -15.72
N SER C 270 38.01 27.25 -14.64
CA SER C 270 39.42 27.13 -14.31
C SER C 270 39.56 26.81 -12.83
N SER C 271 40.79 26.87 -12.34
CA SER C 271 41.05 26.71 -10.92
C SER C 271 41.82 27.88 -10.32
N ARG C 272 42.64 28.59 -11.10
CA ARG C 272 43.62 29.52 -10.54
C ARG C 272 42.93 30.74 -9.91
N TYR C 273 41.80 31.16 -10.46
CA TYR C 273 41.09 32.35 -10.01
C TYR C 273 40.58 32.27 -8.57
N VAL C 274 40.17 31.08 -8.12
CA VAL C 274 39.57 30.95 -6.79
C VAL C 274 40.49 30.09 -5.92
N ASP C 275 41.17 29.14 -6.55
CA ASP C 275 42.07 28.24 -5.82
C ASP C 275 43.49 28.60 -6.26
N LEU C 276 44.36 28.87 -5.29
CA LEU C 276 45.72 29.30 -5.60
C LEU C 276 46.45 28.24 -6.41
N TYR C 277 46.68 27.08 -5.82
CA TYR C 277 47.12 25.92 -6.59
C TYR C 277 46.50 24.64 -6.07
N GLY C 278 45.40 24.74 -5.32
CA GLY C 278 44.76 23.56 -4.75
C GLY C 278 44.12 22.67 -5.79
N GLY C 279 43.88 23.21 -6.98
CA GLY C 279 43.40 22.43 -8.09
C GLY C 279 41.95 22.03 -7.94
N ASN C 280 41.06 23.02 -7.90
CA ASN C 280 39.64 22.75 -7.80
C ASN C 280 38.91 23.64 -8.79
N MET C 281 38.03 23.04 -9.57
CA MET C 281 37.42 23.73 -10.68
C MET C 281 36.40 24.76 -10.18
N PHE C 282 36.28 25.87 -10.91
CA PHE C 282 35.35 26.91 -10.53
C PHE C 282 34.88 27.69 -11.75
N GLN C 283 33.76 28.37 -11.60
CA GLN C 283 33.19 29.17 -12.68
C GLN C 283 34.01 30.43 -12.90
N PHE C 284 34.45 30.65 -14.14
CA PHE C 284 35.01 31.95 -14.47
C PHE C 284 34.60 32.52 -15.82
N ALA C 285 34.00 31.76 -16.74
CA ALA C 285 33.61 32.37 -18.01
C ALA C 285 32.37 31.69 -18.57
N THR C 286 31.40 32.51 -18.97
CA THR C 286 30.21 32.06 -19.68
C THR C 286 30.19 32.71 -21.05
N LEU C 287 30.03 31.91 -22.10
CA LEU C 287 30.07 32.35 -23.48
C LEU C 287 28.70 32.18 -24.11
N PRO C 288 28.04 33.25 -24.52
CA PRO C 288 26.70 33.14 -25.13
C PRO C 288 26.75 32.65 -26.57
N VAL C 289 27.02 31.35 -26.75
CA VAL C 289 27.06 30.78 -28.08
C VAL C 289 25.63 30.65 -28.62
N TYR C 290 25.52 30.59 -29.93
CA TYR C 290 24.23 30.38 -30.58
C TYR C 290 23.84 28.91 -30.65
N ASP C 291 24.81 28.03 -30.92
CA ASP C 291 24.48 26.65 -31.27
C ASP C 291 25.19 25.64 -30.37
N THR C 292 25.11 24.37 -30.76
CA THR C 292 25.71 23.27 -30.00
C THR C 292 27.00 22.84 -30.67
N ILE C 293 28.10 22.92 -29.94
CA ILE C 293 29.40 22.54 -30.46
C ILE C 293 29.54 21.03 -30.41
N LYS C 294 29.96 20.42 -31.51
CA LYS C 294 30.08 18.97 -31.59
C LYS C 294 31.42 18.49 -32.13
N TYR C 295 32.36 19.40 -32.38
CA TYR C 295 33.67 19.03 -32.89
C TYR C 295 34.71 19.98 -32.32
N TYR C 296 35.90 19.46 -32.06
CA TYR C 296 36.99 20.29 -31.56
C TYR C 296 38.31 19.79 -32.12
N SER C 297 39.30 20.68 -32.07
CA SER C 297 40.66 20.38 -32.48
C SER C 297 41.59 21.35 -31.77
N ILE C 298 42.88 21.07 -31.83
CA ILE C 298 43.89 21.92 -31.24
C ILE C 298 44.73 22.54 -32.35
N ILE C 299 45.27 23.72 -32.07
CA ILE C 299 46.17 24.40 -32.99
C ILE C 299 47.60 24.04 -32.62
N PRO C 300 48.37 23.43 -33.52
CA PRO C 300 49.79 23.18 -33.24
C PRO C 300 50.53 24.52 -33.18
N HIS C 301 51.03 24.86 -32.00
CA HIS C 301 51.74 26.12 -31.80
C HIS C 301 53.20 25.84 -31.53
N SER C 302 54.07 26.55 -32.24
CA SER C 302 55.50 26.45 -32.07
C SER C 302 56.06 27.80 -31.66
N ILE C 303 57.36 27.82 -31.36
CA ILE C 303 58.04 29.00 -30.84
C ILE C 303 59.23 29.29 -31.74
N ARG C 304 59.34 30.54 -32.19
CA ARG C 304 60.46 30.95 -33.05
C ARG C 304 61.70 31.26 -32.22
N SER C 305 62.11 30.34 -31.37
CA SER C 305 63.33 30.50 -30.62
C SER C 305 64.54 30.17 -31.50
N ILE C 306 65.66 30.83 -31.21
CA ILE C 306 66.88 30.54 -31.95
C ILE C 306 67.45 29.19 -31.49
N GLN C 307 68.35 28.65 -32.32
CA GLN C 307 68.86 27.31 -32.10
C GLN C 307 69.67 27.22 -30.81
N SER C 308 70.48 28.22 -30.52
CA SER C 308 71.31 28.20 -29.31
C SER C 308 70.49 28.39 -28.04
N ASP C 309 69.30 28.98 -28.13
CA ASP C 309 68.49 29.29 -26.97
C ASP C 309 67.09 28.73 -27.11
N ARG C 310 66.99 27.46 -27.52
CA ARG C 310 65.69 26.79 -27.51
C ARG C 310 65.25 26.51 -26.08
N LYS C 311 63.94 26.38 -25.89
CA LYS C 311 63.37 26.19 -24.56
C LYS C 311 62.44 24.99 -24.55
N ALA C 312 62.45 24.27 -23.43
CA ALA C 312 61.61 23.09 -23.25
C ALA C 312 60.22 23.51 -22.76
N TRP C 313 59.21 22.77 -23.19
CA TRP C 313 57.83 23.08 -22.89
C TRP C 313 57.13 21.84 -22.34
N ALA C 314 56.36 22.04 -21.28
CA ALA C 314 55.62 20.93 -20.68
C ALA C 314 54.50 20.47 -21.58
N ALA C 315 54.34 19.16 -21.65
CA ALA C 315 53.24 18.57 -22.39
C ALA C 315 51.92 18.80 -21.64
N PHE C 316 50.83 18.89 -22.39
CA PHE C 316 49.52 19.05 -21.81
C PHE C 316 48.64 17.85 -22.12
N TYR C 317 47.67 17.62 -21.25
CA TYR C 317 46.86 16.42 -21.25
C TYR C 317 45.40 16.77 -21.49
N VAL C 318 44.64 15.82 -22.00
CA VAL C 318 43.20 15.97 -22.21
C VAL C 318 42.49 14.74 -21.64
N TYR C 319 41.44 14.96 -20.86
CA TYR C 319 40.61 13.87 -20.35
C TYR C 319 39.15 14.21 -20.59
N LYS C 320 38.46 13.36 -21.35
CA LYS C 320 37.07 13.59 -21.73
C LYS C 320 36.13 13.41 -20.55
N LEU C 321 34.97 14.07 -20.63
CA LEU C 321 33.99 14.04 -19.55
C LEU C 321 32.67 13.43 -20.01
N GLN C 322 31.97 12.84 -19.05
CA GLN C 322 30.69 12.21 -19.24
C GLN C 322 29.99 12.14 -17.89
N PRO C 323 28.65 12.05 -17.86
CA PRO C 323 27.94 12.15 -16.58
C PRO C 323 28.10 10.89 -15.73
N LEU C 324 28.49 11.10 -14.47
CA LEU C 324 28.57 10.04 -13.47
C LEU C 324 28.05 10.57 -12.14
N THR C 325 28.15 9.72 -11.11
CA THR C 325 27.85 10.08 -9.73
C THR C 325 29.09 9.83 -8.89
N PHE C 326 29.57 10.87 -8.22
CA PHE C 326 30.79 10.77 -7.44
C PHE C 326 30.48 11.01 -5.98
N LEU C 327 31.43 10.68 -5.12
CA LEU C 327 31.36 11.04 -3.71
C LEU C 327 32.50 12.00 -3.42
N LEU C 328 32.19 13.10 -2.76
CA LEU C 328 33.13 14.19 -2.52
C LEU C 328 33.26 14.43 -1.03
N ASP C 329 34.47 14.79 -0.60
CA ASP C 329 34.74 15.10 0.80
C ASP C 329 34.97 16.61 0.87
N PHE C 330 33.90 17.36 1.08
CA PHE C 330 34.02 18.80 1.26
C PHE C 330 34.63 19.08 2.62
N SER C 331 35.83 19.66 2.63
CA SER C 331 36.55 19.94 3.86
C SER C 331 36.03 21.22 4.49
N VAL C 332 36.68 21.67 5.57
CA VAL C 332 36.22 22.83 6.31
C VAL C 332 36.35 24.10 5.46
N ASP C 333 37.39 24.18 4.63
CA ASP C 333 37.57 25.34 3.77
C ASP C 333 36.58 25.39 2.62
N GLY C 334 35.92 24.26 2.32
CA GLY C 334 35.03 24.19 1.18
C GLY C 334 35.68 23.71 -0.09
N TYR C 335 36.99 23.49 -0.09
CA TYR C 335 37.67 22.98 -1.27
C TYR C 335 37.46 21.46 -1.38
N ILE C 336 38.10 20.87 -2.38
CA ILE C 336 38.03 19.44 -2.61
C ILE C 336 39.42 18.84 -2.43
N ARG C 337 39.51 17.85 -1.55
CA ARG C 337 40.76 17.12 -1.35
C ARG C 337 40.63 15.63 -1.62
N ARG C 338 39.49 15.03 -1.29
CA ARG C 338 39.31 13.59 -1.44
C ARG C 338 38.00 13.31 -2.14
N ALA C 339 38.03 12.36 -3.06
CA ALA C 339 36.84 11.99 -3.81
C ALA C 339 36.95 10.55 -4.26
N ILE C 340 35.81 9.90 -4.44
CA ILE C 340 35.77 8.52 -4.88
C ILE C 340 34.69 8.37 -5.96
N ASP C 341 34.81 7.32 -6.74
CA ASP C 341 34.14 7.18 -8.02
C ASP C 341 32.98 6.19 -7.88
N CYS C 342 32.28 5.96 -9.00
CA CYS C 342 31.34 4.85 -9.07
C CYS C 342 31.51 4.02 -10.32
N GLY C 343 32.37 4.41 -11.25
CA GLY C 343 32.50 3.70 -12.50
C GLY C 343 33.88 3.15 -12.73
N PHE C 344 34.70 3.10 -11.68
CA PHE C 344 36.07 2.61 -11.81
C PHE C 344 36.17 1.12 -11.49
N ASN C 345 35.77 0.72 -10.29
CA ASN C 345 35.95 -0.66 -9.87
C ASN C 345 34.86 -1.02 -8.87
N ASP C 346 35.00 -2.20 -8.26
CA ASP C 346 34.02 -2.69 -7.31
C ASP C 346 34.04 -1.87 -6.02
N LEU C 347 35.25 -1.54 -5.54
CA LEU C 347 35.35 -0.79 -4.28
C LEU C 347 34.79 0.62 -4.41
N SER C 348 34.82 1.19 -5.61
CA SER C 348 34.17 2.47 -5.84
C SER C 348 32.65 2.35 -5.65
N GLN C 349 32.05 1.29 -6.19
CA GLN C 349 30.63 1.06 -6.01
C GLN C 349 30.31 0.79 -4.54
N LEU C 350 31.21 0.10 -3.85
CA LEU C 350 31.02 -0.13 -2.42
C LEU C 350 31.09 1.18 -1.64
N HIS C 351 31.98 2.08 -2.04
CA HIS C 351 32.11 3.37 -1.37
C HIS C 351 30.87 4.23 -1.58
N CYS C 352 30.34 4.25 -2.81
CA CYS C 352 29.11 5.00 -3.05
C CYS C 352 27.90 4.35 -2.39
N SER C 353 27.95 3.04 -2.12
CA SER C 353 26.86 2.39 -1.43
C SER C 353 26.76 2.86 0.01
N TYR C 354 27.90 3.03 0.68
CA TYR C 354 27.91 3.49 2.06
C TYR C 354 28.04 5.00 2.19
N GLU C 355 28.27 5.71 1.07
CA GLU C 355 28.42 7.16 1.04
C GLU C 355 29.51 7.64 1.98
N SER C 356 30.63 6.92 2.00
CA SER C 356 31.72 7.24 2.92
C SER C 356 33.03 6.72 2.33
N PHE C 357 34.12 7.21 2.89
CA PHE C 357 35.46 6.76 2.51
C PHE C 357 35.96 5.61 3.38
N ASP C 358 35.20 5.23 4.39
CA ASP C 358 35.55 4.10 5.25
C ASP C 358 34.34 3.20 5.41
N VAL C 359 34.57 1.90 5.25
CA VAL C 359 33.51 0.90 5.37
C VAL C 359 33.95 -0.16 6.36
N GLU C 360 33.15 -1.21 6.51
CA GLU C 360 33.45 -2.29 7.43
C GLU C 360 33.96 -3.50 6.63
N SER C 361 34.96 -4.17 7.19
CA SER C 361 35.51 -5.36 6.53
C SER C 361 34.48 -6.47 6.48
N GLY C 362 34.46 -7.20 5.38
CA GLY C 362 33.54 -8.30 5.24
C GLY C 362 33.15 -8.52 3.79
N VAL C 363 32.36 -9.58 3.59
CA VAL C 363 31.92 -9.94 2.25
C VAL C 363 30.74 -9.05 1.85
N TYR C 364 30.71 -8.66 0.58
CA TYR C 364 29.64 -7.81 0.06
C TYR C 364 29.23 -8.31 -1.32
N SER C 365 27.92 -8.41 -1.52
CA SER C 365 27.38 -8.80 -2.82
C SER C 365 27.48 -7.61 -3.75
N VAL C 366 28.56 -7.56 -4.51
CA VAL C 366 28.85 -6.45 -5.41
C VAL C 366 28.01 -6.64 -6.66
N SER C 367 27.89 -5.59 -7.47
CA SER C 367 27.17 -5.63 -8.73
C SER C 367 27.75 -6.70 -9.65
N SER C 368 26.90 -7.65 -10.05
CA SER C 368 27.35 -8.77 -10.85
C SER C 368 27.62 -8.33 -12.29
N PHE C 369 28.35 -9.17 -13.02
CA PHE C 369 28.64 -8.91 -14.43
C PHE C 369 27.84 -9.85 -15.32
N GLU C 370 27.95 -9.60 -16.62
CA GLU C 370 27.25 -10.37 -17.64
C GLU C 370 28.24 -10.76 -18.73
N ALA C 371 28.26 -12.04 -19.09
CA ALA C 371 29.13 -12.49 -20.16
C ALA C 371 28.65 -11.99 -21.52
N LYS C 372 29.56 -11.94 -22.47
CA LYS C 372 29.23 -11.40 -23.79
C LYS C 372 28.34 -12.38 -24.55
N PRO C 373 27.37 -11.87 -25.32
CA PRO C 373 26.67 -12.74 -26.26
C PRO C 373 27.59 -13.20 -27.36
N SER C 374 27.40 -14.45 -27.81
CA SER C 374 28.27 -15.05 -28.79
C SER C 374 27.75 -14.90 -30.22
N GLY C 375 26.59 -14.29 -30.41
CA GLY C 375 26.03 -14.14 -31.74
C GLY C 375 24.54 -13.85 -31.66
N SER C 376 23.87 -14.11 -32.78
CA SER C 376 22.43 -13.90 -32.88
C SER C 376 21.86 -14.78 -33.97
N VAL C 377 20.72 -15.40 -33.68
CA VAL C 377 20.05 -16.29 -34.61
C VAL C 377 18.62 -15.79 -34.84
N VAL C 378 18.26 -15.62 -36.11
CA VAL C 378 16.93 -15.18 -36.52
C VAL C 378 16.49 -16.11 -37.64
N GLU C 379 15.77 -17.18 -37.30
CA GLU C 379 15.37 -18.17 -38.29
C GLU C 379 14.03 -18.78 -37.88
N GLN C 380 13.00 -18.54 -38.69
CA GLN C 380 11.71 -19.20 -38.61
C GLN C 380 11.05 -19.10 -39.98
N ALA C 381 9.75 -19.38 -40.05
CA ALA C 381 9.00 -19.49 -41.29
C ALA C 381 9.01 -18.21 -42.12
N GLU C 382 9.60 -18.28 -43.30
CA GLU C 382 9.52 -17.20 -44.28
C GLU C 382 9.02 -17.80 -45.59
N GLY C 383 7.89 -17.29 -46.08
CA GLY C 383 7.31 -17.81 -47.30
C GLY C 383 7.22 -16.77 -48.40
N VAL C 384 6.02 -16.48 -48.85
CA VAL C 384 5.80 -15.51 -49.90
C VAL C 384 5.44 -14.19 -49.23
N GLU C 385 5.60 -13.10 -49.97
CA GLU C 385 5.30 -11.76 -49.45
C GLU C 385 3.81 -11.58 -49.23
N CYS C 386 3.47 -10.75 -48.25
CA CYS C 386 2.09 -10.31 -48.10
C CYS C 386 1.70 -9.43 -49.28
N ASP C 387 0.46 -9.57 -49.73
CA ASP C 387 -0.01 -8.92 -50.95
C ASP C 387 -0.78 -7.66 -50.57
N PHE C 388 -0.34 -6.52 -51.08
CA PHE C 388 -1.01 -5.25 -50.86
C PHE C 388 -1.66 -4.71 -52.13
N SER C 389 -1.95 -5.58 -53.10
CA SER C 389 -2.59 -5.13 -54.33
C SER C 389 -3.98 -4.52 -54.16
N PRO C 390 -4.91 -5.02 -53.31
CA PRO C 390 -6.18 -4.28 -53.15
C PRO C 390 -6.03 -2.93 -52.49
N LEU C 391 -4.94 -2.70 -51.75
CA LEU C 391 -4.68 -1.37 -51.21
C LEU C 391 -4.30 -0.40 -52.32
N LEU C 392 -3.36 -0.79 -53.18
CA LEU C 392 -2.89 0.09 -54.24
C LEU C 392 -3.87 0.20 -55.39
N SER C 393 -4.78 -0.76 -55.54
CA SER C 393 -5.74 -0.76 -56.62
C SER C 393 -7.15 -0.54 -56.06
N GLY C 394 -8.12 -0.57 -56.97
CA GLY C 394 -9.51 -0.45 -56.58
C GLY C 394 -9.88 0.96 -56.14
N THR C 395 -11.05 1.06 -55.52
CA THR C 395 -11.54 2.33 -55.02
C THR C 395 -11.50 2.33 -53.50
N PRO C 396 -10.85 3.30 -52.87
CA PRO C 396 -10.91 3.41 -51.41
C PRO C 396 -12.33 3.70 -50.95
N PRO C 397 -12.93 2.81 -50.19
CA PRO C 397 -14.33 2.99 -49.80
C PRO C 397 -14.49 3.99 -48.65
N GLN C 398 -15.71 4.14 -48.16
CA GLN C 398 -16.01 5.14 -47.16
C GLN C 398 -15.48 4.74 -45.79
N VAL C 399 -15.46 5.71 -44.88
CA VAL C 399 -14.93 5.49 -43.54
C VAL C 399 -15.80 4.50 -42.75
N TYR C 400 -17.11 4.54 -42.95
CA TYR C 400 -18.01 3.57 -42.34
C TYR C 400 -18.13 2.30 -43.17
N ASN C 401 -17.46 2.22 -44.32
CA ASN C 401 -17.45 1.05 -45.17
C ASN C 401 -16.02 0.60 -45.47
N PHE C 402 -15.15 0.67 -44.47
CA PHE C 402 -13.73 0.45 -44.66
C PHE C 402 -13.44 -1.00 -45.03
N LYS C 403 -12.43 -1.20 -45.88
CA LYS C 403 -11.99 -2.54 -46.25
C LYS C 403 -10.79 -2.92 -45.41
N ARG C 404 -10.84 -4.12 -44.82
CA ARG C 404 -9.78 -4.59 -43.96
C ARG C 404 -9.01 -5.72 -44.66
N LEU C 405 -7.69 -5.62 -44.64
CA LEU C 405 -6.79 -6.63 -45.19
C LEU C 405 -6.02 -7.24 -44.02
N VAL C 406 -6.11 -8.56 -43.89
CA VAL C 406 -5.46 -9.29 -42.81
C VAL C 406 -4.29 -10.07 -43.39
N PHE C 407 -3.21 -10.17 -42.63
CA PHE C 407 -2.01 -10.85 -43.06
C PHE C 407 -1.52 -11.76 -41.95
N THR C 408 -1.39 -13.04 -42.27
CA THR C 408 -0.82 -14.04 -41.38
C THR C 408 0.06 -14.97 -42.19
N ASN C 409 1.27 -15.24 -41.69
CA ASN C 409 2.25 -16.13 -42.31
C ASN C 409 2.63 -15.66 -43.71
N CYS C 410 3.14 -14.43 -43.78
CA CYS C 410 3.67 -13.88 -45.02
C CYS C 410 4.75 -12.86 -44.66
N ASN C 411 5.18 -12.08 -45.65
CA ASN C 411 6.28 -11.15 -45.52
C ASN C 411 5.84 -9.77 -45.98
N TYR C 412 6.15 -8.75 -45.20
CA TYR C 412 5.84 -7.37 -45.55
C TYR C 412 7.13 -6.58 -45.69
N ASN C 413 7.05 -5.49 -46.45
CA ASN C 413 8.20 -4.61 -46.64
C ASN C 413 7.67 -3.19 -46.84
N LEU C 414 7.62 -2.43 -45.74
CA LEU C 414 7.20 -1.03 -45.83
C LEU C 414 8.24 -0.14 -46.50
N THR C 415 9.48 -0.62 -46.65
CA THR C 415 10.48 0.11 -47.43
C THR C 415 10.05 0.24 -48.88
N LYS C 416 9.45 -0.81 -49.44
CA LYS C 416 8.87 -0.77 -50.76
C LYS C 416 7.38 -0.42 -50.75
N LEU C 417 6.82 -0.12 -49.59
CA LEU C 417 5.40 0.19 -49.48
C LEU C 417 5.14 1.61 -48.99
N LEU C 418 5.79 2.03 -47.90
CA LEU C 418 5.59 3.38 -47.40
C LEU C 418 6.24 4.44 -48.29
N SER C 419 7.19 4.04 -49.14
CA SER C 419 7.84 5.01 -50.03
C SER C 419 6.86 5.54 -51.08
N LEU C 420 5.94 4.69 -51.54
CA LEU C 420 4.97 5.07 -52.56
C LEU C 420 3.73 5.71 -51.96
N PHE C 421 3.80 6.22 -50.74
CA PHE C 421 2.66 6.83 -50.07
C PHE C 421 2.95 8.30 -49.80
N SER C 422 1.99 9.16 -50.14
CA SER C 422 2.07 10.58 -49.81
C SER C 422 1.38 10.80 -48.48
N VAL C 423 2.07 10.44 -47.41
CA VAL C 423 1.49 10.40 -46.08
C VAL C 423 1.35 11.81 -45.53
N ASN C 424 0.10 12.22 -45.28
CA ASN C 424 -0.13 13.54 -44.67
C ASN C 424 0.20 13.51 -43.19
N ASP C 425 -0.21 12.45 -42.49
CA ASP C 425 -0.06 12.36 -41.04
C ASP C 425 0.25 10.93 -40.65
N PHE C 426 1.14 10.78 -39.65
CA PHE C 426 1.63 9.47 -39.24
C PHE C 426 1.64 9.44 -37.71
N THR C 427 0.55 8.96 -37.11
CA THR C 427 0.47 8.85 -35.66
C THR C 427 0.41 7.38 -35.26
N CYS C 428 1.01 7.07 -34.12
CA CYS C 428 1.03 5.69 -33.63
C CYS C 428 0.85 5.71 -32.13
N SER C 429 -0.28 5.18 -31.67
CA SER C 429 -0.63 5.15 -30.25
C SER C 429 -0.23 3.82 -29.65
N GLN C 430 0.36 3.89 -28.45
CA GLN C 430 0.88 2.75 -27.68
C GLN C 430 1.98 2.00 -28.42
N ILE C 431 2.61 2.64 -29.41
CA ILE C 431 3.59 1.97 -30.26
C ILE C 431 4.37 3.06 -30.98
N SER C 432 5.61 2.75 -31.34
CA SER C 432 6.37 3.73 -32.10
C SER C 432 6.09 3.59 -33.59
N PRO C 433 6.16 4.70 -34.35
CA PRO C 433 5.99 4.61 -35.81
C PRO C 433 7.05 3.76 -36.50
N ALA C 434 8.22 3.56 -35.90
CA ALA C 434 9.24 2.71 -36.47
C ALA C 434 9.09 1.25 -36.05
N ALA C 435 8.23 0.95 -35.07
CA ALA C 435 8.08 -0.43 -34.62
C ALA C 435 7.40 -1.29 -35.68
N ILE C 436 6.43 -0.73 -36.40
CA ILE C 436 5.78 -1.47 -37.47
C ILE C 436 6.72 -1.77 -38.63
N ALA C 437 7.79 -0.97 -38.77
CA ALA C 437 8.74 -1.22 -39.85
C ALA C 437 9.64 -2.41 -39.58
N SER C 438 9.97 -2.67 -38.32
CA SER C 438 10.98 -3.66 -37.97
C SER C 438 10.43 -4.86 -37.22
N ASN C 439 9.72 -4.63 -36.12
CA ASN C 439 9.33 -5.72 -35.23
C ASN C 439 8.28 -6.62 -35.89
N CYS C 440 8.36 -7.90 -35.55
CA CYS C 440 7.56 -8.94 -36.18
C CYS C 440 6.43 -9.36 -35.24
N TYR C 441 5.35 -9.86 -35.82
CA TYR C 441 4.12 -10.08 -35.08
C TYR C 441 3.49 -11.40 -35.51
N SER C 442 2.42 -11.79 -34.82
CA SER C 442 1.64 -12.92 -35.30
C SER C 442 0.79 -12.54 -36.50
N SER C 443 0.12 -11.39 -36.44
CA SER C 443 -0.75 -11.02 -37.55
C SER C 443 -0.82 -9.51 -37.67
N LEU C 444 -1.19 -9.07 -38.87
CA LEU C 444 -1.36 -7.66 -39.17
C LEU C 444 -2.75 -7.43 -39.74
N ILE C 445 -3.40 -6.34 -39.33
CA ILE C 445 -4.65 -5.94 -39.96
C ILE C 445 -4.56 -4.46 -40.32
N LEU C 446 -4.83 -4.16 -41.58
CA LEU C 446 -4.90 -2.79 -42.10
C LEU C 446 -6.31 -2.55 -42.60
N ASP C 447 -7.02 -1.63 -41.95
CA ASP C 447 -8.31 -1.20 -42.48
C ASP C 447 -8.15 0.16 -43.13
N TYR C 448 -8.47 0.24 -44.41
CA TYR C 448 -8.31 1.45 -45.19
C TYR C 448 -9.66 1.93 -45.71
N PHE C 449 -9.75 3.25 -45.88
CA PHE C 449 -11.00 3.90 -46.21
C PHE C 449 -10.69 5.27 -46.80
N SER C 450 -11.72 5.93 -47.32
CA SER C 450 -11.57 7.30 -47.82
C SER C 450 -11.67 8.28 -46.66
N TYR C 451 -10.67 9.15 -46.52
CA TYR C 451 -10.63 10.06 -45.39
C TYR C 451 -9.80 11.30 -45.70
N PRO C 452 -10.41 12.49 -45.70
CA PRO C 452 -9.64 13.72 -45.87
C PRO C 452 -9.09 14.24 -44.55
N LEU C 453 -8.25 15.27 -44.67
CA LEU C 453 -7.48 15.80 -43.55
C LEU C 453 -8.25 16.80 -42.69
N SER C 454 -9.45 17.20 -43.10
CA SER C 454 -10.16 18.27 -42.40
C SER C 454 -10.64 17.82 -41.02
N MET C 455 -11.15 16.59 -40.92
CA MET C 455 -11.62 16.03 -39.66
C MET C 455 -10.58 15.12 -39.00
N LYS C 456 -9.29 15.43 -39.21
CA LYS C 456 -8.20 14.66 -38.61
C LYS C 456 -8.27 14.67 -37.08
N SER C 457 -8.73 15.77 -36.49
CA SER C 457 -8.87 15.85 -35.04
C SER C 457 -9.92 14.88 -34.52
N ASP C 458 -10.89 14.49 -35.36
CA ASP C 458 -11.86 13.48 -34.97
C ASP C 458 -11.28 12.07 -34.98
N LEU C 459 -10.08 11.88 -35.53
CA LEU C 459 -9.43 10.58 -35.48
C LEU C 459 -8.85 10.26 -34.10
N SER C 460 -8.83 11.23 -33.19
CA SER C 460 -8.29 11.01 -31.86
C SER C 460 -9.16 10.02 -31.09
N VAL C 461 -8.52 9.30 -30.17
CA VAL C 461 -9.21 8.33 -29.34
C VAL C 461 -10.22 9.02 -28.44
N SER C 462 -9.83 10.15 -27.85
CA SER C 462 -10.71 10.88 -26.94
C SER C 462 -11.77 11.69 -27.65
N SER C 463 -11.71 11.80 -28.98
CA SER C 463 -12.72 12.54 -29.73
C SER C 463 -14.05 11.79 -29.69
N ALA C 464 -15.14 12.54 -29.54
CA ALA C 464 -16.48 11.97 -29.46
C ALA C 464 -17.32 12.29 -30.69
N GLY C 465 -16.68 12.56 -31.82
CA GLY C 465 -17.39 12.89 -33.03
C GLY C 465 -18.02 11.68 -33.68
N PRO C 466 -18.82 11.91 -34.73
CA PRO C 466 -19.49 10.79 -35.40
C PRO C 466 -18.55 9.79 -36.05
N ILE C 467 -17.33 10.19 -36.38
CA ILE C 467 -16.31 9.22 -36.81
C ILE C 467 -16.03 8.23 -35.70
N SER C 468 -15.86 8.73 -34.47
CA SER C 468 -15.71 7.83 -33.34
C SER C 468 -17.05 7.23 -32.93
N GLN C 469 -18.13 7.99 -33.05
CA GLN C 469 -19.42 7.53 -32.54
C GLN C 469 -19.96 6.35 -33.35
N PHE C 470 -19.90 6.42 -34.68
CA PHE C 470 -20.62 5.45 -35.49
C PHE C 470 -19.83 4.89 -36.65
N ASN C 471 -18.58 5.31 -36.86
CA ASN C 471 -17.81 4.85 -38.00
C ASN C 471 -16.75 3.83 -37.62
N TYR C 472 -15.85 4.16 -36.69
CA TYR C 472 -14.80 3.24 -36.30
C TYR C 472 -14.19 3.67 -34.97
N LYS C 473 -13.79 2.67 -34.18
CA LYS C 473 -12.94 2.86 -33.00
C LYS C 473 -11.74 1.94 -33.08
N GLN C 474 -10.58 2.47 -32.71
CA GLN C 474 -9.37 1.67 -32.64
C GLN C 474 -9.41 0.74 -31.44
N SER C 475 -8.49 -0.22 -31.41
CA SER C 475 -8.43 -1.17 -30.31
C SER C 475 -7.80 -0.54 -29.08
N PHE C 476 -8.47 -0.66 -27.94
CA PHE C 476 -7.91 -0.16 -26.70
C PHE C 476 -6.74 -1.02 -26.23
N SER C 477 -6.91 -2.33 -26.25
CA SER C 477 -5.92 -3.24 -25.68
C SER C 477 -4.80 -3.58 -26.65
N ASN C 478 -4.83 -3.09 -27.87
CA ASN C 478 -3.80 -3.40 -28.85
C ASN C 478 -3.19 -2.10 -29.34
N PRO C 479 -1.86 -1.98 -29.38
CA PRO C 479 -1.23 -0.79 -29.96
C PRO C 479 -1.61 -0.61 -31.42
N THR C 480 -1.82 0.65 -31.81
CA THR C 480 -2.45 0.94 -33.09
C THR C 480 -1.72 2.10 -33.77
N CYS C 481 -1.99 2.26 -35.06
CA CYS C 481 -1.45 3.38 -35.82
C CYS C 481 -2.50 3.95 -36.75
N LEU C 482 -2.57 5.27 -36.80
CA LEU C 482 -3.46 6.01 -37.69
C LEU C 482 -2.62 6.76 -38.71
N ILE C 483 -2.86 6.49 -40.00
CA ILE C 483 -2.13 7.11 -41.08
C ILE C 483 -3.13 7.86 -41.96
N LEU C 484 -2.76 9.07 -42.38
CA LEU C 484 -3.54 9.82 -43.34
C LEU C 484 -2.63 10.11 -44.54
N ALA C 485 -3.05 9.67 -45.72
CA ALA C 485 -2.19 9.69 -46.90
C ALA C 485 -2.94 10.30 -48.08
N THR C 486 -2.22 10.44 -49.20
CA THR C 486 -2.71 11.12 -50.38
C THR C 486 -2.24 10.34 -51.61
N VAL C 487 -3.04 10.38 -52.67
CA VAL C 487 -2.66 9.76 -53.95
C VAL C 487 -1.44 10.51 -54.51
N PRO C 488 -0.38 9.80 -54.88
CA PRO C 488 0.76 10.47 -55.53
C PRO C 488 0.40 10.99 -56.91
N HIS C 489 1.12 12.04 -57.33
CA HIS C 489 0.90 12.61 -58.65
C HIS C 489 1.22 11.62 -59.75
N ASN C 490 2.32 10.88 -59.61
CA ASN C 490 2.68 9.83 -60.57
C ASN C 490 2.04 8.50 -60.17
N LEU C 491 0.74 8.52 -59.89
CA LEU C 491 0.01 7.32 -59.54
C LEU C 491 -1.46 7.58 -59.89
N THR C 492 -1.90 7.02 -61.01
CA THR C 492 -3.23 7.26 -61.55
C THR C 492 -4.01 5.95 -61.69
N THR C 493 -3.34 4.80 -61.55
CA THR C 493 -4.00 3.51 -61.70
C THR C 493 -5.07 3.29 -60.64
N ILE C 494 -4.86 3.83 -59.43
CA ILE C 494 -5.90 3.78 -58.42
C ILE C 494 -7.06 4.68 -58.84
N THR C 495 -8.25 4.35 -58.35
CA THR C 495 -9.43 5.13 -58.66
C THR C 495 -9.83 5.96 -57.44
N LYS C 496 -10.87 6.76 -57.60
CA LYS C 496 -11.36 7.59 -56.52
C LYS C 496 -12.88 7.43 -56.40
N PRO C 497 -13.42 7.46 -55.19
CA PRO C 497 -14.87 7.34 -55.02
C PRO C 497 -15.57 8.64 -55.37
N LEU C 498 -16.90 8.62 -55.23
CA LEU C 498 -17.71 9.78 -55.56
C LEU C 498 -17.46 10.92 -54.59
N LYS C 499 -17.68 10.69 -53.29
CA LYS C 499 -17.48 11.71 -52.28
C LYS C 499 -17.27 11.03 -50.94
N TYR C 500 -16.61 11.75 -50.03
CA TYR C 500 -16.52 11.29 -48.65
C TYR C 500 -17.89 11.34 -47.99
N SER C 501 -18.17 10.38 -47.13
CA SER C 501 -19.44 10.38 -46.42
C SER C 501 -19.29 9.60 -45.12
N TYR C 502 -20.01 10.05 -44.09
CA TYR C 502 -20.06 9.36 -42.82
C TYR C 502 -21.46 9.49 -42.23
N ILE C 503 -21.67 8.81 -41.12
CA ILE C 503 -22.97 8.74 -40.45
C ILE C 503 -22.92 9.68 -39.26
N ASN C 504 -23.69 10.77 -39.30
CA ASN C 504 -23.67 11.71 -38.20
C ASN C 504 -24.62 11.32 -37.08
N LYS C 505 -25.68 10.60 -37.41
CA LYS C 505 -26.65 10.13 -36.43
C LYS C 505 -27.04 8.71 -36.78
N CYS C 506 -27.01 7.83 -35.78
CA CYS C 506 -27.46 6.45 -35.93
C CYS C 506 -28.11 6.05 -34.60
N SER C 507 -29.28 5.44 -34.68
CA SER C 507 -30.07 5.17 -33.48
C SER C 507 -30.88 3.92 -33.69
N ARG C 508 -31.32 3.32 -32.58
CA ARG C 508 -32.30 2.26 -32.63
C ARG C 508 -33.58 2.73 -31.96
N LEU C 509 -34.71 2.49 -32.63
CA LEU C 509 -36.02 2.82 -32.12
C LEU C 509 -36.72 1.51 -31.72
N LEU C 510 -37.29 1.49 -30.52
CA LEU C 510 -37.89 0.27 -30.01
C LEU C 510 -39.27 0.05 -30.61
N SER C 511 -39.96 -0.98 -30.13
CA SER C 511 -41.31 -1.27 -30.61
C SER C 511 -42.31 -0.20 -30.18
N ASP C 512 -42.11 0.40 -29.01
CA ASP C 512 -43.03 1.42 -28.53
C ASP C 512 -42.91 2.73 -29.29
N ASP C 513 -41.79 2.93 -30.00
CA ASP C 513 -41.49 4.16 -30.76
C ASP C 513 -41.50 5.38 -29.85
N ARG C 514 -41.06 5.20 -28.61
CA ARG C 514 -40.98 6.28 -27.63
C ARG C 514 -39.67 6.31 -26.87
N THR C 515 -38.86 5.25 -26.91
CA THR C 515 -37.59 5.19 -26.22
C THR C 515 -36.49 4.99 -27.25
N GLU C 516 -35.45 5.82 -27.17
CA GLU C 516 -34.37 5.86 -28.15
C GLU C 516 -33.10 5.28 -27.56
N VAL C 517 -32.42 4.42 -28.33
CA VAL C 517 -31.17 3.82 -27.92
C VAL C 517 -30.07 4.31 -28.86
N PRO C 518 -29.14 5.14 -28.39
CA PRO C 518 -27.97 5.47 -29.22
C PRO C 518 -27.09 4.26 -29.42
N GLN C 519 -26.41 4.23 -30.56
CA GLN C 519 -25.57 3.11 -30.94
C GLN C 519 -24.11 3.39 -30.60
N LEU C 520 -23.36 2.33 -30.31
CA LEU C 520 -21.92 2.41 -30.12
C LEU C 520 -21.26 1.31 -30.92
N VAL C 521 -20.23 1.67 -31.67
CA VAL C 521 -19.43 0.70 -32.41
C VAL C 521 -18.28 0.25 -31.52
N ASN C 522 -18.03 -1.06 -31.51
CA ASN C 522 -16.98 -1.63 -30.68
C ASN C 522 -15.63 -1.53 -31.40
N ALA C 523 -14.58 -2.01 -30.73
CA ALA C 523 -13.23 -1.99 -31.29
C ALA C 523 -13.16 -2.97 -32.45
N ASN C 524 -12.95 -2.44 -33.66
CA ASN C 524 -12.89 -3.20 -34.91
C ASN C 524 -14.16 -4.02 -35.11
N GLN C 525 -15.29 -3.30 -35.15
CA GLN C 525 -16.58 -3.89 -35.46
C GLN C 525 -17.32 -2.96 -36.39
N TYR C 526 -18.55 -3.33 -36.74
CA TYR C 526 -19.36 -2.57 -37.68
C TYR C 526 -20.71 -2.23 -37.07
N SER C 527 -21.17 -1.02 -37.34
CA SER C 527 -22.45 -0.55 -36.82
C SER C 527 -23.60 -1.26 -37.51
N PRO C 528 -24.75 -1.38 -36.85
CA PRO C 528 -25.96 -1.84 -37.56
C PRO C 528 -26.39 -0.92 -38.70
N CYS C 529 -26.13 0.39 -38.58
CA CYS C 529 -26.49 1.34 -39.63
C CYS C 529 -25.67 1.14 -40.90
N VAL C 530 -24.59 0.35 -40.86
CA VAL C 530 -23.92 -0.04 -42.10
C VAL C 530 -24.84 -0.90 -42.96
N SER C 531 -25.73 -1.68 -42.34
CA SER C 531 -26.66 -2.50 -43.09
C SER C 531 -27.76 -1.70 -43.77
N ILE C 532 -27.92 -0.42 -43.42
CA ILE C 532 -29.02 0.38 -43.95
C ILE C 532 -28.57 1.52 -44.84
N VAL C 533 -27.30 1.91 -44.82
CA VAL C 533 -26.78 3.02 -45.63
C VAL C 533 -26.12 2.42 -46.86
N PRO C 534 -26.45 2.89 -48.07
CA PRO C 534 -25.80 2.35 -49.28
C PRO C 534 -24.34 2.72 -49.40
N SER C 535 -23.72 2.35 -50.53
CA SER C 535 -22.28 2.53 -50.71
C SER C 535 -21.89 4.00 -50.73
N THR C 536 -22.70 4.84 -51.36
CA THR C 536 -22.44 6.28 -51.41
C THR C 536 -23.64 7.03 -50.85
N VAL C 537 -23.37 8.14 -50.16
CA VAL C 537 -24.43 9.05 -49.78
C VAL C 537 -24.52 10.16 -50.83
N TRP C 538 -25.71 10.33 -51.41
CA TRP C 538 -25.86 11.17 -52.59
C TRP C 538 -25.73 12.65 -52.26
N GLU C 539 -26.20 13.06 -51.08
CA GLU C 539 -26.19 14.47 -50.72
C GLU C 539 -26.19 14.61 -49.20
N ASP C 540 -25.82 15.79 -48.74
CA ASP C 540 -25.83 16.06 -47.30
C ASP C 540 -27.26 16.20 -46.79
N GLY C 541 -27.44 15.88 -45.51
CA GLY C 541 -28.76 15.85 -44.93
C GLY C 541 -29.59 14.65 -45.32
N ASP C 542 -28.98 13.65 -45.94
CA ASP C 542 -29.70 12.45 -46.34
C ASP C 542 -30.09 11.63 -45.12
N TYR C 543 -31.31 11.07 -45.15
CA TYR C 543 -31.84 10.26 -44.09
C TYR C 543 -32.13 8.87 -44.63
N TYR C 544 -31.65 7.84 -43.93
CA TYR C 544 -31.82 6.45 -44.34
C TYR C 544 -32.50 5.67 -43.21
N ARG C 545 -33.19 4.60 -43.59
CA ARG C 545 -33.88 3.78 -42.61
C ARG C 545 -34.13 2.40 -43.19
N LYS C 546 -34.43 1.46 -42.30
CA LYS C 546 -34.72 0.08 -42.66
C LYS C 546 -35.58 -0.54 -41.57
N GLN C 547 -36.15 -1.69 -41.90
CA GLN C 547 -37.03 -2.42 -40.99
C GLN C 547 -36.24 -3.45 -40.18
N LEU C 548 -36.84 -3.89 -39.08
CA LEU C 548 -36.24 -4.88 -38.21
C LEU C 548 -37.21 -6.03 -37.98
N SER C 549 -36.65 -7.22 -37.76
CA SER C 549 -37.44 -8.40 -37.50
C SER C 549 -38.13 -8.30 -36.14
N PRO C 550 -39.30 -8.93 -35.98
CA PRO C 550 -40.03 -8.82 -34.69
C PRO C 550 -39.28 -9.41 -33.50
N LEU C 551 -38.49 -10.48 -33.68
CA LEU C 551 -37.84 -11.11 -32.54
C LEU C 551 -36.70 -10.27 -31.99
N GLU C 552 -36.14 -9.36 -32.78
CA GLU C 552 -35.05 -8.51 -32.32
C GLU C 552 -35.54 -7.23 -31.65
N GLY C 553 -36.78 -7.22 -31.19
CA GLY C 553 -37.32 -6.08 -30.47
C GLY C 553 -38.17 -5.13 -31.28
N GLY C 554 -38.40 -5.43 -32.55
CA GLY C 554 -39.25 -4.58 -33.38
C GLY C 554 -38.60 -3.24 -33.69
N GLY C 555 -39.43 -2.27 -34.06
CA GLY C 555 -38.95 -0.92 -34.34
C GLY C 555 -38.27 -0.78 -35.68
N TRP C 556 -38.05 0.46 -36.11
CA TRP C 556 -37.43 0.76 -37.39
C TRP C 556 -36.09 1.45 -37.14
N LEU C 557 -35.05 0.97 -37.82
CA LEU C 557 -33.72 1.52 -37.65
C LEU C 557 -33.56 2.74 -38.55
N VAL C 558 -33.18 3.88 -37.96
CA VAL C 558 -33.08 5.13 -38.69
C VAL C 558 -31.70 5.74 -38.48
N ALA C 559 -31.29 6.55 -39.45
CA ALA C 559 -29.96 7.16 -39.43
C ALA C 559 -29.93 8.37 -40.35
N SER C 560 -28.93 9.21 -40.16
CA SER C 560 -28.70 10.38 -41.00
C SER C 560 -27.22 10.49 -41.35
N GLY C 561 -26.95 10.86 -42.60
CA GLY C 561 -25.58 10.92 -43.08
C GLY C 561 -25.16 12.26 -43.63
N SER C 562 -23.85 12.51 -43.64
CA SER C 562 -23.28 13.75 -44.16
C SER C 562 -22.12 13.43 -45.08
N THR C 563 -21.78 14.40 -45.94
CA THR C 563 -20.80 14.20 -46.99
C THR C 563 -19.76 15.32 -46.99
N VAL C 564 -18.58 14.98 -47.51
CA VAL C 564 -17.47 15.90 -47.72
C VAL C 564 -17.03 15.76 -49.17
N ALA C 565 -16.85 16.89 -49.85
CA ALA C 565 -16.54 16.89 -51.27
C ALA C 565 -15.08 16.59 -51.53
N MET C 566 -14.78 16.20 -52.76
CA MET C 566 -13.43 15.92 -53.20
C MET C 566 -12.65 17.18 -53.52
N THR C 567 -11.32 17.05 -53.44
CA THR C 567 -10.38 18.01 -53.99
C THR C 567 -9.81 17.46 -55.30
N GLU C 568 -8.78 18.13 -55.83
CA GLU C 568 -8.10 17.60 -57.02
C GLU C 568 -7.44 16.25 -56.73
N GLN C 569 -6.79 16.12 -55.58
CA GLN C 569 -6.07 14.91 -55.22
C GLN C 569 -6.78 14.20 -54.08
N LEU C 570 -6.84 12.87 -54.15
CA LEU C 570 -7.60 12.08 -53.22
C LEU C 570 -6.80 11.78 -51.96
N GLN C 571 -7.43 11.97 -50.80
CA GLN C 571 -6.82 11.69 -49.51
C GLN C 571 -7.59 10.55 -48.85
N MET C 572 -6.85 9.66 -48.19
CA MET C 572 -7.47 8.48 -47.59
C MET C 572 -6.86 8.20 -46.22
N GLY C 573 -7.50 7.28 -45.50
CA GLY C 573 -7.10 6.93 -44.14
C GLY C 573 -6.76 5.45 -44.02
N PHE C 574 -5.72 5.17 -43.24
CA PHE C 574 -5.18 3.84 -43.00
C PHE C 574 -5.16 3.56 -41.51
N GLY C 575 -5.47 2.34 -41.13
CA GLY C 575 -5.35 1.93 -39.74
C GLY C 575 -4.61 0.62 -39.57
N ILE C 576 -3.52 0.66 -38.80
CA ILE C 576 -2.64 -0.47 -38.57
C ILE C 576 -2.90 -1.02 -37.17
N THR C 577 -3.10 -2.33 -37.07
CA THR C 577 -3.09 -3.00 -35.78
C THR C 577 -2.34 -4.31 -35.91
N VAL C 578 -1.46 -4.59 -34.96
CA VAL C 578 -0.63 -5.77 -34.96
C VAL C 578 -1.02 -6.66 -33.78
N GLN C 579 -0.90 -7.97 -33.98
CA GLN C 579 -1.32 -8.94 -32.99
C GLN C 579 -0.19 -9.92 -32.71
N TYR C 580 -0.02 -10.25 -31.43
CA TYR C 580 1.15 -10.94 -30.89
C TYR C 580 0.89 -12.43 -30.65
N GLY C 581 -0.12 -12.75 -29.84
CA GLY C 581 -0.35 -14.11 -29.40
C GLY C 581 -1.50 -14.84 -30.05
N THR C 582 -2.06 -14.31 -31.14
CA THR C 582 -3.18 -14.98 -31.80
C THR C 582 -2.74 -16.31 -32.43
N ASP C 583 -1.60 -16.31 -33.09
CA ASP C 583 -1.09 -17.50 -33.75
C ASP C 583 0.44 -17.42 -33.73
N THR C 584 1.08 -18.22 -34.58
CA THR C 584 2.53 -18.20 -34.69
C THR C 584 3.01 -16.85 -35.22
N ASN C 585 4.02 -16.29 -34.55
CA ASN C 585 4.56 -14.97 -34.89
C ASN C 585 5.27 -15.05 -36.24
N SER C 586 4.59 -14.56 -37.29
CA SER C 586 5.01 -14.89 -38.64
C SER C 586 4.88 -13.79 -39.69
N VAL C 587 4.43 -12.59 -39.35
CA VAL C 587 4.39 -11.48 -40.30
C VAL C 587 5.64 -10.62 -40.10
N CYS C 588 6.73 -11.01 -40.75
CA CYS C 588 8.06 -10.46 -40.56
C CYS C 588 8.53 -9.73 -41.82
N PRO C 589 9.49 -8.82 -41.68
CA PRO C 589 10.16 -8.26 -42.86
C PRO C 589 11.15 -9.25 -43.45
N LYS C 590 11.60 -8.95 -44.66
CA LYS C 590 12.59 -9.78 -45.34
C LYS C 590 13.99 -9.48 -44.81
N LEU C 591 14.79 -10.53 -44.66
CA LEU C 591 16.16 -10.40 -44.19
C LEU C 591 17.05 -11.40 -44.92
N GLU C 592 18.35 -11.16 -44.88
CA GLU C 592 19.32 -12.13 -45.36
C GLU C 592 19.56 -13.18 -44.30
N PHE C 593 19.69 -14.43 -44.73
CA PHE C 593 19.93 -15.54 -43.83
C PHE C 593 21.44 -15.76 -43.73
N ALA C 594 22.01 -15.31 -42.61
CA ALA C 594 23.45 -15.44 -42.41
C ALA C 594 23.80 -16.88 -42.05
N ASN C 595 25.11 -17.16 -42.11
CA ASN C 595 25.59 -18.50 -41.76
C ASN C 595 25.40 -18.79 -40.27
N ASP C 596 25.64 -17.80 -39.42
CA ASP C 596 25.46 -17.97 -37.98
C ASP C 596 24.06 -17.55 -37.53
N THR C 597 23.05 -18.08 -38.20
CA THR C 597 21.66 -17.84 -37.83
C THR C 597 20.86 -19.11 -37.59
N LYS C 598 21.39 -20.27 -37.96
CA LYS C 598 20.73 -21.53 -37.70
C LYS C 598 21.16 -22.10 -36.35
N ILE C 599 20.28 -22.92 -35.77
CA ILE C 599 20.38 -23.26 -34.36
C ILE C 599 21.61 -24.12 -34.09
N ALA C 600 21.93 -25.04 -35.01
CA ALA C 600 23.07 -25.92 -34.81
C ALA C 600 24.40 -25.20 -34.95
N SER C 601 24.42 -23.98 -35.50
CA SER C 601 25.66 -23.25 -35.63
C SER C 601 26.18 -22.77 -34.28
N GLN C 602 25.28 -22.34 -33.40
CA GLN C 602 25.64 -21.75 -32.12
C GLN C 602 24.96 -22.50 -30.99
N LEU C 603 25.01 -23.83 -31.04
CA LEU C 603 24.45 -24.66 -29.98
C LEU C 603 25.29 -24.52 -28.71
N GLY C 604 24.60 -24.41 -27.58
CA GLY C 604 25.28 -24.30 -26.30
C GLY C 604 26.03 -23.02 -26.08
N ASN C 605 25.66 -21.95 -26.79
CA ASN C 605 26.33 -20.67 -26.66
C ASN C 605 25.29 -19.57 -26.40
N CYS C 606 25.67 -18.60 -25.57
CA CYS C 606 24.77 -17.51 -25.26
C CYS C 606 24.69 -16.57 -26.45
N VAL C 607 23.53 -16.55 -27.12
CA VAL C 607 23.30 -15.70 -28.28
C VAL C 607 21.96 -15.00 -28.10
N GLU C 608 21.77 -13.94 -28.87
CA GLU C 608 20.54 -13.18 -28.86
C GLU C 608 19.57 -13.83 -29.84
N TYR C 609 18.55 -14.50 -29.32
CA TYR C 609 17.56 -15.14 -30.17
C TYR C 609 16.44 -14.17 -30.49
N SER C 610 16.05 -14.14 -31.76
CA SER C 610 14.88 -13.40 -32.23
C SER C 610 14.15 -14.36 -33.15
N LEU C 611 13.33 -15.22 -32.54
CA LEU C 611 12.53 -16.19 -33.27
C LEU C 611 11.24 -15.52 -33.73
N TYR C 612 11.42 -14.59 -34.67
CA TYR C 612 10.38 -14.03 -35.54
C TYR C 612 9.21 -13.44 -34.76
N GLY C 613 9.48 -12.93 -33.56
CA GLY C 613 8.42 -12.45 -32.71
C GLY C 613 8.64 -12.83 -31.26
N VAL C 614 9.54 -13.78 -31.01
CA VAL C 614 9.92 -14.16 -29.67
C VAL C 614 11.36 -13.72 -29.46
N SER C 615 11.58 -12.75 -28.58
CA SER C 615 12.88 -12.10 -28.45
C SER C 615 13.51 -12.40 -27.09
N GLY C 616 14.83 -12.41 -27.08
CA GLY C 616 15.55 -12.53 -25.83
C GLY C 616 16.99 -12.93 -26.11
N ARG C 617 17.67 -13.35 -25.04
CA ARG C 617 19.00 -13.91 -25.18
C ARG C 617 19.09 -15.15 -24.31
N GLY C 618 19.96 -16.07 -24.71
CA GLY C 618 20.11 -17.31 -23.97
C GLY C 618 20.88 -18.33 -24.79
N VAL C 619 20.90 -19.55 -24.27
CA VAL C 619 21.60 -20.65 -24.91
C VAL C 619 20.57 -21.59 -25.53
N PHE C 620 21.04 -22.42 -26.47
CA PHE C 620 20.22 -23.43 -27.10
C PHE C 620 20.88 -24.78 -26.96
N GLN C 621 20.07 -25.79 -26.62
CA GLN C 621 20.57 -27.14 -26.41
C GLN C 621 19.67 -28.14 -27.11
N ASN C 622 20.26 -29.22 -27.60
CA ASN C 622 19.50 -30.25 -28.31
C ASN C 622 18.76 -31.12 -27.30
N CYS C 623 17.45 -31.24 -27.48
CA CYS C 623 16.61 -31.96 -26.54
C CYS C 623 15.65 -32.89 -27.29
N THR C 624 15.19 -33.91 -26.57
CA THR C 624 14.13 -34.77 -27.10
C THR C 624 12.80 -34.02 -27.14
N ALA C 625 11.96 -34.43 -28.08
CA ALA C 625 10.71 -33.74 -28.33
C ALA C 625 9.77 -33.85 -27.15
N VAL C 626 9.06 -32.76 -26.86
CA VAL C 626 8.16 -32.70 -25.71
C VAL C 626 7.05 -31.72 -26.04
N GLY C 627 5.85 -31.97 -25.50
CA GLY C 627 4.73 -31.09 -25.74
C GLY C 627 4.16 -31.22 -27.15
N VAL C 628 3.24 -30.32 -27.45
CA VAL C 628 2.59 -30.30 -28.75
C VAL C 628 3.57 -29.76 -29.79
N ARG C 629 3.74 -30.51 -30.88
CA ARG C 629 4.66 -30.10 -31.94
C ARG C 629 4.16 -28.86 -32.67
N GLN C 630 2.86 -28.80 -32.97
CA GLN C 630 2.37 -27.86 -33.95
C GLN C 630 2.30 -26.43 -33.43
N GLN C 631 2.19 -26.21 -32.13
CA GLN C 631 2.13 -24.85 -31.62
C GLN C 631 3.51 -24.20 -31.56
N ARG C 632 4.58 -24.97 -31.61
CA ARG C 632 5.98 -24.55 -31.78
C ARG C 632 6.56 -23.75 -30.62
N PHE C 633 5.79 -23.49 -29.55
CA PHE C 633 6.30 -22.68 -28.44
C PHE C 633 5.81 -23.29 -27.13
N VAL C 634 6.63 -24.15 -26.54
CA VAL C 634 6.29 -24.72 -25.25
C VAL C 634 6.65 -23.73 -24.15
N TYR C 635 5.74 -23.58 -23.19
CA TYR C 635 5.89 -22.63 -22.11
C TYR C 635 5.79 -23.33 -20.77
N ASP C 636 6.36 -22.70 -19.75
CA ASP C 636 6.22 -23.17 -18.39
C ASP C 636 5.02 -22.47 -17.74
N ALA C 637 4.89 -22.61 -16.43
CA ALA C 637 3.86 -21.87 -15.70
C ALA C 637 4.18 -20.39 -15.61
N TYR C 638 5.46 -20.02 -15.67
CA TYR C 638 5.89 -18.63 -15.49
C TYR C 638 6.05 -17.90 -16.82
N GLN C 639 5.37 -18.37 -17.86
CA GLN C 639 5.26 -17.67 -19.15
C GLN C 639 6.62 -17.44 -19.80
N ASN C 640 7.49 -18.43 -19.70
CA ASN C 640 8.80 -18.39 -20.33
C ASN C 640 8.90 -19.49 -21.38
N LEU C 641 9.53 -19.18 -22.50
CA LEU C 641 9.69 -20.14 -23.58
C LEU C 641 10.70 -21.19 -23.15
N VAL C 642 10.22 -22.40 -22.84
CA VAL C 642 11.12 -23.44 -22.37
C VAL C 642 11.92 -24.02 -23.52
N GLY C 643 11.27 -24.27 -24.65
CA GLY C 643 11.92 -24.93 -25.75
C GLY C 643 11.21 -24.59 -27.04
N TYR C 644 11.68 -25.21 -28.11
CA TYR C 644 11.32 -24.80 -29.45
C TYR C 644 11.48 -25.93 -30.45
N TYR C 645 10.50 -26.05 -31.36
CA TYR C 645 10.56 -27.02 -32.44
C TYR C 645 11.09 -26.32 -33.69
N SER C 646 12.30 -26.67 -34.09
CA SER C 646 12.94 -25.98 -35.20
C SER C 646 12.48 -26.55 -36.54
N ASP C 647 12.81 -25.82 -37.60
CA ASP C 647 12.39 -26.16 -38.95
C ASP C 647 13.04 -27.42 -39.50
N ASP C 648 14.08 -27.92 -38.85
CA ASP C 648 14.66 -29.20 -39.22
C ASP C 648 13.96 -30.37 -38.54
N GLY C 649 12.94 -30.10 -37.72
CA GLY C 649 12.32 -31.13 -36.91
C GLY C 649 13.05 -31.44 -35.62
N ASN C 650 14.16 -30.76 -35.35
CA ASN C 650 14.94 -31.00 -34.14
C ASN C 650 14.44 -30.08 -33.03
N TYR C 651 13.95 -30.66 -31.95
CA TYR C 651 13.52 -29.87 -30.81
C TYR C 651 14.73 -29.42 -29.99
N TYR C 652 14.62 -28.23 -29.42
CA TYR C 652 15.68 -27.64 -28.62
C TYR C 652 15.10 -27.07 -27.33
N CYS C 653 15.95 -26.92 -26.34
CA CYS C 653 15.64 -26.20 -25.11
C CYS C 653 16.41 -24.89 -25.07
N LEU C 654 15.83 -23.91 -24.40
CA LEU C 654 16.52 -22.66 -24.10
C LEU C 654 16.18 -22.27 -22.67
N ARG C 655 17.22 -21.95 -21.88
CA ARG C 655 17.04 -21.70 -20.46
C ARG C 655 17.27 -20.23 -20.11
N ALA C 656 18.48 -19.72 -20.36
CA ALA C 656 18.90 -18.36 -20.03
C ALA C 656 20.33 -18.19 -20.53
N CYS C 657 20.77 -16.94 -20.55
CA CYS C 657 22.19 -16.61 -20.67
C CYS C 657 22.69 -16.35 -19.24
N VAL C 658 22.90 -17.42 -18.50
CA VAL C 658 23.36 -17.30 -17.12
C VAL C 658 24.83 -16.89 -17.10
N SER C 659 25.12 -15.84 -16.34
CA SER C 659 26.48 -15.39 -16.09
C SER C 659 26.69 -15.37 -14.58
N VAL C 660 27.94 -15.54 -14.18
CA VAL C 660 28.29 -15.77 -12.78
C VAL C 660 28.12 -14.49 -11.97
N PRO C 661 27.31 -14.50 -10.92
CA PRO C 661 27.31 -13.38 -9.98
C PRO C 661 28.57 -13.39 -9.12
N VAL C 662 29.05 -12.20 -8.81
CA VAL C 662 30.35 -12.01 -8.16
C VAL C 662 30.14 -11.32 -6.83
N SER C 663 30.91 -11.73 -5.82
CA SER C 663 30.97 -11.03 -4.55
C SER C 663 32.40 -10.56 -4.32
N VAL C 664 32.55 -9.56 -3.45
CA VAL C 664 33.86 -8.99 -3.16
C VAL C 664 34.11 -9.09 -1.66
N ILE C 665 35.30 -9.51 -1.28
CA ILE C 665 35.73 -9.53 0.11
C ILE C 665 36.78 -8.44 0.28
N TYR C 666 36.62 -7.64 1.33
CA TYR C 666 37.48 -6.49 1.55
C TYR C 666 37.79 -6.38 3.03
N ASP C 667 39.02 -5.98 3.35
CA ASP C 667 39.42 -5.76 4.73
C ASP C 667 39.69 -4.28 4.95
N LYS C 668 39.11 -3.72 6.00
CA LYS C 668 39.47 -2.39 6.46
C LYS C 668 40.83 -2.45 7.16
N GLU C 669 41.49 -1.30 7.23
CA GLU C 669 42.78 -0.97 7.88
C GLU C 669 43.95 -1.80 7.36
N THR C 670 43.70 -2.70 6.41
CA THR C 670 44.72 -3.34 5.57
C THR C 670 44.07 -3.33 4.19
N LYS C 671 44.51 -2.41 3.33
CA LYS C 671 43.79 -2.12 2.10
C LYS C 671 43.97 -3.28 1.12
N THR C 672 43.24 -4.36 1.41
CA THR C 672 43.30 -5.59 0.64
C THR C 672 41.90 -6.04 0.30
N HIS C 673 41.78 -6.64 -0.88
CA HIS C 673 40.49 -7.05 -1.40
C HIS C 673 40.70 -8.23 -2.35
N ALA C 674 39.63 -8.97 -2.56
CA ALA C 674 39.66 -10.15 -3.43
C ALA C 674 38.26 -10.41 -3.94
N THR C 675 38.19 -11.23 -4.99
CA THR C 675 36.93 -11.45 -5.69
C THR C 675 36.56 -12.92 -5.65
N LEU C 676 35.26 -13.19 -5.50
CA LEU C 676 34.74 -14.55 -5.42
C LEU C 676 33.65 -14.74 -6.45
N PHE C 677 33.75 -15.82 -7.21
CA PHE C 677 32.75 -16.27 -8.16
C PHE C 677 32.11 -17.52 -7.58
N GLY C 678 30.85 -17.41 -7.18
CA GLY C 678 30.17 -18.50 -6.51
C GLY C 678 29.49 -19.47 -7.47
N SER C 679 29.35 -20.71 -6.99
CA SER C 679 28.58 -21.77 -7.67
C SER C 679 29.13 -22.09 -9.05
N VAL C 680 30.43 -21.93 -9.25
CA VAL C 680 31.05 -22.12 -10.56
C VAL C 680 32.47 -22.60 -10.36
N ALA C 681 32.90 -23.52 -11.22
CA ALA C 681 34.28 -23.94 -11.22
C ALA C 681 35.16 -22.84 -11.81
N CYS C 682 36.47 -22.99 -11.63
CA CYS C 682 37.42 -22.00 -12.15
C CYS C 682 37.52 -22.19 -13.66
N GLU C 683 36.55 -21.61 -14.37
CA GLU C 683 36.45 -21.74 -15.81
C GLU C 683 36.33 -20.37 -16.47
N HIS C 684 35.73 -19.42 -15.78
CA HIS C 684 35.57 -18.07 -16.30
C HIS C 684 36.82 -17.27 -16.01
N ILE C 685 37.40 -16.68 -17.07
CA ILE C 685 38.66 -15.94 -17.01
C ILE C 685 38.30 -14.53 -17.47
N SER C 686 39.30 -13.65 -17.60
CA SER C 686 39.10 -12.20 -17.69
C SER C 686 38.53 -11.71 -19.02
N SER C 687 37.93 -12.60 -19.81
CA SER C 687 37.53 -12.24 -21.18
C SER C 687 36.25 -11.41 -21.24
N THR C 688 35.12 -11.98 -20.80
CA THR C 688 33.81 -11.41 -21.08
C THR C 688 33.11 -11.00 -19.78
N MET C 689 33.20 -9.71 -19.45
CA MET C 689 32.47 -9.03 -18.38
C MET C 689 31.42 -8.08 -18.94
N SER C 690 30.85 -7.29 -18.02
CA SER C 690 29.92 -6.22 -18.33
C SER C 690 30.23 -5.13 -17.31
N GLN C 691 29.27 -4.21 -17.11
CA GLN C 691 29.41 -2.96 -16.36
C GLN C 691 30.76 -2.27 -16.60
N TYR C 692 31.45 -1.86 -15.53
CA TYR C 692 32.48 -0.84 -15.68
C TYR C 692 33.88 -1.42 -15.89
N SER C 693 34.38 -2.16 -14.91
CA SER C 693 35.70 -2.78 -14.96
C SER C 693 35.77 -3.78 -13.81
N ARG C 694 36.96 -4.36 -13.62
CA ARG C 694 37.22 -5.26 -12.51
C ARG C 694 38.54 -4.89 -11.86
N SER C 695 38.69 -5.27 -10.60
CA SER C 695 39.82 -4.87 -9.78
C SER C 695 40.94 -5.90 -9.91
N THR C 696 42.15 -5.42 -10.17
CA THR C 696 43.33 -6.26 -10.28
C THR C 696 44.53 -5.45 -9.80
N ARG C 697 45.40 -6.09 -9.02
CA ARG C 697 46.56 -5.37 -8.50
C ARG C 697 47.87 -6.10 -8.80
N SER C 698 47.83 -7.43 -8.92
CA SER C 698 49.05 -8.19 -9.15
C SER C 698 48.70 -9.49 -9.88
N MET C 699 49.69 -10.02 -10.58
CA MET C 699 49.57 -11.30 -11.27
C MET C 699 50.93 -11.93 -11.51
N TYR C 707 48.84 -19.03 -8.11
CA TYR C 707 48.71 -17.58 -7.99
C TYR C 707 47.41 -17.09 -8.63
N GLY C 708 47.01 -17.75 -9.70
CA GLY C 708 45.85 -17.34 -10.47
C GLY C 708 44.55 -17.72 -9.82
N PRO C 709 43.56 -18.09 -10.63
CA PRO C 709 42.26 -18.54 -10.09
C PRO C 709 42.43 -19.77 -9.22
N LEU C 710 41.76 -19.77 -8.07
CA LEU C 710 41.93 -20.83 -7.09
C LEU C 710 40.58 -21.48 -6.81
N GLN C 711 40.58 -22.81 -6.72
CA GLN C 711 39.37 -23.58 -6.54
C GLN C 711 39.03 -23.72 -5.06
N THR C 712 37.80 -23.38 -4.71
CA THR C 712 37.26 -23.45 -3.36
C THR C 712 35.91 -24.14 -3.43
N PRO C 713 35.44 -24.70 -2.32
CA PRO C 713 34.08 -25.28 -2.31
C PRO C 713 32.98 -24.29 -2.65
N VAL C 714 33.18 -23.00 -2.39
CA VAL C 714 32.21 -22.01 -2.82
C VAL C 714 32.41 -21.61 -4.27
N GLY C 715 33.57 -21.87 -4.86
CA GLY C 715 33.75 -21.56 -6.27
C GLY C 715 35.15 -21.18 -6.71
N CYS C 716 35.27 -20.04 -7.39
CA CYS C 716 36.55 -19.59 -7.94
C CYS C 716 36.94 -18.29 -7.27
N VAL C 717 38.12 -18.26 -6.66
CA VAL C 717 38.59 -17.12 -5.90
C VAL C 717 39.80 -16.52 -6.58
N LEU C 718 39.76 -15.21 -6.83
CA LEU C 718 40.92 -14.46 -7.30
C LEU C 718 41.41 -13.55 -6.17
N GLY C 719 42.72 -13.60 -5.91
CA GLY C 719 43.33 -12.80 -4.90
C GLY C 719 43.78 -13.54 -3.66
N LEU C 720 43.67 -14.86 -3.64
CA LEU C 720 44.02 -15.66 -2.47
C LEU C 720 45.14 -16.63 -2.81
N VAL C 721 45.64 -17.31 -1.79
CA VAL C 721 46.64 -18.37 -1.95
C VAL C 721 46.23 -19.55 -1.07
N ASN C 722 46.44 -20.76 -1.57
CA ASN C 722 46.04 -21.96 -0.85
C ASN C 722 47.03 -22.26 0.25
N SER C 723 46.53 -22.49 1.46
CA SER C 723 47.36 -22.84 2.59
C SER C 723 46.55 -23.65 3.58
N SER C 724 47.20 -24.63 4.21
CA SER C 724 46.54 -25.49 5.18
C SER C 724 46.67 -24.94 6.59
N LEU C 725 46.30 -23.66 6.75
CA LEU C 725 46.24 -23.04 8.06
C LEU C 725 44.91 -23.35 8.71
N PHE C 726 44.90 -23.32 10.04
CA PHE C 726 43.70 -23.62 10.80
C PHE C 726 43.47 -22.50 11.81
N VAL C 727 42.25 -21.96 11.80
CA VAL C 727 41.92 -20.76 12.55
C VAL C 727 40.74 -21.05 13.46
N GLU C 728 40.91 -20.81 14.75
CA GLU C 728 39.85 -21.01 15.74
C GLU C 728 39.06 -19.74 16.03
N ASP C 729 39.45 -18.61 15.45
CA ASP C 729 38.87 -17.32 15.76
C ASP C 729 38.57 -16.55 14.47
N CYS C 730 37.89 -17.21 13.54
CA CYS C 730 37.64 -16.62 12.23
C CYS C 730 36.73 -15.41 12.32
N LYS C 731 36.96 -14.45 11.42
CA LYS C 731 36.17 -13.23 11.37
C LYS C 731 35.59 -12.94 9.99
N LEU C 732 36.09 -13.58 8.93
CA LEU C 732 35.65 -13.28 7.57
C LEU C 732 34.84 -14.45 7.03
N PRO C 733 33.51 -14.34 6.95
CA PRO C 733 32.70 -15.41 6.38
C PRO C 733 32.79 -15.40 4.87
N LEU C 734 33.50 -16.38 4.32
CA LEU C 734 33.65 -16.50 2.87
C LEU C 734 32.58 -17.35 2.23
N GLY C 735 31.57 -17.75 3.00
CA GLY C 735 30.71 -18.83 2.59
C GLY C 735 31.35 -20.18 2.90
N GLN C 736 30.51 -21.21 2.88
CA GLN C 736 30.83 -22.56 3.35
C GLN C 736 31.41 -22.47 4.75
N SER C 737 32.68 -22.85 4.94
CA SER C 737 33.31 -22.60 6.22
C SER C 737 34.77 -22.19 6.07
N LEU C 738 35.12 -21.61 4.92
CA LEU C 738 36.48 -21.14 4.70
C LEU C 738 36.63 -19.73 5.24
N CYS C 739 37.83 -19.40 5.70
CA CYS C 739 38.10 -18.10 6.31
C CYS C 739 39.28 -17.44 5.62
N ALA C 740 39.33 -16.12 5.74
CA ALA C 740 40.35 -15.30 5.07
C ALA C 740 41.01 -14.39 6.09
N LEU C 741 42.23 -14.72 6.47
CA LEU C 741 43.04 -13.92 7.37
C LEU C 741 44.06 -13.11 6.59
N PRO C 742 44.12 -11.79 6.80
CA PRO C 742 45.06 -10.97 6.03
C PRO C 742 46.51 -11.11 6.48
N ASP C 743 47.40 -10.36 5.83
CA ASP C 743 48.83 -10.45 6.14
C ASP C 743 49.16 -9.76 7.44
N THR C 744 48.92 -8.46 7.52
CA THR C 744 49.27 -7.68 8.71
C THR C 744 48.40 -6.44 8.83
N PRO C 757 50.90 -5.86 4.00
CA PRO C 757 50.03 -5.58 2.86
C PRO C 757 50.40 -6.42 1.64
N GLY C 758 51.00 -7.58 1.89
CA GLY C 758 51.45 -8.42 0.80
C GLY C 758 50.34 -9.06 0.02
N GLU C 759 49.61 -9.99 0.64
CA GLU C 759 48.58 -10.76 -0.05
C GLU C 759 47.65 -11.34 1.01
N MET C 760 46.75 -12.22 0.57
CA MET C 760 45.56 -12.58 1.33
C MET C 760 45.64 -14.06 1.70
N ARG C 761 45.45 -14.36 2.99
CA ARG C 761 45.66 -15.71 3.50
C ARG C 761 44.34 -16.48 3.56
N LEU C 762 44.29 -17.62 2.87
CA LEU C 762 43.14 -18.52 2.97
C LEU C 762 43.40 -19.60 4.00
N ALA C 763 42.39 -19.91 4.81
CA ALA C 763 42.51 -20.99 5.76
C ALA C 763 41.17 -21.70 5.90
N SER C 764 41.22 -22.91 6.42
CA SER C 764 40.02 -23.63 6.82
C SER C 764 39.71 -23.33 8.27
N ILE C 765 38.42 -23.39 8.61
CA ILE C 765 38.02 -23.21 10.00
C ILE C 765 38.56 -24.36 10.84
N ALA C 766 39.03 -24.04 12.03
CA ALA C 766 39.50 -25.05 12.97
C ALA C 766 38.40 -25.26 13.99
N PHE C 767 37.60 -26.31 13.80
CA PHE C 767 36.61 -26.68 14.79
C PHE C 767 37.33 -27.16 16.05
N ASN C 768 36.96 -26.61 17.19
CA ASN C 768 37.61 -26.99 18.44
C ASN C 768 37.08 -28.34 18.89
N HIS C 769 37.94 -29.36 18.82
CA HIS C 769 37.60 -30.63 19.44
C HIS C 769 37.53 -30.44 20.95
N PRO C 770 36.51 -30.95 21.61
CA PRO C 770 36.46 -30.84 23.08
C PRO C 770 37.52 -31.72 23.72
N ILE C 771 37.76 -31.45 24.99
CA ILE C 771 38.79 -32.20 25.74
C ILE C 771 38.29 -33.63 25.91
N GLN C 772 38.89 -34.54 25.16
CA GLN C 772 38.41 -35.91 25.09
C GLN C 772 38.86 -36.71 26.31
N VAL C 773 37.95 -37.53 26.83
CA VAL C 773 38.28 -38.51 27.86
C VAL C 773 37.69 -39.85 27.44
N ASP C 774 38.46 -40.92 27.68
CA ASP C 774 38.01 -42.25 27.33
C ASP C 774 37.03 -42.77 28.38
N GLN C 775 36.39 -43.89 28.05
CA GLN C 775 35.45 -44.55 28.95
C GLN C 775 35.90 -45.99 29.16
N LEU C 776 36.04 -46.39 30.42
CA LEU C 776 36.47 -47.73 30.75
C LEU C 776 35.30 -48.69 30.83
N ASN C 777 35.61 -49.98 30.98
CA ASN C 777 34.60 -51.01 31.02
C ASN C 777 34.42 -51.67 32.37
N SER C 778 35.33 -51.43 33.32
CA SER C 778 35.27 -52.08 34.62
C SER C 778 34.37 -51.29 35.57
N SER C 779 34.39 -51.65 36.85
CA SER C 779 33.61 -50.95 37.85
C SER C 779 34.16 -49.56 38.15
N TYR C 780 35.41 -49.28 37.77
CA TYR C 780 36.00 -47.98 38.02
C TYR C 780 35.49 -46.97 36.99
N PHE C 781 35.95 -45.73 37.13
CA PHE C 781 35.56 -44.69 36.19
C PHE C 781 36.71 -43.69 36.05
N LYS C 782 36.87 -43.16 34.84
CA LYS C 782 37.86 -42.12 34.58
C LYS C 782 37.13 -40.79 34.43
N LEU C 783 37.41 -39.87 35.36
CA LEU C 783 36.73 -38.58 35.43
C LEU C 783 37.68 -37.47 35.03
N SER C 784 37.11 -36.38 34.51
CA SER C 784 37.88 -35.20 34.16
C SER C 784 37.51 -34.09 35.13
N ILE C 785 38.50 -33.55 35.84
CA ILE C 785 38.25 -32.51 36.82
C ILE C 785 39.16 -31.33 36.56
N PRO C 786 38.64 -30.10 36.59
CA PRO C 786 39.53 -28.93 36.48
C PRO C 786 40.39 -28.76 37.73
N THR C 787 41.55 -28.14 37.52
CA THR C 787 42.48 -27.84 38.59
C THR C 787 42.75 -26.37 38.77
N ASN C 788 42.68 -25.58 37.70
CA ASN C 788 42.82 -24.15 37.80
C ASN C 788 41.49 -23.49 37.43
N PHE C 789 41.27 -22.28 37.95
CA PHE C 789 40.00 -21.63 37.71
C PHE C 789 40.19 -20.12 37.75
N SER C 790 39.21 -19.42 37.19
CA SER C 790 39.24 -17.97 37.13
C SER C 790 37.80 -17.46 37.18
N PHE C 791 37.67 -16.16 37.38
CA PHE C 791 36.38 -15.49 37.40
C PHE C 791 36.15 -14.88 36.03
N GLY C 792 35.31 -15.53 35.22
CA GLY C 792 34.98 -15.01 33.92
C GLY C 792 33.88 -13.98 34.03
N VAL C 793 34.09 -12.83 33.39
CA VAL C 793 33.12 -11.74 33.38
C VAL C 793 32.52 -11.64 32.00
N THR C 794 31.20 -11.62 31.94
CA THR C 794 30.44 -11.58 30.70
C THR C 794 29.56 -10.34 30.71
N GLN C 795 29.67 -9.54 29.66
CA GLN C 795 28.83 -8.38 29.48
C GLN C 795 27.68 -8.76 28.56
N GLU C 796 26.46 -8.35 28.91
CA GLU C 796 25.41 -8.37 27.89
C GLU C 796 24.45 -7.23 28.17
N TYR C 797 23.47 -7.08 27.30
CA TYR C 797 22.61 -5.90 27.32
C TYR C 797 21.23 -6.27 26.79
N ILE C 798 20.21 -5.65 27.38
CA ILE C 798 18.84 -5.80 26.90
C ILE C 798 18.25 -4.42 26.69
N GLN C 799 17.83 -4.15 25.46
CA GLN C 799 17.14 -2.90 25.14
C GLN C 799 15.72 -3.01 25.66
N THR C 800 15.44 -2.32 26.77
CA THR C 800 14.14 -2.47 27.41
C THR C 800 13.12 -1.43 26.97
N THR C 801 13.55 -0.31 26.41
CA THR C 801 12.63 0.78 26.13
C THR C 801 13.25 1.68 25.06
N ILE C 802 12.58 1.80 23.92
CA ILE C 802 13.04 2.71 22.88
C ILE C 802 12.60 4.11 23.28
N GLN C 803 13.14 5.12 22.60
CA GLN C 803 12.89 6.50 22.99
C GLN C 803 11.45 6.90 22.67
N LYS C 804 10.72 7.34 23.68
CA LYS C 804 9.34 7.78 23.48
C LYS C 804 9.33 9.10 22.71
N VAL C 805 8.76 9.07 21.51
CA VAL C 805 8.75 10.22 20.63
C VAL C 805 7.34 10.38 20.06
N THR C 806 6.89 11.63 19.97
CA THR C 806 5.62 11.95 19.34
C THR C 806 5.84 13.07 18.32
N VAL C 807 4.92 13.15 17.37
CA VAL C 807 5.03 14.06 16.25
C VAL C 807 3.72 14.81 16.08
N ASP C 808 3.82 16.10 15.77
CA ASP C 808 2.65 16.88 15.40
C ASP C 808 2.42 16.69 13.90
N CYS C 809 1.28 16.08 13.55
CA CYS C 809 0.98 15.78 12.16
C CYS C 809 0.81 17.06 11.34
N LYS C 810 0.01 17.99 11.86
CA LYS C 810 -0.27 19.22 11.12
C LYS C 810 0.99 20.06 10.93
N GLN C 811 1.81 20.18 11.99
CA GLN C 811 3.00 21.01 11.90
C GLN C 811 4.03 20.41 10.95
N TYR C 812 4.26 19.11 11.03
CA TYR C 812 5.24 18.48 10.16
C TYR C 812 4.78 18.49 8.71
N VAL C 813 3.56 18.01 8.46
CA VAL C 813 3.14 17.81 7.08
C VAL C 813 2.72 19.12 6.42
N CYS C 814 2.20 20.08 7.17
CA CYS C 814 1.66 21.29 6.60
C CYS C 814 2.57 22.51 6.73
N ASN C 815 3.29 22.63 7.85
CA ASN C 815 4.25 23.70 8.10
C ASN C 815 3.60 25.09 8.04
N GLY C 816 2.37 25.19 8.56
CA GLY C 816 1.73 26.46 8.79
C GLY C 816 1.38 27.29 7.56
N PHE C 817 0.81 26.66 6.55
CA PHE C 817 0.27 27.37 5.40
C PHE C 817 -1.23 27.16 5.34
N GLN C 818 -1.96 28.23 5.05
CA GLN C 818 -3.42 28.20 5.17
C GLN C 818 -4.06 27.34 4.08
N LYS C 819 -3.61 27.50 2.84
CA LYS C 819 -4.15 26.67 1.77
C LYS C 819 -3.73 25.22 1.93
N CYS C 820 -2.52 25.00 2.45
CA CYS C 820 -2.12 23.67 2.90
C CYS C 820 -3.08 23.11 3.95
N GLU C 821 -3.49 23.95 4.90
CA GLU C 821 -4.42 23.49 5.92
C GLU C 821 -5.78 23.14 5.32
N GLN C 822 -6.25 23.95 4.36
CA GLN C 822 -7.51 23.66 3.69
C GLN C 822 -7.45 22.36 2.92
N LEU C 823 -6.33 22.12 2.22
CA LEU C 823 -6.18 20.87 1.49
C LEU C 823 -6.01 19.68 2.43
N LEU C 824 -5.43 19.92 3.61
CA LEU C 824 -5.28 18.85 4.59
C LEU C 824 -6.61 18.52 5.27
N ARG C 825 -7.58 19.44 5.23
CA ARG C 825 -8.88 19.21 5.84
C ARG C 825 -9.67 18.10 5.15
N GLU C 826 -9.33 17.80 3.89
CA GLU C 826 -9.97 16.68 3.20
C GLU C 826 -9.63 15.35 3.86
N TYR C 827 -8.35 15.14 4.19
CA TYR C 827 -7.94 13.87 4.78
C TYR C 827 -8.37 13.77 6.24
N GLY C 828 -8.20 14.84 7.00
CA GLY C 828 -8.77 14.92 8.34
C GLY C 828 -8.17 13.99 9.37
N GLN C 829 -8.92 12.94 9.71
CA GLN C 829 -8.69 12.08 10.87
C GLN C 829 -7.41 11.23 10.77
N PHE C 830 -6.63 11.33 9.71
CA PHE C 830 -5.37 10.58 9.64
C PHE C 830 -4.40 11.01 10.73
N CYS C 831 -4.31 12.33 10.96
CA CYS C 831 -3.46 12.83 12.03
C CYS C 831 -3.96 12.37 13.40
N SER C 832 -5.29 12.35 13.58
CA SER C 832 -5.84 11.83 14.83
C SER C 832 -5.52 10.36 15.02
N LYS C 833 -5.57 9.58 13.94
CA LYS C 833 -5.26 8.16 14.02
C LYS C 833 -3.80 7.92 14.37
N ILE C 834 -2.89 8.67 13.74
CA ILE C 834 -1.48 8.45 14.06
C ILE C 834 -1.16 8.98 15.46
N ASN C 835 -1.86 10.02 15.92
CA ASN C 835 -1.73 10.45 17.31
C ASN C 835 -2.21 9.36 18.26
N GLN C 836 -3.31 8.70 17.92
CA GLN C 836 -3.82 7.59 18.73
C GLN C 836 -2.79 6.47 18.82
N ALA C 837 -2.19 6.11 17.68
CA ALA C 837 -1.22 5.03 17.64
C ALA C 837 0.02 5.38 18.47
N LEU C 838 0.54 6.59 18.30
CA LEU C 838 1.75 6.98 19.04
C LEU C 838 1.47 7.10 20.53
N HIS C 839 0.31 7.64 20.91
CA HIS C 839 -0.04 7.77 22.31
C HIS C 839 -0.23 6.40 22.95
N GLY C 840 -0.86 5.46 22.24
CA GLY C 840 -1.01 4.12 22.77
C GLY C 840 0.31 3.41 22.94
N ALA C 841 1.22 3.56 21.97
CA ALA C 841 2.55 2.95 22.10
C ALA C 841 3.32 3.57 23.25
N ASN C 842 3.22 4.89 23.42
CA ASN C 842 3.91 5.57 24.51
C ASN C 842 3.37 5.11 25.87
N LEU C 843 2.06 4.97 25.98
CA LEU C 843 1.47 4.49 27.23
C LEU C 843 1.88 3.05 27.51
N ARG C 844 1.95 2.21 26.47
CA ARG C 844 2.38 0.83 26.66
C ARG C 844 3.82 0.75 27.14
N GLN C 845 4.70 1.56 26.56
CA GLN C 845 6.10 1.56 26.99
C GLN C 845 6.25 2.12 28.40
N ASP C 846 5.45 3.15 28.73
CA ASP C 846 5.46 3.70 30.08
C ASP C 846 4.98 2.67 31.10
N ASP C 847 3.94 1.91 30.75
CA ASP C 847 3.43 0.88 31.63
C ASP C 847 4.44 -0.25 31.78
N SER C 848 5.17 -0.57 30.71
CA SER C 848 6.22 -1.56 30.80
C SER C 848 7.33 -1.11 31.73
N VAL C 849 7.71 0.17 31.65
CA VAL C 849 8.74 0.72 32.54
C VAL C 849 8.27 0.67 33.98
N ARG C 850 7.03 1.06 34.24
CA ARG C 850 6.50 1.04 35.59
C ARG C 850 6.41 -0.37 36.15
N ASN C 851 5.99 -1.33 35.32
CA ASN C 851 5.92 -2.71 35.74
C ASN C 851 7.31 -3.28 36.03
N LEU C 852 8.30 -2.93 35.18
CA LEU C 852 9.65 -3.42 35.38
C LEU C 852 10.23 -2.88 36.68
N PHE C 853 10.04 -1.59 36.95
CA PHE C 853 10.64 -1.04 38.16
C PHE C 853 9.81 -1.32 39.40
N ALA C 854 8.56 -1.76 39.24
CA ALA C 854 7.83 -2.31 40.37
C ALA C 854 8.29 -3.73 40.68
N SER C 855 8.67 -4.49 39.66
CA SER C 855 9.16 -5.84 39.87
C SER C 855 10.50 -5.85 40.58
N VAL C 856 11.41 -4.95 40.18
CA VAL C 856 12.74 -4.90 40.81
C VAL C 856 12.74 -4.12 42.11
N LYS C 857 11.61 -3.57 42.53
CA LYS C 857 11.56 -2.77 43.74
C LYS C 857 11.70 -3.69 44.95
N SER C 858 12.94 -3.83 45.43
CA SER C 858 13.23 -4.75 46.51
C SER C 858 12.60 -4.27 47.81
N SER C 859 12.17 -5.24 48.63
CA SER C 859 11.50 -4.92 49.87
C SER C 859 12.47 -4.30 50.88
N GLN C 860 13.64 -4.92 51.05
CA GLN C 860 14.57 -4.51 52.10
C GLN C 860 15.98 -4.50 51.55
N SER C 861 16.67 -3.38 51.68
CA SER C 861 18.05 -3.23 51.23
C SER C 861 18.87 -2.60 52.34
N SER C 862 20.14 -2.33 52.03
CA SER C 862 21.05 -1.64 52.92
C SER C 862 21.74 -0.53 52.16
N PRO C 863 22.02 0.59 52.81
CA PRO C 863 22.73 1.69 52.13
C PRO C 863 24.15 1.30 51.79
N ILE C 864 24.66 1.95 50.75
CA ILE C 864 26.00 1.67 50.23
C ILE C 864 26.98 2.67 50.82
N ILE C 865 28.05 2.17 51.42
CA ILE C 865 29.11 2.99 51.98
C ILE C 865 30.40 2.59 51.29
N PRO C 866 31.27 3.53 50.92
CA PRO C 866 32.56 3.16 50.32
C PRO C 866 33.40 2.32 51.27
N GLY C 867 34.22 1.45 50.68
CA GLY C 867 34.83 0.38 51.42
C GLY C 867 34.00 -0.88 51.50
N PHE C 868 32.87 -0.91 50.78
CA PHE C 868 31.99 -2.08 50.78
C PHE C 868 32.66 -3.24 50.07
N GLY C 869 32.38 -4.45 50.57
CA GLY C 869 32.96 -5.65 50.02
C GLY C 869 34.34 -5.99 50.54
N GLY C 870 34.92 -5.14 51.39
CA GLY C 870 36.22 -5.40 51.96
C GLY C 870 37.33 -5.46 50.93
N ASP C 871 37.98 -6.63 50.83
CA ASP C 871 39.01 -6.83 49.83
C ASP C 871 38.44 -6.88 48.41
N PHE C 872 37.15 -7.17 48.27
CA PHE C 872 36.50 -7.18 46.96
C PHE C 872 36.29 -5.74 46.51
N ASN C 873 37.10 -5.28 45.56
CA ASN C 873 37.02 -3.90 45.09
C ASN C 873 35.81 -3.75 44.19
N LEU C 874 34.78 -3.08 44.70
CA LEU C 874 33.55 -2.84 43.95
C LEU C 874 33.26 -1.35 43.80
N THR C 875 34.21 -0.49 44.16
CA THR C 875 33.98 0.95 44.11
C THR C 875 33.90 1.47 42.68
N LEU C 876 34.37 0.68 41.69
CA LEU C 876 34.13 1.04 40.31
C LEU C 876 32.66 0.97 39.97
N LEU C 877 31.96 0.00 40.58
CA LEU C 877 30.52 -0.16 40.40
C LEU C 877 29.71 0.81 41.27
N GLU C 878 30.28 1.29 42.38
CA GLU C 878 29.57 2.05 43.39
C GLU C 878 29.09 3.40 42.84
N PRO C 879 27.85 3.77 43.14
CA PRO C 879 27.32 5.10 42.75
C PRO C 879 27.70 6.23 43.72
N VAL C 880 28.90 6.76 43.54
CA VAL C 880 29.35 7.88 44.35
C VAL C 880 28.69 9.17 43.89
N ALA C 889 24.46 9.54 43.22
CA ALA C 889 24.16 9.85 41.82
C ALA C 889 24.44 8.65 40.93
N ARG C 890 24.74 8.93 39.66
CA ARG C 890 25.02 7.86 38.71
C ARG C 890 26.39 7.24 38.99
N SER C 891 26.51 5.93 38.74
CA SER C 891 27.72 5.20 39.09
C SER C 891 28.84 5.48 38.08
N ALA C 892 30.07 5.22 38.52
CA ALA C 892 31.25 5.55 37.73
C ALA C 892 31.33 4.71 36.46
N ILE C 893 31.04 3.41 36.57
CA ILE C 893 31.00 2.57 35.38
C ILE C 893 29.88 3.02 34.45
N GLU C 894 28.75 3.45 35.02
CA GLU C 894 27.67 3.99 34.20
C GLU C 894 28.09 5.32 33.56
N ASP C 895 28.85 6.13 34.29
CA ASP C 895 29.35 7.38 33.73
C ASP C 895 30.28 7.12 32.54
N LEU C 896 31.18 6.14 32.67
CA LEU C 896 32.08 5.79 31.57
C LEU C 896 31.30 5.21 30.40
N LEU C 897 30.27 4.42 30.69
CA LEU C 897 29.40 3.89 29.63
C LEU C 897 28.70 5.01 28.88
N PHE C 898 28.22 6.02 29.60
CA PHE C 898 27.61 7.17 28.93
C PHE C 898 28.64 7.98 28.17
N ASP C 899 29.89 8.02 28.65
CA ASP C 899 30.93 8.76 27.97
C ASP C 899 31.29 8.13 26.63
N LYS C 900 31.54 6.83 26.62
CA LYS C 900 32.08 6.17 25.43
C LYS C 900 31.04 5.96 24.34
N VAL C 901 29.76 6.19 24.62
CA VAL C 901 28.69 6.04 23.65
C VAL C 901 28.29 7.42 23.15
N THR C 902 28.08 7.54 21.84
CA THR C 902 27.66 8.81 21.24
C THR C 902 26.23 9.11 21.70
N ILE C 903 26.11 9.95 22.71
CA ILE C 903 24.84 10.27 23.35
C ILE C 903 24.63 11.77 23.28
N ALA C 904 23.49 12.17 22.73
CA ALA C 904 23.08 13.58 22.69
C ALA C 904 22.00 13.79 23.74
N ASP C 905 22.34 14.55 24.78
CA ASP C 905 21.36 14.89 25.80
C ASP C 905 20.35 15.85 25.19
N PRO C 906 19.06 15.52 25.16
CA PRO C 906 18.11 16.22 24.29
C PRO C 906 17.58 17.55 24.83
N GLY C 907 18.49 18.36 25.39
CA GLY C 907 18.23 19.75 25.71
C GLY C 907 17.05 20.01 26.63
N TYR C 908 16.97 19.26 27.73
CA TYR C 908 15.75 19.15 28.52
C TYR C 908 15.29 20.46 29.13
N MET C 909 16.17 21.45 29.23
CA MET C 909 15.79 22.79 29.63
C MET C 909 16.21 23.86 28.64
N GLN C 910 17.08 23.54 27.69
CA GLN C 910 17.70 24.57 26.85
C GLN C 910 17.86 24.10 25.40
N GLY C 911 17.07 23.13 24.99
CA GLY C 911 17.23 22.59 23.65
C GLY C 911 16.73 23.70 22.84
N TYR C 912 15.81 24.43 23.42
CA TYR C 912 15.33 25.57 22.71
C TYR C 912 16.50 26.50 22.71
N ASP C 913 17.12 26.63 23.86
CA ASP C 913 18.19 27.56 23.95
C ASP C 913 19.50 27.05 23.33
N ASP C 914 19.47 25.91 22.66
CA ASP C 914 20.68 25.34 22.10
C ASP C 914 20.62 25.83 20.71
N CYS C 915 19.44 26.22 20.29
CA CYS C 915 19.32 26.80 18.97
C CYS C 915 19.47 28.25 19.24
N MET C 916 19.57 28.61 20.51
CA MET C 916 19.84 29.99 20.83
C MET C 916 21.32 30.00 21.04
N GLN C 917 21.95 28.87 20.77
CA GLN C 917 23.38 28.78 20.91
C GLN C 917 23.98 28.18 19.68
N GLN C 918 24.23 26.88 19.72
CA GLN C 918 24.83 26.19 18.58
C GLN C 918 24.18 24.83 18.36
N LEU C 926 21.83 17.24 17.92
CA LEU C 926 20.85 16.48 17.13
C LEU C 926 19.50 16.97 17.52
N ILE C 927 19.47 17.72 18.60
CA ILE C 927 18.20 18.15 19.09
C ILE C 927 17.94 19.60 18.72
N CYS C 928 18.62 20.12 17.71
CA CYS C 928 18.29 21.43 17.18
C CYS C 928 17.64 21.38 15.81
N ALA C 929 17.94 20.36 15.01
CA ALA C 929 17.22 20.10 13.78
C ALA C 929 15.93 19.32 14.02
N GLN C 930 15.67 18.90 15.25
CA GLN C 930 14.49 18.09 15.53
C GLN C 930 13.20 18.87 15.32
N TYR C 931 13.17 20.17 15.64
CA TYR C 931 11.93 20.91 15.47
C TYR C 931 11.74 21.30 14.00
N VAL C 932 12.82 21.29 13.20
CA VAL C 932 12.72 21.68 11.79
C VAL C 932 11.72 20.80 11.06
N ALA C 933 11.80 19.49 11.30
CA ALA C 933 10.68 18.62 10.95
C ALA C 933 9.49 18.88 11.86
N GLY C 934 9.71 18.87 13.16
CA GLY C 934 8.65 19.13 14.12
C GLY C 934 8.12 17.84 14.71
N TYR C 935 8.63 17.49 15.89
CA TYR C 935 8.27 16.29 16.62
C TYR C 935 8.90 16.35 18.00
N LYS C 936 8.10 16.04 19.02
CA LYS C 936 8.55 16.14 20.40
C LYS C 936 9.31 14.88 20.80
N VAL C 937 10.50 15.07 21.36
CA VAL C 937 11.23 13.98 22.01
C VAL C 937 10.76 13.94 23.45
N LEU C 938 9.80 13.09 23.76
CA LEU C 938 9.25 13.02 25.10
C LEU C 938 10.28 12.41 26.05
N PRO C 939 10.54 13.05 27.20
CA PRO C 939 11.48 12.47 28.15
C PRO C 939 10.91 11.20 28.76
N PRO C 940 11.75 10.27 29.17
CA PRO C 940 11.25 9.06 29.85
C PRO C 940 10.68 9.40 31.22
N LEU C 941 9.87 8.49 31.72
CA LEU C 941 9.18 8.72 32.99
C LEU C 941 10.15 8.71 34.18
N MET C 942 11.30 8.07 34.03
CA MET C 942 12.27 7.94 35.11
C MET C 942 13.38 8.96 34.91
N ASP C 943 13.69 9.72 35.95
CA ASP C 943 14.87 10.57 35.90
C ASP C 943 16.13 9.78 36.24
N VAL C 944 17.26 10.49 36.20
CA VAL C 944 18.55 9.85 36.46
C VAL C 944 18.67 9.46 37.92
N ASN C 945 18.31 10.37 38.83
CA ASN C 945 18.64 10.20 40.24
C ASN C 945 17.83 9.08 40.88
N MET C 946 16.52 9.06 40.66
CA MET C 946 15.69 8.05 41.32
C MET C 946 15.87 6.67 40.69
N GLU C 947 16.14 6.61 39.39
CA GLU C 947 16.46 5.32 38.79
C GLU C 947 17.83 4.82 39.26
N ALA C 948 18.76 5.76 39.50
CA ALA C 948 20.01 5.40 40.12
C ALA C 948 19.78 4.88 41.54
N ALA C 949 18.79 5.45 42.24
CA ALA C 949 18.44 4.93 43.56
C ALA C 949 17.88 3.52 43.49
N TYR C 950 17.07 3.23 42.47
CA TYR C 950 16.68 1.85 42.18
C TYR C 950 17.89 0.93 42.02
N THR C 951 18.85 1.34 41.19
CA THR C 951 20.01 0.48 40.95
C THR C 951 20.85 0.32 42.22
N SER C 952 20.93 1.37 43.03
CA SER C 952 21.63 1.29 44.30
C SER C 952 20.94 0.32 45.25
N SER C 953 19.60 0.32 45.25
CA SER C 953 18.85 -0.61 46.07
C SER C 953 19.07 -2.04 45.62
N LEU C 954 19.11 -2.28 44.31
CA LEU C 954 19.44 -3.61 43.80
C LEU C 954 20.83 -4.04 44.21
N LEU C 955 21.81 -3.13 44.11
CA LEU C 955 23.18 -3.47 44.49
C LEU C 955 23.28 -3.80 45.97
N GLY C 956 22.57 -3.04 46.81
CA GLY C 956 22.57 -3.33 48.23
C GLY C 956 21.78 -4.56 48.62
N SER C 957 20.85 -4.98 47.78
CA SER C 957 20.02 -6.13 48.13
C SER C 957 20.62 -7.44 47.65
N ILE C 958 21.26 -7.46 46.47
CA ILE C 958 21.75 -8.72 45.91
C ILE C 958 22.89 -9.34 46.73
N ALA C 959 23.46 -8.59 47.66
CA ALA C 959 24.39 -9.20 48.61
C ALA C 959 23.68 -10.20 49.51
N GLY C 960 22.41 -9.95 49.82
CA GLY C 960 21.75 -10.73 50.84
C GLY C 960 20.54 -11.53 50.44
N VAL C 961 19.83 -11.09 49.39
CA VAL C 961 18.58 -11.76 49.00
C VAL C 961 18.86 -13.18 48.53
N GLY C 962 19.90 -13.37 47.72
CA GLY C 962 20.24 -14.69 47.24
C GLY C 962 21.05 -15.50 48.23
N TRP C 963 20.48 -15.81 49.39
CA TRP C 963 21.13 -16.68 50.36
C TRP C 963 20.19 -17.76 50.86
N THR C 964 18.89 -17.46 50.85
CA THR C 964 17.88 -18.40 51.33
C THR C 964 16.65 -18.27 50.45
N ALA C 965 16.07 -19.41 50.07
CA ALA C 965 14.86 -19.42 49.26
C ALA C 965 13.70 -18.77 50.02
N GLY C 966 12.82 -18.11 49.27
CA GLY C 966 11.81 -17.29 49.87
C GLY C 966 12.27 -15.85 49.96
N LEU C 967 11.49 -14.93 49.39
CA LEU C 967 11.88 -13.53 49.29
C LEU C 967 11.46 -12.71 50.49
N SER C 968 10.90 -13.33 51.52
CA SER C 968 10.32 -12.58 52.63
C SER C 968 11.39 -11.94 53.50
N SER C 969 12.43 -12.69 53.85
CA SER C 969 13.42 -12.25 54.82
C SER C 969 14.67 -11.74 54.12
N PHE C 970 15.14 -10.57 54.56
CA PHE C 970 16.37 -10.00 54.04
C PHE C 970 17.55 -10.44 54.89
N ALA C 971 18.67 -10.72 54.23
CA ALA C 971 19.80 -11.42 54.82
C ALA C 971 21.11 -10.73 54.47
N ALA C 972 21.21 -9.43 54.74
CA ALA C 972 22.37 -8.65 54.29
C ALA C 972 23.65 -8.98 55.05
N ILE C 973 24.23 -10.15 54.77
CA ILE C 973 25.51 -10.58 55.33
C ILE C 973 26.58 -9.71 54.69
N PRO C 974 27.76 -9.55 55.29
CA PRO C 974 28.88 -8.95 54.55
C PRO C 974 29.20 -9.72 53.30
N PHE C 975 29.61 -8.98 52.26
CA PHE C 975 29.61 -9.48 50.89
C PHE C 975 30.55 -10.65 50.69
N ALA C 976 31.68 -10.67 51.41
CA ALA C 976 32.64 -11.75 51.28
C ALA C 976 32.03 -13.08 51.72
N GLN C 977 31.27 -13.06 52.82
CA GLN C 977 30.60 -14.28 53.27
C GLN C 977 29.55 -14.73 52.28
N SER C 978 28.86 -13.79 51.63
CA SER C 978 27.89 -14.14 50.60
C SER C 978 28.56 -14.81 49.41
N ILE C 979 29.71 -14.27 48.98
CA ILE C 979 30.45 -14.88 47.87
C ILE C 979 30.95 -16.26 48.27
N PHE C 980 31.37 -16.41 49.52
CA PHE C 980 31.83 -17.71 50.00
C PHE C 980 30.70 -18.74 49.99
N TYR C 981 29.51 -18.34 50.42
CA TYR C 981 28.37 -19.26 50.40
C TYR C 981 27.96 -19.61 48.98
N ARG C 982 27.97 -18.62 48.08
CA ARG C 982 27.61 -18.87 46.69
C ARG C 982 28.61 -19.81 46.02
N LEU C 983 29.89 -19.65 46.33
CA LEU C 983 30.89 -20.56 45.79
C LEU C 983 30.79 -21.94 46.46
N ASN C 984 30.33 -21.99 47.70
CA ASN C 984 30.06 -23.27 48.35
C ASN C 984 28.93 -24.00 47.62
N GLY C 985 27.93 -23.27 47.15
CA GLY C 985 26.78 -23.89 46.53
C GLY C 985 27.05 -24.54 45.18
N VAL C 986 28.13 -24.15 44.50
CA VAL C 986 28.38 -24.62 43.14
C VAL C 986 29.36 -25.79 43.11
N GLY C 987 29.65 -26.39 44.25
CA GLY C 987 30.48 -27.58 44.25
C GLY C 987 31.94 -27.32 44.55
N ILE C 988 32.20 -26.34 45.40
CA ILE C 988 33.55 -26.05 45.88
C ILE C 988 33.57 -26.23 47.39
N THR C 989 34.53 -27.00 47.88
CA THR C 989 34.56 -27.32 49.30
C THR C 989 34.95 -26.11 50.13
N GLN C 990 34.62 -26.17 51.42
CA GLN C 990 34.92 -25.07 52.34
C GLN C 990 36.41 -24.93 52.60
N GLN C 991 37.18 -26.01 52.43
CA GLN C 991 38.57 -26.02 52.85
C GLN C 991 39.41 -25.09 51.98
N VAL C 992 39.25 -25.18 50.66
CA VAL C 992 39.98 -24.31 49.76
C VAL C 992 39.55 -22.86 49.93
N LEU C 993 38.27 -22.63 50.26
CA LEU C 993 37.80 -21.29 50.57
C LEU C 993 38.47 -20.75 51.82
N SER C 994 38.61 -21.58 52.85
CA SER C 994 39.19 -21.13 54.10
C SER C 994 40.70 -20.98 54.02
N GLU C 995 41.35 -21.59 53.01
CA GLU C 995 42.80 -21.46 52.91
C GLU C 995 43.24 -20.49 51.82
N ASN C 996 42.35 -20.08 50.92
CA ASN C 996 42.76 -19.33 49.74
C ASN C 996 41.86 -18.12 49.53
N GLN C 997 41.64 -17.36 50.60
CA GLN C 997 40.81 -16.15 50.52
C GLN C 997 41.47 -15.07 49.67
N LYS C 998 42.77 -14.84 49.87
CA LYS C 998 43.44 -13.72 49.23
C LYS C 998 43.58 -13.93 47.73
N LEU C 999 43.86 -15.16 47.29
CA LEU C 999 44.04 -15.40 45.86
C LEU C 999 42.73 -15.26 45.10
N ILE C 1000 41.63 -15.78 45.65
CA ILE C 1000 40.35 -15.60 44.99
C ILE C 1000 39.90 -14.15 45.07
N ALA C 1001 40.29 -13.44 46.13
CA ALA C 1001 39.99 -12.01 46.19
C ALA C 1001 40.74 -11.24 45.11
N ASN C 1002 42.01 -11.58 44.90
CA ASN C 1002 42.79 -10.91 43.86
C ASN C 1002 42.28 -11.26 42.48
N LYS C 1003 41.87 -12.51 42.27
CA LYS C 1003 41.28 -12.89 40.99
C LYS C 1003 39.97 -12.16 40.75
N PHE C 1004 39.16 -12.01 41.79
CA PHE C 1004 37.91 -11.27 41.67
C PHE C 1004 38.18 -9.79 41.36
N ASN C 1005 39.18 -9.22 42.02
CA ASN C 1005 39.55 -7.83 41.75
C ASN C 1005 40.04 -7.64 40.32
N GLN C 1006 40.86 -8.59 39.83
CA GLN C 1006 41.34 -8.51 38.46
C GLN C 1006 40.19 -8.66 37.47
N ALA C 1007 39.25 -9.56 37.75
CA ALA C 1007 38.11 -9.74 36.87
C ALA C 1007 37.24 -8.50 36.82
N LEU C 1008 36.94 -7.91 37.97
CA LEU C 1008 36.11 -6.71 38.03
C LEU C 1008 36.87 -5.46 37.64
N GLY C 1009 38.19 -5.53 37.46
CA GLY C 1009 38.90 -4.44 36.83
C GLY C 1009 39.16 -4.65 35.36
N ALA C 1010 38.93 -5.87 34.86
CA ALA C 1010 39.20 -6.17 33.45
C ALA C 1010 38.30 -5.38 32.51
N MET C 1011 37.01 -5.30 32.80
CA MET C 1011 36.11 -4.60 31.89
C MET C 1011 36.22 -3.09 31.99
N GLN C 1012 36.86 -2.57 33.05
CA GLN C 1012 37.03 -1.12 33.17
C GLN C 1012 37.90 -0.58 32.05
N THR C 1013 38.96 -1.30 31.71
CA THR C 1013 39.77 -0.98 30.55
C THR C 1013 39.29 -1.69 29.29
N GLY C 1014 38.20 -2.43 29.37
CA GLY C 1014 37.74 -3.23 28.27
C GLY C 1014 36.86 -2.54 27.26
N PHE C 1015 36.32 -1.35 27.56
CA PHE C 1015 35.32 -0.73 26.71
C PHE C 1015 35.91 -0.22 25.39
N THR C 1016 35.76 -1.04 24.35
CA THR C 1016 36.17 -0.70 23.01
C THR C 1016 35.21 -1.41 22.06
N THR C 1017 35.60 -1.54 20.79
CA THR C 1017 34.74 -2.18 19.79
C THR C 1017 34.59 -3.67 20.06
N THR C 1018 35.52 -4.27 20.82
CA THR C 1018 35.51 -5.71 21.03
C THR C 1018 34.32 -6.19 21.85
N ASN C 1019 33.76 -5.33 22.71
CA ASN C 1019 32.58 -5.72 23.48
C ASN C 1019 31.38 -5.83 22.54
N GLU C 1020 30.76 -7.00 22.50
CA GLU C 1020 29.56 -7.16 21.69
C GLU C 1020 28.39 -6.38 22.27
N ALA C 1021 28.30 -6.33 23.60
CA ALA C 1021 27.21 -5.61 24.25
C ALA C 1021 27.32 -4.10 23.99
N PHE C 1022 28.54 -3.57 24.02
CA PHE C 1022 28.75 -2.16 23.70
C PHE C 1022 28.34 -1.86 22.26
N GLN C 1023 28.68 -2.77 21.35
CA GLN C 1023 28.29 -2.61 19.95
C GLN C 1023 26.78 -2.66 19.80
N LYS C 1024 26.11 -3.52 20.56
CA LYS C 1024 24.65 -3.58 20.48
C LYS C 1024 23.99 -2.34 21.07
N VAL C 1025 24.59 -1.77 22.12
CA VAL C 1025 24.10 -0.52 22.69
C VAL C 1025 24.21 0.60 21.66
N GLN C 1026 25.39 0.69 21.01
CA GLN C 1026 25.57 1.68 19.96
C GLN C 1026 24.62 1.43 18.79
N ASP C 1027 24.33 0.17 18.50
CA ASP C 1027 23.40 -0.18 17.44
C ASP C 1027 21.99 0.28 17.76
N ALA C 1028 21.56 0.10 19.01
CA ALA C 1028 20.23 0.56 19.40
C ALA C 1028 20.15 2.09 19.37
N VAL C 1029 21.20 2.76 19.80
CA VAL C 1029 21.23 4.22 19.75
C VAL C 1029 21.17 4.71 18.30
N ASN C 1030 21.93 4.05 17.42
CA ASN C 1030 21.89 4.40 16.01
C ASN C 1030 20.54 4.03 15.38
N ASN C 1031 19.86 3.03 15.92
CA ASN C 1031 18.50 2.72 15.46
C ASN C 1031 17.55 3.86 15.80
N ASN C 1032 17.65 4.40 17.01
CA ASN C 1032 16.85 5.58 17.35
C ASN C 1032 17.22 6.76 16.46
N ALA C 1033 18.51 6.95 16.20
CA ALA C 1033 18.96 8.05 15.35
C ALA C 1033 18.43 7.91 13.93
N GLN C 1034 18.45 6.70 13.39
CA GLN C 1034 17.92 6.48 12.05
C GLN C 1034 16.40 6.61 12.03
N ALA C 1035 15.73 6.22 13.11
CA ALA C 1035 14.28 6.38 13.19
C ALA C 1035 13.90 7.85 13.16
N LEU C 1036 14.63 8.70 13.89
CA LEU C 1036 14.31 10.13 13.82
C LEU C 1036 14.78 10.75 12.51
N SER C 1037 15.86 10.21 11.91
CA SER C 1037 16.29 10.69 10.61
C SER C 1037 15.29 10.34 9.52
N LYS C 1038 14.51 9.27 9.72
CA LYS C 1038 13.47 8.90 8.77
C LYS C 1038 12.35 9.93 8.71
N LEU C 1039 12.28 10.84 9.67
CA LEU C 1039 11.43 12.02 9.56
C LEU C 1039 12.23 13.27 9.20
N ALA C 1040 13.43 13.41 9.74
CA ALA C 1040 14.19 14.64 9.55
C ALA C 1040 14.74 14.78 8.13
N SER C 1041 14.94 13.69 7.41
CA SER C 1041 15.63 13.73 6.13
C SER C 1041 14.70 13.71 4.93
N GLU C 1042 13.42 13.42 5.11
CA GLU C 1042 12.52 13.21 4.00
C GLU C 1042 11.73 14.44 3.61
N LEU C 1043 11.99 15.59 4.24
CA LEU C 1043 11.37 16.83 3.79
C LEU C 1043 11.92 17.28 2.44
N SER C 1044 13.17 16.95 2.14
CA SER C 1044 13.73 17.28 0.84
C SER C 1044 13.18 16.42 -0.28
N ASN C 1045 12.48 15.33 0.04
CA ASN C 1045 11.85 14.52 -0.98
C ASN C 1045 10.70 15.30 -1.62
N THR C 1046 10.62 15.22 -2.95
CA THR C 1046 9.64 16.01 -3.68
C THR C 1046 8.41 15.21 -4.08
N PHE C 1047 8.51 13.87 -4.10
CA PHE C 1047 7.43 12.98 -4.55
C PHE C 1047 6.97 13.30 -5.96
N GLY C 1048 7.90 13.75 -6.81
CA GLY C 1048 7.57 14.14 -8.16
C GLY C 1048 7.08 15.56 -8.32
N ALA C 1049 6.94 16.32 -7.23
CA ALA C 1049 6.60 17.72 -7.36
C ALA C 1049 7.83 18.52 -7.78
N ILE C 1050 7.59 19.75 -8.23
CA ILE C 1050 8.69 20.56 -8.76
C ILE C 1050 9.60 21.11 -7.69
N SER C 1051 9.18 21.08 -6.42
CA SER C 1051 10.02 21.54 -5.33
C SER C 1051 9.60 20.85 -4.05
N ALA C 1052 10.50 20.84 -3.07
CA ALA C 1052 10.24 20.23 -1.78
C ALA C 1052 9.83 21.23 -0.73
N SER C 1053 9.58 22.49 -1.12
CA SER C 1053 9.18 23.54 -0.19
C SER C 1053 7.77 23.99 -0.52
N ILE C 1054 6.90 23.96 0.50
CA ILE C 1054 5.51 24.35 0.31
C ILE C 1054 5.42 25.85 0.04
N GLY C 1055 6.26 26.65 0.71
CA GLY C 1055 6.27 28.08 0.45
C GLY C 1055 6.67 28.42 -0.97
N ASP C 1056 7.65 27.69 -1.51
CA ASP C 1056 8.03 27.89 -2.91
C ASP C 1056 6.91 27.48 -3.86
N ILE C 1057 6.16 26.42 -3.52
CA ILE C 1057 5.01 26.02 -4.32
C ILE C 1057 3.96 27.11 -4.31
N ILE C 1058 3.64 27.65 -3.13
CA ILE C 1058 2.60 28.67 -3.04
C ILE C 1058 3.07 30.02 -3.57
N GLN C 1059 4.36 30.23 -3.71
CA GLN C 1059 4.85 31.47 -4.30
C GLN C 1059 5.03 31.39 -5.81
N ARG C 1060 5.26 30.19 -6.34
CA ARG C 1060 5.71 30.05 -7.72
C ARG C 1060 4.71 29.34 -8.63
N LEU C 1061 3.47 29.14 -8.20
CA LEU C 1061 2.59 28.37 -9.07
C LEU C 1061 1.15 28.77 -8.81
N ASP C 1062 0.33 28.63 -9.86
CA ASP C 1062 -1.08 28.99 -10.01
C ASP C 1062 -1.96 27.96 -9.28
N PRO C 1063 -3.07 28.39 -8.67
CA PRO C 1063 -3.78 27.56 -7.66
C PRO C 1063 -4.23 26.17 -8.14
N PRO C 1064 -4.90 26.01 -9.30
CA PRO C 1064 -5.47 24.67 -9.59
C PRO C 1064 -4.46 23.54 -9.73
N GLU C 1065 -3.22 23.79 -10.16
CA GLU C 1065 -2.26 22.71 -10.24
C GLU C 1065 -1.30 22.66 -9.05
N GLN C 1066 -1.10 23.77 -8.34
CA GLN C 1066 -0.40 23.63 -7.06
C GLN C 1066 -1.25 22.90 -6.05
N ASP C 1067 -2.58 22.89 -6.26
CA ASP C 1067 -3.43 22.01 -5.46
C ASP C 1067 -3.02 20.55 -5.64
N ALA C 1068 -2.80 20.13 -6.89
CA ALA C 1068 -2.36 18.77 -7.15
C ALA C 1068 -0.95 18.52 -6.62
N GLN C 1069 -0.06 19.50 -6.77
CA GLN C 1069 1.31 19.35 -6.28
C GLN C 1069 1.34 19.21 -4.75
N ILE C 1070 0.59 20.06 -4.05
CA ILE C 1070 0.47 19.97 -2.60
C ILE C 1070 -0.21 18.68 -2.20
N ASP C 1071 -1.18 18.21 -3.00
CA ASP C 1071 -1.81 16.92 -2.73
C ASP C 1071 -0.80 15.78 -2.81
N ARG C 1072 0.09 15.82 -3.80
CA ARG C 1072 1.15 14.82 -3.88
C ARG C 1072 2.07 14.88 -2.67
N LEU C 1073 2.42 16.09 -2.24
CA LEU C 1073 3.26 16.26 -1.05
C LEU C 1073 2.57 15.69 0.19
N ILE C 1074 1.28 15.98 0.35
CA ILE C 1074 0.52 15.50 1.49
C ILE C 1074 0.46 13.97 1.48
N ASN C 1075 0.18 13.39 0.32
CA ASN C 1075 0.07 11.94 0.23
C ASN C 1075 1.40 11.25 0.52
N GLY C 1076 2.50 11.79 -0.01
CA GLY C 1076 3.80 11.19 0.26
C GLY C 1076 4.20 11.32 1.72
N ARG C 1077 3.97 12.49 2.32
CA ARG C 1077 4.28 12.66 3.73
C ARG C 1077 3.43 11.76 4.62
N LEU C 1078 2.15 11.60 4.29
CA LEU C 1078 1.30 10.72 5.07
C LEU C 1078 1.70 9.27 4.91
N THR C 1079 2.17 8.88 3.72
CA THR C 1079 2.72 7.54 3.53
C THR C 1079 3.95 7.34 4.41
N THR C 1080 4.83 8.34 4.46
CA THR C 1080 6.02 8.27 5.31
C THR C 1080 5.64 8.12 6.78
N LEU C 1081 4.66 8.89 7.23
CA LEU C 1081 4.21 8.78 8.62
C LEU C 1081 3.55 7.44 8.90
N ASN C 1082 2.81 6.87 7.94
CA ASN C 1082 2.23 5.56 8.14
C ASN C 1082 3.31 4.49 8.30
N ALA C 1083 4.35 4.56 7.45
CA ALA C 1083 5.47 3.64 7.57
C ALA C 1083 6.18 3.81 8.92
N PHE C 1084 6.35 5.06 9.36
CA PHE C 1084 6.99 5.32 10.65
C PHE C 1084 6.15 4.79 11.80
N VAL C 1085 4.82 4.90 11.69
CA VAL C 1085 3.93 4.39 12.71
C VAL C 1085 4.05 2.88 12.82
N ALA C 1086 4.04 2.19 11.67
CA ALA C 1086 4.14 0.73 11.69
C ALA C 1086 5.49 0.28 12.27
N GLN C 1087 6.56 0.94 11.86
CA GLN C 1087 7.89 0.60 12.38
C GLN C 1087 7.99 0.87 13.87
N GLN C 1088 7.38 1.97 14.34
CA GLN C 1088 7.41 2.31 15.75
C GLN C 1088 6.64 1.29 16.58
N LEU C 1089 5.47 0.85 16.09
CA LEU C 1089 4.72 -0.18 16.82
C LEU C 1089 5.48 -1.50 16.88
N VAL C 1090 6.15 -1.87 15.77
CA VAL C 1090 6.93 -3.11 15.78
C VAL C 1090 8.07 -3.02 16.78
N ARG C 1091 8.78 -1.89 16.79
CA ARG C 1091 9.87 -1.72 17.74
C ARG C 1091 9.37 -1.65 19.18
N SER C 1092 8.18 -1.07 19.39
CA SER C 1092 7.62 -1.01 20.74
C SER C 1092 7.27 -2.40 21.25
N GLU C 1093 6.69 -3.24 20.39
CA GLU C 1093 6.37 -4.60 20.80
C GLU C 1093 7.63 -5.40 21.09
N SER C 1094 8.66 -5.23 20.24
CA SER C 1094 9.93 -5.92 20.48
C SER C 1094 10.57 -5.45 21.79
N ALA C 1095 10.49 -4.15 22.07
CA ALA C 1095 11.01 -3.61 23.31
C ALA C 1095 10.23 -4.13 24.52
N ALA C 1096 8.92 -4.29 24.38
CA ALA C 1096 8.12 -4.83 25.49
C ALA C 1096 8.50 -6.29 25.76
N LEU C 1097 8.68 -7.08 24.71
CA LEU C 1097 9.11 -8.46 24.89
C LEU C 1097 10.49 -8.54 25.54
N SER C 1098 11.41 -7.70 25.08
CA SER C 1098 12.73 -7.65 25.70
C SER C 1098 12.66 -7.16 27.14
N ALA C 1099 11.72 -6.26 27.44
CA ALA C 1099 11.53 -5.79 28.80
C ALA C 1099 11.08 -6.91 29.72
N GLN C 1100 10.13 -7.72 29.25
CA GLN C 1100 9.69 -8.86 30.05
C GLN C 1100 10.81 -9.88 30.23
N LEU C 1101 11.62 -10.08 29.18
CA LEU C 1101 12.76 -10.98 29.30
C LEU C 1101 13.78 -10.45 30.31
N ALA C 1102 14.02 -9.14 30.31
CA ALA C 1102 14.94 -8.55 31.27
C ALA C 1102 14.39 -8.65 32.68
N LYS C 1103 13.07 -8.49 32.83
CA LYS C 1103 12.44 -8.64 34.14
C LYS C 1103 12.62 -10.05 34.68
N ASP C 1104 12.40 -11.05 33.82
CA ASP C 1104 12.62 -12.44 34.23
C ASP C 1104 14.09 -12.70 34.55
N LYS C 1105 15.01 -12.12 33.78
CA LYS C 1105 16.43 -12.31 34.04
C LYS C 1105 16.84 -11.67 35.36
N VAL C 1106 16.36 -10.47 35.64
CA VAL C 1106 16.79 -9.76 36.85
C VAL C 1106 16.09 -10.31 38.08
N ASN C 1107 14.94 -10.98 37.93
CA ASN C 1107 14.39 -11.68 39.08
C ASN C 1107 14.86 -13.12 39.17
N GLU C 1108 15.55 -13.63 38.15
CA GLU C 1108 15.99 -15.03 38.14
C GLU C 1108 17.41 -15.19 38.66
N CYS C 1109 18.39 -14.57 37.98
CA CYS C 1109 19.79 -14.80 38.32
C CYS C 1109 20.50 -13.51 38.77
N VAL C 1110 19.75 -12.49 39.15
CA VAL C 1110 20.30 -11.31 39.78
C VAL C 1110 19.93 -11.25 41.26
N LYS C 1111 18.64 -11.35 41.57
CA LYS C 1111 18.20 -11.44 42.94
C LYS C 1111 18.43 -12.83 43.55
N ALA C 1112 18.85 -13.79 42.75
CA ALA C 1112 19.16 -15.13 43.24
C ALA C 1112 20.31 -15.69 42.41
N GLN C 1113 20.74 -16.89 42.77
CA GLN C 1113 21.81 -17.59 42.06
C GLN C 1113 21.20 -18.79 41.35
N SER C 1114 20.87 -18.62 40.08
CA SER C 1114 20.22 -19.68 39.32
C SER C 1114 21.21 -20.80 38.99
N LYS C 1115 20.72 -22.03 39.07
CA LYS C 1115 21.50 -23.19 38.70
C LYS C 1115 21.46 -23.48 37.21
N ARG C 1116 20.64 -22.75 36.45
CA ARG C 1116 20.46 -23.06 35.05
C ARG C 1116 21.71 -22.74 34.26
N SER C 1117 22.07 -23.66 33.35
CA SER C 1117 23.29 -23.52 32.58
C SER C 1117 23.11 -22.49 31.48
N GLY C 1118 23.96 -21.47 31.49
CA GLY C 1118 24.07 -20.54 30.38
C GLY C 1118 22.85 -19.70 30.08
N PHE C 1119 21.90 -19.62 31.00
CA PHE C 1119 20.74 -18.76 30.78
C PHE C 1119 21.14 -17.30 30.84
N CYS C 1120 22.04 -16.94 31.74
CA CYS C 1120 22.53 -15.58 31.82
C CYS C 1120 24.03 -15.49 32.01
N GLY C 1121 24.75 -16.61 32.02
CA GLY C 1121 26.19 -16.58 32.13
C GLY C 1121 26.83 -17.86 31.63
N GLN C 1122 27.83 -17.74 30.76
CA GLN C 1122 28.53 -18.91 30.26
C GLN C 1122 29.32 -19.55 31.40
N GLY C 1123 29.28 -20.88 31.43
CA GLY C 1123 29.81 -21.59 32.57
C GLY C 1123 28.88 -21.49 33.76
N THR C 1124 29.40 -21.89 34.92
CA THR C 1124 28.62 -21.88 36.15
C THR C 1124 28.49 -20.45 36.67
N HIS C 1125 27.26 -19.94 36.68
CA HIS C 1125 27.00 -18.60 37.17
C HIS C 1125 27.29 -18.48 38.66
N ILE C 1126 27.87 -17.35 39.05
CA ILE C 1126 28.07 -17.08 40.48
C ILE C 1126 27.25 -15.87 40.88
N VAL C 1127 27.55 -14.69 40.33
CA VAL C 1127 26.85 -13.46 40.69
C VAL C 1127 26.58 -12.63 39.45
N SER C 1128 25.72 -11.63 39.63
CA SER C 1128 25.33 -10.73 38.55
C SER C 1128 25.24 -9.31 39.09
N PHE C 1129 25.34 -8.35 38.18
CA PHE C 1129 25.22 -6.94 38.51
C PHE C 1129 24.37 -6.26 37.45
N VAL C 1130 23.68 -5.21 37.85
CA VAL C 1130 22.76 -4.49 36.97
C VAL C 1130 23.15 -3.01 36.94
N VAL C 1131 23.29 -2.47 35.73
CA VAL C 1131 23.54 -1.05 35.50
C VAL C 1131 22.69 -0.60 34.31
N ASN C 1132 22.82 0.67 33.95
CA ASN C 1132 21.91 1.29 33.01
C ASN C 1132 22.62 1.73 31.74
N ALA C 1133 21.88 1.70 30.64
CA ALA C 1133 22.24 2.24 29.34
C ALA C 1133 21.09 3.13 28.91
N PRO C 1134 21.34 4.15 28.07
CA PRO C 1134 20.28 5.13 27.75
C PRO C 1134 19.05 4.53 27.11
N ASN C 1135 19.15 3.36 26.47
CA ASN C 1135 17.98 2.68 25.96
C ASN C 1135 17.60 1.44 26.77
N GLY C 1136 18.43 1.00 27.72
CA GLY C 1136 18.11 -0.25 28.38
C GLY C 1136 18.91 -0.64 29.61
N LEU C 1137 18.97 -1.94 29.86
CA LEU C 1137 19.61 -2.49 31.05
C LEU C 1137 20.87 -3.25 30.64
N TYR C 1138 21.99 -2.90 31.27
CA TYR C 1138 23.28 -3.52 31.01
C TYR C 1138 23.59 -4.49 32.15
N PHE C 1139 23.84 -5.75 31.80
CA PHE C 1139 23.98 -6.81 32.78
C PHE C 1139 25.42 -7.30 32.79
N MET C 1140 25.95 -7.49 33.99
CA MET C 1140 27.30 -7.98 34.20
C MET C 1140 27.18 -9.34 34.88
N HIS C 1141 28.00 -10.30 34.49
CA HIS C 1141 27.89 -11.63 35.10
C HIS C 1141 29.28 -12.16 35.42
N VAL C 1142 29.48 -12.57 36.65
CA VAL C 1142 30.74 -13.18 37.09
C VAL C 1142 30.46 -14.64 37.37
N GLY C 1143 31.25 -15.51 36.74
CA GLY C 1143 31.03 -16.94 36.85
C GLY C 1143 32.32 -17.72 36.94
N TYR C 1144 32.18 -18.98 37.33
CA TYR C 1144 33.31 -19.90 37.48
C TYR C 1144 33.77 -20.36 36.12
N TYR C 1145 35.07 -20.21 35.82
CA TYR C 1145 35.61 -20.60 34.54
C TYR C 1145 36.76 -21.56 34.76
N PRO C 1146 36.70 -22.77 34.22
CA PRO C 1146 37.73 -23.78 34.50
C PRO C 1146 38.86 -23.77 33.49
N SER C 1147 39.98 -24.38 33.91
CA SER C 1147 41.14 -24.57 33.06
C SER C 1147 42.03 -25.65 33.68
N ASN C 1148 42.88 -26.22 32.82
CA ASN C 1148 43.85 -27.26 33.20
C ASN C 1148 43.16 -28.48 33.80
N HIS C 1149 42.35 -29.12 32.96
CA HIS C 1149 41.65 -30.33 33.38
C HIS C 1149 42.62 -31.50 33.50
N ILE C 1150 42.32 -32.40 34.43
CA ILE C 1150 43.13 -33.56 34.73
C ILE C 1150 42.24 -34.79 34.73
N GLU C 1151 42.67 -35.84 34.05
CA GLU C 1151 42.01 -37.13 34.08
C GLU C 1151 42.44 -37.89 35.33
N VAL C 1152 41.46 -38.44 36.05
CA VAL C 1152 41.67 -39.09 37.34
C VAL C 1152 40.78 -40.32 37.42
N VAL C 1153 40.97 -41.10 38.48
CA VAL C 1153 40.27 -42.37 38.67
C VAL C 1153 39.30 -42.19 39.84
N SER C 1154 38.01 -42.28 39.55
CA SER C 1154 36.96 -42.12 40.55
C SER C 1154 36.06 -43.34 40.56
N ALA C 1155 35.31 -43.47 41.66
CA ALA C 1155 34.37 -44.56 41.88
C ALA C 1155 32.96 -43.99 41.99
N TYR C 1156 32.02 -44.85 42.35
CA TYR C 1156 30.60 -44.49 42.41
C TYR C 1156 30.07 -44.52 43.83
N GLY C 1157 30.21 -45.65 44.52
CA GLY C 1157 29.80 -45.77 45.90
C GLY C 1157 30.66 -46.79 46.62
N LEU C 1158 30.85 -46.62 47.91
CA LEU C 1158 31.75 -47.47 48.69
C LEU C 1158 30.96 -48.27 49.71
N CYS C 1159 31.20 -49.56 49.75
CA CYS C 1159 30.47 -50.48 50.63
C CYS C 1159 31.45 -51.43 51.28
N ASP C 1160 31.05 -51.97 52.43
CA ASP C 1160 31.86 -52.96 53.11
C ASP C 1160 31.64 -54.34 52.50
N ALA C 1161 32.72 -55.12 52.40
CA ALA C 1161 32.60 -56.50 52.00
C ALA C 1161 31.82 -57.31 53.03
N ALA C 1162 32.12 -57.11 54.32
CA ALA C 1162 31.40 -57.80 55.38
C ALA C 1162 30.04 -57.20 55.66
N ASN C 1163 29.78 -55.98 55.20
CA ASN C 1163 28.48 -55.33 55.34
C ASN C 1163 28.09 -54.74 53.99
N PRO C 1164 27.59 -55.58 53.08
CA PRO C 1164 27.30 -55.09 51.72
C PRO C 1164 26.15 -54.11 51.64
N THR C 1165 25.22 -54.14 52.58
CA THR C 1165 24.08 -53.24 52.52
C THR C 1165 24.48 -51.81 52.87
N ASN C 1166 25.42 -51.66 53.80
CA ASN C 1166 25.86 -50.34 54.25
C ASN C 1166 26.70 -49.68 53.16
N CYS C 1167 26.14 -48.66 52.50
CA CYS C 1167 26.80 -48.00 51.39
C CYS C 1167 26.60 -46.50 51.50
N ILE C 1168 27.57 -45.76 50.98
CA ILE C 1168 27.55 -44.31 51.02
C ILE C 1168 27.87 -43.77 49.63
N ALA C 1169 27.28 -42.62 49.32
CA ALA C 1169 27.41 -41.97 48.03
C ALA C 1169 27.77 -40.51 48.23
N PRO C 1170 28.57 -39.93 47.34
CA PRO C 1170 29.05 -38.56 47.57
C PRO C 1170 27.93 -37.54 47.35
N VAL C 1171 28.03 -36.44 48.08
CA VAL C 1171 27.07 -35.35 47.99
C VAL C 1171 27.79 -34.15 47.40
N ASN C 1172 27.43 -33.80 46.16
CA ASN C 1172 28.05 -32.72 45.39
C ASN C 1172 29.57 -32.90 45.31
N GLY C 1173 29.98 -34.13 45.05
CA GLY C 1173 31.39 -34.43 44.95
C GLY C 1173 31.62 -35.82 44.39
N TYR C 1174 32.87 -36.25 44.46
CA TYR C 1174 33.25 -37.55 43.92
C TYR C 1174 34.23 -38.25 44.85
N PHE C 1175 34.09 -39.57 44.93
CA PHE C 1175 35.07 -40.41 45.59
C PHE C 1175 36.26 -40.60 44.67
N ILE C 1176 37.43 -40.13 45.10
CA ILE C 1176 38.59 -39.96 44.23
C ILE C 1176 39.77 -40.74 44.81
N LYS C 1177 40.44 -41.51 43.97
CA LYS C 1177 41.66 -42.17 44.38
C LYS C 1177 42.80 -41.16 44.54
N THR C 1178 43.69 -41.44 45.48
CA THR C 1178 44.84 -40.58 45.71
C THR C 1178 46.12 -41.32 45.41
N ASN C 1179 47.21 -40.55 45.26
CA ASN C 1179 48.55 -41.10 45.06
C ASN C 1179 49.54 -40.54 46.06
N ASN C 1180 49.04 -39.92 47.13
CA ASN C 1180 49.85 -39.33 48.21
C ASN C 1180 50.87 -38.31 47.70
N GLU C 1186 43.93 -45.35 47.69
CA GLU C 1186 43.08 -44.94 48.80
C GLU C 1186 42.11 -43.86 48.35
N TRP C 1187 40.83 -44.02 48.70
CA TRP C 1187 39.83 -43.05 48.32
C TRP C 1187 39.89 -41.81 49.21
N SER C 1188 39.26 -40.75 48.73
CA SER C 1188 39.08 -39.48 49.44
C SER C 1188 37.93 -38.75 48.76
N TYR C 1189 37.64 -37.55 49.26
CA TYR C 1189 36.56 -36.76 48.71
C TYR C 1189 37.11 -35.63 47.85
N THR C 1190 36.38 -35.29 46.78
CA THR C 1190 36.66 -34.08 46.04
C THR C 1190 35.34 -33.38 45.71
N GLY C 1191 35.42 -32.08 45.50
CA GLY C 1191 34.26 -31.31 45.10
C GLY C 1191 33.94 -31.50 43.63
N SER C 1192 32.71 -31.14 43.26
CA SER C 1192 32.23 -31.39 41.93
C SER C 1192 32.66 -30.34 40.90
N SER C 1193 33.38 -29.30 41.32
CA SER C 1193 33.85 -28.32 40.36
C SER C 1193 35.28 -27.89 40.59
N PHE C 1194 36.03 -28.58 41.45
CA PHE C 1194 37.43 -28.25 41.69
C PHE C 1194 38.13 -29.49 42.22
N TYR C 1195 39.38 -29.68 41.79
CA TYR C 1195 40.17 -30.81 42.26
C TYR C 1195 40.70 -30.47 43.65
N ALA C 1196 39.93 -30.85 44.67
CA ALA C 1196 40.30 -30.62 46.06
C ALA C 1196 40.21 -31.95 46.79
N PRO C 1197 41.28 -32.74 46.78
CA PRO C 1197 41.29 -33.98 47.56
C PRO C 1197 41.18 -33.69 49.05
N GLU C 1198 40.39 -34.51 49.75
CA GLU C 1198 40.05 -34.23 51.13
C GLU C 1198 39.53 -35.49 51.77
N PRO C 1199 39.92 -35.81 53.00
CA PRO C 1199 39.47 -37.06 53.63
C PRO C 1199 37.97 -37.09 53.88
N ILE C 1200 37.39 -38.28 53.74
CA ILE C 1200 35.93 -38.39 53.76
C ILE C 1200 35.42 -38.25 55.19
N THR C 1201 34.33 -37.48 55.34
CA THR C 1201 33.62 -37.30 56.60
C THR C 1201 32.17 -37.71 56.40
N SER C 1202 31.36 -37.49 57.43
CA SER C 1202 29.93 -37.74 57.33
C SER C 1202 29.18 -36.58 56.66
N LEU C 1203 29.81 -35.42 56.56
CA LEU C 1203 29.12 -34.21 56.13
C LEU C 1203 29.11 -34.02 54.61
N ASN C 1204 29.70 -34.95 53.85
CA ASN C 1204 29.73 -34.83 52.41
C ASN C 1204 29.24 -36.09 51.71
N THR C 1205 28.67 -37.05 52.44
CA THR C 1205 28.16 -38.26 51.84
C THR C 1205 26.84 -38.63 52.50
N LYS C 1206 26.07 -39.45 51.81
CA LYS C 1206 24.76 -39.89 52.29
C LYS C 1206 24.61 -41.40 52.11
N TYR C 1207 23.83 -42.00 52.98
CA TYR C 1207 23.59 -43.43 52.92
C TYR C 1207 22.74 -43.77 51.69
N VAL C 1208 22.97 -44.97 51.15
CA VAL C 1208 22.35 -45.35 49.88
C VAL C 1208 22.33 -46.88 49.83
N ALA C 1209 21.34 -47.41 49.10
CA ALA C 1209 21.24 -48.85 48.91
C ALA C 1209 22.39 -49.36 48.05
N PRO C 1210 22.81 -50.61 48.24
CA PRO C 1210 23.92 -51.15 47.45
C PRO C 1210 23.57 -51.36 46.00
N GLN C 1211 24.60 -51.32 45.16
CA GLN C 1211 24.51 -51.64 43.74
C GLN C 1211 25.63 -52.59 43.37
N VAL C 1212 25.44 -53.27 42.24
CA VAL C 1212 26.44 -54.23 41.76
C VAL C 1212 27.74 -53.54 41.34
N THR C 1213 27.68 -52.26 40.99
CA THR C 1213 28.85 -51.56 40.47
C THR C 1213 29.71 -50.94 41.57
N TYR C 1214 29.32 -51.05 42.83
CA TYR C 1214 30.04 -50.35 43.88
C TYR C 1214 31.27 -51.13 44.30
N GLN C 1215 32.16 -50.45 45.01
CA GLN C 1215 33.48 -50.98 45.34
C GLN C 1215 33.47 -51.53 46.75
N ASN C 1216 33.77 -52.81 46.89
CA ASN C 1216 33.73 -53.51 48.17
C ASN C 1216 35.11 -53.41 48.82
N ILE C 1217 35.31 -52.31 49.56
CA ILE C 1217 36.58 -52.06 50.24
C ILE C 1217 36.51 -52.66 51.64
N SER C 1218 37.56 -53.38 52.03
CA SER C 1218 37.53 -54.09 53.31
C SER C 1218 38.87 -54.08 54.03
N THR C 1219 39.66 -53.01 53.88
CA THR C 1219 40.91 -52.94 54.61
C THR C 1219 41.09 -51.60 55.32
N ASN C 1220 40.46 -50.55 54.79
CA ASN C 1220 40.47 -49.23 55.42
C ASN C 1220 39.07 -48.67 55.32
N LEU C 1221 38.26 -48.94 56.34
CA LEU C 1221 36.87 -48.50 56.33
C LEU C 1221 36.79 -46.99 56.51
N PRO C 1222 35.96 -46.31 55.72
CA PRO C 1222 35.75 -44.89 55.95
C PRO C 1222 35.03 -44.65 57.26
N PRO C 1223 35.24 -43.51 57.90
CA PRO C 1223 34.54 -43.18 59.15
C PRO C 1223 33.02 -43.15 59.00
N PRO C 1224 32.43 -42.77 57.86
CA PRO C 1224 30.99 -43.03 57.71
C PRO C 1224 30.61 -44.49 57.77
N LEU C 1225 31.45 -45.38 57.24
CA LEU C 1225 31.13 -46.80 57.29
C LEU C 1225 31.40 -47.38 58.67
N LEU C 1226 32.38 -46.82 59.39
CA LEU C 1226 32.70 -47.28 60.72
C LEU C 1226 31.61 -46.89 61.70
#